data_7CX7
#
_entry.id   7CX7
#
_cell.length_a   204.591
_cell.length_b   81.907
_cell.length_c   192.001
_cell.angle_alpha   90.000
_cell.angle_beta   117.900
_cell.angle_gamma   90.000
#
_symmetry.space_group_name_H-M   'C 1 2 1'
#
loop_
_entity.id
_entity.type
_entity.pdbx_description
1 polymer 'L-arabinose isomerase'
2 non-polymer (4S)-2-METHYL-2,4-PENTANEDIOL
3 non-polymer 'MANGANESE (II) ION'
4 non-polymer GLYCEROL
5 water water
#
_entity_poly.entity_id   1
_entity_poly.type   'polypeptide(L)'
_entity_poly.pdbx_seq_one_letter_code
;MMLSLRPYEFWFVTGSQHLYGEEALKQVEEHSRIMVNEWNRDSVFPFPFVFKSVVTTPEEIRRVCLEANASEQCAGVVTW
MHTFSPAKMWIGGLLELRKPLLHLHTQFNRDIPWDSIDMDFMNLNQSAHGDREFGFMVTRLGMPRKVIVGHWQDAEVARR
VRGWAMTAVAAAVSRGLKVARFGDNMRQVAVTEGDKVEAEARFGWSVNGYGVGDLAERVRAVSEAEIDRLIDEYQSLYEF
APGCEKGGPLHDGVREQARIELGLRSFLEEGGFEAFTTTFEDLHGMKQLPGLAVQRLMAEGYGFGGEGDWKTAALVRLMK
VMADGKGTSFMEDYTYHFEPGNEMILGAHMLEVCPTIAATRPRIEVHPLSIGGKEDPARLVFDGGEGAAVNASLIDLGHR
FRLIVNEVDAVKPEHDMPKLPVARILWKPRPSLRDSAEAWILAGGAHHTCFSFAVTTEQLQDFAEMAGIECVVINEHTSV
SSFKNELKWNEVFWRGR
;
_entity_poly.pdbx_strand_id   A,B,C,D,E,F
#
loop_
_chem_comp.id
_chem_comp.type
_chem_comp.name
_chem_comp.formula
GOL non-polymer GLYCEROL 'C3 H8 O3'
MN non-polymer 'MANGANESE (II) ION' 'Mn 2'
MPD non-polymer (4S)-2-METHYL-2,4-PENTANEDIOL 'C6 H14 O2'
#
# COMPACT_ATOMS: atom_id res chain seq x y z
N LEU A 3 -14.48 -9.55 37.20
CA LEU A 3 -14.82 -8.21 37.84
C LEU A 3 -16.26 -7.85 37.45
N SER A 4 -17.21 -8.11 38.36
CA SER A 4 -18.66 -8.00 38.13
C SER A 4 -19.03 -6.54 37.88
N LEU A 5 -20.02 -6.33 37.00
CA LEU A 5 -20.69 -5.03 36.73
C LEU A 5 -21.96 -4.95 37.56
N ARG A 6 -22.41 -3.73 37.88
CA ARG A 6 -23.80 -3.45 38.34
C ARG A 6 -24.75 -4.11 37.34
N PRO A 7 -25.96 -4.56 37.74
CA PRO A 7 -26.97 -5.02 36.78
C PRO A 7 -27.47 -3.85 35.93
N TYR A 8 -26.63 -3.27 35.07
CA TYR A 8 -26.93 -2.07 34.26
C TYR A 8 -28.10 -2.42 33.35
N GLU A 9 -28.90 -1.41 33.01
CA GLU A 9 -30.12 -1.50 32.16
C GLU A 9 -30.21 -0.21 31.36
N PHE A 10 -30.93 -0.24 30.26
CA PHE A 10 -31.18 0.93 29.36
C PHE A 10 -32.66 1.24 29.47
N TRP A 11 -32.98 2.52 29.59
CA TRP A 11 -34.36 3.05 29.72
C TRP A 11 -34.83 3.46 28.32
N PHE A 12 -35.85 2.78 27.79
CA PHE A 12 -36.55 3.18 26.56
C PHE A 12 -37.66 4.15 26.97
N VAL A 13 -37.52 5.38 26.52
CA VAL A 13 -38.50 6.48 26.76
C VAL A 13 -39.12 6.85 25.42
N THR A 14 -40.43 6.79 25.35
CA THR A 14 -41.17 7.10 24.10
C THR A 14 -41.82 8.46 24.33
N GLY A 15 -41.77 9.33 23.35
CA GLY A 15 -42.36 10.65 23.46
C GLY A 15 -43.58 10.68 22.59
N SER A 16 -44.67 11.23 23.12
CA SER A 16 -45.90 11.65 22.40
C SER A 16 -46.47 12.90 23.08
N GLN A 17 -47.77 13.18 22.92
CA GLN A 17 -48.53 14.14 23.77
C GLN A 17 -50.00 13.72 23.81
N HIS A 18 -50.94 14.62 23.57
CA HIS A 18 -52.41 14.37 23.72
C HIS A 18 -53.18 14.62 22.42
N LEU A 19 -52.58 15.30 21.43
CA LEU A 19 -53.22 15.78 20.18
C LEU A 19 -53.99 14.67 19.41
N TYR A 20 -53.76 13.38 19.71
CA TYR A 20 -54.40 12.23 18.99
C TYR A 20 -55.23 11.38 19.96
N GLY A 21 -55.11 11.64 21.28
CA GLY A 21 -56.00 11.08 22.33
C GLY A 21 -55.26 10.14 23.26
N GLU A 22 -55.99 9.59 24.23
CA GLU A 22 -55.48 8.68 25.30
C GLU A 22 -55.41 7.25 24.77
N GLU A 23 -56.08 6.94 23.66
CA GLU A 23 -56.08 5.57 23.08
C GLU A 23 -54.87 5.46 22.15
N ALA A 24 -54.66 6.48 21.30
CA ALA A 24 -53.46 6.61 20.46
C ALA A 24 -52.19 6.52 21.34
N LEU A 25 -52.26 7.03 22.57
CA LEU A 25 -51.20 6.85 23.62
C LEU A 25 -51.06 5.38 24.03
N LYS A 26 -52.15 4.61 24.09
CA LYS A 26 -52.12 3.17 24.47
C LYS A 26 -51.50 2.38 23.30
N GLN A 27 -51.75 2.77 22.06
CA GLN A 27 -51.14 2.15 20.85
C GLN A 27 -49.63 2.36 20.91
N VAL A 28 -49.21 3.61 21.10
CA VAL A 28 -47.80 4.02 21.30
C VAL A 28 -47.19 3.16 22.42
N GLU A 29 -47.81 3.10 23.59
CA GLU A 29 -47.27 2.40 24.79
C GLU A 29 -47.05 0.92 24.45
N GLU A 30 -47.93 0.37 23.61
CA GLU A 30 -47.98 -1.08 23.31
C GLU A 30 -46.93 -1.33 22.24
N HIS A 31 -46.77 -0.45 21.24
CA HIS A 31 -45.66 -0.50 20.27
C HIS A 31 -44.31 -0.59 21.00
N SER A 32 -44.10 0.25 22.01
CA SER A 32 -42.82 0.40 22.73
C SER A 32 -42.60 -0.82 23.63
N ARG A 33 -43.65 -1.27 24.32
CA ARG A 33 -43.58 -2.47 25.20
C ARG A 33 -43.16 -3.68 24.35
N ILE A 34 -43.72 -3.79 23.14
CA ILE A 34 -43.42 -4.90 22.20
C ILE A 34 -41.91 -4.86 21.94
N MET A 35 -41.46 -3.74 21.36
CA MET A 35 -40.05 -3.39 21.03
C MET A 35 -39.15 -3.75 22.22
N VAL A 36 -39.50 -3.30 23.39
CA VAL A 36 -38.60 -3.55 24.55
C VAL A 36 -38.59 -5.06 24.83
N ASN A 37 -39.77 -5.69 24.81
CA ASN A 37 -39.90 -7.12 25.16
C ASN A 37 -39.10 -7.93 24.15
N GLU A 38 -39.20 -7.52 22.89
CA GLU A 38 -38.56 -8.21 21.75
C GLU A 38 -37.06 -8.12 21.90
N TRP A 39 -36.58 -7.00 22.38
CA TRP A 39 -35.12 -6.75 22.50
C TRP A 39 -34.56 -7.50 23.70
N ASN A 40 -35.39 -7.71 24.72
CA ASN A 40 -34.98 -8.44 25.93
C ASN A 40 -35.03 -9.95 25.64
N ARG A 41 -35.73 -10.37 24.58
CA ARG A 41 -36.35 -11.71 24.50
C ARG A 41 -35.31 -12.77 24.87
N ASP A 42 -34.24 -12.88 24.08
CA ASP A 42 -33.12 -13.83 24.34
C ASP A 42 -32.05 -13.13 25.16
N SER A 43 -31.21 -13.88 25.88
CA SER A 43 -29.94 -13.38 26.49
C SER A 43 -29.00 -12.98 25.34
N VAL A 44 -29.53 -12.29 24.33
CA VAL A 44 -28.80 -11.64 23.19
C VAL A 44 -27.68 -10.76 23.75
N PHE A 45 -27.79 -10.35 25.02
CA PHE A 45 -27.09 -9.16 25.59
C PHE A 45 -27.18 -9.14 27.11
N PRO A 46 -26.11 -8.72 27.82
CA PRO A 46 -26.10 -8.72 29.29
C PRO A 46 -26.88 -7.56 29.95
N PHE A 47 -27.37 -6.59 29.17
CA PHE A 47 -28.07 -5.39 29.72
C PHE A 47 -29.47 -5.25 29.12
N PRO A 48 -30.50 -5.41 29.96
CA PRO A 48 -31.87 -5.28 29.48
C PRO A 48 -32.23 -3.85 29.08
N PHE A 49 -33.21 -3.75 28.19
CA PHE A 49 -34.01 -2.53 27.94
C PHE A 49 -35.23 -2.56 28.86
N VAL A 50 -35.52 -1.43 29.49
CA VAL A 50 -36.65 -1.21 30.42
C VAL A 50 -37.57 -0.16 29.79
N PHE A 51 -38.79 -0.57 29.45
CA PHE A 51 -39.88 0.33 29.00
C PHE A 51 -40.18 1.32 30.12
N LYS A 52 -40.24 2.62 29.79
CA LYS A 52 -40.62 3.71 30.74
C LYS A 52 -41.89 4.35 30.18
N SER A 53 -42.97 4.39 30.95
CA SER A 53 -44.28 4.71 30.33
C SER A 53 -44.10 5.97 29.49
N VAL A 54 -44.70 5.97 28.30
CA VAL A 54 -44.76 7.09 27.31
C VAL A 54 -44.77 8.41 28.07
N VAL A 55 -44.00 9.38 27.60
CA VAL A 55 -43.89 10.71 28.26
C VAL A 55 -44.52 11.70 27.31
N THR A 56 -45.37 12.57 27.83
CA THR A 56 -46.32 13.38 27.03
C THR A 56 -46.34 14.81 27.54
N THR A 57 -45.68 15.08 28.67
CA THR A 57 -45.65 16.40 29.32
C THR A 57 -44.22 16.72 29.75
N PRO A 58 -43.89 18.02 29.90
CA PRO A 58 -42.61 18.42 30.46
C PRO A 58 -42.29 17.71 31.79
N GLU A 59 -43.29 17.49 32.63
CA GLU A 59 -43.12 16.93 34.00
C GLU A 59 -42.78 15.44 33.86
N GLU A 60 -43.44 14.78 32.92
CA GLU A 60 -43.17 13.36 32.63
C GLU A 60 -41.72 13.21 32.13
N ILE A 61 -41.35 14.04 31.15
CA ILE A 61 -40.02 13.97 30.50
C ILE A 61 -38.95 14.31 31.54
N ARG A 62 -39.24 15.24 32.42
CA ARG A 62 -38.27 15.67 33.46
C ARG A 62 -38.17 14.58 34.51
N ARG A 63 -39.31 14.04 34.93
CA ARG A 63 -39.37 12.94 35.94
C ARG A 63 -38.45 11.79 35.49
N VAL A 64 -38.56 11.36 34.23
CA VAL A 64 -37.88 10.12 33.78
C VAL A 64 -36.38 10.43 33.66
N CYS A 65 -36.02 11.61 33.17
CA CYS A 65 -34.59 12.03 33.09
C CYS A 65 -34.01 12.20 34.50
N LEU A 66 -34.79 12.68 35.46
CA LEU A 66 -34.35 12.75 36.88
C LEU A 66 -34.19 11.34 37.43
N GLU A 67 -35.14 10.47 37.13
CA GLU A 67 -35.06 9.06 37.60
C GLU A 67 -33.81 8.44 36.96
N ALA A 68 -33.66 8.55 35.64
CA ALA A 68 -32.49 8.03 34.89
C ALA A 68 -31.20 8.44 35.62
N ASN A 69 -31.04 9.71 35.94
CA ASN A 69 -29.80 10.19 36.58
C ASN A 69 -29.61 9.48 37.92
N ALA A 70 -30.67 9.41 38.71
CA ALA A 70 -30.58 8.94 40.11
C ALA A 70 -30.31 7.43 40.13
N SER A 71 -30.80 6.73 39.10
CA SER A 71 -30.68 5.27 38.93
C SER A 71 -29.22 4.89 38.67
N GLU A 72 -28.58 4.17 39.59
CA GLU A 72 -27.21 3.63 39.41
C GLU A 72 -27.24 2.52 38.35
N GLN A 73 -28.37 1.85 38.15
CA GLN A 73 -28.51 0.73 37.17
C GLN A 73 -28.66 1.31 35.75
N CYS A 74 -29.12 2.55 35.62
CA CYS A 74 -29.44 3.13 34.30
C CYS A 74 -28.14 3.67 33.69
N ALA A 75 -27.65 3.03 32.63
CA ALA A 75 -26.35 3.29 31.99
C ALA A 75 -26.59 4.21 30.80
N GLY A 76 -27.83 4.23 30.34
CA GLY A 76 -28.21 5.13 29.25
C GLY A 76 -29.71 5.21 29.05
N VAL A 77 -30.13 6.26 28.36
CA VAL A 77 -31.56 6.49 28.04
C VAL A 77 -31.66 6.44 26.53
N VAL A 78 -32.70 5.79 26.04
CA VAL A 78 -32.93 5.64 24.58
C VAL A 78 -34.27 6.26 24.31
N THR A 79 -34.28 7.35 23.57
CA THR A 79 -35.48 8.18 23.39
C THR A 79 -35.94 7.92 21.98
N TRP A 80 -37.24 7.86 21.83
CA TRP A 80 -37.87 7.68 20.50
C TRP A 80 -39.19 8.43 20.54
N MET A 81 -39.37 9.35 19.61
CA MET A 81 -40.63 10.09 19.41
C MET A 81 -41.52 9.24 18.47
N HIS A 82 -42.39 8.42 19.07
CA HIS A 82 -43.39 7.61 18.32
C HIS A 82 -44.23 8.58 17.49
N THR A 83 -44.71 9.63 18.13
CA THR A 83 -45.50 10.72 17.49
C THR A 83 -44.72 12.02 17.63
N PHE A 84 -45.25 13.11 17.08
CA PHE A 84 -44.82 14.49 17.43
C PHE A 84 -44.89 14.58 18.96
N SER A 85 -43.81 15.06 19.54
CA SER A 85 -43.65 15.26 21.00
C SER A 85 -42.95 16.60 21.13
N PRO A 86 -43.71 17.70 21.01
CA PRO A 86 -43.15 19.07 20.98
C PRO A 86 -41.98 19.24 21.95
N ALA A 87 -40.86 19.66 21.38
CA ALA A 87 -39.55 19.46 22.00
C ALA A 87 -39.33 20.48 23.11
N LYS A 88 -40.08 21.60 23.14
CA LYS A 88 -39.95 22.54 24.29
C LYS A 88 -40.26 21.76 25.55
N MET A 89 -41.18 20.80 25.46
CA MET A 89 -41.51 19.93 26.62
C MET A 89 -40.27 19.20 27.12
N TRP A 90 -39.31 18.95 26.21
CA TRP A 90 -38.16 18.03 26.45
C TRP A 90 -36.99 18.79 27.06
N ILE A 91 -36.96 20.13 26.88
CA ILE A 91 -35.83 21.01 27.30
C ILE A 91 -35.50 20.74 28.78
N GLY A 92 -36.48 20.84 29.67
CA GLY A 92 -36.28 20.62 31.12
C GLY A 92 -35.72 19.25 31.37
N GLY A 93 -36.36 18.22 30.81
CA GLY A 93 -35.85 16.85 30.85
C GLY A 93 -34.41 16.74 30.38
N LEU A 94 -34.14 17.18 29.15
CA LEU A 94 -32.80 17.03 28.52
C LEU A 94 -31.72 17.71 29.35
N LEU A 95 -32.05 18.88 29.90
CA LEU A 95 -31.07 19.66 30.70
C LEU A 95 -30.73 18.88 31.96
N GLU A 96 -31.59 18.00 32.40
CA GLU A 96 -31.28 17.26 33.65
C GLU A 96 -30.45 16.03 33.36
N LEU A 97 -30.46 15.52 32.13
CA LEU A 97 -29.98 14.14 31.83
C LEU A 97 -28.47 14.14 31.78
N ARG A 98 -27.81 13.45 32.70
CA ARG A 98 -26.34 13.36 32.69
C ARG A 98 -26.00 11.88 32.49
N LYS A 99 -26.88 11.20 31.75
CA LYS A 99 -26.76 9.80 31.33
C LYS A 99 -26.63 9.75 29.81
N PRO A 100 -25.78 8.87 29.26
CA PRO A 100 -25.71 8.71 27.82
C PRO A 100 -27.12 8.65 27.20
N LEU A 101 -27.35 9.52 26.22
CA LEU A 101 -28.60 9.52 25.43
C LEU A 101 -28.29 8.87 24.09
N LEU A 102 -29.12 7.92 23.68
CA LEU A 102 -29.20 7.42 22.30
C LEU A 102 -30.57 7.83 21.80
N HIS A 103 -30.60 8.64 20.75
CA HIS A 103 -31.85 8.94 20.02
C HIS A 103 -32.06 7.80 19.02
N LEU A 104 -33.01 6.93 19.29
CA LEU A 104 -33.37 5.85 18.35
C LEU A 104 -34.44 6.45 17.46
N HIS A 105 -34.06 6.78 16.25
CA HIS A 105 -34.95 7.29 15.21
C HIS A 105 -35.51 6.07 14.50
N THR A 106 -36.61 5.54 15.01
CA THR A 106 -37.17 4.30 14.47
C THR A 106 -38.64 4.52 14.10
N GLN A 107 -39.36 3.42 14.02
CA GLN A 107 -40.77 3.33 13.55
C GLN A 107 -41.19 1.91 13.91
N PHE A 108 -42.43 1.71 14.34
CA PHE A 108 -42.93 0.37 14.73
C PHE A 108 -43.05 -0.51 13.49
N ASN A 109 -43.83 -0.06 12.53
CA ASN A 109 -43.97 -0.76 11.24
C ASN A 109 -42.70 -0.47 10.46
N ARG A 110 -42.19 -1.47 9.75
CA ARG A 110 -41.07 -1.29 8.80
C ARG A 110 -41.58 -0.52 7.59
N ASP A 111 -42.70 -0.96 7.03
CA ASP A 111 -43.14 -0.60 5.65
C ASP A 111 -44.41 0.26 5.75
N ILE A 112 -44.51 1.27 4.91
CA ILE A 112 -45.80 1.99 4.70
C ILE A 112 -46.83 0.94 4.27
N PRO A 113 -47.90 0.75 5.07
CA PRO A 113 -49.03 -0.09 4.65
C PRO A 113 -49.83 0.71 3.62
N TRP A 114 -49.44 0.60 2.35
CA TRP A 114 -49.93 1.43 1.22
C TRP A 114 -51.46 1.37 1.12
N ASP A 115 -52.07 0.19 1.35
CA ASP A 115 -53.55 0.00 1.19
C ASP A 115 -54.28 0.87 2.21
N SER A 116 -53.85 0.77 3.47
CA SER A 116 -54.61 1.21 4.65
C SER A 116 -54.08 2.56 5.16
N ILE A 117 -52.99 3.09 4.59
CA ILE A 117 -52.37 4.30 5.20
C ILE A 117 -53.40 5.42 5.10
N ASP A 118 -53.89 5.83 6.27
CA ASP A 118 -54.88 6.92 6.48
C ASP A 118 -54.33 7.82 7.60
N MET A 119 -55.02 8.90 7.96
CA MET A 119 -54.46 9.90 8.90
C MET A 119 -54.51 9.37 10.34
N ASP A 120 -55.35 8.38 10.66
CA ASP A 120 -55.27 7.66 11.97
C ASP A 120 -53.84 7.14 12.16
N PHE A 121 -53.24 6.66 11.05
CA PHE A 121 -51.88 6.04 10.97
C PHE A 121 -50.78 7.11 10.92
N MET A 122 -50.96 8.14 10.08
CA MET A 122 -50.01 9.28 9.91
C MET A 122 -49.98 10.13 11.18
N ASN A 123 -51.07 10.12 11.97
CA ASN A 123 -51.14 10.75 13.31
C ASN A 123 -50.34 9.95 14.35
N LEU A 124 -50.13 8.63 14.18
CA LEU A 124 -49.58 7.72 15.22
C LEU A 124 -48.10 7.37 14.92
N ASN A 125 -47.74 7.23 13.65
CA ASN A 125 -46.37 6.78 13.23
C ASN A 125 -45.71 7.96 12.51
N GLN A 126 -45.54 9.04 13.28
CA GLN A 126 -45.06 10.36 12.83
C GLN A 126 -43.55 10.50 13.07
N SER A 127 -42.87 9.46 13.55
CA SER A 127 -41.44 9.51 13.98
C SER A 127 -40.63 10.25 12.92
N ALA A 128 -40.97 10.04 11.66
CA ALA A 128 -40.31 10.72 10.52
C ALA A 128 -40.15 12.21 10.85
N HIS A 129 -41.11 12.84 11.54
CA HIS A 129 -41.01 14.27 11.98
C HIS A 129 -40.85 14.35 13.50
N GLY A 130 -41.51 13.51 14.25
CA GLY A 130 -41.39 13.52 15.72
C GLY A 130 -39.92 13.57 16.13
N ASP A 131 -39.13 12.70 15.50
CA ASP A 131 -37.72 12.47 15.89
C ASP A 131 -36.89 13.66 15.44
N ARG A 132 -37.29 14.32 14.36
CA ARG A 132 -36.53 15.45 13.79
C ARG A 132 -36.70 16.68 14.71
N GLU A 133 -37.94 16.93 15.16
CA GLU A 133 -38.27 17.99 16.14
C GLU A 133 -37.48 17.74 17.42
N PHE A 134 -37.42 16.49 17.88
CA PHE A 134 -36.59 16.13 19.05
C PHE A 134 -35.11 16.34 18.71
N GLY A 135 -34.73 15.91 17.51
CA GLY A 135 -33.36 16.04 16.97
C GLY A 135 -32.95 17.49 17.04
N PHE A 136 -33.85 18.39 16.69
CA PHE A 136 -33.51 19.84 16.70
C PHE A 136 -33.26 20.25 18.15
N MET A 137 -34.14 19.85 19.05
CA MET A 137 -34.00 20.28 20.46
C MET A 137 -32.66 19.81 21.02
N VAL A 138 -32.29 18.56 20.78
CA VAL A 138 -31.02 17.99 21.34
C VAL A 138 -29.83 18.76 20.74
N THR A 139 -29.81 18.92 19.44
CA THR A 139 -28.74 19.72 18.80
C THR A 139 -28.74 21.11 19.40
N ARG A 140 -29.91 21.72 19.52
CA ARG A 140 -30.06 23.14 19.94
C ARG A 140 -29.43 23.27 21.33
N LEU A 141 -29.59 22.27 22.18
CA LEU A 141 -29.00 22.27 23.53
C LEU A 141 -27.52 21.90 23.44
N GLY A 142 -27.03 21.62 22.23
CA GLY A 142 -25.72 21.07 21.92
C GLY A 142 -25.36 19.94 22.84
N MET A 143 -26.23 18.98 23.05
CA MET A 143 -25.84 17.85 23.94
C MET A 143 -25.44 16.66 23.10
N PRO A 144 -24.40 15.94 23.55
CA PRO A 144 -23.89 14.79 22.81
C PRO A 144 -24.96 13.69 22.77
N ARG A 145 -25.17 13.07 21.64
CA ARG A 145 -26.05 11.88 21.58
C ARG A 145 -25.64 11.02 20.40
N LYS A 146 -25.73 9.70 20.56
CA LYS A 146 -25.81 8.76 19.43
C LYS A 146 -27.19 8.96 18.80
N VAL A 147 -27.20 8.96 17.47
CA VAL A 147 -28.43 8.87 16.67
C VAL A 147 -28.33 7.59 15.84
N ILE A 148 -29.26 6.68 16.04
CA ILE A 148 -29.39 5.45 15.22
C ILE A 148 -30.73 5.55 14.50
N VAL A 149 -30.69 5.59 13.18
CA VAL A 149 -31.90 5.45 12.32
C VAL A 149 -32.00 4.00 11.90
N GLY A 150 -33.17 3.61 11.37
CA GLY A 150 -33.42 2.23 10.96
C GLY A 150 -34.59 1.66 11.72
N HIS A 151 -35.30 0.72 11.10
CA HIS A 151 -36.41 0.00 11.73
C HIS A 151 -35.89 -0.74 12.97
N TRP A 152 -36.73 -0.92 13.97
CA TRP A 152 -36.27 -1.42 15.28
C TRP A 152 -35.92 -2.90 15.22
N GLN A 153 -36.33 -3.60 14.17
CA GLN A 153 -36.08 -5.06 14.02
C GLN A 153 -34.88 -5.30 13.12
N ASP A 154 -34.52 -4.27 12.35
CA ASP A 154 -33.31 -4.22 11.49
C ASP A 154 -32.08 -4.68 12.30
N ALA A 155 -31.25 -5.52 11.69
CA ALA A 155 -30.08 -6.16 12.35
C ALA A 155 -28.99 -5.11 12.59
N GLU A 156 -28.70 -4.25 11.60
CA GLU A 156 -27.70 -3.17 11.73
C GLU A 156 -28.07 -2.30 12.92
N VAL A 157 -29.35 -1.96 13.10
CA VAL A 157 -29.83 -1.16 14.25
C VAL A 157 -29.44 -1.85 15.56
N ALA A 158 -29.70 -3.14 15.67
CA ALA A 158 -29.37 -3.94 16.86
C ALA A 158 -27.85 -3.92 17.09
N ARG A 159 -27.05 -4.11 16.06
CA ARG A 159 -25.57 -4.10 16.26
C ARG A 159 -25.21 -2.72 16.85
N ARG A 160 -25.66 -1.64 16.23
CA ARG A 160 -25.23 -0.28 16.64
C ARG A 160 -25.71 -0.08 18.08
N VAL A 161 -26.98 -0.36 18.33
CA VAL A 161 -27.55 -0.14 19.68
C VAL A 161 -26.72 -0.95 20.67
N ARG A 162 -26.35 -2.19 20.32
CA ARG A 162 -25.51 -3.08 21.18
C ARG A 162 -24.12 -2.44 21.37
N GLY A 163 -23.49 -1.92 20.31
CA GLY A 163 -22.17 -1.29 20.43
C GLY A 163 -22.26 -0.10 21.36
N TRP A 164 -23.23 0.78 21.13
CA TRP A 164 -23.46 1.99 21.94
C TRP A 164 -23.74 1.55 23.37
N ALA A 165 -24.59 0.53 23.52
CA ALA A 165 -24.98 0.01 24.84
C ALA A 165 -23.70 -0.30 25.63
N MET A 166 -22.72 -0.93 24.97
CA MET A 166 -21.48 -1.37 25.65
C MET A 166 -20.66 -0.14 26.01
N THR A 167 -20.59 0.86 25.12
CA THR A 167 -20.00 2.20 25.37
C THR A 167 -20.63 2.85 26.60
N ALA A 168 -21.97 2.89 26.68
CA ALA A 168 -22.69 3.52 27.80
C ALA A 168 -22.38 2.79 29.10
N VAL A 169 -22.32 1.46 29.08
CA VAL A 169 -22.00 0.69 30.30
C VAL A 169 -20.57 1.05 30.73
N ALA A 170 -19.66 1.15 29.75
CA ALA A 170 -18.26 1.55 29.99
C ALA A 170 -18.27 2.96 30.57
N ALA A 171 -19.10 3.83 29.98
CA ALA A 171 -19.34 5.21 30.48
C ALA A 171 -19.83 5.13 31.93
N ALA A 172 -20.80 4.27 32.25
CA ALA A 172 -21.31 4.10 33.64
C ALA A 172 -20.16 3.68 34.57
N VAL A 173 -19.40 2.68 34.16
CA VAL A 173 -18.20 2.24 34.93
C VAL A 173 -17.23 3.43 35.11
N SER A 174 -16.99 4.21 34.08
CA SER A 174 -16.10 5.38 34.12
C SER A 174 -16.55 6.32 35.26
N ARG A 175 -17.85 6.54 35.38
CA ARG A 175 -18.45 7.56 36.27
C ARG A 175 -18.05 7.28 37.72
N GLY A 176 -18.16 6.05 38.20
CA GLY A 176 -17.69 5.67 39.54
C GLY A 176 -16.31 5.02 39.56
N LEU A 177 -15.50 5.18 38.51
CA LEU A 177 -14.23 4.40 38.34
C LEU A 177 -13.23 4.87 39.39
N LYS A 178 -12.74 3.93 40.20
CA LYS A 178 -11.76 4.19 41.27
C LYS A 178 -10.47 3.55 40.83
N VAL A 179 -9.41 4.34 40.77
CA VAL A 179 -8.04 3.92 40.38
C VAL A 179 -7.14 4.13 41.58
N ALA A 180 -6.42 3.09 41.96
CA ALA A 180 -5.33 3.13 42.97
C ALA A 180 -4.02 3.28 42.22
N ARG A 181 -3.22 4.28 42.62
CA ARG A 181 -1.81 4.43 42.20
C ARG A 181 -0.91 3.99 43.35
N PHE A 182 -0.08 2.96 43.11
CA PHE A 182 1.03 2.55 44.00
C PHE A 182 2.32 3.20 43.47
N GLY A 183 2.57 4.41 43.98
CA GLY A 183 3.70 5.26 43.62
C GLY A 183 3.26 6.33 42.66
N ASP A 184 4.12 7.30 42.42
CA ASP A 184 3.77 8.45 41.57
C ASP A 184 4.15 8.09 40.12
N ASN A 185 3.89 9.03 39.20
CA ASN A 185 4.38 8.97 37.80
C ASN A 185 5.85 8.57 37.79
N MET A 186 6.27 7.85 36.77
CA MET A 186 7.71 7.68 36.52
C MET A 186 8.26 9.10 36.42
N ARG A 187 9.40 9.34 37.05
CA ARG A 187 9.97 10.70 37.15
C ARG A 187 10.30 11.19 35.73
N GLN A 188 9.98 12.46 35.45
CA GLN A 188 10.42 13.21 34.23
C GLN A 188 9.57 12.81 33.01
N VAL A 189 8.68 11.82 33.16
CA VAL A 189 7.74 11.39 32.08
C VAL A 189 6.55 12.36 32.00
N ALA A 190 6.16 12.74 30.78
CA ALA A 190 5.19 13.83 30.51
C ALA A 190 3.80 13.28 30.20
N VAL A 191 3.67 12.26 29.33
CA VAL A 191 2.38 11.86 28.70
C VAL A 191 1.49 11.19 29.75
N THR A 192 2.08 10.46 30.71
CA THR A 192 1.39 9.78 31.83
C THR A 192 1.00 10.81 32.90
N GLU A 193 1.55 12.02 32.81
CA GLU A 193 1.11 13.12 33.68
C GLU A 193 -0.17 13.72 33.08
N GLY A 194 -1.00 14.28 33.94
CA GLY A 194 -2.16 15.07 33.54
C GLY A 194 -2.83 15.58 34.79
N ASP A 195 -4.11 15.89 34.68
CA ASP A 195 -4.90 16.59 35.72
C ASP A 195 -5.97 15.62 36.20
N LYS A 196 -5.79 15.05 37.40
CA LYS A 196 -6.75 14.07 37.94
C LYS A 196 -8.08 14.77 38.16
N VAL A 197 -8.05 16.06 38.49
CA VAL A 197 -9.27 16.85 38.76
C VAL A 197 -10.05 16.94 37.45
N GLU A 198 -9.39 17.35 36.36
CA GLU A 198 -10.09 17.45 35.06
C GLU A 198 -10.64 16.07 34.67
N ALA A 199 -9.87 15.01 34.98
CA ALA A 199 -10.23 13.60 34.71
C ALA A 199 -11.49 13.22 35.49
N GLU A 200 -11.58 13.61 36.76
CA GLU A 200 -12.78 13.30 37.59
C GLU A 200 -13.97 13.99 36.92
N ALA A 201 -13.85 15.28 36.64
CA ALA A 201 -14.91 16.13 36.06
C ALA A 201 -15.34 15.55 34.70
N ARG A 202 -14.40 15.21 33.85
CA ARG A 202 -14.74 14.89 32.44
C ARG A 202 -15.15 13.41 32.32
N PHE A 203 -14.53 12.52 33.10
CA PHE A 203 -14.69 11.06 32.92
C PHE A 203 -15.30 10.41 34.16
N GLY A 204 -15.11 10.97 35.35
CA GLY A 204 -15.69 10.46 36.60
C GLY A 204 -14.71 9.61 37.37
N TRP A 205 -13.47 9.54 36.90
CA TRP A 205 -12.43 8.67 37.52
C TRP A 205 -11.99 9.31 38.82
N SER A 206 -12.01 8.54 39.90
CA SER A 206 -11.30 8.87 41.15
C SER A 206 -9.92 8.24 41.05
N VAL A 207 -8.89 9.06 40.92
CA VAL A 207 -7.48 8.60 40.86
C VAL A 207 -6.76 9.18 42.08
N ASN A 208 -6.24 8.30 42.94
CA ASN A 208 -5.64 8.65 44.25
C ASN A 208 -4.42 7.76 44.50
N GLY A 209 -3.43 8.32 45.18
CA GLY A 209 -2.13 7.68 45.44
C GLY A 209 -2.12 7.02 46.79
N TYR A 210 -1.77 5.74 46.80
CA TYR A 210 -1.32 4.99 47.99
C TYR A 210 0.20 4.97 47.87
N GLY A 211 0.91 5.14 48.96
CA GLY A 211 2.32 4.70 49.00
C GLY A 211 2.34 3.23 48.65
N VAL A 212 3.47 2.70 48.17
CA VAL A 212 3.56 1.24 47.85
C VAL A 212 3.63 0.48 49.17
N GLY A 213 4.10 1.14 50.24
CA GLY A 213 4.05 0.59 51.61
C GLY A 213 2.66 0.01 51.91
N ASP A 214 1.61 0.71 51.51
CA ASP A 214 0.22 0.23 51.71
C ASP A 214 0.07 -1.13 51.03
N LEU A 215 0.64 -1.28 49.83
CA LEU A 215 0.53 -2.50 49.02
C LEU A 215 1.43 -3.57 49.65
N ALA A 216 2.69 -3.22 49.92
CA ALA A 216 3.69 -4.20 50.40
C ALA A 216 3.13 -4.84 51.67
N GLU A 217 2.65 -3.99 52.57
CA GLU A 217 2.01 -4.30 53.87
C GLU A 217 0.97 -5.39 53.62
N ARG A 218 0.02 -5.13 52.72
CA ARG A 218 -1.07 -6.09 52.44
C ARG A 218 -0.52 -7.38 51.80
N VAL A 219 0.50 -7.25 50.96
CA VAL A 219 1.18 -8.38 50.27
C VAL A 219 1.88 -9.25 51.33
N ARG A 220 2.49 -8.63 52.35
CA ARG A 220 3.16 -9.31 53.49
C ARG A 220 2.15 -10.14 54.28
N ALA A 221 0.95 -9.62 54.52
CA ALA A 221 -0.11 -10.26 55.32
C ALA A 221 -0.75 -11.46 54.59
N VAL A 222 -0.38 -11.66 53.32
CA VAL A 222 -0.84 -12.84 52.53
C VAL A 222 -0.14 -14.04 53.15
N SER A 223 -0.90 -15.07 53.50
CA SER A 223 -0.41 -16.33 54.15
C SER A 223 0.21 -17.26 53.09
N GLU A 224 1.15 -18.11 53.51
CA GLU A 224 1.79 -19.14 52.67
C GLU A 224 0.72 -20.11 52.14
N ALA A 225 -0.41 -20.26 52.82
CA ALA A 225 -1.47 -21.19 52.38
C ALA A 225 -2.27 -20.56 51.23
N GLU A 226 -2.49 -19.23 51.22
CA GLU A 226 -3.27 -18.57 50.13
C GLU A 226 -2.43 -18.60 48.84
N ILE A 227 -1.12 -18.31 48.97
CA ILE A 227 -0.12 -18.53 47.89
C ILE A 227 -0.27 -19.96 47.32
N ASP A 228 -0.14 -20.99 48.16
CA ASP A 228 -0.23 -22.44 47.78
C ASP A 228 -1.52 -22.74 46.99
N ARG A 229 -2.65 -22.17 47.39
CA ARG A 229 -3.95 -22.44 46.71
C ARG A 229 -3.94 -21.71 45.36
N LEU A 230 -3.29 -20.55 45.28
CA LEU A 230 -3.26 -19.76 44.01
C LEU A 230 -2.22 -20.38 43.06
N ILE A 231 -1.08 -20.81 43.56
CA ILE A 231 -0.15 -21.69 42.78
C ILE A 231 -0.95 -22.84 42.13
N ASP A 232 -1.75 -23.56 42.91
CA ASP A 232 -2.56 -24.69 42.42
C ASP A 232 -3.51 -24.20 41.32
N GLU A 233 -3.97 -22.94 41.41
CA GLU A 233 -4.87 -22.36 40.36
C GLU A 233 -4.00 -22.06 39.12
N TYR A 234 -2.78 -21.55 39.32
CA TYR A 234 -1.81 -21.24 38.24
C TYR A 234 -1.52 -22.51 37.45
N GLN A 235 -1.18 -23.60 38.13
CA GLN A 235 -0.86 -24.94 37.55
C GLN A 235 -2.01 -25.40 36.65
N SER A 236 -3.26 -25.18 37.06
CA SER A 236 -4.45 -25.63 36.30
C SER A 236 -4.59 -24.78 35.04
N LEU A 237 -4.04 -23.56 35.01
CA LEU A 237 -4.29 -22.55 33.96
C LEU A 237 -3.09 -22.39 33.04
N TYR A 238 -1.90 -22.31 33.61
CA TYR A 238 -0.67 -21.98 32.85
C TYR A 238 0.32 -23.15 32.92
N GLU A 239 1.04 -23.36 31.80
CA GLU A 239 2.38 -23.98 31.76
C GLU A 239 3.36 -23.21 32.65
N PHE A 240 4.13 -23.92 33.46
CA PHE A 240 5.35 -23.44 34.13
C PHE A 240 6.56 -23.79 33.27
N ALA A 241 7.37 -22.80 32.90
CA ALA A 241 8.65 -23.00 32.19
C ALA A 241 9.57 -23.79 33.11
N PRO A 242 10.41 -24.72 32.57
CA PRO A 242 11.45 -25.37 33.35
C PRO A 242 12.22 -24.48 34.34
N GLY A 243 12.18 -24.84 35.62
CA GLY A 243 12.69 -24.03 36.74
C GLY A 243 11.58 -23.42 37.61
N CYS A 244 10.34 -23.29 37.08
CA CYS A 244 9.25 -22.42 37.62
C CYS A 244 8.19 -23.27 38.34
N GLU A 245 8.17 -24.57 38.09
CA GLU A 245 7.18 -25.51 38.69
C GLU A 245 7.55 -25.76 40.15
N LYS A 246 6.62 -26.25 40.98
CA LYS A 246 6.91 -26.64 42.38
C LYS A 246 8.25 -27.39 42.44
N GLY A 247 9.12 -27.04 43.39
CA GLY A 247 10.40 -27.72 43.62
C GLY A 247 11.40 -27.44 42.54
N GLY A 248 11.10 -26.53 41.62
CA GLY A 248 12.10 -25.94 40.72
C GLY A 248 12.78 -24.75 41.41
N PRO A 249 14.02 -24.41 41.01
CA PRO A 249 14.71 -23.27 41.60
C PRO A 249 14.01 -21.92 41.41
N LEU A 250 13.21 -21.75 40.35
CA LEU A 250 12.56 -20.44 40.04
C LEU A 250 11.16 -20.34 40.66
N HIS A 251 10.52 -21.43 41.04
CA HIS A 251 9.10 -21.41 41.53
C HIS A 251 8.85 -20.30 42.58
N ASP A 252 9.84 -19.94 43.40
CA ASP A 252 9.71 -18.93 44.49
C ASP A 252 9.36 -17.58 43.85
N GLY A 253 9.88 -17.31 42.65
CA GLY A 253 9.56 -16.12 41.85
C GLY A 253 8.09 -16.08 41.51
N VAL A 254 7.55 -17.20 41.06
CA VAL A 254 6.10 -17.35 40.75
C VAL A 254 5.32 -17.09 42.04
N ARG A 255 5.69 -17.76 43.11
CA ARG A 255 4.97 -17.69 44.42
C ARG A 255 4.90 -16.23 44.93
N GLU A 256 6.00 -15.48 44.81
CA GLU A 256 6.07 -14.04 45.13
C GLU A 256 5.12 -13.25 44.20
N GLN A 257 4.92 -13.68 42.96
CA GLN A 257 3.92 -13.06 42.07
C GLN A 257 2.53 -13.41 42.59
N ALA A 258 2.34 -14.66 43.00
CA ALA A 258 1.10 -15.17 43.63
C ALA A 258 0.77 -14.31 44.84
N ARG A 259 1.81 -13.98 45.62
CA ARG A 259 1.70 -13.18 46.87
C ARG A 259 1.24 -11.77 46.51
N ILE A 260 1.85 -11.20 45.49
CA ILE A 260 1.52 -9.84 45.04
C ILE A 260 0.11 -9.85 44.48
N GLU A 261 -0.22 -10.85 43.67
CA GLU A 261 -1.57 -10.93 43.09
C GLU A 261 -2.60 -10.90 44.24
N LEU A 262 -2.39 -11.67 45.31
CA LEU A 262 -3.32 -11.81 46.46
C LEU A 262 -3.42 -10.48 47.23
N GLY A 263 -2.30 -9.90 47.66
CA GLY A 263 -2.26 -8.57 48.29
C GLY A 263 -2.99 -7.49 47.49
N LEU A 264 -2.59 -7.28 46.22
CA LEU A 264 -3.24 -6.37 45.25
C LEU A 264 -4.75 -6.64 45.22
N ARG A 265 -5.13 -7.89 44.98
CA ARG A 265 -6.55 -8.23 44.85
C ARG A 265 -7.25 -7.80 46.15
N SER A 266 -6.63 -8.10 47.29
CA SER A 266 -7.26 -7.78 48.60
C SER A 266 -7.47 -6.27 48.61
N PHE A 267 -6.40 -5.54 48.30
CA PHE A 267 -6.35 -4.06 48.38
C PHE A 267 -7.40 -3.46 47.45
N LEU A 268 -7.44 -3.91 46.21
CA LEU A 268 -8.27 -3.38 45.11
C LEU A 268 -9.75 -3.67 45.40
N GLU A 269 -10.08 -4.88 45.84
CA GLU A 269 -11.46 -5.30 46.17
C GLU A 269 -11.97 -4.50 47.38
N GLU A 270 -11.09 -4.26 48.35
CA GLU A 270 -11.40 -3.54 49.59
C GLU A 270 -11.85 -2.13 49.25
N GLY A 271 -11.11 -1.45 48.38
CA GLY A 271 -11.36 -0.04 48.00
C GLY A 271 -12.33 0.09 46.85
N GLY A 272 -12.87 -1.01 46.33
CA GLY A 272 -13.69 -1.02 45.09
C GLY A 272 -12.94 -0.44 43.90
N PHE A 273 -11.62 -0.62 43.82
CA PHE A 273 -10.76 -0.15 42.70
C PHE A 273 -10.91 -1.11 41.52
N GLU A 274 -11.14 -0.58 40.33
CA GLU A 274 -11.25 -1.39 39.09
C GLU A 274 -10.07 -1.10 38.18
N ALA A 275 -9.16 -0.21 38.56
CA ALA A 275 -7.89 0.00 37.83
C ALA A 275 -6.82 0.45 38.82
N PHE A 276 -5.56 0.27 38.44
CA PHE A 276 -4.42 0.66 39.28
C PHE A 276 -3.19 0.85 38.41
N THR A 277 -2.20 1.50 39.01
CA THR A 277 -0.87 1.77 38.42
C THR A 277 0.17 1.30 39.43
N THR A 278 1.33 0.86 38.94
CA THR A 278 2.58 0.64 39.72
C THR A 278 3.63 1.55 39.10
N THR A 279 4.77 1.62 39.74
CA THR A 279 5.96 2.32 39.22
C THR A 279 7.16 1.47 39.66
N PHE A 280 7.87 0.90 38.71
CA PHE A 280 9.15 0.20 38.98
C PHE A 280 10.05 1.11 39.83
N GLU A 281 9.88 2.44 39.78
CA GLU A 281 10.72 3.45 40.51
C GLU A 281 10.41 3.50 42.01
N ASP A 282 9.26 2.98 42.44
CA ASP A 282 8.84 2.96 43.87
C ASP A 282 8.28 1.55 44.14
N LEU A 283 9.14 0.64 44.59
CA LEU A 283 8.76 -0.75 44.93
C LEU A 283 9.26 -1.12 46.34
N HIS A 284 9.60 -0.13 47.17
CA HIS A 284 9.89 -0.33 48.62
C HIS A 284 8.86 -1.30 49.22
N GLY A 285 9.35 -2.40 49.78
CA GLY A 285 8.55 -3.38 50.53
C GLY A 285 8.10 -4.53 49.65
N MET A 286 8.32 -4.42 48.33
CA MET A 286 7.96 -5.45 47.32
C MET A 286 9.20 -6.28 47.01
N LYS A 287 9.02 -7.58 46.80
CA LYS A 287 10.10 -8.48 46.36
C LYS A 287 10.29 -8.25 44.85
N GLN A 288 9.18 -8.15 44.12
CA GLN A 288 9.19 -8.02 42.63
C GLN A 288 8.37 -6.81 42.19
N LEU A 289 8.72 -6.24 41.04
CA LEU A 289 7.76 -5.51 40.19
C LEU A 289 6.58 -6.45 39.95
N PRO A 290 5.37 -6.05 40.34
CA PRO A 290 4.17 -6.83 40.03
C PRO A 290 4.13 -7.15 38.53
N GLY A 291 3.79 -8.39 38.20
CA GLY A 291 4.00 -8.93 36.84
C GLY A 291 2.89 -9.86 36.45
N LEU A 292 3.13 -11.16 36.59
CA LEU A 292 2.10 -12.22 36.51
C LEU A 292 0.82 -11.71 37.21
N ALA A 293 1.00 -11.20 38.43
CA ALA A 293 -0.08 -10.68 39.31
C ALA A 293 -0.92 -9.66 38.53
N VAL A 294 -0.26 -8.70 37.86
CA VAL A 294 -0.92 -7.61 37.08
C VAL A 294 -1.61 -8.20 35.84
N GLN A 295 -0.91 -9.04 35.10
CA GLN A 295 -1.51 -9.68 33.90
C GLN A 295 -2.79 -10.38 34.34
N ARG A 296 -2.73 -11.08 35.46
CA ARG A 296 -3.87 -11.85 36.01
C ARG A 296 -5.00 -10.86 36.33
N LEU A 297 -4.67 -9.83 37.10
CA LEU A 297 -5.68 -8.81 37.46
C LEU A 297 -6.27 -8.18 36.20
N MET A 298 -5.48 -7.95 35.15
CA MET A 298 -6.06 -7.39 33.90
C MET A 298 -7.01 -8.43 33.29
N ALA A 299 -6.68 -9.72 33.36
CA ALA A 299 -7.53 -10.76 32.73
C ALA A 299 -8.88 -10.74 33.43
N GLU A 300 -8.89 -10.57 34.76
CA GLU A 300 -10.13 -10.43 35.57
C GLU A 300 -10.96 -9.19 35.17
N GLY A 301 -10.36 -8.23 34.47
CA GLY A 301 -11.08 -7.09 33.89
C GLY A 301 -10.55 -5.76 34.42
N TYR A 302 -9.54 -5.78 35.29
CA TYR A 302 -8.90 -4.58 35.89
C TYR A 302 -8.15 -3.78 34.82
N GLY A 303 -8.32 -2.46 34.91
CA GLY A 303 -7.44 -1.51 34.20
C GLY A 303 -6.07 -1.52 34.83
N PHE A 304 -5.05 -1.42 34.02
CA PHE A 304 -3.66 -1.24 34.51
C PHE A 304 -2.95 -0.27 33.56
N GLY A 305 -2.15 0.61 34.16
CA GLY A 305 -1.09 1.34 33.46
C GLY A 305 0.19 1.31 34.28
N GLY A 306 1.32 1.08 33.61
CA GLY A 306 2.64 1.04 34.25
C GLY A 306 3.10 2.45 34.58
N GLU A 307 4.07 2.59 35.48
CA GLU A 307 4.80 3.85 35.70
C GLU A 307 3.81 4.98 35.98
N GLY A 308 2.74 4.67 36.72
CA GLY A 308 1.85 5.69 37.32
C GLY A 308 0.83 6.19 36.33
N ASP A 309 0.74 5.51 35.18
CA ASP A 309 -0.08 5.94 34.02
C ASP A 309 -1.53 5.63 34.35
N TRP A 310 -2.22 6.58 34.96
CA TRP A 310 -3.60 6.34 35.45
C TRP A 310 -4.60 6.48 34.30
N LYS A 311 -4.32 7.40 33.38
CA LYS A 311 -5.21 7.63 32.24
C LYS A 311 -5.34 6.30 31.49
N THR A 312 -4.22 5.65 31.18
CA THR A 312 -4.23 4.38 30.44
C THR A 312 -4.90 3.33 31.29
N ALA A 313 -4.54 3.26 32.57
CA ALA A 313 -5.16 2.32 33.52
C ALA A 313 -6.68 2.42 33.41
N ALA A 314 -7.19 3.65 33.53
CA ALA A 314 -8.63 3.93 33.46
C ALA A 314 -9.14 3.50 32.08
N LEU A 315 -8.39 3.86 31.04
CA LEU A 315 -8.80 3.60 29.65
C LEU A 315 -8.85 2.10 29.44
N VAL A 316 -7.89 1.38 30.01
CA VAL A 316 -7.86 -0.09 29.92
C VAL A 316 -9.10 -0.66 30.61
N ARG A 317 -9.47 -0.14 31.79
CA ARG A 317 -10.71 -0.63 32.46
C ARG A 317 -11.91 -0.36 31.56
N LEU A 318 -12.02 0.87 31.04
CA LEU A 318 -13.18 1.27 30.21
C LEU A 318 -13.26 0.38 28.99
N MET A 319 -12.15 0.24 28.27
CA MET A 319 -12.12 -0.55 27.01
C MET A 319 -12.39 -2.03 27.33
N LYS A 320 -11.94 -2.54 28.47
CA LYS A 320 -12.25 -3.94 28.88
C LYS A 320 -13.77 -4.07 29.01
N VAL A 321 -14.42 -3.11 29.62
CA VAL A 321 -15.88 -3.19 29.82
C VAL A 321 -16.53 -3.20 28.45
N MET A 322 -16.08 -2.32 27.56
CA MET A 322 -16.60 -2.17 26.19
C MET A 322 -16.43 -3.47 25.43
N ALA A 323 -15.28 -4.12 25.63
CA ALA A 323 -14.86 -5.36 24.95
C ALA A 323 -15.60 -6.57 25.53
N ASP A 324 -16.33 -6.38 26.62
CA ASP A 324 -16.97 -7.47 27.39
C ASP A 324 -15.86 -8.41 27.89
N GLY A 325 -14.74 -7.81 28.33
CA GLY A 325 -13.58 -8.43 29.00
C GLY A 325 -12.65 -9.14 28.04
N LYS A 326 -12.82 -8.95 26.72
CA LYS A 326 -12.11 -9.77 25.69
C LYS A 326 -11.08 -8.93 24.94
N GLY A 327 -9.99 -9.59 24.59
CA GLY A 327 -9.03 -9.13 23.58
C GLY A 327 -8.55 -7.73 23.85
N THR A 328 -8.25 -7.40 25.10
CA THR A 328 -7.98 -6.00 25.55
C THR A 328 -6.88 -5.96 26.62
N SER A 329 -5.79 -5.26 26.35
CA SER A 329 -4.63 -5.18 27.26
C SER A 329 -4.12 -3.75 27.26
N PHE A 330 -3.55 -3.33 28.38
CA PHE A 330 -2.39 -2.41 28.46
C PHE A 330 -1.33 -2.87 27.48
N MET A 331 -0.72 -1.92 26.78
CA MET A 331 0.25 -2.19 25.71
C MET A 331 1.19 -1.00 25.64
N GLU A 332 2.41 -1.23 25.19
CA GLU A 332 3.40 -0.18 24.85
C GLU A 332 4.03 -0.52 23.49
N ASP A 333 4.32 0.48 22.69
CA ASP A 333 5.08 0.27 21.43
C ASP A 333 6.54 0.01 21.85
N TYR A 334 7.07 -1.19 21.64
CA TYR A 334 8.42 -1.55 22.14
C TYR A 334 9.46 -1.33 21.05
N THR A 335 9.30 -1.94 19.87
CA THR A 335 10.29 -1.77 18.77
C THR A 335 9.57 -1.94 17.44
N TYR A 336 10.22 -1.55 16.38
CA TYR A 336 9.66 -1.54 15.01
C TYR A 336 10.41 -2.55 14.12
N HIS A 337 9.65 -3.30 13.33
CA HIS A 337 10.15 -4.03 12.15
C HIS A 337 9.91 -3.15 10.94
N PHE A 338 10.98 -2.56 10.37
CA PHE A 338 10.94 -1.64 9.20
C PHE A 338 11.25 -2.37 7.88
N GLU A 339 11.23 -3.70 7.87
CA GLU A 339 11.32 -4.53 6.63
C GLU A 339 10.30 -3.98 5.64
N PRO A 340 10.77 -3.38 4.52
CA PRO A 340 9.88 -2.74 3.56
C PRO A 340 8.91 -3.81 3.04
N GLY A 341 7.63 -3.46 3.02
CA GLY A 341 6.55 -4.37 2.63
C GLY A 341 5.99 -5.14 3.82
N ASN A 342 6.71 -5.18 4.94
CA ASN A 342 6.32 -6.04 6.09
C ASN A 342 6.51 -5.23 7.38
N GLU A 343 6.18 -3.92 7.34
CA GLU A 343 6.44 -3.00 8.47
C GLU A 343 5.44 -3.35 9.58
N MET A 344 5.91 -3.54 10.79
CA MET A 344 5.05 -3.92 11.92
C MET A 344 5.64 -3.39 13.21
N ILE A 345 4.78 -3.21 14.21
CA ILE A 345 5.10 -2.73 15.58
C ILE A 345 5.08 -3.95 16.49
N LEU A 346 6.16 -4.18 17.24
CA LEU A 346 6.19 -5.19 18.31
C LEU A 346 5.72 -4.48 19.57
N GLY A 347 4.62 -4.97 20.12
CA GLY A 347 3.99 -4.42 21.34
C GLY A 347 4.28 -5.29 22.53
N ALA A 348 4.62 -4.67 23.64
CA ALA A 348 4.79 -5.38 24.92
C ALA A 348 4.72 -4.38 26.07
N HIS A 349 5.08 -4.86 27.26
CA HIS A 349 5.59 -4.08 28.41
C HIS A 349 6.61 -4.95 29.15
N MET A 350 7.30 -4.41 30.16
CA MET A 350 8.30 -5.14 31.01
C MET A 350 7.76 -6.51 31.46
N LEU A 351 6.49 -6.55 31.89
CA LEU A 351 5.79 -7.75 32.39
C LEU A 351 4.30 -7.71 32.02
N GLU A 352 3.71 -6.51 32.02
CA GLU A 352 2.26 -6.28 32.26
C GLU A 352 1.50 -6.33 30.92
N VAL A 353 1.35 -7.51 30.34
CA VAL A 353 0.51 -7.69 29.14
C VAL A 353 -0.61 -8.65 29.52
N CYS A 354 -1.85 -8.27 29.26
CA CYS A 354 -3.04 -9.05 29.70
C CYS A 354 -3.14 -10.33 28.88
N PRO A 355 -3.33 -11.50 29.51
CA PRO A 355 -3.41 -12.75 28.76
C PRO A 355 -4.64 -12.87 27.85
N THR A 356 -5.53 -11.90 27.87
CA THR A 356 -6.82 -11.96 27.12
C THR A 356 -6.56 -11.67 25.64
N ILE A 357 -5.39 -11.12 25.29
CA ILE A 357 -4.94 -10.94 23.88
C ILE A 357 -4.10 -12.15 23.45
N ALA A 358 -4.00 -13.21 24.25
CA ALA A 358 -3.08 -14.36 24.01
C ALA A 358 -3.67 -15.26 22.93
N ALA A 359 -2.86 -15.59 21.93
CA ALA A 359 -3.17 -16.62 20.92
C ALA A 359 -2.69 -17.98 21.47
N THR A 360 -1.52 -18.01 22.09
CA THR A 360 -0.88 -19.22 22.65
C THR A 360 -1.19 -19.30 24.14
N ARG A 361 -1.25 -20.51 24.69
CA ARG A 361 -1.35 -20.72 26.14
C ARG A 361 -0.26 -19.90 26.81
N PRO A 362 -0.65 -18.97 27.69
CA PRO A 362 0.34 -18.19 28.44
C PRO A 362 1.19 -19.13 29.29
N ARG A 363 2.48 -18.80 29.44
CA ARG A 363 3.52 -19.62 30.07
C ARG A 363 4.09 -18.82 31.24
N ILE A 364 3.97 -19.33 32.46
CA ILE A 364 4.67 -18.70 33.60
C ILE A 364 6.16 -18.87 33.28
N GLU A 365 6.87 -17.76 33.24
CA GLU A 365 8.35 -17.70 33.11
C GLU A 365 8.86 -16.78 34.21
N VAL A 366 9.99 -17.15 34.81
CA VAL A 366 10.77 -16.24 35.68
C VAL A 366 12.02 -15.87 34.90
N HIS A 367 12.25 -14.56 34.75
CA HIS A 367 13.43 -13.96 34.09
C HIS A 367 13.89 -12.75 34.90
N PRO A 368 15.20 -12.44 34.87
CA PRO A 368 15.71 -11.20 35.45
C PRO A 368 15.08 -9.97 34.78
N LEU A 369 14.87 -8.93 35.60
CA LEU A 369 14.45 -7.59 35.15
C LEU A 369 15.23 -6.56 35.92
N SER A 370 16.16 -5.88 35.25
CA SER A 370 17.00 -4.78 35.80
C SER A 370 16.09 -3.65 36.32
N ILE A 371 15.05 -3.34 35.54
CA ILE A 371 14.18 -2.14 35.72
C ILE A 371 13.50 -2.27 37.10
N GLY A 372 13.72 -1.28 37.98
CA GLY A 372 13.20 -1.24 39.36
C GLY A 372 14.16 -1.89 40.37
N GLY A 373 15.20 -2.58 39.87
CA GLY A 373 16.23 -3.27 40.66
C GLY A 373 15.63 -4.21 41.70
N LYS A 374 14.62 -5.03 41.33
CA LYS A 374 14.00 -6.07 42.21
C LYS A 374 14.30 -7.49 41.70
N GLU A 375 13.72 -8.47 42.38
CA GLU A 375 13.97 -9.92 42.19
C GLU A 375 13.28 -10.34 40.88
N ASP A 376 13.91 -11.27 40.17
CA ASP A 376 13.46 -11.86 38.87
C ASP A 376 11.95 -12.09 38.90
N PRO A 377 11.13 -11.18 38.31
CA PRO A 377 9.68 -11.35 38.33
C PRO A 377 9.15 -12.49 37.46
N ALA A 378 8.18 -13.24 37.99
CA ALA A 378 7.37 -14.18 37.20
C ALA A 378 6.43 -13.36 36.32
N ARG A 379 6.20 -13.81 35.10
CA ARG A 379 5.22 -13.19 34.19
C ARG A 379 4.68 -14.26 33.25
N LEU A 380 3.45 -14.09 32.80
CA LEU A 380 2.93 -14.84 31.63
C LEU A 380 3.61 -14.29 30.37
N VAL A 381 4.14 -15.22 29.59
CA VAL A 381 4.73 -14.98 28.26
C VAL A 381 3.86 -15.70 27.24
N PHE A 382 3.49 -15.02 26.15
CA PHE A 382 2.58 -15.58 25.12
C PHE A 382 2.66 -14.71 23.88
N ASP A 383 2.12 -15.22 22.77
CA ASP A 383 2.07 -14.46 21.49
C ASP A 383 0.67 -13.87 21.39
N GLY A 384 0.57 -12.55 21.25
CA GLY A 384 -0.73 -11.88 21.07
C GLY A 384 -1.45 -12.48 19.87
N GLY A 385 -2.80 -12.41 19.88
CA GLY A 385 -3.71 -12.86 18.81
C GLY A 385 -3.48 -12.07 17.53
N GLU A 386 -4.20 -12.40 16.45
CA GLU A 386 -4.16 -11.64 15.18
C GLU A 386 -5.57 -11.11 14.85
N GLY A 387 -5.60 -10.07 13.99
CA GLY A 387 -6.83 -9.51 13.40
C GLY A 387 -6.97 -8.04 13.72
N ALA A 388 -8.07 -7.44 13.28
CA ALA A 388 -8.38 -6.01 13.44
C ALA A 388 -8.39 -5.68 14.95
N ALA A 389 -7.74 -4.58 15.29
CA ALA A 389 -7.64 -4.11 16.68
C ALA A 389 -7.60 -2.59 16.70
N VAL A 390 -7.79 -2.03 17.89
CA VAL A 390 -7.57 -0.57 18.11
C VAL A 390 -6.48 -0.44 19.14
N ASN A 391 -5.66 0.56 18.96
CA ASN A 391 -4.63 0.99 19.91
C ASN A 391 -5.04 2.40 20.30
N ALA A 392 -5.40 2.60 21.57
CA ALA A 392 -5.98 3.84 22.09
C ALA A 392 -5.02 4.45 23.12
N SER A 393 -4.69 5.71 22.96
CA SER A 393 -4.02 6.57 23.97
C SER A 393 -5.02 7.64 24.37
N LEU A 394 -5.29 7.84 25.64
CA LEU A 394 -5.88 9.12 26.13
C LEU A 394 -4.80 9.95 26.79
N ILE A 395 -4.53 11.11 26.22
CA ILE A 395 -3.50 12.05 26.71
C ILE A 395 -4.17 13.32 27.22
N ASP A 396 -3.46 14.03 28.09
CA ASP A 396 -3.82 15.37 28.58
C ASP A 396 -3.06 16.41 27.77
N LEU A 397 -3.76 17.26 27.02
CA LEU A 397 -3.15 18.36 26.26
C LEU A 397 -2.95 19.59 27.15
N GLY A 398 -3.30 19.52 28.45
CA GLY A 398 -3.23 20.67 29.37
C GLY A 398 -4.61 21.23 29.66
N HIS A 399 -5.32 21.66 28.62
CA HIS A 399 -6.65 22.32 28.72
C HIS A 399 -7.77 21.31 28.47
N ARG A 400 -7.47 20.14 27.94
CA ARG A 400 -8.47 19.10 27.67
C ARG A 400 -7.76 17.79 27.37
N PHE A 401 -8.49 16.69 27.44
CA PHE A 401 -8.02 15.36 27.05
C PHE A 401 -8.24 15.18 25.55
N ARG A 402 -7.41 14.35 24.96
CA ARG A 402 -7.56 13.86 23.57
C ARG A 402 -7.42 12.35 23.57
N LEU A 403 -8.44 11.68 23.08
CA LEU A 403 -8.40 10.23 22.83
C LEU A 403 -7.91 10.02 21.41
N ILE A 404 -6.84 9.24 21.27
CA ILE A 404 -6.23 8.87 19.96
C ILE A 404 -6.41 7.37 19.76
N VAL A 405 -7.05 6.99 18.65
CA VAL A 405 -7.29 5.57 18.29
C VAL A 405 -6.59 5.29 16.98
N ASN A 406 -5.60 4.38 17.00
CA ASN A 406 -4.98 3.82 15.77
C ASN A 406 -5.61 2.47 15.50
N GLU A 407 -6.25 2.34 14.34
CA GLU A 407 -6.74 1.05 13.83
C GLU A 407 -5.53 0.29 13.32
N VAL A 408 -5.30 -0.90 13.82
CA VAL A 408 -4.11 -1.74 13.48
C VAL A 408 -4.61 -3.13 13.08
N ASP A 409 -3.75 -3.94 12.47
CA ASP A 409 -4.01 -5.37 12.16
C ASP A 409 -2.95 -6.20 12.88
N ALA A 410 -3.33 -6.83 13.98
CA ALA A 410 -2.41 -7.70 14.74
C ALA A 410 -2.08 -8.84 13.80
N VAL A 411 -0.83 -9.30 13.80
CA VAL A 411 -0.38 -10.39 12.90
C VAL A 411 0.35 -11.46 13.70
N LYS A 412 0.10 -12.72 13.36
CA LYS A 412 0.82 -13.89 13.90
C LYS A 412 2.30 -13.67 13.62
N PRO A 413 3.18 -13.80 14.63
CA PRO A 413 4.62 -13.72 14.38
C PRO A 413 5.04 -14.93 13.51
N GLU A 414 5.72 -14.68 12.40
CA GLU A 414 6.30 -15.73 11.49
C GLU A 414 7.42 -16.40 12.29
N HIS A 415 8.21 -15.57 12.97
CA HIS A 415 9.49 -15.94 13.62
C HIS A 415 9.29 -16.02 15.14
N ASP A 416 9.84 -17.08 15.74
CA ASP A 416 9.97 -17.22 17.21
C ASP A 416 10.91 -16.11 17.73
N MET A 417 10.63 -15.59 18.91
CA MET A 417 11.51 -14.66 19.65
C MET A 417 11.83 -15.34 20.97
N PRO A 418 12.68 -16.39 20.92
CA PRO A 418 12.83 -17.29 22.06
C PRO A 418 13.63 -16.60 23.18
N LYS A 419 14.37 -15.54 22.87
CA LYS A 419 15.17 -14.78 23.88
C LYS A 419 14.37 -13.57 24.39
N LEU A 420 13.06 -13.45 24.06
CA LEU A 420 12.21 -12.32 24.50
C LEU A 420 11.34 -12.79 25.65
N PRO A 421 11.64 -12.36 26.90
CA PRO A 421 11.01 -12.94 28.07
C PRO A 421 9.63 -12.38 28.43
N VAL A 422 9.01 -11.63 27.51
CA VAL A 422 7.76 -10.87 27.81
C VAL A 422 6.66 -11.29 26.83
N ALA A 423 5.41 -11.25 27.26
CA ALA A 423 4.29 -11.41 26.32
C ALA A 423 4.41 -10.26 25.34
N ARG A 424 4.03 -10.49 24.09
CA ARG A 424 4.17 -9.50 23.01
C ARG A 424 3.16 -9.80 21.91
N ILE A 425 2.96 -8.80 21.07
CA ILE A 425 1.98 -8.83 19.95
C ILE A 425 2.61 -8.01 18.85
N LEU A 426 2.40 -8.41 17.61
CA LEU A 426 2.75 -7.63 16.42
C LEU A 426 1.48 -7.09 15.82
N TRP A 427 1.52 -5.87 15.31
CA TRP A 427 0.43 -5.36 14.47
C TRP A 427 1.01 -4.56 13.32
N LYS A 428 0.25 -4.44 12.24
CA LYS A 428 0.52 -3.49 11.13
C LYS A 428 -0.41 -2.31 11.38
N PRO A 429 0.12 -1.16 11.79
CA PRO A 429 -0.71 0.00 12.05
C PRO A 429 -1.25 0.55 10.73
N ARG A 430 -2.54 0.85 10.70
CA ARG A 430 -3.16 1.47 9.51
C ARG A 430 -2.93 2.98 9.57
N PRO A 431 -2.74 3.66 8.41
CA PRO A 431 -2.66 2.99 7.11
C PRO A 431 -1.31 2.33 6.80
N SER A 432 -0.26 2.80 7.45
CA SER A 432 1.13 2.31 7.28
C SER A 432 1.86 2.63 8.57
N LEU A 433 2.95 1.92 8.88
CA LEU A 433 3.84 2.31 9.98
C LEU A 433 4.23 3.77 9.73
N ARG A 434 4.73 4.09 8.53
CA ARG A 434 5.19 5.46 8.22
C ARG A 434 4.15 6.48 8.71
N ASP A 435 2.86 6.30 8.37
CA ASP A 435 1.85 7.39 8.43
C ASP A 435 1.10 7.34 9.77
N SER A 436 0.87 6.16 10.32
CA SER A 436 0.23 6.00 11.64
C SER A 436 1.13 6.64 12.70
N ALA A 437 2.41 6.29 12.72
CA ALA A 437 3.39 6.78 13.71
C ALA A 437 3.51 8.29 13.60
N GLU A 438 3.56 8.80 12.38
CA GLU A 438 3.63 10.25 12.11
C GLU A 438 2.33 10.88 12.62
N ALA A 439 1.17 10.31 12.30
CA ALA A 439 -0.13 10.90 12.70
C ALA A 439 -0.23 10.83 14.22
N TRP A 440 0.22 9.73 14.79
CA TRP A 440 0.14 9.45 16.24
C TRP A 440 1.02 10.44 17.03
N ILE A 441 2.24 10.64 16.55
CA ILE A 441 3.19 11.63 17.11
C ILE A 441 2.59 13.03 17.00
N LEU A 442 2.04 13.39 15.85
CA LEU A 442 1.42 14.74 15.65
C LEU A 442 0.27 14.94 16.64
N ALA A 443 -0.45 13.86 16.94
CA ALA A 443 -1.59 13.89 17.87
C ALA A 443 -1.09 13.80 19.32
N GLY A 444 0.19 13.50 19.49
CA GLY A 444 0.81 13.41 20.82
C GLY A 444 0.44 12.12 21.51
N GLY A 445 0.00 11.13 20.75
CA GLY A 445 -0.33 9.80 21.25
C GLY A 445 0.73 9.33 22.22
N ALA A 446 0.33 8.74 23.34
CA ALA A 446 1.25 8.15 24.33
C ALA A 446 1.90 6.92 23.72
N HIS A 447 3.03 6.52 24.28
CA HIS A 447 3.65 5.19 24.05
C HIS A 447 2.80 4.11 24.73
N HIS A 448 2.08 4.45 25.82
CA HIS A 448 1.20 3.53 26.58
C HIS A 448 -0.20 3.59 25.99
N THR A 449 -0.77 2.43 25.71
CA THR A 449 -2.05 2.35 25.02
C THR A 449 -2.86 1.28 25.70
N CYS A 450 -4.13 1.29 25.41
CA CYS A 450 -4.98 0.11 25.58
C CYS A 450 -5.14 -0.43 24.17
N PHE A 451 -4.65 -1.65 23.97
CA PHE A 451 -4.78 -2.41 22.71
C PHE A 451 -6.02 -3.27 22.87
N SER A 452 -6.89 -3.31 21.86
CA SER A 452 -8.11 -4.14 21.96
C SER A 452 -8.48 -4.74 20.63
N PHE A 453 -8.83 -6.03 20.67
CA PHE A 453 -9.37 -6.79 19.52
C PHE A 453 -10.87 -6.58 19.44
N ALA A 454 -11.50 -6.06 20.49
CA ALA A 454 -12.96 -6.15 20.68
C ALA A 454 -13.59 -4.75 20.60
N VAL A 455 -12.93 -3.75 21.15
CA VAL A 455 -13.45 -2.36 21.13
C VAL A 455 -13.33 -1.82 19.70
N THR A 456 -14.38 -1.19 19.17
CA THR A 456 -14.39 -0.65 17.79
C THR A 456 -14.07 0.83 17.88
N THR A 457 -13.55 1.38 16.79
CA THR A 457 -13.37 2.83 16.62
C THR A 457 -14.63 3.61 17.04
N GLU A 458 -15.84 3.11 16.75
CA GLU A 458 -17.10 3.88 16.85
C GLU A 458 -17.48 3.95 18.33
N GLN A 459 -17.24 2.87 19.06
CA GLN A 459 -17.47 2.82 20.51
C GLN A 459 -16.62 3.87 21.25
N LEU A 460 -15.34 4.01 20.90
CA LEU A 460 -14.44 4.99 21.56
C LEU A 460 -14.87 6.37 21.10
N GLN A 461 -15.24 6.48 19.84
CA GLN A 461 -15.71 7.77 19.30
C GLN A 461 -16.97 8.12 20.10
N ASP A 462 -17.78 7.11 20.43
CA ASP A 462 -19.08 7.28 21.13
C ASP A 462 -18.75 7.69 22.57
N PHE A 463 -17.81 7.01 23.16
CA PHE A 463 -17.37 7.32 24.53
C PHE A 463 -16.84 8.75 24.56
N ALA A 464 -16.04 9.16 23.59
CA ALA A 464 -15.52 10.54 23.52
C ALA A 464 -16.68 11.53 23.45
N GLU A 465 -17.64 11.28 22.59
CA GLU A 465 -18.86 12.12 22.46
C GLU A 465 -19.44 12.26 23.87
N MET A 466 -19.74 11.12 24.49
CA MET A 466 -20.33 11.05 25.84
C MET A 466 -19.57 11.97 26.79
N ALA A 467 -18.25 11.85 26.85
CA ALA A 467 -17.39 12.47 27.88
C ALA A 467 -17.09 13.92 27.50
N GLY A 468 -17.46 14.32 26.28
CA GLY A 468 -17.12 15.65 25.74
C GLY A 468 -15.61 15.82 25.61
N ILE A 469 -14.91 14.86 25.01
CA ILE A 469 -13.49 15.07 24.66
C ILE A 469 -13.29 14.75 23.18
N GLU A 470 -12.22 15.30 22.61
CA GLU A 470 -11.80 15.03 21.23
C GLU A 470 -11.46 13.56 21.08
N CYS A 471 -11.95 12.91 20.03
CA CYS A 471 -11.48 11.55 19.64
C CYS A 471 -10.92 11.64 18.24
N VAL A 472 -9.67 11.26 18.08
CA VAL A 472 -8.93 11.37 16.80
C VAL A 472 -8.60 9.94 16.39
N VAL A 473 -8.85 9.59 15.13
CA VAL A 473 -8.78 8.19 14.63
C VAL A 473 -7.78 8.15 13.49
N ILE A 474 -6.84 7.22 13.59
CA ILE A 474 -5.82 6.95 12.55
C ILE A 474 -6.12 5.55 12.02
N ASN A 475 -6.47 5.46 10.75
CA ASN A 475 -6.90 4.20 10.09
C ASN A 475 -6.50 4.27 8.61
N GLU A 476 -6.93 3.28 7.83
CA GLU A 476 -6.64 3.11 6.39
C GLU A 476 -6.96 4.40 5.63
N HIS A 477 -7.90 5.21 6.13
CA HIS A 477 -8.38 6.43 5.42
C HIS A 477 -7.48 7.62 5.77
N THR A 478 -6.63 7.48 6.78
CA THR A 478 -5.91 8.65 7.31
C THR A 478 -4.86 9.05 6.29
N SER A 479 -4.89 10.31 5.94
CA SER A 479 -3.83 11.08 5.26
C SER A 479 -3.21 12.00 6.32
N VAL A 480 -1.88 12.13 6.36
CA VAL A 480 -1.16 12.90 7.39
C VAL A 480 -1.42 14.40 7.16
N SER A 481 -1.61 14.82 5.92
CA SER A 481 -1.92 16.24 5.60
C SER A 481 -3.34 16.55 6.06
N SER A 482 -4.31 15.69 5.75
CA SER A 482 -5.73 15.89 6.11
C SER A 482 -5.87 15.92 7.64
N PHE A 483 -5.27 14.94 8.32
CA PHE A 483 -5.23 14.71 9.79
C PHE A 483 -4.64 15.90 10.57
N LYS A 484 -3.59 16.56 10.08
CA LYS A 484 -2.98 17.74 10.79
C LYS A 484 -3.97 18.89 10.76
N ASN A 485 -4.78 18.98 9.71
CA ASN A 485 -5.83 20.03 9.59
C ASN A 485 -6.97 19.67 10.55
N GLU A 486 -7.41 18.42 10.54
CA GLU A 486 -8.45 17.93 11.47
C GLU A 486 -8.03 18.26 12.91
N LEU A 487 -6.75 18.10 13.28
CA LEU A 487 -6.21 18.41 14.63
C LEU A 487 -6.36 19.92 14.94
N LYS A 488 -5.96 20.76 14.00
CA LYS A 488 -6.02 22.24 14.19
C LYS A 488 -7.48 22.63 14.39
N TRP A 489 -8.38 22.09 13.58
CA TRP A 489 -9.82 22.43 13.57
C TRP A 489 -10.48 21.88 14.82
N ASN A 490 -10.14 20.64 15.18
CA ASN A 490 -10.61 20.00 16.43
C ASN A 490 -10.21 20.91 17.59
N GLU A 491 -8.94 21.26 17.66
CA GLU A 491 -8.38 22.09 18.75
C GLU A 491 -9.31 23.29 18.96
N VAL A 492 -9.76 23.91 17.89
CA VAL A 492 -10.44 25.23 17.96
C VAL A 492 -11.83 25.00 18.54
N PHE A 493 -12.49 23.92 18.12
CA PHE A 493 -13.81 23.52 18.63
C PHE A 493 -13.69 23.21 20.13
N TRP A 494 -12.76 22.35 20.49
CA TRP A 494 -12.71 21.70 21.83
C TRP A 494 -12.15 22.64 22.89
N ARG A 495 -11.54 23.75 22.49
CA ARG A 495 -11.06 24.78 23.44
C ARG A 495 -12.25 25.29 24.23
N GLY A 496 -12.11 25.42 25.55
CA GLY A 496 -13.11 26.04 26.46
C GLY A 496 -14.39 25.22 26.61
N ARG A 497 -14.42 23.97 26.11
CA ARG A 497 -15.58 23.05 26.20
C ARG A 497 -15.32 21.97 27.25
N LEU B 3 21.00 28.74 51.84
CA LEU B 3 20.89 27.93 50.58
C LEU B 3 21.18 28.84 49.38
N SER B 4 22.35 28.67 48.74
CA SER B 4 22.97 29.68 47.84
C SER B 4 22.13 29.94 46.57
N LEU B 5 22.20 31.16 46.07
CA LEU B 5 21.73 31.54 44.72
C LEU B 5 22.94 31.61 43.81
N ARG B 6 22.79 31.14 42.57
CA ARG B 6 23.75 31.42 41.45
C ARG B 6 24.01 32.92 41.51
N PRO B 7 25.23 33.38 41.18
CA PRO B 7 25.58 34.80 41.37
C PRO B 7 24.89 35.69 40.32
N TYR B 8 23.56 35.79 40.38
CA TYR B 8 22.70 36.39 39.32
C TYR B 8 23.04 37.87 39.14
N GLU B 9 22.84 38.37 37.92
CA GLU B 9 23.13 39.76 37.49
C GLU B 9 22.09 40.20 36.46
N PHE B 10 22.00 41.51 36.27
CA PHE B 10 21.02 42.16 35.38
C PHE B 10 21.78 42.94 34.32
N TRP B 11 21.66 42.49 33.06
CA TRP B 11 22.31 43.12 31.88
C TRP B 11 21.60 44.42 31.54
N PHE B 12 22.26 45.56 31.75
CA PHE B 12 21.82 46.88 31.23
C PHE B 12 22.23 47.00 29.76
N VAL B 13 21.25 46.90 28.88
CA VAL B 13 21.37 47.06 27.41
C VAL B 13 20.81 48.43 27.04
N THR B 14 21.64 49.27 26.44
CA THR B 14 21.28 50.62 25.96
C THR B 14 21.13 50.57 24.44
N GLY B 15 20.06 51.18 23.93
CA GLY B 15 19.72 51.12 22.50
C GLY B 15 20.01 52.43 21.82
N SER B 16 20.47 52.35 20.57
CA SER B 16 20.75 53.50 19.66
C SER B 16 20.88 52.98 18.23
N GLN B 17 21.28 53.85 17.31
CA GLN B 17 21.89 53.53 15.99
C GLN B 17 22.92 54.63 15.67
N HIS B 18 23.39 54.67 14.41
CA HIS B 18 24.58 55.46 13.97
C HIS B 18 24.16 56.78 13.33
N LEU B 19 22.91 57.24 13.52
CA LEU B 19 22.25 58.34 12.75
C LEU B 19 22.89 59.69 13.10
N TYR B 20 23.52 59.82 14.28
CA TYR B 20 24.15 61.07 14.78
C TYR B 20 25.67 60.85 14.98
N GLY B 21 26.20 59.65 14.66
CA GLY B 21 27.64 59.38 14.53
C GLY B 21 28.13 58.27 15.45
N GLU B 22 29.47 58.15 15.54
CA GLU B 22 30.24 57.31 16.51
C GLU B 22 30.71 58.20 17.67
N GLU B 23 30.81 59.50 17.40
CA GLU B 23 30.82 60.60 18.41
C GLU B 23 29.72 60.36 19.45
N ALA B 24 28.45 60.37 19.01
CA ALA B 24 27.26 60.25 19.89
C ALA B 24 27.27 58.89 20.61
N LEU B 25 27.58 57.79 19.89
CA LEU B 25 27.67 56.40 20.44
C LEU B 25 28.74 56.31 21.53
N LYS B 26 29.79 57.15 21.48
CA LYS B 26 30.81 57.24 22.55
C LYS B 26 30.13 57.78 23.82
N GLN B 27 29.39 58.89 23.72
CA GLN B 27 28.72 59.57 24.87
C GLN B 27 27.65 58.62 25.43
N VAL B 28 27.02 57.80 24.57
CA VAL B 28 25.93 56.85 24.94
C VAL B 28 26.53 55.79 25.87
N GLU B 29 27.59 55.12 25.41
CA GLU B 29 28.28 54.04 26.16
C GLU B 29 28.79 54.63 27.48
N GLU B 30 29.42 55.80 27.41
CA GLU B 30 29.92 56.56 28.58
C GLU B 30 28.79 56.70 29.59
N HIS B 31 27.66 57.25 29.13
CA HIS B 31 26.49 57.60 29.97
C HIS B 31 25.97 56.34 30.68
N SER B 32 25.97 55.20 30.01
CA SER B 32 25.39 53.94 30.53
C SER B 32 26.32 53.36 31.60
N ARG B 33 27.61 53.31 31.30
CA ARG B 33 28.69 52.90 32.24
C ARG B 33 28.58 53.75 33.50
N ILE B 34 28.55 55.07 33.36
CA ILE B 34 28.36 55.99 34.53
C ILE B 34 27.17 55.48 35.34
N MET B 35 26.03 55.23 34.67
CA MET B 35 24.75 54.86 35.33
C MET B 35 24.87 53.50 36.04
N VAL B 36 25.47 52.51 35.37
CA VAL B 36 25.63 51.12 35.87
C VAL B 36 26.59 51.13 37.06
N ASN B 37 27.66 51.92 36.97
CA ASN B 37 28.67 52.08 38.05
C ASN B 37 28.01 52.67 39.30
N GLU B 38 27.18 53.72 39.16
CA GLU B 38 26.46 54.37 40.29
C GLU B 38 25.49 53.36 40.95
N TRP B 39 24.81 52.55 40.15
CA TRP B 39 23.85 51.54 40.68
C TRP B 39 24.61 50.55 41.56
N ASN B 40 25.77 50.10 41.08
CA ASN B 40 26.56 49.02 41.73
C ASN B 40 27.33 49.60 42.92
N ARG B 41 28.09 50.67 42.71
CA ARG B 41 28.89 51.34 43.76
C ARG B 41 28.02 51.45 45.03
N ASP B 42 28.55 50.96 46.16
CA ASP B 42 27.80 50.66 47.41
C ASP B 42 26.34 50.35 47.06
N SER B 43 26.06 49.07 46.76
CA SER B 43 24.69 48.52 46.59
C SER B 43 24.28 47.76 47.86
N VAL B 44 25.13 46.83 48.33
CA VAL B 44 24.73 45.78 49.32
C VAL B 44 23.35 45.27 48.89
N PHE B 45 23.16 45.21 47.57
CA PHE B 45 22.04 44.56 46.85
C PHE B 45 22.60 43.32 46.18
N PRO B 46 22.13 42.08 46.51
CA PRO B 46 22.83 40.86 46.14
C PRO B 46 23.20 40.74 44.65
N PHE B 47 22.50 41.42 43.74
CA PHE B 47 22.61 41.21 42.26
C PHE B 47 23.12 42.47 41.58
N PRO B 48 24.32 42.43 40.96
CA PRO B 48 24.85 43.61 40.30
C PRO B 48 24.22 43.87 38.92
N PHE B 49 24.27 45.10 38.44
CA PHE B 49 24.02 45.44 37.03
C PHE B 49 25.34 45.33 36.27
N VAL B 50 25.28 44.78 35.06
CA VAL B 50 26.47 44.64 34.19
C VAL B 50 26.16 45.38 32.90
N PHE B 51 26.88 46.47 32.68
CA PHE B 51 26.79 47.22 31.41
C PHE B 51 27.13 46.22 30.29
N LYS B 52 26.22 45.99 29.36
CA LYS B 52 26.60 45.33 28.08
C LYS B 52 26.84 46.44 27.07
N SER B 53 27.64 46.19 26.04
CA SER B 53 28.05 47.23 25.07
C SER B 53 26.80 47.63 24.27
N VAL B 54 26.69 48.93 23.98
CA VAL B 54 25.47 49.60 23.40
C VAL B 54 25.09 48.85 22.13
N VAL B 55 23.80 48.73 21.86
CA VAL B 55 23.29 47.98 20.68
C VAL B 55 22.71 48.95 19.65
N THR B 56 23.03 48.72 18.38
CA THR B 56 22.79 49.70 17.30
C THR B 56 22.33 49.01 16.01
N THR B 57 22.51 47.68 15.89
CA THR B 57 22.06 46.87 14.73
C THR B 57 21.20 45.70 15.23
N PRO B 58 20.37 45.09 14.35
CA PRO B 58 19.63 43.86 14.69
C PRO B 58 20.53 42.76 15.27
N GLU B 59 21.70 42.61 14.68
CA GLU B 59 22.70 41.57 15.02
C GLU B 59 23.21 41.84 16.45
N GLU B 60 23.47 43.10 16.81
CA GLU B 60 23.97 43.44 18.17
C GLU B 60 22.85 43.16 19.17
N ILE B 61 21.62 43.58 18.88
CA ILE B 61 20.43 43.33 19.75
C ILE B 61 20.21 41.83 19.86
N ARG B 62 20.12 41.14 18.73
CA ARG B 62 19.92 39.68 18.76
C ARG B 62 21.01 39.02 19.60
N ARG B 63 22.26 39.48 19.49
CA ARG B 63 23.47 38.82 20.08
C ARG B 63 23.34 38.84 21.60
N VAL B 64 23.16 40.04 22.16
CA VAL B 64 23.02 40.26 23.62
C VAL B 64 21.73 39.61 24.15
N CYS B 65 20.68 39.42 23.33
CA CYS B 65 19.46 38.66 23.78
C CYS B 65 19.76 37.17 23.82
N LEU B 66 20.51 36.66 22.86
CA LEU B 66 20.92 35.23 22.85
C LEU B 66 21.83 34.98 24.04
N GLU B 67 22.83 35.84 24.24
CA GLU B 67 23.84 35.68 25.31
C GLU B 67 23.08 35.65 26.64
N ALA B 68 22.13 36.57 26.80
CA ALA B 68 21.25 36.69 27.99
C ALA B 68 20.47 35.40 28.22
N ASN B 69 19.98 34.74 27.16
CA ASN B 69 19.26 33.45 27.31
C ASN B 69 20.22 32.38 27.83
N ALA B 70 21.38 32.29 27.19
CA ALA B 70 22.41 31.23 27.40
C ALA B 70 23.05 31.40 28.77
N SER B 71 23.16 32.63 29.27
CA SER B 71 23.89 32.97 30.52
C SER B 71 23.01 32.54 31.70
N GLU B 72 23.44 31.55 32.48
CA GLU B 72 22.72 31.14 33.74
C GLU B 72 22.75 32.27 34.77
N GLN B 73 23.77 33.12 34.72
CA GLN B 73 23.92 34.30 35.62
C GLN B 73 22.86 35.36 35.30
N CYS B 74 22.48 35.53 34.03
CA CYS B 74 21.48 36.55 33.63
C CYS B 74 20.09 36.13 34.17
N ALA B 75 19.59 36.83 35.20
CA ALA B 75 18.23 36.65 35.76
C ALA B 75 17.24 37.66 35.15
N GLY B 76 17.73 38.63 34.36
CA GLY B 76 16.94 39.75 33.84
C GLY B 76 17.76 40.69 32.95
N VAL B 77 17.10 41.29 31.96
CA VAL B 77 17.73 42.21 30.97
C VAL B 77 17.05 43.56 31.19
N VAL B 78 17.80 44.64 31.33
CA VAL B 78 17.23 45.99 31.52
C VAL B 78 17.58 46.80 30.27
N THR B 79 16.58 47.18 29.49
CA THR B 79 16.76 47.87 28.19
C THR B 79 16.40 49.34 28.41
N TRP B 80 17.18 50.20 27.76
CA TRP B 80 17.02 51.67 27.80
C TRP B 80 17.44 52.19 26.44
N MET B 81 16.52 52.85 25.75
CA MET B 81 16.83 53.53 24.48
C MET B 81 17.36 54.92 24.86
N HIS B 82 18.68 55.09 24.86
CA HIS B 82 19.34 56.39 25.15
C HIS B 82 18.87 57.37 24.09
N THR B 83 19.20 57.04 22.84
CA THR B 83 18.79 57.75 21.62
C THR B 83 17.62 56.99 21.01
N PHE B 84 17.12 57.49 19.89
CA PHE B 84 16.20 56.72 19.01
C PHE B 84 16.93 55.44 18.61
N SER B 85 16.23 54.30 18.71
CA SER B 85 16.73 52.96 18.32
C SER B 85 15.65 52.26 17.51
N PRO B 86 15.57 52.55 16.18
CA PRO B 86 14.51 52.02 15.33
C PRO B 86 14.17 50.58 15.71
N ALA B 87 12.91 50.34 16.10
CA ALA B 87 12.52 49.20 16.94
C ALA B 87 12.47 47.89 16.14
N LYS B 88 12.35 47.95 14.81
CA LYS B 88 12.36 46.74 13.95
C LYS B 88 13.70 46.03 14.14
N MET B 89 14.71 46.81 14.50
CA MET B 89 16.06 46.30 14.77
C MET B 89 15.98 45.31 15.93
N TRP B 90 15.03 45.53 16.85
CA TRP B 90 14.87 44.78 18.11
C TRP B 90 13.95 43.56 17.99
N ILE B 91 13.21 43.42 16.90
CA ILE B 91 12.26 42.29 16.71
C ILE B 91 13.00 40.95 16.91
N GLY B 92 14.09 40.71 16.19
CA GLY B 92 14.83 39.44 16.24
C GLY B 92 15.31 39.14 17.65
N GLY B 93 15.94 40.11 18.28
CA GLY B 93 16.40 40.00 19.69
C GLY B 93 15.22 39.77 20.60
N LEU B 94 14.25 40.68 20.58
CA LEU B 94 13.07 40.60 21.46
C LEU B 94 12.35 39.26 21.31
N LEU B 95 12.33 38.67 20.12
CA LEU B 95 11.66 37.37 19.93
C LEU B 95 12.48 36.28 20.62
N GLU B 96 13.77 36.51 20.77
CA GLU B 96 14.70 35.48 21.26
C GLU B 96 14.68 35.54 22.78
N LEU B 97 14.52 36.74 23.33
CA LEU B 97 14.67 36.97 24.79
C LEU B 97 13.65 36.14 25.56
N ARG B 98 14.15 35.34 26.51
CA ARG B 98 13.36 34.51 27.45
C ARG B 98 13.84 34.76 28.88
N LYS B 99 14.50 35.89 29.12
CA LYS B 99 14.81 36.37 30.49
C LYS B 99 13.88 37.55 30.77
N PRO B 100 13.43 37.76 32.01
CA PRO B 100 12.52 38.85 32.31
C PRO B 100 13.14 40.14 31.79
N LEU B 101 12.33 40.97 31.14
CA LEU B 101 12.77 42.27 30.55
C LEU B 101 12.22 43.39 31.41
N LEU B 102 13.11 44.26 31.91
CA LEU B 102 12.71 45.58 32.45
C LEU B 102 13.01 46.59 31.35
N HIS B 103 11.99 47.29 30.92
CA HIS B 103 12.16 48.49 30.08
C HIS B 103 12.36 49.65 31.04
N LEU B 104 13.61 50.08 31.20
CA LEU B 104 13.93 51.28 32.02
C LEU B 104 13.76 52.50 31.12
N HIS B 105 12.70 53.26 31.40
CA HIS B 105 12.35 54.49 30.67
C HIS B 105 12.94 55.63 31.48
N THR B 106 14.20 55.96 31.18
CA THR B 106 14.94 56.95 31.98
C THR B 106 15.63 57.89 31.02
N GLN B 107 16.48 58.74 31.58
CA GLN B 107 17.21 59.82 30.86
C GLN B 107 18.44 60.12 31.71
N PHE B 108 19.64 60.17 31.12
CA PHE B 108 20.88 60.43 31.88
C PHE B 108 20.70 61.70 32.74
N ASN B 109 20.50 62.83 32.09
CA ASN B 109 20.24 64.15 32.74
C ASN B 109 18.85 64.14 33.34
N ARG B 110 18.72 64.50 34.61
CA ARG B 110 17.41 64.68 35.25
C ARG B 110 16.68 65.83 34.55
N ASP B 111 17.25 67.03 34.64
CA ASP B 111 16.58 68.30 34.24
C ASP B 111 17.03 68.69 32.82
N ILE B 112 16.14 69.43 32.15
CA ILE B 112 16.41 70.07 30.83
C ILE B 112 17.33 71.26 31.07
N PRO B 113 18.46 71.31 30.33
CA PRO B 113 19.33 72.48 30.33
C PRO B 113 18.73 73.56 29.41
N TRP B 114 17.82 74.37 29.96
CA TRP B 114 16.97 75.33 29.18
C TRP B 114 17.85 76.20 28.26
N ASP B 115 18.87 76.88 28.81
CA ASP B 115 19.66 77.89 28.04
C ASP B 115 20.79 77.20 27.26
N SER B 116 20.99 75.90 27.45
CA SER B 116 21.95 75.06 26.69
C SER B 116 21.24 74.34 25.54
N ILE B 117 20.06 73.75 25.81
CA ILE B 117 19.43 72.69 24.97
C ILE B 117 19.44 73.12 23.50
N ASP B 118 20.09 72.34 22.63
CA ASP B 118 20.15 72.56 21.17
C ASP B 118 20.00 71.20 20.48
N MET B 119 20.13 71.15 19.15
CA MET B 119 19.86 69.94 18.34
C MET B 119 20.84 68.81 18.70
N ASP B 120 22.11 69.13 19.01
CA ASP B 120 23.16 68.13 19.38
C ASP B 120 22.79 67.42 20.71
N PHE B 121 22.08 68.12 21.61
CA PHE B 121 21.49 67.54 22.86
C PHE B 121 20.28 66.67 22.49
N MET B 122 19.31 67.23 21.76
CA MET B 122 18.05 66.54 21.35
C MET B 122 18.40 65.27 20.57
N ASN B 123 19.47 65.30 19.77
CA ASN B 123 19.96 64.16 18.95
C ASN B 123 20.47 63.02 19.86
N LEU B 124 21.05 63.33 21.04
CA LEU B 124 21.68 62.32 21.93
C LEU B 124 20.68 61.80 22.98
N ASN B 125 19.88 62.68 23.59
CA ASN B 125 18.92 62.34 24.69
C ASN B 125 17.50 62.27 24.16
N GLN B 126 17.18 61.18 23.45
CA GLN B 126 15.92 60.97 22.69
C GLN B 126 15.01 59.96 23.40
N SER B 127 15.37 59.51 24.61
CA SER B 127 14.66 58.46 25.39
C SER B 127 13.15 58.75 25.39
N ALA B 128 12.79 60.01 25.59
CA ALA B 128 11.40 60.49 25.63
C ALA B 128 10.64 59.91 24.43
N HIS B 129 11.30 59.68 23.29
CA HIS B 129 10.66 59.07 22.08
C HIS B 129 11.26 57.70 21.78
N GLY B 130 12.59 57.55 21.90
CA GLY B 130 13.32 56.29 21.66
C GLY B 130 12.69 55.14 22.41
N ASP B 131 12.36 55.34 23.69
CA ASP B 131 11.68 54.33 24.53
C ASP B 131 10.21 54.14 24.12
N ARG B 132 9.55 55.17 23.60
CA ARG B 132 8.14 54.99 23.17
C ARG B 132 8.14 54.08 21.94
N GLU B 133 9.08 54.29 21.02
CA GLU B 133 9.16 53.46 19.80
C GLU B 133 9.44 52.01 20.24
N PHE B 134 10.45 51.82 21.08
CA PHE B 134 10.73 50.52 21.74
C PHE B 134 9.48 50.02 22.45
N GLY B 135 8.81 50.83 23.27
CA GLY B 135 7.57 50.47 23.97
C GLY B 135 6.57 49.85 22.99
N PHE B 136 6.36 50.54 21.87
CA PHE B 136 5.42 50.13 20.80
C PHE B 136 5.75 48.70 20.37
N MET B 137 7.02 48.47 20.08
CA MET B 137 7.48 47.20 19.49
C MET B 137 7.27 46.06 20.49
N VAL B 138 7.60 46.28 21.77
CA VAL B 138 7.46 45.28 22.85
C VAL B 138 5.96 45.00 23.01
N THR B 139 5.14 46.04 23.13
CA THR B 139 3.66 45.90 23.18
C THR B 139 3.22 45.12 21.96
N ARG B 140 3.72 45.51 20.81
CA ARG B 140 3.29 44.92 19.50
C ARG B 140 3.60 43.41 19.50
N LEU B 141 4.69 42.94 20.12
CA LEU B 141 5.01 41.48 20.12
C LEU B 141 4.24 40.80 21.27
N GLY B 142 3.50 41.56 22.07
CA GLY B 142 2.70 41.03 23.19
C GLY B 142 3.56 40.39 24.27
N MET B 143 4.85 40.70 24.32
CA MET B 143 5.73 40.06 25.32
C MET B 143 5.68 40.86 26.61
N PRO B 144 5.67 40.18 27.77
CA PRO B 144 5.50 40.82 29.06
C PRO B 144 6.83 41.52 29.38
N ARG B 145 6.74 42.64 30.07
CA ARG B 145 7.91 43.44 30.50
C ARG B 145 7.47 44.28 31.70
N LYS B 146 8.42 44.63 32.57
CA LYS B 146 8.25 45.74 33.53
C LYS B 146 8.61 47.01 32.78
N VAL B 147 7.88 48.09 33.06
CA VAL B 147 8.16 49.44 32.51
C VAL B 147 8.32 50.36 33.71
N ILE B 148 9.52 50.83 33.96
CA ILE B 148 9.77 51.76 35.09
C ILE B 148 10.23 53.07 34.47
N VAL B 149 9.50 54.16 34.80
CA VAL B 149 9.77 55.53 34.31
C VAL B 149 10.30 56.44 35.43
N GLY B 150 11.44 57.06 35.17
CA GLY B 150 12.05 58.10 36.01
C GLY B 150 13.52 58.29 35.66
N HIS B 151 14.12 59.35 36.19
CA HIS B 151 15.59 59.54 36.18
C HIS B 151 16.26 58.34 36.85
N TRP B 152 17.43 57.94 36.37
CA TRP B 152 18.15 56.74 36.85
C TRP B 152 18.63 56.92 38.30
N GLN B 153 18.74 58.16 38.81
CA GLN B 153 19.17 58.45 40.21
C GLN B 153 17.96 58.65 41.13
N ASP B 154 16.72 58.67 40.61
CA ASP B 154 15.46 58.77 41.42
C ASP B 154 15.42 57.57 42.37
N ALA B 155 15.13 57.81 43.65
CA ALA B 155 15.18 56.79 44.72
C ALA B 155 14.03 55.81 44.53
N GLU B 156 12.86 56.27 44.07
CA GLU B 156 11.70 55.37 43.85
C GLU B 156 12.06 54.44 42.67
N VAL B 157 12.58 55.01 41.59
CA VAL B 157 13.12 54.21 40.44
C VAL B 157 13.99 53.08 41.02
N ALA B 158 14.85 53.38 42.00
CA ALA B 158 15.79 52.40 42.62
C ALA B 158 15.00 51.36 43.42
N ARG B 159 14.01 51.76 44.21
CA ARG B 159 13.18 50.79 45.00
C ARG B 159 12.45 49.83 44.04
N ARG B 160 11.82 50.36 42.98
CA ARG B 160 11.05 49.57 41.97
C ARG B 160 11.98 48.58 41.23
N VAL B 161 13.09 49.09 40.69
CA VAL B 161 14.06 48.27 39.94
C VAL B 161 14.52 47.10 40.81
N ARG B 162 14.86 47.35 42.08
CA ARG B 162 15.30 46.30 43.02
C ARG B 162 14.12 45.35 43.29
N GLY B 163 12.89 45.85 43.42
CA GLY B 163 11.69 45.00 43.62
C GLY B 163 11.52 44.06 42.44
N TRP B 164 11.65 44.60 41.22
CA TRP B 164 11.55 43.80 39.99
C TRP B 164 12.67 42.75 39.95
N ALA B 165 13.92 43.15 40.24
CA ALA B 165 15.10 42.27 40.13
C ALA B 165 14.92 41.08 41.05
N MET B 166 14.27 41.29 42.20
CA MET B 166 14.12 40.24 43.25
C MET B 166 13.12 39.22 42.71
N THR B 167 12.03 39.70 42.12
CA THR B 167 11.09 38.84 41.38
C THR B 167 11.85 38.08 40.29
N ALA B 168 12.67 38.77 39.49
CA ALA B 168 13.39 38.17 38.33
C ALA B 168 14.31 37.05 38.79
N VAL B 169 15.04 37.25 39.89
CA VAL B 169 15.84 36.18 40.55
C VAL B 169 14.90 35.04 41.01
N ALA B 170 13.72 35.36 41.57
CA ALA B 170 12.72 34.32 41.88
C ALA B 170 12.38 33.58 40.57
N ALA B 171 12.19 34.33 39.48
CA ALA B 171 11.92 33.80 38.12
C ALA B 171 13.06 32.89 37.67
N ALA B 172 14.33 33.26 37.92
CA ALA B 172 15.51 32.45 37.49
C ALA B 172 15.57 31.19 38.34
N VAL B 173 15.24 31.27 39.63
CA VAL B 173 15.19 30.08 40.51
C VAL B 173 14.09 29.17 39.95
N SER B 174 12.87 29.69 39.76
CA SER B 174 11.71 28.88 39.32
C SER B 174 12.10 28.12 38.06
N ARG B 175 12.86 28.77 37.17
CA ARG B 175 13.32 28.26 35.84
C ARG B 175 14.08 26.93 36.00
N GLY B 176 14.99 26.81 36.97
CA GLY B 176 15.71 25.54 37.21
C GLY B 176 15.09 24.67 38.32
N LEU B 177 13.98 25.13 38.95
CA LEU B 177 13.56 24.71 40.31
C LEU B 177 13.15 23.25 40.30
N LYS B 178 13.81 22.43 41.11
CA LYS B 178 13.54 20.98 41.25
C LYS B 178 12.83 20.77 42.58
N VAL B 179 11.69 20.11 42.51
CA VAL B 179 10.79 19.76 43.65
C VAL B 179 10.74 18.24 43.72
N ALA B 180 10.90 17.71 44.93
CA ALA B 180 10.88 16.28 45.29
C ALA B 180 9.66 16.11 46.14
N ARG B 181 8.78 15.25 45.68
CA ARG B 181 7.54 14.92 46.38
C ARG B 181 7.80 13.57 47.04
N PHE B 182 7.67 13.52 48.38
CA PHE B 182 7.67 12.27 49.18
C PHE B 182 6.21 11.87 49.42
N GLY B 183 5.68 11.16 48.44
CA GLY B 183 4.32 10.60 48.41
C GLY B 183 3.43 11.40 47.47
N ASP B 184 2.25 10.87 47.14
CA ASP B 184 1.31 11.59 46.24
C ASP B 184 0.50 12.62 47.03
N ASN B 185 -0.40 13.32 46.34
CA ASN B 185 -1.36 14.28 46.93
C ASN B 185 -2.15 13.57 47.99
N MET B 186 -2.50 14.26 49.06
CA MET B 186 -3.49 13.72 50.02
C MET B 186 -4.73 13.37 49.18
N ARG B 187 -5.17 12.13 49.32
CA ARG B 187 -6.24 11.52 48.51
C ARG B 187 -7.47 12.42 48.52
N GLN B 188 -8.20 12.41 47.40
CA GLN B 188 -9.50 13.10 47.19
C GLN B 188 -9.36 14.62 47.27
N VAL B 189 -8.16 15.17 47.45
CA VAL B 189 -7.96 16.66 47.50
C VAL B 189 -7.80 17.17 46.06
N ALA B 190 -8.42 18.30 45.74
CA ALA B 190 -8.49 18.85 44.36
C ALA B 190 -7.43 19.95 44.19
N VAL B 191 -7.34 20.90 45.12
CA VAL B 191 -6.58 22.17 44.90
C VAL B 191 -5.07 21.91 44.79
N THR B 192 -4.56 20.91 45.47
CA THR B 192 -3.11 20.59 45.48
C THR B 192 -2.76 19.85 44.20
N GLU B 193 -3.79 19.43 43.49
CA GLU B 193 -3.67 18.68 42.22
C GLU B 193 -3.46 19.69 41.11
N GLY B 194 -2.98 19.22 39.98
CA GLY B 194 -2.74 20.09 38.82
C GLY B 194 -1.79 19.39 37.88
N ASP B 195 -1.29 20.15 36.93
CA ASP B 195 -0.60 19.61 35.75
C ASP B 195 0.86 19.94 35.97
N LYS B 196 1.68 18.97 36.38
CA LYS B 196 3.13 19.20 36.57
C LYS B 196 3.74 19.61 35.21
N VAL B 197 3.30 18.99 34.11
CA VAL B 197 3.78 19.35 32.75
C VAL B 197 3.51 20.84 32.49
N GLU B 198 2.30 21.30 32.76
CA GLU B 198 1.94 22.72 32.45
C GLU B 198 2.83 23.63 33.28
N ALA B 199 2.98 23.29 34.57
CA ALA B 199 3.77 24.04 35.55
C ALA B 199 5.22 24.11 35.10
N GLU B 200 5.78 22.97 34.70
CA GLU B 200 7.16 22.94 34.17
C GLU B 200 7.22 23.85 32.95
N ALA B 201 6.23 23.79 32.07
CA ALA B 201 6.21 24.63 30.84
C ALA B 201 6.14 26.11 31.24
N ARG B 202 5.27 26.47 32.18
CA ARG B 202 5.01 27.90 32.50
C ARG B 202 6.08 28.46 33.43
N PHE B 203 6.46 27.71 34.47
CA PHE B 203 7.30 28.22 35.58
C PHE B 203 8.68 27.58 35.54
N GLY B 204 8.84 26.44 34.89
CA GLY B 204 10.14 25.76 34.78
C GLY B 204 10.34 24.76 35.91
N TRP B 205 9.30 24.49 36.71
CA TRP B 205 9.46 23.56 37.87
C TRP B 205 9.53 22.12 37.37
N SER B 206 10.62 21.45 37.70
CA SER B 206 10.75 19.98 37.64
C SER B 206 10.16 19.42 38.93
N VAL B 207 8.96 18.86 38.87
CA VAL B 207 8.24 18.24 40.03
C VAL B 207 8.12 16.73 39.83
N ASN B 208 8.77 15.92 40.64
CA ASN B 208 8.83 14.48 40.33
C ASN B 208 8.68 13.73 41.63
N GLY B 209 8.18 12.51 41.55
CA GLY B 209 7.72 11.72 42.70
C GLY B 209 8.82 10.82 43.19
N TYR B 210 9.04 10.81 44.49
CA TYR B 210 9.84 9.79 45.19
C TYR B 210 8.91 9.09 46.17
N GLY B 211 8.95 7.76 46.18
CA GLY B 211 8.40 6.96 47.28
C GLY B 211 9.00 7.41 48.60
N VAL B 212 8.20 7.35 49.66
CA VAL B 212 8.65 7.78 51.02
C VAL B 212 9.75 6.81 51.47
N GLY B 213 9.75 5.60 50.93
CA GLY B 213 10.83 4.63 51.13
C GLY B 213 12.17 5.24 50.81
N ASP B 214 12.27 6.00 49.74
CA ASP B 214 13.55 6.62 49.30
C ASP B 214 14.01 7.56 50.40
N LEU B 215 13.10 8.35 50.97
CA LEU B 215 13.45 9.27 52.08
C LEU B 215 13.79 8.45 53.32
N ALA B 216 12.96 7.46 53.65
CA ALA B 216 13.12 6.60 54.85
C ALA B 216 14.57 6.06 54.86
N GLU B 217 14.99 5.48 53.73
CA GLU B 217 16.30 4.85 53.52
C GLU B 217 17.38 5.80 54.04
N ARG B 218 17.30 7.08 53.64
CA ARG B 218 18.30 8.14 53.92
C ARG B 218 18.22 8.52 55.40
N VAL B 219 17.01 8.57 55.94
CA VAL B 219 16.78 8.83 57.39
C VAL B 219 17.43 7.70 58.19
N ARG B 220 17.20 6.44 57.81
CA ARG B 220 17.82 5.26 58.45
C ARG B 220 19.34 5.19 58.22
N ALA B 221 19.93 6.07 57.42
CA ALA B 221 21.38 6.12 57.12
C ALA B 221 22.05 7.23 57.92
N VAL B 222 21.26 8.17 58.44
CA VAL B 222 21.76 9.22 59.36
C VAL B 222 22.32 8.51 60.59
N SER B 223 23.56 8.84 60.96
CA SER B 223 24.27 8.36 62.18
C SER B 223 23.57 8.90 63.43
N GLU B 224 23.55 8.13 64.52
CA GLU B 224 23.25 8.66 65.88
C GLU B 224 24.22 9.80 66.20
N ALA B 225 25.48 9.72 65.74
CA ALA B 225 26.51 10.75 66.03
C ALA B 225 26.08 12.07 65.40
N GLU B 226 25.51 12.01 64.19
CA GLU B 226 25.12 13.20 63.38
C GLU B 226 23.91 13.86 64.07
N ILE B 227 22.96 13.05 64.55
CA ILE B 227 21.78 13.57 65.30
C ILE B 227 22.33 14.31 66.53
N ASP B 228 23.21 13.66 67.30
CA ASP B 228 23.89 14.26 68.47
C ASP B 228 24.21 15.71 68.14
N ARG B 229 24.94 15.93 67.05
CA ARG B 229 25.54 17.24 66.69
C ARG B 229 24.46 18.23 66.27
N LEU B 230 23.41 17.76 65.59
CA LEU B 230 22.31 18.65 65.12
C LEU B 230 21.46 19.06 66.33
N ILE B 231 21.39 18.22 67.37
CA ILE B 231 20.68 18.54 68.63
C ILE B 231 21.51 19.55 69.44
N ASP B 232 22.84 19.43 69.40
CA ASP B 232 23.75 20.45 69.98
C ASP B 232 23.47 21.78 69.25
N GLU B 233 23.11 21.76 67.95
CA GLU B 233 22.68 22.96 67.19
C GLU B 233 21.30 23.43 67.67
N TYR B 234 20.34 22.51 67.88
CA TYR B 234 18.98 22.85 68.35
C TYR B 234 19.07 23.57 69.70
N GLN B 235 19.82 23.03 70.66
CA GLN B 235 20.00 23.62 72.02
C GLN B 235 20.53 25.06 71.90
N SER B 236 21.40 25.29 70.90
CA SER B 236 22.04 26.60 70.63
C SER B 236 21.01 27.64 70.20
N LEU B 237 19.93 27.24 69.50
CA LEU B 237 18.99 28.15 68.77
C LEU B 237 17.60 28.19 69.42
N TYR B 238 17.11 27.07 69.96
CA TYR B 238 15.69 26.90 70.33
C TYR B 238 15.57 26.53 71.81
N GLU B 239 14.47 26.94 72.42
CA GLU B 239 14.06 26.53 73.79
C GLU B 239 13.35 25.18 73.66
N PHE B 240 13.36 24.38 74.73
CA PHE B 240 12.73 23.03 74.80
C PHE B 240 11.60 23.03 75.83
N ALA B 241 10.40 22.71 75.37
CA ALA B 241 9.19 22.46 76.21
C ALA B 241 9.53 21.45 77.31
N PRO B 242 8.76 21.42 78.42
CA PRO B 242 8.89 20.37 79.44
C PRO B 242 9.03 18.95 78.85
N GLY B 243 10.16 18.28 79.12
CA GLY B 243 10.41 16.89 78.72
C GLY B 243 11.19 16.75 77.43
N CYS B 244 11.25 17.79 76.60
CA CYS B 244 11.88 17.75 75.24
C CYS B 244 13.40 17.98 75.31
N GLU B 245 13.88 18.63 76.38
CA GLU B 245 15.33 18.95 76.63
C GLU B 245 16.18 17.67 76.64
N LYS B 246 17.48 17.78 76.33
CA LYS B 246 18.38 16.60 76.27
C LYS B 246 18.19 15.78 77.56
N GLY B 247 17.92 14.48 77.44
CA GLY B 247 17.80 13.53 78.56
C GLY B 247 16.45 13.63 79.29
N GLY B 248 15.41 14.14 78.63
CA GLY B 248 14.00 14.06 79.10
C GLY B 248 13.24 12.95 78.36
N PRO B 249 12.02 12.56 78.81
CA PRO B 249 11.31 11.43 78.20
C PRO B 249 10.95 11.64 76.71
N LEU B 250 10.63 12.89 76.36
CA LEU B 250 10.11 13.30 75.03
C LEU B 250 11.23 13.70 74.08
N HIS B 251 12.50 13.68 74.52
CA HIS B 251 13.64 14.14 73.69
C HIS B 251 13.90 13.18 72.51
N ASP B 252 13.52 11.91 72.59
CA ASP B 252 13.76 10.98 71.44
C ASP B 252 12.96 11.48 70.23
N GLY B 253 11.68 11.85 70.48
CA GLY B 253 10.78 12.53 69.51
C GLY B 253 11.44 13.71 68.81
N VAL B 254 12.28 14.47 69.51
CA VAL B 254 13.15 15.55 68.94
C VAL B 254 14.32 14.89 68.20
N ARG B 255 14.97 13.91 68.81
CA ARG B 255 16.10 13.23 68.15
C ARG B 255 15.59 12.82 66.77
N GLU B 256 14.39 12.26 66.72
CA GLU B 256 13.76 11.73 65.48
C GLU B 256 13.63 12.83 64.42
N GLN B 257 13.14 14.01 64.77
CA GLN B 257 13.04 15.13 63.81
C GLN B 257 14.45 15.48 63.31
N ALA B 258 15.45 15.40 64.16
CA ALA B 258 16.84 15.73 63.80
C ALA B 258 17.32 14.72 62.75
N ARG B 259 16.89 13.46 62.90
CA ARG B 259 17.12 12.38 61.91
C ARG B 259 16.37 12.74 60.62
N ILE B 260 15.06 12.90 60.71
CA ILE B 260 14.22 13.30 59.55
C ILE B 260 14.98 14.40 58.80
N GLU B 261 15.37 15.45 59.53
CA GLU B 261 15.95 16.68 58.97
C GLU B 261 17.22 16.33 58.19
N LEU B 262 18.12 15.59 58.83
CA LEU B 262 19.43 15.20 58.27
C LEU B 262 19.22 14.28 57.05
N GLY B 263 18.22 13.40 57.10
CA GLY B 263 17.85 12.51 55.99
C GLY B 263 17.28 13.31 54.83
N LEU B 264 16.41 14.28 55.13
CA LEU B 264 15.83 15.20 54.11
C LEU B 264 16.95 16.00 53.47
N ARG B 265 17.73 16.74 54.28
CA ARG B 265 18.80 17.63 53.75
C ARG B 265 19.70 16.83 52.82
N SER B 266 19.98 15.59 53.18
CA SER B 266 20.86 14.68 52.39
C SER B 266 20.29 14.49 50.99
N PHE B 267 19.05 13.99 50.92
CA PHE B 267 18.25 13.70 49.71
C PHE B 267 18.11 14.99 48.89
N LEU B 268 17.60 16.04 49.56
CA LEU B 268 17.29 17.33 48.91
C LEU B 268 18.57 17.88 48.30
N GLU B 269 19.68 17.82 49.05
CA GLU B 269 21.00 18.35 48.59
C GLU B 269 21.54 17.49 47.44
N GLU B 270 21.39 16.15 47.50
CA GLU B 270 21.97 15.25 46.47
C GLU B 270 21.27 15.54 45.15
N GLY B 271 19.93 15.70 45.20
CA GLY B 271 19.08 15.98 44.02
C GLY B 271 19.21 17.41 43.53
N GLY B 272 19.68 18.35 44.38
CA GLY B 272 19.65 19.80 44.15
C GLY B 272 18.21 20.32 44.21
N PHE B 273 17.35 19.67 45.00
CA PHE B 273 15.94 20.08 45.23
C PHE B 273 15.95 21.36 46.07
N GLU B 274 15.17 22.36 45.69
CA GLU B 274 15.04 23.62 46.45
C GLU B 274 13.65 23.65 47.09
N ALA B 275 12.82 22.64 46.87
CA ALA B 275 11.48 22.53 47.48
C ALA B 275 11.06 21.08 47.56
N PHE B 276 10.22 20.71 48.50
CA PHE B 276 9.72 19.32 48.60
C PHE B 276 8.31 19.33 49.17
N THR B 277 7.69 18.16 49.21
CA THR B 277 6.35 17.94 49.80
C THR B 277 6.40 16.63 50.56
N THR B 278 5.55 16.53 51.58
CA THR B 278 5.18 15.29 52.31
C THR B 278 3.66 15.08 52.22
N THR B 279 3.22 13.88 52.49
CA THR B 279 1.80 13.55 52.72
C THR B 279 1.79 12.65 53.96
N PHE B 280 0.91 12.97 54.91
CA PHE B 280 0.68 12.20 56.15
C PHE B 280 0.01 10.85 55.82
N GLU B 281 -0.53 10.69 54.60
CA GLU B 281 -1.18 9.42 54.19
C GLU B 281 -0.14 8.37 53.78
N ASP B 282 1.14 8.76 53.67
CA ASP B 282 2.22 7.91 53.14
C ASP B 282 3.50 8.13 53.96
N LEU B 283 3.65 7.48 55.11
CA LEU B 283 4.79 7.68 56.04
C LEU B 283 5.49 6.34 56.35
N HIS B 284 5.43 5.39 55.43
CA HIS B 284 6.04 4.04 55.58
C HIS B 284 7.53 4.17 55.86
N GLY B 285 7.97 3.63 57.00
CA GLY B 285 9.39 3.66 57.43
C GLY B 285 9.79 5.01 57.99
N MET B 286 8.84 5.94 58.16
CA MET B 286 8.98 7.17 59.00
C MET B 286 8.37 6.86 60.37
N LYS B 287 9.02 7.25 61.48
CA LYS B 287 8.38 7.09 62.82
C LYS B 287 7.56 8.35 63.16
N GLN B 288 7.77 9.44 62.42
CA GLN B 288 7.01 10.72 62.63
C GLN B 288 6.75 11.40 61.30
N LEU B 289 5.65 12.15 61.21
CA LEU B 289 5.43 13.12 60.10
C LEU B 289 6.47 14.23 60.26
N PRO B 290 7.30 14.51 59.23
CA PRO B 290 8.28 15.60 59.32
C PRO B 290 7.61 16.91 59.75
N GLY B 291 8.13 17.52 60.82
CA GLY B 291 7.59 18.76 61.42
C GLY B 291 8.72 19.74 61.64
N LEU B 292 9.44 19.58 62.74
CA LEU B 292 10.63 20.37 63.11
C LEU B 292 11.64 20.33 61.95
N ALA B 293 11.83 19.16 61.32
CA ALA B 293 12.76 18.97 60.18
C ALA B 293 12.37 19.91 59.05
N VAL B 294 11.08 19.94 58.70
CA VAL B 294 10.53 20.77 57.59
C VAL B 294 10.71 22.24 57.94
N GLN B 295 10.35 22.65 59.15
CA GLN B 295 10.39 24.07 59.57
C GLN B 295 11.84 24.51 59.47
N ARG B 296 12.76 23.68 59.94
CA ARG B 296 14.21 23.97 59.81
C ARG B 296 14.56 24.18 58.32
N LEU B 297 14.09 23.30 57.44
CA LEU B 297 14.43 23.33 55.99
C LEU B 297 13.83 24.58 55.32
N MET B 298 12.57 24.92 55.65
CA MET B 298 11.98 26.21 55.22
C MET B 298 12.94 27.34 55.62
N ALA B 299 13.31 27.45 56.90
CA ALA B 299 14.09 28.58 57.43
C ALA B 299 15.36 28.76 56.59
N GLU B 300 15.90 27.66 56.08
CA GLU B 300 17.14 27.59 55.28
C GLU B 300 16.88 27.99 53.81
N GLY B 301 15.63 27.99 53.34
CA GLY B 301 15.24 28.50 52.01
C GLY B 301 14.41 27.52 51.19
N TYR B 302 14.21 26.30 51.68
CA TYR B 302 13.44 25.25 50.98
C TYR B 302 11.98 25.63 50.96
N GLY B 303 11.36 25.42 49.80
CA GLY B 303 9.89 25.32 49.67
C GLY B 303 9.37 24.04 50.31
N PHE B 304 8.24 24.15 50.95
CA PHE B 304 7.53 23.01 51.52
C PHE B 304 6.05 23.20 51.23
N GLY B 305 5.37 22.11 50.87
CA GLY B 305 3.91 22.06 50.77
C GLY B 305 3.42 20.76 51.37
N GLY B 306 2.41 20.82 52.23
CA GLY B 306 1.92 19.63 52.94
C GLY B 306 1.03 18.88 52.00
N GLU B 307 0.78 17.60 52.27
CA GLU B 307 -0.23 16.79 51.56
C GLU B 307 0.05 16.87 50.05
N GLY B 308 1.33 16.94 49.67
CA GLY B 308 1.83 16.74 48.29
C GLY B 308 1.77 18.00 47.44
N ASP B 309 1.63 19.15 48.10
CA ASP B 309 1.19 20.41 47.48
C ASP B 309 2.43 21.01 46.83
N TRP B 310 2.77 20.53 45.63
CA TRP B 310 3.98 20.94 44.89
C TRP B 310 3.86 22.41 44.52
N LYS B 311 2.66 22.88 44.16
CA LYS B 311 2.48 24.27 43.64
C LYS B 311 2.91 25.22 44.75
N THR B 312 2.39 25.01 45.97
CA THR B 312 2.69 25.83 47.16
C THR B 312 4.16 25.66 47.51
N ALA B 313 4.65 24.43 47.42
CA ALA B 313 6.06 24.10 47.62
C ALA B 313 6.89 25.03 46.75
N ALA B 314 6.61 25.04 45.45
CA ALA B 314 7.40 25.81 44.48
C ALA B 314 7.24 27.28 44.85
N LEU B 315 6.00 27.66 45.14
CA LEU B 315 5.62 29.06 45.46
C LEU B 315 6.36 29.54 46.71
N VAL B 316 6.41 28.72 47.75
CA VAL B 316 7.06 29.11 49.03
C VAL B 316 8.53 29.40 48.72
N ARG B 317 9.17 28.53 47.93
CA ARG B 317 10.60 28.64 47.52
C ARG B 317 10.82 30.00 46.88
N LEU B 318 9.97 30.32 45.90
CA LEU B 318 10.10 31.51 45.01
C LEU B 318 9.91 32.78 45.81
N MET B 319 8.92 32.78 46.68
CA MET B 319 8.66 33.93 47.56
C MET B 319 9.73 33.97 48.64
N LYS B 320 10.24 32.82 49.05
CA LYS B 320 11.41 32.82 49.96
C LYS B 320 12.54 33.56 49.27
N VAL B 321 12.72 33.30 47.98
CA VAL B 321 13.80 33.94 47.16
C VAL B 321 13.49 35.42 46.96
N MET B 322 12.23 35.75 46.72
CA MET B 322 11.76 37.15 46.55
C MET B 322 11.96 37.93 47.86
N ALA B 323 11.81 37.25 49.00
CA ALA B 323 11.85 37.82 50.35
C ALA B 323 13.28 37.85 50.88
N ASP B 324 14.26 37.36 50.14
CA ASP B 324 15.65 37.31 50.62
C ASP B 324 15.71 36.45 51.91
N GLY B 325 15.01 35.31 51.93
CA GLY B 325 15.00 34.33 53.03
C GLY B 325 13.97 34.69 54.10
N LYS B 326 13.63 35.97 54.15
CA LYS B 326 12.97 36.63 55.31
C LYS B 326 11.46 36.36 55.30
N GLY B 327 10.87 36.19 56.48
CA GLY B 327 9.44 36.38 56.75
C GLY B 327 8.49 35.57 55.88
N THR B 328 8.91 34.42 55.33
CA THR B 328 8.13 33.64 54.34
C THR B 328 7.96 32.20 54.83
N SER B 329 6.72 31.69 54.81
CA SER B 329 6.35 30.35 55.30
C SER B 329 5.27 29.70 54.41
N PHE B 330 5.30 28.37 54.38
CA PHE B 330 4.11 27.53 54.16
C PHE B 330 3.08 27.86 55.26
N MET B 331 1.81 27.84 54.89
CA MET B 331 0.74 28.40 55.74
C MET B 331 -0.57 27.75 55.30
N GLU B 332 -1.52 27.64 56.22
CA GLU B 332 -2.88 27.14 55.94
C GLU B 332 -3.84 27.90 56.86
N ASP B 333 -4.95 28.34 56.30
CA ASP B 333 -5.98 29.06 57.11
C ASP B 333 -6.59 28.00 58.00
N TYR B 334 -6.28 27.98 59.30
CA TYR B 334 -6.70 26.86 60.18
C TYR B 334 -8.06 27.18 60.84
N THR B 335 -8.26 28.38 61.38
CA THR B 335 -9.58 28.71 61.99
C THR B 335 -9.76 30.24 62.02
N TYR B 336 -11.01 30.69 62.15
CA TYR B 336 -11.39 32.12 62.13
C TYR B 336 -11.86 32.58 63.51
N HIS B 337 -11.46 33.83 63.82
CA HIS B 337 -11.94 34.66 64.95
C HIS B 337 -12.89 35.69 64.36
N PHE B 338 -14.19 35.47 64.52
CA PHE B 338 -15.26 36.23 63.86
C PHE B 338 -15.78 37.36 64.77
N GLU B 339 -15.02 37.71 65.81
CA GLU B 339 -15.37 38.78 66.77
C GLU B 339 -15.51 40.09 66.01
N PRO B 340 -16.71 40.69 65.93
CA PRO B 340 -16.87 41.93 65.16
C PRO B 340 -15.81 42.95 65.59
N GLY B 341 -15.22 43.66 64.61
CA GLY B 341 -14.15 44.65 64.84
C GLY B 341 -12.77 44.01 65.01
N ASN B 342 -12.71 42.70 65.28
CA ASN B 342 -11.41 42.01 65.55
C ASN B 342 -11.35 40.72 64.72
N GLU B 343 -12.04 40.68 63.58
CA GLU B 343 -12.12 39.46 62.74
C GLU B 343 -10.70 39.16 62.27
N MET B 344 -10.20 37.94 62.53
CA MET B 344 -8.87 37.50 62.05
C MET B 344 -8.87 36.01 61.65
N ILE B 345 -7.80 35.59 60.99
CA ILE B 345 -7.56 34.16 60.60
C ILE B 345 -6.35 33.68 61.40
N LEU B 346 -6.46 32.47 61.93
CA LEU B 346 -5.33 31.76 62.58
C LEU B 346 -4.74 30.83 61.51
N GLY B 347 -3.47 31.03 61.22
CA GLY B 347 -2.72 30.32 60.19
C GLY B 347 -1.73 29.41 60.87
N ALA B 348 -1.78 28.13 60.52
CA ALA B 348 -0.83 27.11 61.03
C ALA B 348 -0.69 25.99 60.00
N HIS B 349 0.00 24.91 60.34
CA HIS B 349 -0.27 23.57 59.76
C HIS B 349 -0.27 22.58 60.92
N MET B 350 -0.34 21.28 60.63
CA MET B 350 -0.20 20.22 61.66
C MET B 350 1.10 20.45 62.43
N LEU B 351 2.13 20.96 61.74
CA LEU B 351 3.52 21.13 62.27
C LEU B 351 4.22 22.23 61.49
N GLU B 352 4.05 22.23 60.17
CA GLU B 352 5.03 22.77 59.20
C GLU B 352 4.78 24.28 58.99
N VAL B 353 5.14 25.09 59.97
CA VAL B 353 5.15 26.57 59.84
C VAL B 353 6.61 27.00 59.93
N CYS B 354 7.03 27.96 59.12
CA CYS B 354 8.45 28.35 59.03
C CYS B 354 8.75 29.28 60.19
N PRO B 355 9.86 29.05 60.93
CA PRO B 355 10.26 29.96 62.00
C PRO B 355 10.61 31.38 61.53
N THR B 356 10.79 31.62 60.22
CA THR B 356 11.19 32.95 59.68
C THR B 356 10.07 33.98 59.89
N ILE B 357 8.84 33.53 60.22
CA ILE B 357 7.65 34.39 60.49
C ILE B 357 7.43 34.52 62.00
N ALA B 358 8.33 33.96 62.81
CA ALA B 358 8.21 33.88 64.28
C ALA B 358 8.57 35.23 64.93
N ALA B 359 7.65 35.80 65.71
CA ALA B 359 7.91 37.00 66.55
C ALA B 359 8.57 36.56 67.86
N THR B 360 8.20 35.37 68.33
CA THR B 360 8.78 34.68 69.52
C THR B 360 10.14 34.06 69.12
N ARG B 361 10.89 33.59 70.11
CA ARG B 361 11.95 32.56 69.90
C ARG B 361 11.23 31.23 69.80
N PRO B 362 11.51 30.40 68.77
CA PRO B 362 10.78 29.15 68.60
C PRO B 362 11.16 28.12 69.68
N ARG B 363 10.17 27.45 70.27
CA ARG B 363 10.34 26.41 71.33
C ARG B 363 10.06 25.03 70.73
N ILE B 364 10.95 24.07 70.96
CA ILE B 364 10.75 22.68 70.49
C ILE B 364 9.76 22.00 71.44
N GLU B 365 8.56 21.73 70.97
CA GLU B 365 7.52 20.96 71.69
C GLU B 365 7.35 19.58 71.03
N VAL B 366 6.87 18.61 71.80
CA VAL B 366 6.43 17.26 71.32
C VAL B 366 5.01 17.00 71.82
N HIS B 367 4.07 16.71 70.92
CA HIS B 367 2.63 16.46 71.26
C HIS B 367 2.11 15.33 70.40
N PRO B 368 1.17 14.48 70.88
CA PRO B 368 0.51 13.50 70.03
C PRO B 368 -0.01 14.18 68.76
N LEU B 369 0.13 13.51 67.63
CA LEU B 369 -0.46 13.90 66.33
C LEU B 369 -1.13 12.65 65.76
N SER B 370 -2.46 12.64 65.86
CA SER B 370 -3.37 11.57 65.38
C SER B 370 -3.23 11.42 63.86
N ILE B 371 -3.19 12.54 63.12
CA ILE B 371 -3.05 12.57 61.63
C ILE B 371 -1.70 11.92 61.27
N GLY B 372 -1.73 10.86 60.45
CA GLY B 372 -0.53 10.14 59.98
C GLY B 372 -0.31 8.83 60.71
N GLY B 373 -0.85 8.71 61.92
CA GLY B 373 -0.79 7.51 62.78
C GLY B 373 0.65 7.22 63.21
N LYS B 374 1.46 8.26 63.35
CA LYS B 374 2.90 8.15 63.71
C LYS B 374 3.12 8.77 65.10
N GLU B 375 4.37 8.67 65.58
CA GLU B 375 4.80 9.01 66.95
C GLU B 375 4.72 10.52 67.18
N ASP B 376 4.57 10.92 68.44
CA ASP B 376 4.56 12.33 68.90
C ASP B 376 5.69 13.04 68.18
N PRO B 377 5.37 13.88 67.16
CA PRO B 377 6.39 14.65 66.43
C PRO B 377 6.87 15.91 67.17
N ALA B 378 8.17 16.17 67.20
CA ALA B 378 8.73 17.45 67.66
C ALA B 378 8.44 18.50 66.60
N ARG B 379 8.03 19.70 67.02
CA ARG B 379 7.90 20.89 66.13
C ARG B 379 8.36 22.13 66.89
N LEU B 380 8.86 23.10 66.13
CA LEU B 380 8.96 24.51 66.57
C LEU B 380 7.53 25.07 66.74
N VAL B 381 7.23 25.49 67.97
CA VAL B 381 6.05 26.32 68.31
C VAL B 381 6.55 27.75 68.51
N PHE B 382 5.81 28.71 68.02
CA PHE B 382 6.12 30.14 68.12
C PHE B 382 4.84 30.87 67.76
N ASP B 383 4.81 32.18 67.96
CA ASP B 383 3.71 33.04 67.46
C ASP B 383 4.27 33.73 66.22
N GLY B 384 3.49 33.73 65.14
CA GLY B 384 3.83 34.51 63.93
C GLY B 384 3.91 35.98 64.25
N GLY B 385 4.79 36.71 63.55
CA GLY B 385 5.04 38.15 63.70
C GLY B 385 3.85 38.98 63.25
N GLU B 386 3.99 40.31 63.30
CA GLU B 386 2.92 41.25 62.94
C GLU B 386 3.41 42.13 61.79
N GLY B 387 2.49 42.81 61.11
CA GLY B 387 2.81 43.78 60.05
C GLY B 387 2.15 43.40 58.73
N ALA B 388 2.42 44.19 57.70
CA ALA B 388 1.91 44.01 56.33
C ALA B 388 2.44 42.68 55.80
N ALA B 389 1.59 41.87 55.20
CA ALA B 389 2.00 40.61 54.58
C ALA B 389 1.10 40.27 53.37
N VAL B 390 1.59 39.32 52.58
CA VAL B 390 0.79 38.73 51.49
C VAL B 390 0.60 37.26 51.87
N ASN B 391 -0.63 36.78 51.71
CA ASN B 391 -0.96 35.33 51.71
C ASN B 391 -1.28 34.90 50.26
N ALA B 392 -0.45 34.07 49.66
CA ALA B 392 -0.49 33.76 48.20
C ALA B 392 -0.74 32.27 47.97
N SER B 393 -1.61 32.00 47.01
CA SER B 393 -1.97 30.63 46.59
C SER B 393 -1.84 30.57 45.07
N LEU B 394 -1.16 29.55 44.58
CA LEU B 394 -1.18 29.23 43.14
C LEU B 394 -2.04 27.99 42.92
N ILE B 395 -3.04 28.12 42.07
CA ILE B 395 -4.01 27.05 41.76
C ILE B 395 -3.97 26.78 40.26
N ASP B 396 -4.39 25.57 39.85
CA ASP B 396 -4.59 25.13 38.46
C ASP B 396 -6.08 25.17 38.16
N LEU B 397 -6.48 26.00 37.21
CA LEU B 397 -7.89 26.05 36.76
C LEU B 397 -8.14 24.95 35.75
N GLY B 398 -7.10 24.15 35.45
CA GLY B 398 -7.15 23.07 34.45
C GLY B 398 -6.52 23.50 33.15
N HIS B 399 -6.90 24.66 32.66
CA HIS B 399 -6.44 25.19 31.35
C HIS B 399 -5.28 26.15 31.59
N ARG B 400 -5.12 26.58 32.83
CA ARG B 400 -4.11 27.58 33.19
C ARG B 400 -4.04 27.79 34.69
N PHE B 401 -2.93 28.37 35.14
CA PHE B 401 -2.65 28.66 36.55
C PHE B 401 -3.25 30.03 36.86
N ARG B 402 -3.64 30.22 38.11
CA ARG B 402 -4.02 31.54 38.65
C ARG B 402 -3.32 31.70 39.98
N LEU B 403 -2.65 32.84 40.13
CA LEU B 403 -1.92 33.29 41.33
C LEU B 403 -2.87 34.21 42.07
N ILE B 404 -3.23 33.86 43.30
CA ILE B 404 -4.17 34.63 44.14
C ILE B 404 -3.39 35.16 45.33
N VAL B 405 -3.24 36.48 45.40
CA VAL B 405 -2.54 37.20 46.50
C VAL B 405 -3.58 37.97 47.30
N ASN B 406 -3.64 37.72 48.60
CA ASN B 406 -4.44 38.51 49.56
C ASN B 406 -3.46 39.38 50.37
N GLU B 407 -3.59 40.70 50.29
CA GLU B 407 -2.88 41.60 51.22
C GLU B 407 -3.46 41.38 52.61
N VAL B 408 -2.60 41.20 53.62
CA VAL B 408 -3.03 41.02 55.03
C VAL B 408 -2.10 41.82 55.96
N ASP B 409 -2.60 42.05 57.17
CA ASP B 409 -1.88 42.64 58.32
C ASP B 409 -1.85 41.54 59.38
N ALA B 410 -0.69 40.91 59.57
CA ALA B 410 -0.49 39.95 60.67
C ALA B 410 -0.51 40.80 61.94
N VAL B 411 -1.22 40.34 62.94
CA VAL B 411 -1.36 41.02 64.25
C VAL B 411 -0.75 40.11 65.33
N LYS B 412 -0.21 40.73 66.39
CA LYS B 412 0.31 40.03 67.60
C LYS B 412 -0.86 39.43 68.37
N PRO B 413 -0.78 38.15 68.80
CA PRO B 413 -1.87 37.54 69.54
C PRO B 413 -2.04 38.29 70.87
N GLU B 414 -3.28 38.75 71.12
CA GLU B 414 -3.66 39.42 72.38
C GLU B 414 -3.73 38.38 73.50
N HIS B 415 -4.20 37.18 73.20
CA HIS B 415 -4.43 36.08 74.18
C HIS B 415 -3.53 34.88 73.84
N ASP B 416 -2.94 34.27 74.87
CA ASP B 416 -2.09 33.07 74.71
C ASP B 416 -3.00 31.90 74.37
N MET B 417 -2.42 30.95 73.62
CA MET B 417 -3.05 29.67 73.19
C MET B 417 -2.18 28.56 73.75
N PRO B 418 -2.32 28.27 75.06
CA PRO B 418 -1.38 27.39 75.76
C PRO B 418 -1.60 25.92 75.38
N LYS B 419 -2.82 25.55 74.97
CA LYS B 419 -3.19 24.16 74.55
C LYS B 419 -3.07 23.97 73.04
N LEU B 420 -2.50 24.95 72.30
CA LEU B 420 -2.31 24.87 70.82
C LEU B 420 -0.88 24.43 70.50
N PRO B 421 -0.67 23.15 70.11
CA PRO B 421 0.68 22.60 69.93
C PRO B 421 1.41 23.01 68.63
N VAL B 422 0.82 23.89 67.84
CA VAL B 422 1.41 24.30 66.53
C VAL B 422 1.68 25.80 66.52
N ALA B 423 2.88 26.14 66.05
CA ALA B 423 3.24 27.50 65.58
C ALA B 423 2.08 28.01 64.73
N ARG B 424 1.73 29.28 64.92
CA ARG B 424 0.54 29.90 64.33
C ARG B 424 0.83 31.37 64.11
N ILE B 425 -0.02 31.99 63.33
CA ILE B 425 0.06 33.45 63.11
C ILE B 425 -1.37 33.93 63.00
N LEU B 426 -1.61 35.15 63.43
CA LEU B 426 -2.95 35.76 63.34
C LEU B 426 -2.85 36.88 62.35
N TRP B 427 -3.77 36.92 61.38
CA TRP B 427 -3.81 38.01 60.39
C TRP B 427 -5.25 38.42 60.12
N LYS B 428 -5.40 39.73 59.87
CA LYS B 428 -6.62 40.39 59.41
C LYS B 428 -6.44 40.58 57.92
N PRO B 429 -7.18 39.82 57.09
CA PRO B 429 -7.10 39.99 55.66
C PRO B 429 -7.83 41.27 55.25
N ARG B 430 -7.18 42.08 54.41
CA ARG B 430 -7.79 43.26 53.76
C ARG B 430 -8.69 42.74 52.64
N PRO B 431 -9.84 43.39 52.35
CA PRO B 431 -10.29 44.57 53.09
C PRO B 431 -10.91 44.22 54.45
N SER B 432 -11.43 43.01 54.52
CA SER B 432 -12.19 42.40 55.64
C SER B 432 -12.10 40.88 55.50
N LEU B 433 -12.35 40.15 56.59
CA LEU B 433 -12.42 38.67 56.59
C LEU B 433 -13.60 38.30 55.70
N ARG B 434 -14.77 38.87 55.96
CA ARG B 434 -15.96 38.64 55.10
C ARG B 434 -15.53 38.66 53.62
N ASP B 435 -14.94 39.77 53.15
CA ASP B 435 -14.83 40.08 51.70
C ASP B 435 -13.61 39.42 51.09
N SER B 436 -12.51 39.32 51.85
CA SER B 436 -11.27 38.65 51.38
C SER B 436 -11.55 37.16 51.17
N ALA B 437 -12.26 36.52 52.08
CA ALA B 437 -12.54 35.07 52.03
C ALA B 437 -13.55 34.81 50.92
N GLU B 438 -14.46 35.74 50.69
CA GLU B 438 -15.46 35.60 49.61
C GLU B 438 -14.71 35.73 48.28
N ALA B 439 -13.85 36.73 48.17
CA ALA B 439 -13.04 36.98 46.96
C ALA B 439 -12.09 35.79 46.76
N TRP B 440 -11.49 35.29 47.83
CA TRP B 440 -10.52 34.16 47.77
C TRP B 440 -11.20 32.88 47.26
N ILE B 441 -12.42 32.64 47.74
CA ILE B 441 -13.24 31.45 47.39
C ILE B 441 -13.73 31.57 45.94
N LEU B 442 -14.20 32.74 45.52
CA LEU B 442 -14.67 33.00 44.13
C LEU B 442 -13.49 32.84 43.18
N ALA B 443 -12.30 33.18 43.66
CA ALA B 443 -11.01 32.98 42.97
C ALA B 443 -10.59 31.51 43.00
N GLY B 444 -11.16 30.72 43.89
CA GLY B 444 -10.77 29.31 44.06
C GLY B 444 -9.41 29.20 44.72
N GLY B 445 -9.00 30.25 45.45
CA GLY B 445 -7.77 30.26 46.25
C GLY B 445 -7.69 29.03 47.12
N ALA B 446 -6.51 28.46 47.27
CA ALA B 446 -6.27 27.21 48.05
C ALA B 446 -6.36 27.52 49.55
N HIS B 447 -6.46 26.49 50.37
CA HIS B 447 -6.32 26.56 51.85
C HIS B 447 -4.84 26.68 52.19
N HIS B 448 -3.97 26.00 51.42
CA HIS B 448 -2.50 26.17 51.48
C HIS B 448 -2.11 27.45 50.78
N THR B 449 -1.16 28.18 51.34
CA THR B 449 -0.63 29.43 50.77
C THR B 449 0.82 29.55 51.17
N CYS B 450 1.51 30.45 50.51
CA CYS B 450 2.75 31.05 51.01
C CYS B 450 2.42 32.41 51.60
N PHE B 451 2.68 32.54 52.91
CA PHE B 451 2.55 33.79 53.69
C PHE B 451 3.94 34.44 53.73
N SER B 452 4.01 35.74 53.51
CA SER B 452 5.31 36.45 53.56
C SER B 452 5.11 37.90 54.03
N PHE B 453 6.06 38.35 54.86
CA PHE B 453 6.19 39.73 55.37
C PHE B 453 7.03 40.55 54.40
N ALA B 454 7.76 39.89 53.50
CA ALA B 454 8.82 40.53 52.67
C ALA B 454 8.57 40.35 51.17
N VAL B 455 7.41 39.87 50.73
CA VAL B 455 7.04 39.78 49.29
C VAL B 455 5.89 40.76 49.06
N THR B 456 6.04 41.70 48.14
CA THR B 456 5.00 42.72 47.90
C THR B 456 4.02 42.13 46.90
N THR B 457 2.81 42.68 46.87
CA THR B 457 1.83 42.33 45.82
C THR B 457 2.47 42.55 44.46
N GLU B 458 3.20 43.64 44.25
CA GLU B 458 3.70 44.02 42.90
C GLU B 458 4.66 42.94 42.38
N GLN B 459 5.44 42.31 43.27
CA GLN B 459 6.46 41.31 42.87
C GLN B 459 5.76 40.03 42.42
N LEU B 460 4.79 39.58 43.19
CA LEU B 460 3.94 38.42 42.80
C LEU B 460 3.27 38.73 41.47
N GLN B 461 2.77 39.95 41.26
CA GLN B 461 2.11 40.38 40.00
C GLN B 461 3.17 40.36 38.89
N ASP B 462 4.35 40.91 39.16
CA ASP B 462 5.49 40.88 38.21
C ASP B 462 5.82 39.42 37.86
N PHE B 463 5.93 38.56 38.88
CA PHE B 463 6.24 37.13 38.69
C PHE B 463 5.24 36.51 37.70
N ALA B 464 3.94 36.78 37.89
CA ALA B 464 2.82 36.27 37.07
C ALA B 464 2.97 36.77 35.63
N GLU B 465 3.21 38.07 35.46
CA GLU B 465 3.49 38.70 34.12
C GLU B 465 4.69 37.96 33.48
N MET B 466 5.79 37.77 34.19
CA MET B 466 6.98 37.08 33.65
C MET B 466 6.56 35.68 33.19
N ALA B 467 5.81 34.94 34.02
CA ALA B 467 5.39 33.53 33.83
C ALA B 467 4.11 33.40 33.00
N GLY B 468 3.45 34.53 32.68
CA GLY B 468 2.31 34.55 31.76
C GLY B 468 1.10 33.83 32.35
N ILE B 469 0.80 34.14 33.60
CA ILE B 469 -0.40 33.59 34.29
C ILE B 469 -1.14 34.76 34.93
N GLU B 470 -2.44 34.57 35.13
CA GLU B 470 -3.30 35.53 35.84
C GLU B 470 -2.75 35.71 37.24
N CYS B 471 -2.68 36.95 37.68
CA CYS B 471 -2.46 37.27 39.10
C CYS B 471 -3.68 38.04 39.59
N VAL B 472 -4.28 37.56 40.66
CA VAL B 472 -5.54 38.11 41.18
C VAL B 472 -5.22 38.56 42.60
N VAL B 473 -5.44 39.85 42.89
CA VAL B 473 -5.04 40.53 44.15
C VAL B 473 -6.29 40.90 44.94
N ILE B 474 -6.29 40.56 46.22
CA ILE B 474 -7.37 40.90 47.16
C ILE B 474 -6.73 41.79 48.22
N ASN B 475 -6.98 43.09 48.17
CA ASN B 475 -6.45 44.02 49.19
C ASN B 475 -7.54 45.02 49.59
N GLU B 476 -7.15 46.12 50.23
CA GLU B 476 -8.09 47.08 50.89
C GLU B 476 -9.11 47.61 49.86
N HIS B 477 -8.73 47.62 48.58
CA HIS B 477 -9.46 48.25 47.45
C HIS B 477 -10.44 47.27 46.82
N THR B 478 -10.23 45.97 46.99
CA THR B 478 -11.13 44.93 46.45
C THR B 478 -12.57 45.21 46.93
N SER B 479 -13.50 45.38 46.01
CA SER B 479 -14.92 45.13 46.27
C SER B 479 -15.27 43.86 45.49
N VAL B 480 -15.97 42.95 46.14
CA VAL B 480 -16.25 41.58 45.66
C VAL B 480 -17.02 41.66 44.35
N SER B 481 -17.93 42.62 44.23
CA SER B 481 -18.78 42.73 43.03
C SER B 481 -17.86 43.05 41.85
N SER B 482 -16.91 43.98 42.01
CA SER B 482 -15.88 44.32 40.97
C SER B 482 -14.97 43.12 40.73
N PHE B 483 -14.58 42.44 41.79
CA PHE B 483 -13.58 41.36 41.75
C PHE B 483 -14.11 40.25 40.85
N LYS B 484 -15.42 39.94 40.98
CA LYS B 484 -16.08 38.86 40.22
C LYS B 484 -16.00 39.18 38.73
N ASN B 485 -16.34 40.40 38.34
CA ASN B 485 -16.22 40.90 36.94
C ASN B 485 -14.79 40.73 36.43
N GLU B 486 -13.82 41.04 37.30
CA GLU B 486 -12.38 40.94 36.98
C GLU B 486 -12.02 39.47 36.70
N LEU B 487 -12.43 38.52 37.54
CA LEU B 487 -12.25 37.08 37.26
C LEU B 487 -12.82 36.75 35.87
N LYS B 488 -13.99 37.26 35.53
CA LYS B 488 -14.66 36.89 34.25
C LYS B 488 -13.83 37.43 33.08
N TRP B 489 -13.47 38.71 33.14
CA TRP B 489 -12.72 39.42 32.08
C TRP B 489 -11.31 38.86 31.95
N ASN B 490 -10.63 38.61 33.07
CA ASN B 490 -9.30 37.96 33.06
C ASN B 490 -9.40 36.62 32.31
N GLU B 491 -10.35 35.79 32.70
CA GLU B 491 -10.55 34.41 32.18
C GLU B 491 -10.55 34.46 30.66
N VAL B 492 -11.36 35.34 30.04
CA VAL B 492 -11.47 35.42 28.55
C VAL B 492 -10.16 35.90 27.96
N PHE B 493 -9.36 36.65 28.71
CA PHE B 493 -8.03 37.11 28.25
C PHE B 493 -7.03 35.97 28.40
N TRP B 494 -7.12 35.21 29.50
CA TRP B 494 -6.05 34.24 29.86
C TRP B 494 -6.24 32.89 29.17
N ARG B 495 -7.44 32.61 28.67
CA ARG B 495 -7.76 31.31 28.02
C ARG B 495 -6.94 31.22 26.73
N GLY B 496 -6.11 30.19 26.60
CA GLY B 496 -5.38 29.90 25.35
C GLY B 496 -4.10 30.71 25.21
N ARG B 497 -3.80 31.59 26.16
CA ARG B 497 -2.69 32.57 26.08
C ARG B 497 -1.43 31.99 26.73
N LEU C 3 -26.46 -32.12 2.72
CA LEU C 3 -25.53 -33.09 2.07
C LEU C 3 -24.62 -33.70 3.14
N SER C 4 -24.88 -34.96 3.51
CA SER C 4 -24.10 -35.72 4.52
C SER C 4 -22.74 -36.09 3.92
N LEU C 5 -21.67 -35.87 4.67
CA LEU C 5 -20.37 -36.55 4.48
C LEU C 5 -20.56 -38.00 4.88
N ARG C 6 -19.73 -38.89 4.31
CA ARG C 6 -19.43 -40.24 4.87
C ARG C 6 -18.76 -39.99 6.20
N PRO C 7 -18.87 -40.92 7.18
CA PRO C 7 -18.14 -40.79 8.46
C PRO C 7 -16.63 -40.98 8.31
N TYR C 8 -15.99 -40.11 7.53
CA TYR C 8 -14.52 -40.16 7.28
C TYR C 8 -13.76 -40.17 8.60
N GLU C 9 -12.64 -40.91 8.63
CA GLU C 9 -11.76 -41.06 9.83
C GLU C 9 -10.31 -40.88 9.35
N PHE C 10 -9.36 -40.97 10.26
CA PHE C 10 -7.92 -40.81 9.96
C PHE C 10 -7.16 -41.90 10.68
N TRP C 11 -6.50 -42.75 9.92
CA TRP C 11 -5.76 -43.92 10.43
C TRP C 11 -4.43 -43.43 10.98
N PHE C 12 -4.18 -43.60 12.26
CA PHE C 12 -2.83 -43.38 12.83
C PHE C 12 -2.06 -44.67 12.61
N VAL C 13 -0.89 -44.56 11.99
CA VAL C 13 0.01 -45.71 11.79
C VAL C 13 1.35 -45.33 12.38
N THR C 14 1.82 -46.13 13.32
CA THR C 14 3.05 -45.88 14.10
C THR C 14 4.08 -46.91 13.66
N GLY C 15 5.23 -46.46 13.18
CA GLY C 15 6.27 -47.34 12.65
C GLY C 15 7.27 -47.71 13.71
N SER C 16 7.61 -48.98 13.81
CA SER C 16 8.81 -49.42 14.57
C SER C 16 9.44 -50.61 13.85
N GLN C 17 10.42 -51.26 14.49
CA GLN C 17 11.10 -52.50 14.00
C GLN C 17 10.96 -53.57 15.09
N HIS C 18 12.00 -54.39 15.29
CA HIS C 18 12.04 -55.50 16.28
C HIS C 18 13.29 -55.40 17.14
N LEU C 19 14.26 -54.56 16.75
CA LEU C 19 15.58 -54.39 17.44
C LEU C 19 15.38 -54.42 18.96
N TYR C 20 14.39 -53.67 19.47
CA TYR C 20 14.27 -53.23 20.88
C TYR C 20 13.50 -54.25 21.72
N GLY C 21 12.59 -55.02 21.08
CA GLY C 21 11.87 -56.14 21.70
C GLY C 21 10.38 -56.07 21.45
N GLU C 22 9.61 -56.87 22.21
CA GLU C 22 8.14 -56.96 22.20
C GLU C 22 7.57 -55.95 23.20
N GLU C 23 8.35 -55.61 24.22
CA GLU C 23 7.88 -54.83 25.39
C GLU C 23 7.94 -53.35 24.96
N ALA C 24 9.04 -52.97 24.32
CA ALA C 24 9.20 -51.68 23.61
C ALA C 24 8.03 -51.49 22.64
N LEU C 25 7.65 -52.56 21.93
CA LEU C 25 6.59 -52.49 20.89
C LEU C 25 5.22 -52.31 21.56
N LYS C 26 5.05 -52.80 22.79
CA LYS C 26 3.79 -52.58 23.54
C LYS C 26 3.81 -51.13 24.04
N GLN C 27 4.97 -50.63 24.49
CA GLN C 27 5.07 -49.26 25.04
C GLN C 27 4.84 -48.28 23.89
N VAL C 28 5.32 -48.63 22.69
CA VAL C 28 5.10 -47.83 21.45
C VAL C 28 3.60 -47.81 21.14
N GLU C 29 2.91 -48.96 21.22
CA GLU C 29 1.45 -49.05 20.96
C GLU C 29 0.71 -48.17 21.98
N GLU C 30 1.11 -48.21 23.25
CA GLU C 30 0.44 -47.47 24.34
C GLU C 30 0.53 -45.97 24.04
N HIS C 31 1.76 -45.45 23.88
CA HIS C 31 2.01 -44.04 23.50
C HIS C 31 1.01 -43.66 22.39
N SER C 32 0.94 -44.46 21.34
CA SER C 32 0.19 -44.15 20.11
C SER C 32 -1.29 -44.07 20.41
N ARG C 33 -1.79 -44.94 21.29
CA ARG C 33 -3.21 -44.98 21.70
C ARG C 33 -3.54 -43.80 22.62
N ILE C 34 -2.68 -43.49 23.61
CA ILE C 34 -2.86 -42.27 24.43
C ILE C 34 -3.02 -41.09 23.47
N MET C 35 -2.12 -41.00 22.49
CA MET C 35 -2.00 -39.89 21.52
C MET C 35 -3.30 -39.74 20.73
N VAL C 36 -3.74 -40.84 20.12
CA VAL C 36 -5.00 -40.92 19.33
C VAL C 36 -6.20 -40.66 20.23
N ASN C 37 -6.09 -41.03 21.51
CA ASN C 37 -7.25 -41.01 22.45
C ASN C 37 -7.46 -39.57 22.94
N GLU C 38 -6.39 -38.87 23.35
CA GLU C 38 -6.45 -37.42 23.68
C GLU C 38 -7.06 -36.67 22.49
N TRP C 39 -6.58 -36.88 21.26
CA TRP C 39 -7.04 -36.10 20.08
C TRP C 39 -8.55 -36.26 19.91
N ASN C 40 -9.08 -37.45 20.18
CA ASN C 40 -10.51 -37.81 19.95
C ASN C 40 -11.40 -37.31 21.10
N ARG C 41 -10.85 -37.11 22.31
CA ARG C 41 -11.65 -36.67 23.49
C ARG C 41 -12.09 -35.21 23.30
N ASP C 42 -11.13 -34.33 22.96
CA ASP C 42 -11.32 -32.96 22.41
C ASP C 42 -12.26 -33.04 21.20
N SER C 43 -13.52 -33.46 21.46
CA SER C 43 -14.43 -34.16 20.52
C SER C 43 -15.10 -33.20 19.53
N VAL C 44 -14.70 -31.93 19.46
CA VAL C 44 -15.33 -30.89 18.58
C VAL C 44 -15.02 -31.19 17.11
N PHE C 45 -13.84 -31.76 16.79
CA PHE C 45 -13.35 -32.00 15.40
C PHE C 45 -14.18 -33.09 14.70
N PRO C 46 -14.79 -32.82 13.52
CA PRO C 46 -15.76 -33.76 12.92
C PRO C 46 -15.24 -35.17 12.61
N PHE C 47 -13.93 -35.38 12.38
CA PHE C 47 -13.42 -36.70 11.91
C PHE C 47 -12.47 -37.32 12.93
N PRO C 48 -12.81 -38.53 13.41
CA PRO C 48 -11.98 -39.18 14.41
C PRO C 48 -10.69 -39.75 13.81
N PHE C 49 -9.66 -39.79 14.64
CA PHE C 49 -8.45 -40.60 14.42
C PHE C 49 -8.70 -42.02 14.92
N VAL C 50 -8.60 -43.03 14.03
CA VAL C 50 -8.63 -44.48 14.37
C VAL C 50 -7.20 -45.02 14.45
N PHE C 51 -6.69 -45.30 15.65
CA PHE C 51 -5.35 -45.95 15.81
C PHE C 51 -5.35 -47.31 15.11
N LYS C 52 -4.22 -47.64 14.45
CA LYS C 52 -3.99 -48.87 13.64
C LYS C 52 -2.68 -49.50 14.11
N SER C 53 -2.71 -50.72 14.62
CA SER C 53 -1.61 -51.25 15.48
C SER C 53 -0.24 -50.88 14.87
N VAL C 54 0.80 -50.85 15.70
CA VAL C 54 2.20 -50.51 15.34
C VAL C 54 2.69 -51.46 14.24
N VAL C 55 3.26 -50.91 13.17
CA VAL C 55 3.76 -51.68 11.99
C VAL C 55 5.28 -51.80 12.11
N THR C 56 5.78 -53.02 11.87
CA THR C 56 7.14 -53.49 12.23
C THR C 56 7.77 -54.30 11.10
N THR C 57 6.98 -54.64 10.07
CA THR C 57 7.36 -55.53 8.95
C THR C 57 6.80 -54.92 7.67
N PRO C 58 7.39 -55.22 6.50
CA PRO C 58 6.81 -54.79 5.22
C PRO C 58 5.37 -55.31 5.04
N GLU C 59 5.08 -56.50 5.55
CA GLU C 59 3.74 -57.11 5.38
C GLU C 59 2.73 -56.27 6.19
N GLU C 60 3.11 -55.89 7.40
CA GLU C 60 2.25 -55.08 8.31
C GLU C 60 2.00 -53.71 7.67
N ILE C 61 3.08 -53.05 7.23
CA ILE C 61 3.01 -51.72 6.58
C ILE C 61 2.14 -51.83 5.33
N ARG C 62 2.33 -52.90 4.56
CA ARG C 62 1.67 -53.04 3.24
C ARG C 62 0.18 -53.30 3.42
N ARG C 63 -0.19 -54.09 4.43
CA ARG C 63 -1.60 -54.50 4.68
C ARG C 63 -2.41 -53.24 5.08
N VAL C 64 -1.87 -52.44 6.00
CA VAL C 64 -2.59 -51.22 6.47
C VAL C 64 -2.75 -50.25 5.30
N CYS C 65 -1.73 -50.10 4.46
CA CYS C 65 -1.83 -49.20 3.28
C CYS C 65 -2.85 -49.77 2.29
N LEU C 66 -2.94 -51.09 2.11
CA LEU C 66 -3.98 -51.71 1.25
C LEU C 66 -5.34 -51.50 1.90
N GLU C 67 -5.44 -51.86 3.18
CA GLU C 67 -6.66 -51.61 4.00
C GLU C 67 -7.10 -50.16 3.83
N ALA C 68 -6.20 -49.19 4.05
CA ALA C 68 -6.49 -47.75 3.98
C ALA C 68 -7.09 -47.43 2.62
N ASN C 69 -6.58 -48.05 1.56
CA ASN C 69 -7.03 -47.79 0.17
C ASN C 69 -8.47 -48.24 -0.01
N ALA C 70 -8.76 -49.46 0.46
CA ALA C 70 -10.09 -50.12 0.45
C ALA C 70 -11.07 -49.36 1.37
N SER C 71 -10.63 -48.89 2.53
CA SER C 71 -11.52 -48.27 3.55
C SER C 71 -12.08 -46.95 3.01
N GLU C 72 -13.37 -46.90 2.66
CA GLU C 72 -14.04 -45.67 2.15
C GLU C 72 -14.08 -44.61 3.25
N GLN C 73 -13.95 -45.00 4.51
CA GLN C 73 -13.98 -44.07 5.65
C GLN C 73 -12.63 -43.37 5.73
N CYS C 74 -11.54 -44.06 5.36
CA CYS C 74 -10.15 -43.56 5.48
C CYS C 74 -9.94 -42.39 4.52
N ALA C 75 -9.86 -41.19 5.09
CA ALA C 75 -9.67 -39.89 4.39
C ALA C 75 -8.18 -39.64 4.27
N GLY C 76 -7.42 -40.12 5.25
CA GLY C 76 -5.97 -40.11 5.16
C GLY C 76 -5.34 -41.00 6.19
N VAL C 77 -4.03 -41.20 6.06
CA VAL C 77 -3.19 -42.01 6.97
C VAL C 77 -2.18 -41.04 7.61
N VAL C 78 -2.04 -41.12 8.92
CA VAL C 78 -1.05 -40.32 9.67
C VAL C 78 0.04 -41.30 10.06
N THR C 79 1.27 -41.09 9.61
CA THR C 79 2.36 -42.04 9.91
C THR C 79 3.29 -41.35 10.88
N TRP C 80 3.73 -42.10 11.87
CA TRP C 80 4.71 -41.62 12.85
C TRP C 80 5.63 -42.77 13.17
N MET C 81 6.93 -42.60 12.90
CA MET C 81 8.01 -43.49 13.36
C MET C 81 8.30 -43.11 14.81
N HIS C 82 7.71 -43.84 15.73
CA HIS C 82 8.08 -43.79 17.17
C HIS C 82 9.56 -44.14 17.29
N THR C 83 9.97 -45.25 16.66
CA THR C 83 11.38 -45.69 16.63
C THR C 83 11.91 -45.60 15.19
N PHE C 84 13.18 -45.91 15.01
CA PHE C 84 13.69 -46.28 13.67
C PHE C 84 12.75 -47.37 13.18
N SER C 85 12.16 -47.18 12.00
CA SER C 85 11.37 -48.18 11.26
C SER C 85 11.99 -48.24 9.87
N PRO C 86 13.05 -49.07 9.68
CA PRO C 86 13.89 -48.99 8.48
C PRO C 86 13.07 -48.91 7.19
N ALA C 87 13.34 -47.87 6.41
CA ALA C 87 12.31 -47.31 5.50
C ALA C 87 12.12 -48.20 4.27
N LYS C 88 13.05 -49.09 3.92
CA LYS C 88 12.84 -50.06 2.81
C LYS C 88 11.61 -50.94 3.12
N MET C 89 11.35 -51.21 4.40
CA MET C 89 10.12 -51.91 4.83
C MET C 89 8.88 -51.20 4.31
N TRP C 90 8.95 -49.88 4.12
CA TRP C 90 7.76 -49.03 3.90
C TRP C 90 7.43 -48.90 2.43
N ILE C 91 8.36 -49.32 1.59
CA ILE C 91 8.28 -49.14 0.11
C ILE C 91 6.99 -49.80 -0.39
N GLY C 92 6.73 -51.07 -0.05
CA GLY C 92 5.53 -51.76 -0.54
C GLY C 92 4.32 -50.95 -0.18
N GLY C 93 4.20 -50.62 1.11
CA GLY C 93 3.05 -49.84 1.59
C GLY C 93 2.99 -48.51 0.89
N LEU C 94 4.06 -47.73 0.98
CA LEU C 94 4.03 -46.37 0.38
C LEU C 94 3.62 -46.44 -1.10
N LEU C 95 4.06 -47.46 -1.83
CA LEU C 95 3.74 -47.59 -3.27
C LEU C 95 2.27 -47.97 -3.46
N GLU C 96 1.66 -48.63 -2.48
CA GLU C 96 0.22 -49.02 -2.52
C GLU C 96 -0.66 -47.80 -2.21
N LEU C 97 -0.19 -46.90 -1.33
CA LEU C 97 -1.04 -45.87 -0.66
C LEU C 97 -1.55 -44.87 -1.70
N ARG C 98 -2.87 -44.73 -1.83
CA ARG C 98 -3.57 -43.81 -2.75
C ARG C 98 -4.51 -42.90 -1.94
N LYS C 99 -4.19 -42.74 -0.66
CA LYS C 99 -4.94 -41.93 0.33
C LYS C 99 -4.00 -40.83 0.82
N PRO C 100 -4.52 -39.62 1.04
CA PRO C 100 -3.68 -38.54 1.54
C PRO C 100 -2.84 -38.96 2.75
N LEU C 101 -1.53 -38.74 2.67
CA LEU C 101 -0.61 -39.12 3.76
C LEU C 101 -0.21 -37.85 4.51
N LEU C 102 -0.43 -37.85 5.82
CA LEU C 102 0.24 -36.90 6.73
C LEU C 102 1.38 -37.64 7.42
N HIS C 103 2.59 -37.12 7.32
CA HIS C 103 3.71 -37.62 8.13
C HIS C 103 3.74 -36.74 9.37
N LEU C 104 3.22 -37.25 10.47
CA LEU C 104 3.29 -36.54 11.76
C LEU C 104 4.64 -36.85 12.42
N HIS C 105 5.55 -35.89 12.38
CA HIS C 105 6.92 -36.02 12.92
C HIS C 105 6.86 -35.60 14.38
N THR C 106 6.55 -36.52 15.26
CA THR C 106 6.24 -36.14 16.64
C THR C 106 7.19 -36.88 17.59
N GLN C 107 6.83 -36.89 18.87
CA GLN C 107 7.60 -37.44 20.01
C GLN C 107 6.57 -37.57 21.13
N PHE C 108 6.61 -38.61 21.96
CA PHE C 108 5.52 -38.86 22.95
C PHE C 108 5.67 -37.86 24.07
N ASN C 109 6.83 -37.89 24.75
CA ASN C 109 7.29 -36.81 25.66
C ASN C 109 7.56 -35.53 24.85
N ARG C 110 7.33 -34.39 25.48
CA ARG C 110 7.69 -33.07 24.94
C ARG C 110 9.18 -32.85 25.16
N ASP C 111 9.66 -33.12 26.37
CA ASP C 111 10.97 -32.55 26.81
C ASP C 111 11.94 -33.69 27.07
N ILE C 112 13.19 -33.48 26.69
CA ILE C 112 14.28 -34.37 27.16
C ILE C 112 14.18 -34.45 28.69
N PRO C 113 13.83 -35.65 29.25
CA PRO C 113 13.84 -35.85 30.69
C PRO C 113 15.30 -36.04 31.10
N TRP C 114 16.00 -34.93 31.28
CA TRP C 114 17.48 -34.85 31.43
C TRP C 114 17.97 -35.82 32.51
N ASP C 115 17.18 -35.98 33.56
CA ASP C 115 17.50 -36.83 34.74
C ASP C 115 17.76 -38.25 34.29
N SER C 116 16.77 -38.84 33.63
CA SER C 116 16.62 -40.30 33.44
C SER C 116 17.08 -40.72 32.04
N ILE C 117 17.31 -39.77 31.13
CA ILE C 117 17.54 -40.09 29.69
C ILE C 117 18.76 -41.02 29.58
N ASP C 118 18.49 -42.26 29.19
CA ASP C 118 19.49 -43.35 29.08
C ASP C 118 19.26 -44.09 27.75
N MET C 119 20.17 -45.01 27.41
CA MET C 119 20.12 -45.78 26.14
C MET C 119 18.76 -46.48 25.97
N ASP C 120 18.02 -46.75 27.05
CA ASP C 120 16.63 -47.29 26.96
C ASP C 120 15.69 -46.24 26.33
N PHE C 121 15.73 -45.00 26.81
CA PHE C 121 14.89 -43.87 26.33
C PHE C 121 15.23 -43.50 24.88
N MET C 122 16.52 -43.31 24.60
CA MET C 122 17.08 -43.01 23.24
C MET C 122 16.63 -44.13 22.28
N ASN C 123 16.64 -45.39 22.75
CA ASN C 123 16.26 -46.58 21.94
C ASN C 123 14.76 -46.53 21.66
N LEU C 124 13.95 -45.95 22.54
CA LEU C 124 12.46 -45.99 22.39
C LEU C 124 11.94 -44.72 21.71
N ASN C 125 12.55 -43.55 21.95
CA ASN C 125 12.00 -42.24 21.48
C ASN C 125 12.92 -41.69 20.40
N GLN C 126 12.90 -42.39 19.26
CA GLN C 126 13.87 -42.27 18.15
C GLN C 126 13.25 -41.51 16.98
N SER C 127 12.08 -40.90 17.14
CA SER C 127 11.35 -40.29 16.02
C SER C 127 12.29 -39.32 15.30
N ALA C 128 13.10 -38.61 16.08
CA ALA C 128 14.16 -37.69 15.62
C ALA C 128 14.81 -38.25 14.35
N HIS C 129 15.26 -39.51 14.38
CA HIS C 129 15.96 -40.13 13.24
C HIS C 129 14.99 -41.04 12.47
N GLY C 130 14.13 -41.75 13.17
CA GLY C 130 13.11 -42.60 12.56
C GLY C 130 12.34 -41.86 11.50
N ASP C 131 11.79 -40.70 11.86
CA ASP C 131 10.92 -39.88 10.97
C ASP C 131 11.74 -39.31 9.81
N ARG C 132 13.04 -39.10 10.00
CA ARG C 132 13.97 -38.66 8.92
C ARG C 132 14.18 -39.82 7.95
N GLU C 133 14.46 -41.04 8.46
CA GLU C 133 14.70 -42.24 7.63
C GLU C 133 13.46 -42.43 6.75
N PHE C 134 12.28 -42.33 7.36
CA PHE C 134 10.97 -42.42 6.67
C PHE C 134 10.82 -41.22 5.73
N GLY C 135 11.37 -40.10 6.15
CA GLY C 135 11.33 -38.86 5.36
C GLY C 135 12.00 -39.07 4.02
N PHE C 136 13.27 -39.52 4.08
CA PHE C 136 14.04 -39.89 2.87
C PHE C 136 13.18 -40.80 1.98
N MET C 137 12.58 -41.83 2.53
CA MET C 137 11.87 -42.84 1.70
C MET C 137 10.69 -42.17 0.98
N VAL C 138 9.91 -41.36 1.68
CA VAL C 138 8.71 -40.73 1.05
C VAL C 138 9.18 -39.72 -0.02
N THR C 139 10.25 -38.99 0.25
CA THR C 139 10.80 -38.03 -0.74
C THR C 139 11.34 -38.80 -1.94
N ARG C 140 12.08 -39.88 -1.70
CA ARG C 140 12.75 -40.73 -2.74
C ARG C 140 11.67 -41.30 -3.68
N LEU C 141 10.53 -41.73 -3.14
CA LEU C 141 9.42 -42.25 -3.98
C LEU C 141 8.63 -41.14 -4.66
N GLY C 142 8.99 -39.88 -4.43
CA GLY C 142 8.37 -38.70 -5.08
C GLY C 142 6.90 -38.58 -4.71
N MET C 143 6.55 -39.04 -3.51
CA MET C 143 5.15 -39.00 -2.99
C MET C 143 4.88 -37.64 -2.37
N PRO C 144 3.70 -37.08 -2.64
CA PRO C 144 3.21 -35.93 -1.90
C PRO C 144 2.76 -36.42 -0.53
N ARG C 145 3.14 -35.68 0.50
CA ARG C 145 2.66 -35.85 1.89
C ARG C 145 2.60 -34.46 2.55
N LYS C 146 1.81 -34.35 3.61
CA LYS C 146 1.97 -33.25 4.55
C LYS C 146 2.99 -33.73 5.58
N VAL C 147 3.80 -32.81 6.07
CA VAL C 147 4.74 -33.01 7.20
C VAL C 147 4.43 -31.91 8.21
N ILE C 148 3.86 -32.32 9.33
CA ILE C 148 3.62 -31.44 10.49
C ILE C 148 4.62 -31.91 11.50
N VAL C 149 5.53 -31.04 11.94
CA VAL C 149 6.53 -31.33 12.99
C VAL C 149 6.11 -30.61 14.27
N GLY C 150 6.17 -31.32 15.38
CA GLY C 150 5.98 -30.77 16.74
C GLY C 150 5.52 -31.86 17.69
N HIS C 151 5.65 -31.61 18.99
CA HIS C 151 5.03 -32.45 20.05
C HIS C 151 3.54 -32.63 19.71
N TRP C 152 2.98 -33.80 19.96
CA TRP C 152 1.60 -34.15 19.54
C TRP C 152 0.55 -33.34 20.34
N GLN C 153 0.92 -32.78 21.49
CA GLN C 153 0.00 -32.01 22.38
C GLN C 153 0.06 -30.50 22.08
N ASP C 154 1.12 -30.05 21.42
CA ASP C 154 1.22 -28.68 20.87
C ASP C 154 -0.08 -28.37 20.11
N ALA C 155 -0.54 -27.12 20.19
CA ALA C 155 -1.84 -26.65 19.65
C ALA C 155 -1.67 -26.34 18.16
N GLU C 156 -0.50 -25.81 17.78
CA GLU C 156 -0.22 -25.50 16.37
C GLU C 156 -0.21 -26.82 15.59
N VAL C 157 0.38 -27.87 16.17
CA VAL C 157 0.24 -29.27 15.67
C VAL C 157 -1.24 -29.59 15.46
N ALA C 158 -2.13 -29.33 16.44
CA ALA C 158 -3.58 -29.62 16.34
C ALA C 158 -4.21 -28.85 15.17
N ARG C 159 -3.90 -27.56 15.09
CA ARG C 159 -4.49 -26.65 14.07
C ARG C 159 -4.07 -27.11 12.66
N ARG C 160 -2.78 -27.38 12.47
CA ARG C 160 -2.21 -27.82 11.16
C ARG C 160 -2.82 -29.16 10.75
N VAL C 161 -2.97 -30.08 11.70
CA VAL C 161 -3.47 -31.46 11.45
C VAL C 161 -4.95 -31.40 11.06
N ARG C 162 -5.70 -30.53 11.75
CA ARG C 162 -7.17 -30.37 11.52
C ARG C 162 -7.36 -29.67 10.17
N GLY C 163 -6.65 -28.57 9.93
CA GLY C 163 -6.54 -27.98 8.59
C GLY C 163 -6.40 -29.07 7.52
N TRP C 164 -5.31 -29.86 7.60
CA TRP C 164 -4.97 -30.96 6.67
C TRP C 164 -6.12 -31.96 6.57
N ALA C 165 -6.64 -32.44 7.71
CA ALA C 165 -7.74 -33.43 7.76
C ALA C 165 -8.94 -32.92 6.95
N MET C 166 -9.34 -31.67 7.15
CA MET C 166 -10.42 -31.06 6.34
C MET C 166 -10.07 -31.11 4.85
N THR C 167 -8.78 -30.97 4.49
CA THR C 167 -8.29 -31.06 3.09
C THR C 167 -8.39 -32.52 2.64
N ALA C 168 -7.93 -33.45 3.48
CA ALA C 168 -7.99 -34.90 3.24
C ALA C 168 -9.44 -35.35 2.98
N VAL C 169 -10.39 -34.87 3.79
CA VAL C 169 -11.84 -35.20 3.64
C VAL C 169 -12.32 -34.58 2.35
N ALA C 170 -11.82 -33.41 1.98
CA ALA C 170 -12.23 -32.73 0.73
C ALA C 170 -11.79 -33.59 -0.46
N ALA C 171 -10.52 -34.01 -0.44
CA ALA C 171 -9.90 -35.01 -1.33
C ALA C 171 -10.81 -36.24 -1.46
N ALA C 172 -11.16 -36.88 -0.33
CA ALA C 172 -12.03 -38.07 -0.29
C ALA C 172 -13.35 -37.78 -1.03
N VAL C 173 -13.96 -36.63 -0.74
CA VAL C 173 -15.19 -36.24 -1.48
C VAL C 173 -14.80 -36.16 -2.96
N SER C 174 -13.65 -35.60 -3.25
CA SER C 174 -13.21 -35.44 -4.67
C SER C 174 -13.18 -36.80 -5.39
N ARG C 175 -12.59 -37.82 -4.76
CA ARG C 175 -12.36 -39.16 -5.39
C ARG C 175 -13.70 -39.74 -5.89
N GLY C 176 -14.78 -39.65 -5.12
CA GLY C 176 -16.12 -40.15 -5.50
C GLY C 176 -17.03 -39.11 -6.16
N LEU C 177 -16.57 -37.84 -6.25
CA LEU C 177 -17.44 -36.70 -6.61
C LEU C 177 -18.11 -36.92 -7.96
N LYS C 178 -19.44 -36.94 -7.95
CA LYS C 178 -20.26 -37.05 -9.17
C LYS C 178 -20.81 -35.64 -9.42
N VAL C 179 -20.74 -35.19 -10.65
CA VAL C 179 -21.17 -33.84 -11.11
C VAL C 179 -22.13 -34.04 -12.27
N ALA C 180 -23.38 -33.58 -12.15
CA ALA C 180 -24.35 -33.58 -13.26
C ALA C 180 -24.25 -32.24 -13.97
N ARG C 181 -24.16 -32.28 -15.30
CA ARG C 181 -24.19 -31.09 -16.18
C ARG C 181 -25.53 -31.11 -16.92
N PHE C 182 -26.34 -30.08 -16.70
CA PHE C 182 -27.59 -29.82 -17.46
C PHE C 182 -27.25 -28.87 -18.60
N GLY C 183 -26.87 -29.43 -19.76
CA GLY C 183 -26.45 -28.66 -20.94
C GLY C 183 -24.93 -28.57 -21.01
N ASP C 184 -24.44 -28.18 -22.17
CA ASP C 184 -22.99 -28.07 -22.47
C ASP C 184 -22.45 -26.74 -21.90
N ASN C 185 -21.16 -26.51 -22.05
CA ASN C 185 -20.56 -25.18 -21.77
C ASN C 185 -21.32 -24.13 -22.58
N MET C 186 -21.47 -22.94 -22.03
CA MET C 186 -21.76 -21.74 -22.85
C MET C 186 -20.86 -21.78 -24.08
N ARG C 187 -21.44 -21.60 -25.26
CA ARG C 187 -20.73 -21.80 -26.54
C ARG C 187 -19.59 -20.81 -26.59
N GLN C 188 -18.53 -21.15 -27.32
CA GLN C 188 -17.38 -20.27 -27.59
C GLN C 188 -16.61 -19.96 -26.29
N VAL C 189 -17.05 -20.36 -25.09
CA VAL C 189 -16.27 -20.08 -23.84
C VAL C 189 -15.18 -21.13 -23.68
N ALA C 190 -13.98 -20.67 -23.32
CA ALA C 190 -12.70 -21.41 -23.21
C ALA C 190 -12.46 -21.99 -21.82
N VAL C 191 -12.51 -21.16 -20.80
CA VAL C 191 -11.89 -21.49 -19.50
C VAL C 191 -12.75 -22.52 -18.76
N THR C 192 -14.05 -22.64 -19.10
CA THR C 192 -14.99 -23.62 -18.49
C THR C 192 -14.82 -24.96 -19.18
N GLU C 193 -14.25 -24.92 -20.39
CA GLU C 193 -13.91 -26.10 -21.20
C GLU C 193 -12.75 -26.83 -20.50
N GLY C 194 -12.53 -28.08 -20.83
CA GLY C 194 -11.45 -28.84 -20.19
C GLY C 194 -11.59 -30.30 -20.52
N ASP C 195 -10.70 -31.11 -19.99
CA ASP C 195 -10.70 -32.57 -20.23
C ASP C 195 -11.31 -33.22 -19.01
N LYS C 196 -12.52 -33.74 -19.13
CA LYS C 196 -13.19 -34.42 -18.00
C LYS C 196 -12.46 -35.72 -17.67
N VAL C 197 -11.81 -36.34 -18.64
CA VAL C 197 -11.02 -37.58 -18.39
C VAL C 197 -9.79 -37.22 -17.56
N GLU C 198 -9.08 -36.15 -17.90
CA GLU C 198 -7.92 -35.76 -17.05
C GLU C 198 -8.44 -35.54 -15.63
N ALA C 199 -9.57 -34.83 -15.51
CA ALA C 199 -10.15 -34.41 -14.23
C ALA C 199 -10.50 -35.66 -13.40
N GLU C 200 -11.12 -36.65 -14.04
CA GLU C 200 -11.51 -37.90 -13.36
C GLU C 200 -10.24 -38.60 -12.88
N ALA C 201 -9.25 -38.69 -13.77
CA ALA C 201 -7.97 -39.35 -13.45
C ALA C 201 -7.36 -38.60 -12.29
N ARG C 202 -7.29 -37.27 -12.36
CA ARG C 202 -6.49 -36.45 -11.41
C ARG C 202 -7.23 -36.21 -10.10
N PHE C 203 -8.53 -36.01 -10.13
CA PHE C 203 -9.31 -35.61 -8.93
C PHE C 203 -10.40 -36.64 -8.59
N GLY C 204 -10.77 -37.54 -9.51
CA GLY C 204 -11.78 -38.57 -9.22
C GLY C 204 -13.19 -38.08 -9.48
N TRP C 205 -13.33 -36.84 -9.96
CA TRP C 205 -14.65 -36.26 -10.31
C TRP C 205 -15.19 -37.04 -11.49
N SER C 206 -16.42 -37.54 -11.38
CA SER C 206 -17.20 -38.04 -12.52
C SER C 206 -18.06 -36.89 -12.97
N VAL C 207 -17.85 -36.44 -14.19
CA VAL C 207 -18.58 -35.30 -14.79
C VAL C 207 -19.30 -35.80 -16.05
N ASN C 208 -20.62 -35.90 -15.99
CA ASN C 208 -21.46 -36.42 -17.08
C ASN C 208 -22.64 -35.48 -17.31
N GLY C 209 -22.94 -35.25 -18.58
CA GLY C 209 -23.99 -34.35 -19.06
C GLY C 209 -25.32 -35.08 -19.18
N TYR C 210 -26.35 -34.49 -18.58
CA TYR C 210 -27.77 -34.84 -18.78
C TYR C 210 -28.41 -33.73 -19.61
N GLY C 211 -29.16 -34.12 -20.64
CA GLY C 211 -30.04 -33.19 -21.35
C GLY C 211 -30.79 -32.33 -20.34
N VAL C 212 -31.08 -31.08 -20.68
CA VAL C 212 -31.91 -30.19 -19.83
C VAL C 212 -33.28 -30.84 -19.69
N GLY C 213 -33.81 -31.40 -20.77
CA GLY C 213 -35.03 -32.22 -20.72
C GLY C 213 -35.04 -33.19 -19.56
N ASP C 214 -33.90 -33.71 -19.12
CA ASP C 214 -33.83 -34.71 -18.02
C ASP C 214 -34.14 -34.04 -16.70
N LEU C 215 -33.99 -32.71 -16.64
CA LEU C 215 -34.22 -31.93 -15.40
C LEU C 215 -35.65 -31.36 -15.45
N ALA C 216 -36.05 -30.97 -16.66
CA ALA C 216 -37.39 -30.44 -17.01
C ALA C 216 -38.47 -31.50 -16.71
N GLU C 217 -38.25 -32.74 -17.20
CA GLU C 217 -39.06 -33.95 -16.91
C GLU C 217 -39.14 -34.11 -15.39
N ARG C 218 -38.04 -33.92 -14.68
CA ARG C 218 -38.00 -34.08 -13.21
C ARG C 218 -38.77 -32.93 -12.53
N VAL C 219 -38.82 -31.72 -13.11
CA VAL C 219 -39.49 -30.55 -12.46
C VAL C 219 -40.98 -30.58 -12.80
N ARG C 220 -41.35 -31.02 -14.01
CA ARG C 220 -42.78 -31.23 -14.41
C ARG C 220 -43.41 -32.20 -13.40
N ALA C 221 -42.62 -33.12 -12.86
CA ALA C 221 -43.06 -34.17 -11.92
C ALA C 221 -43.10 -33.61 -10.51
N VAL C 222 -42.52 -32.43 -10.27
CA VAL C 222 -42.49 -31.86 -8.90
C VAL C 222 -43.92 -31.53 -8.51
N SER C 223 -44.31 -32.02 -7.33
CA SER C 223 -45.66 -31.93 -6.72
C SER C 223 -46.04 -30.47 -6.45
N GLU C 224 -47.00 -29.91 -7.20
CA GLU C 224 -47.61 -28.57 -6.95
C GLU C 224 -47.78 -28.39 -5.43
N ALA C 225 -48.10 -29.48 -4.72
CA ALA C 225 -48.17 -29.58 -3.24
C ALA C 225 -46.78 -29.38 -2.62
N GLU C 226 -45.76 -30.09 -3.12
CA GLU C 226 -44.39 -30.07 -2.51
C GLU C 226 -43.77 -28.69 -2.72
N ILE C 227 -44.02 -28.06 -3.87
CA ILE C 227 -43.80 -26.59 -4.02
C ILE C 227 -44.33 -25.94 -2.75
N ASP C 228 -45.65 -26.04 -2.52
CA ASP C 228 -46.34 -25.42 -1.35
C ASP C 228 -45.53 -25.71 -0.06
N ARG C 229 -45.12 -26.96 0.19
CA ARG C 229 -44.47 -27.34 1.49
C ARG C 229 -43.11 -26.65 1.60
N LEU C 230 -42.51 -26.24 0.47
CA LEU C 230 -41.14 -25.64 0.43
C LEU C 230 -41.28 -24.13 0.53
N ILE C 231 -42.15 -23.52 -0.29
CA ILE C 231 -42.60 -22.11 -0.14
C ILE C 231 -42.88 -21.81 1.34
N ASP C 232 -43.28 -22.82 2.12
CA ASP C 232 -43.45 -22.74 3.61
C ASP C 232 -42.07 -22.59 4.25
N GLU C 233 -41.06 -23.31 3.73
CA GLU C 233 -39.66 -23.28 4.26
C GLU C 233 -39.00 -21.95 3.89
N TYR C 234 -39.18 -21.50 2.64
CA TYR C 234 -38.82 -20.15 2.14
C TYR C 234 -39.31 -19.10 3.14
N GLN C 235 -40.64 -18.96 3.30
CA GLN C 235 -41.27 -18.03 4.28
C GLN C 235 -40.54 -18.08 5.63
N SER C 236 -40.21 -19.29 6.12
CA SER C 236 -39.62 -19.52 7.47
C SER C 236 -38.20 -18.97 7.58
N LEU C 237 -37.48 -18.79 6.46
CA LEU C 237 -36.01 -18.55 6.40
C LEU C 237 -35.71 -17.17 5.80
N TYR C 238 -36.50 -16.75 4.83
CA TYR C 238 -36.14 -15.68 3.88
C TYR C 238 -37.26 -14.67 3.83
N GLU C 239 -36.90 -13.40 4.00
CA GLU C 239 -37.82 -12.28 3.71
C GLU C 239 -38.26 -12.40 2.25
N PHE C 240 -39.49 -12.01 1.95
CA PHE C 240 -40.02 -11.93 0.57
C PHE C 240 -40.15 -10.46 0.16
N ALA C 241 -39.56 -10.10 -0.97
CA ALA C 241 -39.71 -8.76 -1.58
C ALA C 241 -41.20 -8.53 -1.86
N PRO C 242 -41.68 -7.27 -1.75
CA PRO C 242 -43.03 -6.89 -2.19
C PRO C 242 -43.46 -7.37 -3.59
N GLY C 243 -44.52 -8.18 -3.64
CA GLY C 243 -45.10 -8.77 -4.85
C GLY C 243 -44.73 -10.24 -5.00
N CYS C 244 -43.85 -10.75 -4.12
CA CYS C 244 -43.24 -12.09 -4.20
C CYS C 244 -43.86 -13.01 -3.15
N GLU C 245 -44.26 -12.47 -2.00
CA GLU C 245 -44.94 -13.22 -0.91
C GLU C 245 -46.31 -13.72 -1.40
N LYS C 246 -46.86 -14.74 -0.71
CA LYS C 246 -48.33 -15.00 -0.58
C LYS C 246 -49.19 -14.16 -1.54
N GLY C 247 -49.67 -14.74 -2.64
CA GLY C 247 -50.73 -14.15 -3.50
C GLY C 247 -50.31 -12.89 -4.26
N GLY C 248 -49.15 -12.31 -3.96
CA GLY C 248 -48.60 -11.17 -4.72
C GLY C 248 -48.33 -11.55 -6.17
N PRO C 249 -48.25 -10.57 -7.09
CA PRO C 249 -48.14 -10.86 -8.52
C PRO C 249 -46.81 -11.51 -8.99
N LEU C 250 -45.86 -11.77 -8.07
CA LEU C 250 -44.56 -12.45 -8.40
C LEU C 250 -44.30 -13.63 -7.44
N HIS C 251 -45.30 -14.19 -6.76
CA HIS C 251 -45.12 -15.42 -5.93
C HIS C 251 -44.97 -16.66 -6.83
N ASP C 252 -45.36 -16.53 -8.11
CA ASP C 252 -45.24 -17.61 -9.13
C ASP C 252 -43.74 -17.84 -9.35
N GLY C 253 -43.00 -16.75 -9.61
CA GLY C 253 -41.54 -16.78 -9.76
C GLY C 253 -40.94 -17.65 -8.67
N VAL C 254 -41.35 -17.41 -7.42
CA VAL C 254 -40.77 -18.11 -6.23
C VAL C 254 -41.21 -19.57 -6.25
N ARG C 255 -42.47 -19.84 -6.64
CA ARG C 255 -43.05 -21.20 -6.75
C ARG C 255 -42.22 -22.00 -7.76
N GLU C 256 -42.02 -21.43 -8.95
CA GLU C 256 -41.28 -22.03 -10.08
C GLU C 256 -39.81 -22.29 -9.73
N GLN C 257 -39.22 -21.59 -8.75
CA GLN C 257 -37.86 -21.86 -8.25
C GLN C 257 -37.90 -23.00 -7.23
N ALA C 258 -38.98 -23.11 -6.46
CA ALA C 258 -39.14 -24.17 -5.44
C ALA C 258 -39.34 -25.50 -6.19
N ARG C 259 -40.05 -25.44 -7.31
CA ARG C 259 -40.24 -26.54 -8.27
C ARG C 259 -38.84 -27.01 -8.69
N ILE C 260 -38.14 -26.15 -9.43
CA ILE C 260 -36.75 -26.34 -9.89
C ILE C 260 -35.91 -26.80 -8.69
N GLU C 261 -36.10 -26.22 -7.51
CA GLU C 261 -35.24 -26.61 -6.37
C GLU C 261 -35.45 -28.10 -6.13
N LEU C 262 -36.70 -28.56 -6.20
CA LEU C 262 -37.10 -29.94 -5.78
C LEU C 262 -36.81 -30.97 -6.88
N GLY C 263 -37.02 -30.59 -8.15
CA GLY C 263 -36.58 -31.37 -9.31
C GLY C 263 -35.07 -31.51 -9.38
N LEU C 264 -34.33 -30.41 -9.22
CA LEU C 264 -32.84 -30.45 -9.09
C LEU C 264 -32.50 -31.46 -7.99
N ARG C 265 -33.02 -31.29 -6.79
CA ARG C 265 -32.60 -32.13 -5.65
C ARG C 265 -32.98 -33.58 -5.90
N SER C 266 -34.09 -33.83 -6.60
CA SER C 266 -34.57 -35.19 -6.90
C SER C 266 -33.48 -35.89 -7.74
N PHE C 267 -33.18 -35.33 -8.91
CA PHE C 267 -32.07 -35.73 -9.83
C PHE C 267 -30.80 -36.01 -9.02
N LEU C 268 -30.28 -34.97 -8.35
CA LEU C 268 -28.95 -34.99 -7.69
C LEU C 268 -28.93 -36.02 -6.58
N GLU C 269 -30.05 -36.22 -5.89
CA GLU C 269 -30.11 -37.19 -4.77
C GLU C 269 -30.18 -38.58 -5.39
N GLU C 270 -30.90 -38.70 -6.52
CA GLU C 270 -31.06 -39.98 -7.23
C GLU C 270 -29.66 -40.47 -7.61
N GLY C 271 -28.89 -39.62 -8.30
CA GLY C 271 -27.59 -39.95 -8.90
C GLY C 271 -26.46 -39.91 -7.89
N GLY C 272 -26.70 -39.46 -6.67
CA GLY C 272 -25.62 -39.21 -5.68
C GLY C 272 -24.72 -38.04 -6.07
N PHE C 273 -25.17 -37.18 -6.99
CA PHE C 273 -24.47 -35.98 -7.51
C PHE C 273 -24.30 -34.94 -6.39
N GLU C 274 -23.07 -34.50 -6.10
CA GLU C 274 -22.77 -33.49 -5.05
C GLU C 274 -22.36 -32.17 -5.71
N ALA C 275 -22.63 -32.01 -7.01
CA ALA C 275 -22.42 -30.73 -7.72
C ALA C 275 -23.02 -30.83 -9.11
N PHE C 276 -23.36 -29.70 -9.67
CA PHE C 276 -24.02 -29.67 -10.98
C PHE C 276 -23.71 -28.32 -11.61
N THR C 277 -24.06 -28.19 -12.88
CA THR C 277 -23.91 -26.96 -13.69
C THR C 277 -25.19 -26.73 -14.51
N THR C 278 -25.56 -25.49 -14.73
CA THR C 278 -26.69 -25.15 -15.64
C THR C 278 -26.06 -24.28 -16.71
N THR C 279 -26.70 -24.16 -17.86
CA THR C 279 -26.31 -23.18 -18.89
C THR C 279 -27.58 -22.43 -19.31
N PHE C 280 -27.55 -21.11 -19.19
CA PHE C 280 -28.65 -20.21 -19.62
C PHE C 280 -28.94 -20.41 -21.11
N GLU C 281 -27.99 -20.90 -21.92
CA GLU C 281 -28.10 -21.08 -23.40
C GLU C 281 -28.96 -22.34 -23.72
N ASP C 282 -29.27 -23.14 -22.70
CA ASP C 282 -30.11 -24.34 -22.88
C ASP C 282 -31.00 -24.51 -21.64
N LEU C 283 -32.24 -24.03 -21.74
CA LEU C 283 -33.25 -24.11 -20.65
C LEU C 283 -34.59 -24.59 -21.20
N HIS C 284 -34.59 -25.30 -22.33
CA HIS C 284 -35.77 -26.00 -22.91
C HIS C 284 -36.48 -26.74 -21.79
N GLY C 285 -37.75 -26.42 -21.54
CA GLY C 285 -38.60 -27.10 -20.56
C GLY C 285 -38.48 -26.49 -19.18
N MET C 286 -37.76 -25.39 -19.05
CA MET C 286 -37.64 -24.67 -17.76
C MET C 286 -38.38 -23.35 -17.86
N LYS C 287 -39.12 -22.98 -16.83
CA LYS C 287 -39.80 -21.66 -16.75
C LYS C 287 -38.74 -20.59 -16.56
N GLN C 288 -37.74 -20.90 -15.74
CA GLN C 288 -36.67 -19.98 -15.33
C GLN C 288 -35.31 -20.69 -15.34
N LEU C 289 -34.25 -19.93 -15.55
CA LEU C 289 -32.89 -20.31 -15.11
C LEU C 289 -32.93 -20.64 -13.61
N PRO C 290 -32.51 -21.84 -13.18
CA PRO C 290 -32.43 -22.14 -11.75
C PRO C 290 -31.62 -21.02 -11.10
N GLY C 291 -32.16 -20.45 -10.03
CA GLY C 291 -31.66 -19.21 -9.41
C GLY C 291 -31.70 -19.38 -7.92
N LEU C 292 -32.84 -19.10 -7.32
CA LEU C 292 -33.12 -19.42 -5.90
C LEU C 292 -32.81 -20.92 -5.67
N ALA C 293 -33.28 -21.79 -6.57
CA ALA C 293 -33.02 -23.25 -6.59
C ALA C 293 -31.54 -23.56 -6.35
N VAL C 294 -30.67 -22.95 -7.15
CA VAL C 294 -29.21 -23.21 -7.14
C VAL C 294 -28.61 -22.72 -5.81
N GLN C 295 -28.95 -21.49 -5.37
CA GLN C 295 -28.42 -20.90 -4.12
C GLN C 295 -28.79 -21.78 -2.95
N ARG C 296 -30.01 -22.29 -2.90
CA ARG C 296 -30.44 -23.20 -1.81
C ARG C 296 -29.54 -24.45 -1.84
N LEU C 297 -29.28 -24.97 -3.03
CA LEU C 297 -28.56 -26.25 -3.16
C LEU C 297 -27.11 -26.04 -2.74
N MET C 298 -26.55 -24.87 -3.06
CA MET C 298 -25.18 -24.50 -2.57
C MET C 298 -25.19 -24.45 -1.03
N ALA C 299 -26.26 -23.93 -0.44
CA ALA C 299 -26.33 -23.71 1.03
C ALA C 299 -26.13 -25.06 1.71
N GLU C 300 -26.84 -26.09 1.27
CA GLU C 300 -26.81 -27.41 1.96
C GLU C 300 -25.57 -28.23 1.55
N GLY C 301 -24.74 -27.71 0.63
CA GLY C 301 -23.32 -28.12 0.48
C GLY C 301 -22.94 -28.42 -0.97
N TYR C 302 -23.86 -28.32 -1.91
CA TYR C 302 -23.64 -28.68 -3.34
C TYR C 302 -22.67 -27.71 -3.99
N GLY C 303 -21.80 -28.29 -4.81
CA GLY C 303 -21.03 -27.51 -5.76
C GLY C 303 -21.95 -27.03 -6.86
N PHE C 304 -21.66 -25.86 -7.40
CA PHE C 304 -22.34 -25.32 -8.59
C PHE C 304 -21.35 -24.52 -9.42
N GLY C 305 -21.50 -24.64 -10.74
CA GLY C 305 -20.82 -23.79 -11.72
C GLY C 305 -21.79 -23.45 -12.83
N GLY C 306 -21.80 -22.18 -13.25
CA GLY C 306 -22.71 -21.68 -14.30
C GLY C 306 -22.11 -21.93 -15.67
N GLU C 307 -22.92 -21.78 -16.72
CA GLU C 307 -22.48 -21.96 -18.11
C GLU C 307 -21.68 -23.27 -18.25
N GLY C 308 -22.03 -24.30 -17.47
CA GLY C 308 -21.57 -25.68 -17.64
C GLY C 308 -20.21 -25.88 -17.01
N ASP C 309 -19.82 -24.94 -16.17
CA ASP C 309 -18.49 -24.89 -15.53
C ASP C 309 -18.42 -26.01 -14.48
N TRP C 310 -18.02 -27.20 -14.90
CA TRP C 310 -17.91 -28.36 -13.97
C TRP C 310 -16.68 -28.21 -13.08
N LYS C 311 -15.62 -27.63 -13.63
CA LYS C 311 -14.37 -27.47 -12.85
C LYS C 311 -14.72 -26.69 -11.59
N THR C 312 -15.37 -25.54 -11.73
CA THR C 312 -15.69 -24.66 -10.57
C THR C 312 -16.77 -25.33 -9.70
N ALA C 313 -17.77 -25.93 -10.33
CA ALA C 313 -18.80 -26.72 -9.61
C ALA C 313 -18.12 -27.71 -8.67
N ALA C 314 -17.16 -28.50 -9.19
CA ALA C 314 -16.44 -29.49 -8.37
C ALA C 314 -15.66 -28.77 -7.28
N LEU C 315 -15.06 -27.64 -7.63
CA LEU C 315 -14.17 -26.90 -6.71
C LEU C 315 -15.04 -26.28 -5.61
N VAL C 316 -16.17 -25.70 -5.99
CA VAL C 316 -17.14 -25.13 -5.03
C VAL C 316 -17.52 -26.26 -4.06
N ARG C 317 -17.77 -27.45 -4.59
CA ARG C 317 -18.12 -28.60 -3.72
C ARG C 317 -16.96 -28.90 -2.77
N LEU C 318 -15.75 -29.04 -3.30
CA LEU C 318 -14.58 -29.47 -2.49
C LEU C 318 -14.33 -28.43 -1.41
N MET C 319 -14.35 -27.18 -1.83
CA MET C 319 -14.06 -26.04 -0.93
C MET C 319 -15.17 -25.94 0.12
N LYS C 320 -16.44 -26.13 -0.24
CA LYS C 320 -17.55 -26.19 0.76
C LYS C 320 -17.27 -27.27 1.81
N VAL C 321 -16.82 -28.45 1.39
CA VAL C 321 -16.48 -29.55 2.34
C VAL C 321 -15.29 -29.13 3.21
N MET C 322 -14.31 -28.45 2.63
CA MET C 322 -13.08 -28.03 3.38
C MET C 322 -13.49 -27.04 4.47
N ALA C 323 -14.45 -26.18 4.12
CA ALA C 323 -14.95 -25.04 4.91
C ALA C 323 -15.92 -25.51 6.00
N ASP C 324 -16.31 -26.80 5.99
CA ASP C 324 -17.36 -27.38 6.88
C ASP C 324 -18.73 -26.78 6.50
N GLY C 325 -18.95 -26.51 5.22
CA GLY C 325 -20.23 -26.00 4.65
C GLY C 325 -20.33 -24.48 4.66
N LYS C 326 -19.39 -23.80 5.30
CA LYS C 326 -19.51 -22.36 5.70
C LYS C 326 -18.83 -21.44 4.68
N GLY C 327 -19.41 -20.26 4.50
CA GLY C 327 -18.80 -19.07 3.87
C GLY C 327 -18.17 -19.37 2.53
N THR C 328 -18.71 -20.34 1.79
CA THR C 328 -18.15 -20.78 0.50
C THR C 328 -19.22 -20.70 -0.59
N SER C 329 -18.90 -20.05 -1.70
CA SER C 329 -19.82 -19.82 -2.82
C SER C 329 -19.05 -19.96 -4.13
N PHE C 330 -19.72 -20.46 -5.14
CA PHE C 330 -19.59 -20.00 -6.54
C PHE C 330 -19.60 -18.47 -6.59
N MET C 331 -18.76 -17.91 -7.46
CA MET C 331 -18.54 -16.45 -7.54
C MET C 331 -17.97 -16.12 -8.91
N GLU C 332 -18.32 -14.95 -9.42
CA GLU C 332 -17.77 -14.37 -10.66
C GLU C 332 -17.42 -12.90 -10.36
N ASP C 333 -16.31 -12.42 -10.92
CA ASP C 333 -15.97 -10.98 -10.88
C ASP C 333 -16.86 -10.32 -11.92
N TYR C 334 -17.68 -9.38 -11.49
CA TYR C 334 -18.70 -8.77 -12.36
C TYR C 334 -18.26 -7.35 -12.72
N THR C 335 -17.76 -6.59 -11.75
CA THR C 335 -17.31 -5.22 -12.05
C THR C 335 -16.34 -4.75 -10.98
N TYR C 336 -15.57 -3.73 -11.35
CA TYR C 336 -14.52 -3.12 -10.50
C TYR C 336 -14.96 -1.71 -10.07
N HIS C 337 -14.67 -1.44 -8.80
CA HIS C 337 -14.48 -0.10 -8.20
C HIS C 337 -12.98 0.23 -8.29
N PHE C 338 -12.60 1.14 -9.18
CA PHE C 338 -11.18 1.56 -9.41
C PHE C 338 -10.82 2.84 -8.65
N GLU C 339 -11.67 3.30 -7.72
CA GLU C 339 -11.44 4.45 -6.80
C GLU C 339 -10.09 4.26 -6.13
N PRO C 340 -9.10 5.13 -6.45
CA PRO C 340 -7.76 4.99 -5.86
C PRO C 340 -7.85 4.96 -4.34
N GLY C 341 -7.21 3.97 -3.72
CA GLY C 341 -7.19 3.79 -2.25
C GLY C 341 -8.40 2.99 -1.77
N ASN C 342 -9.43 2.85 -2.61
CA ASN C 342 -10.65 2.05 -2.27
C ASN C 342 -10.97 1.12 -3.46
N GLU C 343 -9.94 0.51 -4.03
CA GLU C 343 -10.06 -0.41 -5.21
C GLU C 343 -10.67 -1.70 -4.70
N MET C 344 -11.82 -2.09 -5.24
CA MET C 344 -12.40 -3.39 -4.88
C MET C 344 -13.03 -4.05 -6.10
N ILE C 345 -13.19 -5.37 -6.00
CA ILE C 345 -13.94 -6.17 -6.99
C ILE C 345 -15.29 -6.47 -6.36
N LEU C 346 -16.35 -6.21 -7.14
CA LEU C 346 -17.74 -6.69 -6.90
C LEU C 346 -17.90 -8.03 -7.62
N GLY C 347 -18.11 -9.08 -6.84
CA GLY C 347 -18.45 -10.41 -7.32
C GLY C 347 -19.94 -10.68 -7.20
N ALA C 348 -20.47 -11.39 -8.20
CA ALA C 348 -21.84 -11.97 -8.24
C ALA C 348 -21.88 -13.10 -9.27
N HIS C 349 -23.09 -13.57 -9.57
CA HIS C 349 -23.46 -14.23 -10.85
C HIS C 349 -24.88 -13.73 -11.18
N MET C 350 -25.30 -13.83 -12.44
CA MET C 350 -26.69 -13.56 -12.88
C MET C 350 -27.69 -13.82 -11.74
N LEU C 351 -27.51 -14.90 -10.95
CA LEU C 351 -28.35 -15.27 -9.78
C LEU C 351 -27.55 -16.06 -8.72
N GLU C 352 -26.68 -16.96 -9.15
CA GLU C 352 -26.36 -18.16 -8.34
C GLU C 352 -25.26 -17.78 -7.35
N VAL C 353 -25.62 -17.13 -6.26
CA VAL C 353 -24.68 -16.80 -5.17
C VAL C 353 -25.15 -17.52 -3.93
N CYS C 354 -24.30 -18.35 -3.34
CA CYS C 354 -24.64 -19.11 -2.12
C CYS C 354 -24.94 -18.15 -0.97
N PRO C 355 -26.06 -18.34 -0.24
CA PRO C 355 -26.32 -17.57 0.99
C PRO C 355 -25.37 -17.80 2.18
N THR C 356 -24.38 -18.68 2.08
CA THR C 356 -23.48 -18.98 3.23
C THR C 356 -22.42 -17.88 3.37
N ILE C 357 -22.27 -17.02 2.35
CA ILE C 357 -21.36 -15.84 2.32
C ILE C 357 -22.15 -14.56 2.61
N ALA C 358 -23.38 -14.66 3.14
CA ALA C 358 -24.29 -13.51 3.30
C ALA C 358 -24.04 -12.88 4.68
N ALA C 359 -23.94 -11.54 4.68
CA ALA C 359 -23.90 -10.66 5.86
C ALA C 359 -25.35 -10.33 6.29
N THR C 360 -26.16 -9.85 5.34
CA THR C 360 -27.60 -9.49 5.50
C THR C 360 -28.47 -10.74 5.31
N ARG C 361 -29.57 -10.86 6.06
CA ARG C 361 -30.47 -12.03 5.91
C ARG C 361 -30.98 -12.03 4.48
N PRO C 362 -30.77 -13.13 3.73
CA PRO C 362 -31.17 -13.15 2.32
C PRO C 362 -32.66 -12.88 2.11
N ARG C 363 -33.01 -12.26 0.99
CA ARG C 363 -34.38 -11.82 0.64
C ARG C 363 -34.77 -12.43 -0.70
N ILE C 364 -35.78 -13.30 -0.68
CA ILE C 364 -36.38 -13.79 -1.96
C ILE C 364 -36.87 -12.56 -2.73
N GLU C 365 -36.29 -12.35 -3.91
CA GLU C 365 -36.79 -11.35 -4.89
C GLU C 365 -36.97 -12.05 -6.22
N VAL C 366 -37.87 -11.52 -7.05
CA VAL C 366 -38.07 -11.89 -8.48
C VAL C 366 -37.81 -10.64 -9.33
N HIS C 367 -36.95 -10.77 -10.33
CA HIS C 367 -36.58 -9.69 -11.28
C HIS C 367 -36.51 -10.33 -12.66
N PRO C 368 -36.73 -9.54 -13.73
CA PRO C 368 -36.42 -10.01 -15.07
C PRO C 368 -34.99 -10.55 -15.15
N LEU C 369 -34.74 -11.44 -16.11
CA LEU C 369 -33.36 -11.78 -16.55
C LEU C 369 -33.38 -12.03 -18.06
N SER C 370 -32.82 -11.09 -18.83
CA SER C 370 -32.66 -11.18 -20.30
C SER C 370 -31.92 -12.48 -20.64
N ILE C 371 -30.78 -12.68 -19.98
CA ILE C 371 -29.86 -13.81 -20.22
C ILE C 371 -30.68 -15.10 -20.07
N GLY C 372 -30.91 -15.81 -21.19
CA GLY C 372 -31.60 -17.11 -21.22
C GLY C 372 -32.98 -17.02 -21.86
N GLY C 373 -33.56 -15.81 -21.92
CA GLY C 373 -34.89 -15.55 -22.54
C GLY C 373 -35.99 -16.35 -21.87
N LYS C 374 -35.93 -16.55 -20.54
CA LYS C 374 -36.92 -17.28 -19.70
C LYS C 374 -37.64 -16.33 -18.74
N GLU C 375 -38.52 -16.85 -17.88
CA GLU C 375 -39.44 -16.05 -17.03
C GLU C 375 -38.64 -15.48 -15.87
N ASP C 376 -39.09 -14.36 -15.30
CA ASP C 376 -38.43 -13.60 -14.21
C ASP C 376 -38.04 -14.55 -13.09
N PRO C 377 -36.73 -14.89 -12.96
CA PRO C 377 -36.28 -15.79 -11.90
C PRO C 377 -36.31 -15.17 -10.49
N ALA C 378 -36.88 -15.90 -9.52
CA ALA C 378 -36.67 -15.65 -8.09
C ALA C 378 -35.19 -15.89 -7.79
N ARG C 379 -34.63 -15.07 -6.91
CA ARG C 379 -33.26 -15.30 -6.37
C ARG C 379 -33.22 -14.72 -4.95
N LEU C 380 -32.34 -15.29 -4.13
CA LEU C 380 -31.89 -14.68 -2.87
C LEU C 380 -30.93 -13.55 -3.22
N VAL C 381 -31.20 -12.38 -2.66
CA VAL C 381 -30.37 -11.15 -2.76
C VAL C 381 -29.87 -10.86 -1.36
N PHE C 382 -28.60 -10.48 -1.23
CA PHE C 382 -27.96 -10.28 0.09
C PHE C 382 -26.62 -9.61 -0.15
N ASP C 383 -26.02 -9.09 0.91
CA ASP C 383 -24.67 -8.47 0.86
C ASP C 383 -23.72 -9.52 1.42
N GLY C 384 -22.58 -9.75 0.76
CA GLY C 384 -21.58 -10.72 1.26
C GLY C 384 -21.01 -10.25 2.58
N GLY C 385 -20.60 -11.20 3.43
CA GLY C 385 -19.83 -10.89 4.66
C GLY C 385 -18.54 -10.13 4.35
N GLU C 386 -17.73 -9.94 5.38
CA GLU C 386 -16.39 -9.36 5.26
C GLU C 386 -15.40 -10.27 5.98
N GLY C 387 -14.13 -10.09 5.66
CA GLY C 387 -13.00 -10.74 6.36
C GLY C 387 -12.08 -11.35 5.34
N ALA C 388 -10.97 -11.93 5.79
CA ALA C 388 -10.03 -12.65 4.92
C ALA C 388 -10.81 -13.75 4.19
N ALA C 389 -10.65 -13.85 2.86
CA ALA C 389 -11.24 -14.93 2.05
C ALA C 389 -10.28 -15.39 0.93
N VAL C 390 -10.58 -16.55 0.36
CA VAL C 390 -9.83 -17.06 -0.82
C VAL C 390 -10.79 -17.02 -1.99
N ASN C 391 -10.29 -16.60 -3.14
CA ASN C 391 -10.95 -16.70 -4.46
C ASN C 391 -10.12 -17.65 -5.33
N ALA C 392 -10.61 -18.85 -5.53
CA ALA C 392 -9.87 -19.98 -6.13
C ALA C 392 -10.49 -20.33 -7.48
N SER C 393 -9.67 -20.39 -8.52
CA SER C 393 -10.05 -20.94 -9.84
C SER C 393 -9.24 -22.21 -10.11
N LEU C 394 -9.87 -23.23 -10.67
CA LEU C 394 -9.13 -24.38 -11.23
C LEU C 394 -9.36 -24.38 -12.74
N ILE C 395 -8.27 -24.28 -13.48
CA ILE C 395 -8.32 -24.17 -14.96
C ILE C 395 -7.58 -25.36 -15.56
N ASP C 396 -7.83 -25.61 -16.83
CA ASP C 396 -7.21 -26.68 -17.65
C ASP C 396 -6.27 -25.95 -18.62
N LEU C 397 -4.96 -26.09 -18.41
CA LEU C 397 -3.90 -25.54 -19.29
C LEU C 397 -3.76 -26.40 -20.54
N GLY C 398 -4.60 -27.43 -20.70
CA GLY C 398 -4.50 -28.41 -21.80
C GLY C 398 -3.79 -29.70 -21.39
N HIS C 399 -2.63 -29.62 -20.72
CA HIS C 399 -1.79 -30.79 -20.37
C HIS C 399 -1.96 -31.11 -18.90
N ARG C 400 -2.19 -30.10 -18.08
CA ARG C 400 -2.44 -30.28 -16.63
C ARG C 400 -3.37 -29.17 -16.14
N PHE C 401 -3.91 -29.36 -14.94
CA PHE C 401 -4.76 -28.38 -14.21
C PHE C 401 -3.81 -27.49 -13.41
N ARG C 402 -4.24 -26.24 -13.23
CA ARG C 402 -3.61 -25.23 -12.37
C ARG C 402 -4.68 -24.69 -11.43
N LEU C 403 -4.43 -24.79 -10.14
CA LEU C 403 -5.24 -24.17 -9.08
C LEU C 403 -4.66 -22.77 -8.80
N ILE C 404 -5.50 -21.75 -8.90
CA ILE C 404 -5.14 -20.32 -8.71
C ILE C 404 -5.99 -19.80 -7.53
N VAL C 405 -5.34 -19.55 -6.39
CA VAL C 405 -5.93 -18.95 -5.17
C VAL C 405 -5.47 -17.51 -5.06
N ASN C 406 -6.41 -16.56 -5.09
CA ASN C 406 -6.13 -15.15 -4.75
C ASN C 406 -6.64 -14.93 -3.33
N GLU C 407 -5.76 -14.59 -2.39
CA GLU C 407 -6.14 -14.12 -1.03
C GLU C 407 -6.79 -12.75 -1.25
N VAL C 408 -7.95 -12.52 -0.65
CA VAL C 408 -8.72 -11.25 -0.81
C VAL C 408 -9.23 -10.83 0.57
N ASP C 409 -9.61 -9.56 0.72
CA ASP C 409 -10.34 -9.05 1.91
C ASP C 409 -11.70 -8.59 1.40
N ALA C 410 -12.73 -9.35 1.78
CA ALA C 410 -14.15 -9.01 1.58
C ALA C 410 -14.45 -7.89 2.58
N VAL C 411 -15.05 -6.82 2.08
CA VAL C 411 -15.33 -5.56 2.84
C VAL C 411 -16.84 -5.39 2.89
N LYS C 412 -17.34 -4.94 4.05
CA LYS C 412 -18.74 -4.47 4.22
C LYS C 412 -18.95 -3.30 3.25
N PRO C 413 -20.05 -3.30 2.47
CA PRO C 413 -20.30 -2.21 1.53
C PRO C 413 -20.60 -0.89 2.27
N GLU C 414 -20.03 0.21 1.77
CA GLU C 414 -20.19 1.60 2.29
C GLU C 414 -21.55 2.12 1.83
N HIS C 415 -21.80 1.99 0.51
CA HIS C 415 -22.99 2.47 -0.24
C HIS C 415 -23.92 1.29 -0.56
N ASP C 416 -25.21 1.55 -0.76
CA ASP C 416 -26.23 0.54 -1.14
C ASP C 416 -26.21 0.37 -2.66
N MET C 417 -26.54 -0.82 -3.12
CA MET C 417 -26.76 -1.11 -4.56
C MET C 417 -28.22 -1.50 -4.73
N PRO C 418 -29.14 -0.53 -4.54
CA PRO C 418 -30.57 -0.82 -4.48
C PRO C 418 -31.13 -1.26 -5.84
N LYS C 419 -30.46 -0.94 -6.95
CA LYS C 419 -30.91 -1.32 -8.32
C LYS C 419 -30.31 -2.66 -8.73
N LEU C 420 -29.52 -3.32 -7.86
CA LEU C 420 -28.75 -4.52 -8.26
C LEU C 420 -29.52 -5.75 -7.81
N PRO C 421 -30.16 -6.49 -8.75
CA PRO C 421 -31.11 -7.55 -8.40
C PRO C 421 -30.51 -8.87 -7.89
N VAL C 422 -29.18 -8.91 -7.71
CA VAL C 422 -28.42 -10.17 -7.44
C VAL C 422 -27.70 -10.01 -6.12
N ALA C 423 -27.62 -11.09 -5.35
CA ALA C 423 -26.66 -11.18 -4.23
C ALA C 423 -25.28 -10.84 -4.76
N ARG C 424 -24.42 -10.32 -3.90
CA ARG C 424 -23.21 -9.56 -4.31
C ARG C 424 -22.23 -9.63 -3.16
N ILE C 425 -20.97 -9.33 -3.45
CA ILE C 425 -19.93 -9.22 -2.40
C ILE C 425 -18.85 -8.30 -2.95
N LEU C 426 -18.23 -7.51 -2.07
CA LEU C 426 -17.09 -6.65 -2.46
C LEU C 426 -15.86 -7.23 -1.78
N TRP C 427 -14.75 -7.37 -2.52
CA TRP C 427 -13.45 -7.70 -1.90
C TRP C 427 -12.38 -6.80 -2.50
N LYS C 428 -11.42 -6.44 -1.68
CA LYS C 428 -10.08 -5.93 -2.08
C LYS C 428 -9.16 -7.15 -2.18
N PRO C 429 -8.73 -7.55 -3.40
CA PRO C 429 -7.81 -8.66 -3.57
C PRO C 429 -6.37 -8.24 -3.23
N ARG C 430 -5.68 -9.05 -2.45
CA ARG C 430 -4.25 -8.81 -2.17
C ARG C 430 -3.43 -9.24 -3.39
N PRO C 431 -2.25 -8.63 -3.64
CA PRO C 431 -1.76 -7.49 -2.85
C PRO C 431 -2.45 -6.16 -3.16
N SER C 432 -3.14 -6.11 -4.29
CA SER C 432 -3.81 -4.91 -4.83
C SER C 432 -4.71 -5.37 -5.98
N LEU C 433 -5.67 -4.57 -6.39
CA LEU C 433 -6.48 -4.91 -7.59
C LEU C 433 -5.51 -4.93 -8.77
N ARG C 434 -4.73 -3.88 -8.96
CA ARG C 434 -3.77 -3.79 -10.09
C ARG C 434 -2.97 -5.09 -10.25
N ASP C 435 -2.42 -5.64 -9.16
CA ASP C 435 -1.35 -6.67 -9.19
C ASP C 435 -1.98 -8.06 -9.17
N SER C 436 -2.97 -8.30 -8.32
CA SER C 436 -3.69 -9.59 -8.21
C SER C 436 -4.27 -9.95 -9.59
N ALA C 437 -4.98 -8.99 -10.20
CA ALA C 437 -5.74 -9.16 -11.45
C ALA C 437 -4.75 -9.43 -12.57
N GLU C 438 -3.60 -8.77 -12.52
CA GLU C 438 -2.51 -8.99 -13.49
C GLU C 438 -1.95 -10.41 -13.30
N ALA C 439 -1.66 -10.79 -12.06
CA ALA C 439 -1.08 -12.10 -11.72
C ALA C 439 -2.14 -13.15 -12.06
N TRP C 440 -3.38 -12.90 -11.64
CA TRP C 440 -4.55 -13.75 -11.96
C TRP C 440 -4.65 -14.02 -13.46
N ILE C 441 -4.64 -12.95 -14.26
CA ILE C 441 -4.69 -13.02 -15.75
C ILE C 441 -3.48 -13.82 -16.25
N LEU C 442 -2.27 -13.54 -15.78
CA LEU C 442 -1.07 -14.29 -16.23
C LEU C 442 -1.17 -15.76 -15.82
N ALA C 443 -1.77 -16.07 -14.67
CA ALA C 443 -2.06 -17.45 -14.26
C ALA C 443 -3.24 -18.01 -15.08
N GLY C 444 -3.87 -17.21 -15.93
CA GLY C 444 -5.01 -17.61 -16.77
C GLY C 444 -6.21 -17.97 -15.92
N GLY C 445 -6.28 -17.45 -14.70
CA GLY C 445 -7.38 -17.70 -13.75
C GLY C 445 -8.73 -17.46 -14.40
N ALA C 446 -9.72 -18.27 -14.06
CA ALA C 446 -11.07 -18.17 -14.64
C ALA C 446 -11.75 -16.92 -14.07
N HIS C 447 -12.77 -16.45 -14.80
CA HIS C 447 -13.78 -15.51 -14.29
C HIS C 447 -14.64 -16.21 -13.24
N HIS C 448 -14.82 -17.53 -13.32
CA HIS C 448 -15.62 -18.31 -12.36
C HIS C 448 -14.69 -18.78 -11.27
N THR C 449 -15.06 -18.54 -10.03
CA THR C 449 -14.24 -18.96 -8.89
C THR C 449 -15.16 -19.58 -7.87
N CYS C 450 -14.56 -20.24 -6.91
CA CYS C 450 -15.19 -20.50 -5.60
C CYS C 450 -14.55 -19.50 -4.65
N PHE C 451 -15.37 -18.59 -4.14
CA PHE C 451 -14.99 -17.65 -3.05
C PHE C 451 -15.29 -18.36 -1.74
N SER C 452 -14.40 -18.30 -0.76
CA SER C 452 -14.63 -18.89 0.59
C SER C 452 -13.92 -18.06 1.67
N PHE C 453 -14.65 -17.80 2.76
CA PHE C 453 -14.17 -17.14 4.00
C PHE C 453 -13.50 -18.17 4.89
N ALA C 454 -13.59 -19.47 4.57
CA ALA C 454 -13.29 -20.56 5.53
C ALA C 454 -12.16 -21.48 5.06
N VAL C 455 -11.85 -21.53 3.77
CA VAL C 455 -10.72 -22.37 3.24
C VAL C 455 -9.45 -21.53 3.36
N THR C 456 -8.38 -22.08 3.93
CA THR C 456 -7.03 -21.43 3.92
C THR C 456 -6.33 -21.68 2.58
N THR C 457 -5.51 -20.73 2.15
CA THR C 457 -4.45 -20.96 1.14
C THR C 457 -3.82 -22.36 1.34
N GLU C 458 -3.40 -22.67 2.59
CA GLU C 458 -2.62 -23.87 3.00
C GLU C 458 -3.44 -25.11 2.66
N GLN C 459 -4.77 -25.02 2.79
CA GLN C 459 -5.67 -26.16 2.49
C GLN C 459 -5.67 -26.41 0.97
N LEU C 460 -5.74 -25.34 0.18
CA LEU C 460 -5.85 -25.48 -1.29
C LEU C 460 -4.49 -25.93 -1.82
N GLN C 461 -3.42 -25.43 -1.23
CA GLN C 461 -2.06 -25.96 -1.51
C GLN C 461 -2.06 -27.45 -1.15
N ASP C 462 -2.56 -27.81 0.02
CA ASP C 462 -2.55 -29.21 0.49
C ASP C 462 -3.36 -30.07 -0.49
N PHE C 463 -4.46 -29.54 -1.00
CA PHE C 463 -5.33 -30.29 -1.93
C PHE C 463 -4.57 -30.48 -3.24
N ALA C 464 -3.95 -29.40 -3.71
CA ALA C 464 -3.20 -29.39 -4.99
C ALA C 464 -2.10 -30.44 -4.89
N GLU C 465 -1.37 -30.42 -3.77
CA GLU C 465 -0.28 -31.38 -3.50
C GLU C 465 -0.85 -32.81 -3.55
N MET C 466 -2.01 -33.04 -2.93
CA MET C 466 -2.69 -34.36 -2.90
C MET C 466 -3.06 -34.79 -4.32
N ALA C 467 -3.56 -33.88 -5.17
CA ALA C 467 -4.05 -34.24 -6.52
C ALA C 467 -2.91 -34.16 -7.56
N GLY C 468 -1.70 -33.82 -7.13
CA GLY C 468 -0.54 -33.61 -8.01
C GLY C 468 -0.86 -32.58 -9.09
N ILE C 469 -1.35 -31.41 -8.67
CA ILE C 469 -1.52 -30.24 -9.57
C ILE C 469 -0.80 -29.03 -8.98
N GLU C 470 -0.37 -28.16 -9.90
CA GLU C 470 0.17 -26.82 -9.59
C GLU C 470 -0.91 -26.03 -8.84
N CYS C 471 -0.53 -25.46 -7.70
CA CYS C 471 -1.28 -24.39 -7.01
C CYS C 471 -0.46 -23.10 -7.05
N VAL C 472 -0.98 -22.06 -7.71
CA VAL C 472 -0.40 -20.67 -7.73
C VAL C 472 -1.27 -19.81 -6.82
N VAL C 473 -0.62 -19.04 -5.94
CA VAL C 473 -1.24 -18.24 -4.86
C VAL C 473 -0.87 -16.77 -5.07
N ILE C 474 -1.88 -15.90 -5.10
CA ILE C 474 -1.73 -14.44 -5.23
C ILE C 474 -2.19 -13.85 -3.92
N ASN C 475 -1.27 -13.34 -3.11
CA ASN C 475 -1.61 -12.73 -1.79
C ASN C 475 -0.78 -11.46 -1.64
N GLU C 476 -0.64 -10.95 -0.40
CA GLU C 476 0.07 -9.69 -0.03
C GLU C 476 1.57 -9.75 -0.41
N HIS C 477 2.15 -10.94 -0.61
CA HIS C 477 3.60 -11.14 -0.90
C HIS C 477 3.87 -11.28 -2.40
N THR C 478 2.82 -11.42 -3.22
CA THR C 478 2.98 -11.55 -4.68
C THR C 478 3.51 -10.25 -5.26
N SER C 479 4.56 -10.32 -6.06
CA SER C 479 4.88 -9.30 -7.08
C SER C 479 4.91 -10.01 -8.43
N VAL C 480 4.53 -9.31 -9.48
CA VAL C 480 4.16 -9.92 -10.77
C VAL C 480 5.43 -10.48 -11.43
N SER C 481 6.56 -9.80 -11.27
CA SER C 481 7.85 -10.20 -11.85
C SER C 481 8.18 -11.59 -11.32
N SER C 482 8.10 -11.81 -10.00
CA SER C 482 8.36 -13.13 -9.37
C SER C 482 7.31 -14.13 -9.85
N PHE C 483 6.03 -13.76 -9.72
CA PHE C 483 4.89 -14.65 -10.04
C PHE C 483 5.14 -15.22 -11.43
N LYS C 484 5.55 -14.40 -12.38
CA LYS C 484 5.74 -14.81 -13.80
C LYS C 484 6.78 -15.92 -13.80
N ASN C 485 7.92 -15.68 -13.15
CA ASN C 485 9.03 -16.65 -13.05
C ASN C 485 8.54 -17.95 -12.43
N GLU C 486 7.76 -17.84 -11.35
CA GLU C 486 7.26 -19.05 -10.64
C GLU C 486 6.32 -19.79 -11.61
N LEU C 487 5.52 -19.11 -12.43
CA LEU C 487 4.68 -19.79 -13.46
C LEU C 487 5.59 -20.56 -14.43
N LYS C 488 6.73 -19.98 -14.81
CA LYS C 488 7.64 -20.59 -15.81
C LYS C 488 8.33 -21.80 -15.19
N TRP C 489 8.83 -21.68 -13.96
CA TRP C 489 9.55 -22.80 -13.28
C TRP C 489 8.57 -23.91 -12.88
N ASN C 490 7.38 -23.54 -12.43
CA ASN C 490 6.29 -24.49 -12.14
C ASN C 490 5.95 -25.21 -13.43
N GLU C 491 5.82 -24.48 -14.53
CA GLU C 491 5.41 -25.14 -15.80
C GLU C 491 6.35 -26.33 -16.07
N VAL C 492 7.66 -26.14 -15.89
CA VAL C 492 8.71 -27.12 -16.30
C VAL C 492 8.67 -28.29 -15.32
N PHE C 493 8.40 -28.03 -14.03
CA PHE C 493 8.26 -29.10 -13.05
C PHE C 493 6.99 -29.93 -13.34
N TRP C 494 5.84 -29.29 -13.59
CA TRP C 494 4.51 -29.99 -13.60
C TRP C 494 4.20 -30.75 -14.91
N ARG C 495 4.97 -30.55 -15.97
CA ARG C 495 4.60 -31.08 -17.31
C ARG C 495 4.88 -32.59 -17.31
N GLY C 496 3.87 -33.41 -17.58
CA GLY C 496 3.93 -34.89 -17.61
C GLY C 496 4.17 -35.51 -16.24
N ARG C 497 3.36 -35.11 -15.25
CA ARG C 497 3.49 -35.58 -13.84
C ARG C 497 2.20 -36.21 -13.33
N LEU D 3 -22.01 -30.74 -50.32
CA LEU D 3 -21.51 -29.65 -49.39
C LEU D 3 -20.31 -28.95 -50.02
N SER D 4 -20.57 -27.73 -50.54
CA SER D 4 -19.66 -26.88 -51.35
C SER D 4 -18.38 -26.54 -50.57
N LEU D 5 -17.25 -26.54 -51.28
CA LEU D 5 -15.98 -25.93 -50.79
C LEU D 5 -16.00 -24.45 -51.15
N ARG D 6 -15.08 -23.67 -50.57
CA ARG D 6 -14.72 -22.29 -51.02
C ARG D 6 -13.78 -22.48 -52.21
N PRO D 7 -13.70 -21.54 -53.18
CA PRO D 7 -12.82 -21.74 -54.34
C PRO D 7 -11.36 -21.78 -53.86
N TYR D 8 -10.86 -22.96 -53.56
CA TYR D 8 -9.56 -23.13 -52.86
C TYR D 8 -8.45 -23.18 -53.93
N GLU D 9 -7.38 -22.44 -53.71
CA GLU D 9 -6.23 -22.33 -54.64
C GLU D 9 -4.91 -22.42 -53.89
N PHE D 10 -3.91 -22.95 -54.58
CA PHE D 10 -2.52 -23.09 -54.12
C PHE D 10 -1.68 -22.02 -54.83
N TRP D 11 -0.93 -21.24 -54.05
CA TRP D 11 0.02 -20.21 -54.53
C TRP D 11 1.38 -20.85 -54.79
N PHE D 12 1.81 -20.87 -56.03
CA PHE D 12 3.19 -21.23 -56.43
C PHE D 12 4.07 -20.01 -56.17
N VAL D 13 5.05 -20.14 -55.27
CA VAL D 13 5.97 -19.02 -54.90
C VAL D 13 7.36 -19.45 -55.33
N THR D 14 8.00 -18.67 -56.20
CA THR D 14 9.31 -19.01 -56.79
C THR D 14 10.35 -18.07 -56.18
N GLY D 15 11.42 -18.64 -55.63
CA GLY D 15 12.46 -17.88 -54.93
C GLY D 15 13.64 -17.61 -55.85
N SER D 16 14.16 -16.39 -55.79
CA SER D 16 15.51 -16.00 -56.29
C SER D 16 16.00 -14.83 -55.42
N GLN D 17 16.98 -14.01 -55.84
CA GLN D 17 17.42 -12.83 -55.05
C GLN D 17 17.60 -11.62 -55.99
N HIS D 18 18.68 -11.54 -56.77
CA HIS D 18 19.16 -10.35 -57.53
C HIS D 18 20.39 -10.70 -58.38
N LEU D 19 21.33 -11.47 -57.81
CA LEU D 19 22.52 -12.02 -58.50
C LEU D 19 22.10 -12.60 -59.85
N GLY D 21 20.33 -10.90 -62.67
CA GLY D 21 19.82 -9.83 -63.55
C GLY D 21 18.31 -9.93 -63.76
N GLU D 22 17.67 -8.85 -64.22
CA GLU D 22 16.21 -8.80 -64.53
C GLU D 22 15.89 -9.85 -65.60
N GLU D 23 16.82 -10.12 -66.53
CA GLU D 23 16.65 -11.04 -67.69
C GLU D 23 16.50 -12.47 -67.18
N ALA D 24 17.36 -12.88 -66.23
CA ALA D 24 17.26 -14.18 -65.54
C ALA D 24 15.95 -14.18 -64.72
N LEU D 25 15.67 -13.11 -63.97
CA LEU D 25 14.45 -13.00 -63.12
C LEU D 25 13.19 -13.19 -63.98
N LYS D 26 13.17 -12.70 -65.23
CA LYS D 26 11.99 -12.86 -66.13
C LYS D 26 11.99 -14.28 -66.74
N GLN D 27 13.16 -14.92 -66.87
CA GLN D 27 13.26 -16.33 -67.33
C GLN D 27 12.69 -17.24 -66.23
N VAL D 28 13.04 -16.95 -64.97
CA VAL D 28 12.48 -17.61 -63.73
C VAL D 28 10.96 -17.48 -63.75
N GLU D 29 10.48 -16.25 -63.98
CA GLU D 29 9.05 -15.87 -63.96
C GLU D 29 8.30 -16.67 -65.02
N GLU D 30 8.76 -16.68 -66.27
CA GLU D 30 8.00 -17.37 -67.34
C GLU D 30 8.03 -18.88 -67.04
N HIS D 31 9.18 -19.41 -66.63
CA HIS D 31 9.34 -20.83 -66.20
C HIS D 31 8.22 -21.18 -65.24
N SER D 32 8.07 -20.40 -64.18
CA SER D 32 7.03 -20.58 -63.13
C SER D 32 5.63 -20.53 -63.74
N ARG D 33 5.28 -19.43 -64.44
CA ARG D 33 3.94 -19.21 -65.10
C ARG D 33 3.58 -20.41 -65.99
N ILE D 34 4.52 -20.85 -66.84
CA ILE D 34 4.38 -22.04 -67.73
C ILE D 34 4.01 -23.24 -66.85
N MET D 35 4.85 -23.53 -65.84
CA MET D 35 4.63 -24.64 -64.88
C MET D 35 3.21 -24.55 -64.29
N VAL D 36 2.80 -23.37 -63.80
CA VAL D 36 1.48 -23.18 -63.14
C VAL D 36 0.35 -23.36 -64.17
N ASN D 37 0.55 -22.84 -65.40
CA ASN D 37 -0.43 -22.92 -66.50
C ASN D 37 -0.63 -24.38 -66.92
N GLU D 38 0.46 -25.16 -67.05
CA GLU D 38 0.33 -26.57 -67.49
C GLU D 38 -0.19 -27.45 -66.34
N TRP D 39 -0.08 -26.98 -65.09
CA TRP D 39 -0.58 -27.73 -63.92
C TRP D 39 -2.10 -27.61 -63.86
N ASN D 40 -2.64 -26.44 -64.25
CA ASN D 40 -4.10 -26.17 -64.24
C ASN D 40 -4.78 -26.94 -65.38
N ARG D 41 -3.97 -27.49 -66.30
CA ARG D 41 -4.42 -28.22 -67.50
C ARG D 41 -3.93 -29.69 -67.49
N ASP D 42 -3.31 -30.14 -66.39
CA ASP D 42 -3.03 -31.58 -66.09
C ASP D 42 -4.15 -32.01 -65.14
N SER D 43 -4.95 -33.03 -65.55
CA SER D 43 -6.21 -33.47 -64.87
C SER D 43 -5.89 -34.11 -63.51
N VAL D 44 -4.61 -34.33 -63.20
CA VAL D 44 -4.15 -34.89 -61.90
C VAL D 44 -4.34 -33.82 -60.80
N PHE D 45 -3.98 -32.56 -61.09
CA PHE D 45 -3.95 -31.43 -60.12
C PHE D 45 -5.35 -30.93 -59.81
N PRO D 46 -5.82 -31.06 -58.54
CA PRO D 46 -7.25 -31.02 -58.24
C PRO D 46 -7.79 -29.60 -57.99
N PHE D 47 -6.94 -28.62 -57.66
CA PHE D 47 -7.36 -27.22 -57.37
C PHE D 47 -6.47 -26.22 -58.11
N PRO D 48 -6.97 -25.01 -58.42
CA PRO D 48 -6.18 -24.04 -59.17
C PRO D 48 -4.90 -23.53 -58.49
N PHE D 49 -3.76 -23.70 -59.18
CA PHE D 49 -2.44 -23.11 -58.84
C PHE D 49 -2.38 -21.70 -59.40
N VAL D 50 -1.92 -20.76 -58.57
CA VAL D 50 -1.73 -19.34 -58.94
C VAL D 50 -0.23 -19.02 -58.80
N PHE D 51 0.46 -18.72 -59.90
CA PHE D 51 1.78 -18.04 -59.84
C PHE D 51 1.59 -16.74 -59.04
N LYS D 52 2.43 -16.53 -58.03
CA LYS D 52 2.27 -15.37 -57.13
C LYS D 52 3.34 -14.34 -57.45
N SER D 53 4.60 -14.74 -57.38
CA SER D 53 5.77 -13.86 -57.55
C SER D 53 7.00 -14.72 -57.69
N VAL D 54 7.97 -14.22 -58.43
CA VAL D 54 9.40 -14.48 -58.14
C VAL D 54 9.67 -13.63 -56.90
N VAL D 55 10.05 -14.29 -55.79
CA VAL D 55 10.42 -13.59 -54.53
C VAL D 55 11.95 -13.55 -54.45
N THR D 56 12.46 -12.45 -53.92
CA THR D 56 13.82 -11.93 -54.23
C THR D 56 14.41 -11.24 -53.02
N THR D 57 13.55 -10.79 -52.11
CA THR D 57 13.91 -9.95 -50.95
C THR D 57 13.21 -10.54 -49.73
N PRO D 58 13.72 -10.29 -48.50
CA PRO D 58 12.95 -10.57 -47.29
C PRO D 58 11.52 -10.00 -47.32
N GLU D 59 11.38 -8.70 -47.61
CA GLU D 59 10.09 -7.96 -47.57
C GLU D 59 9.13 -8.63 -48.58
N GLU D 60 9.65 -9.07 -49.73
CA GLU D 60 8.82 -9.73 -50.78
C GLU D 60 8.39 -11.13 -50.32
N ILE D 61 9.31 -11.92 -49.76
CA ILE D 61 9.01 -13.25 -49.17
C ILE D 61 7.95 -13.08 -48.09
N ARG D 62 8.15 -12.14 -47.17
CA ARG D 62 7.27 -11.98 -46.00
C ARG D 62 5.87 -11.54 -46.46
N ARG D 63 5.80 -10.68 -47.49
CA ARG D 63 4.52 -10.09 -47.98
C ARG D 63 3.63 -11.22 -48.48
N VAL D 64 4.18 -12.05 -49.35
CA VAL D 64 3.42 -13.14 -50.03
C VAL D 64 3.03 -14.17 -48.97
N CYS D 65 3.83 -14.32 -47.90
CA CYS D 65 3.52 -15.22 -46.75
C CYS D 65 2.38 -14.62 -45.91
N LEU D 66 2.43 -13.32 -45.63
CA LEU D 66 1.32 -12.60 -44.96
C LEU D 66 0.04 -12.68 -45.83
N GLU D 67 0.16 -12.39 -47.12
CA GLU D 67 -0.94 -12.48 -48.12
C GLU D 67 -1.59 -13.87 -48.01
N ALA D 68 -0.75 -14.92 -48.01
CA ALA D 68 -1.13 -16.35 -47.95
C ALA D 68 -1.92 -16.67 -46.67
N ASN D 69 -1.56 -16.08 -45.53
CA ASN D 69 -2.30 -16.25 -44.25
C ASN D 69 -3.68 -15.63 -44.35
N ALA D 70 -3.78 -14.43 -44.92
CA ALA D 70 -5.02 -13.61 -44.93
C ALA D 70 -5.99 -14.16 -45.98
N SER D 71 -5.45 -14.76 -47.04
CA SER D 71 -6.24 -15.28 -48.17
C SER D 71 -6.96 -16.55 -47.73
N GLU D 72 -8.26 -16.43 -47.42
CA GLU D 72 -9.08 -17.58 -46.97
C GLU D 72 -9.17 -18.62 -48.10
N GLN D 73 -8.87 -18.22 -49.32
CA GLN D 73 -8.91 -19.06 -50.55
C GLN D 73 -7.56 -19.78 -50.73
N CYS D 74 -6.49 -19.29 -50.11
CA CYS D 74 -5.16 -19.95 -50.10
C CYS D 74 -5.22 -21.14 -49.16
N ALA D 75 -5.04 -22.35 -49.69
CA ALA D 75 -5.18 -23.64 -48.96
C ALA D 75 -3.79 -24.16 -48.58
N GLY D 76 -2.81 -23.82 -49.40
CA GLY D 76 -1.39 -24.07 -49.18
C GLY D 76 -0.52 -23.22 -50.08
N VAL D 77 0.77 -23.19 -49.80
CA VAL D 77 1.78 -22.41 -50.56
C VAL D 77 2.80 -23.42 -51.06
N VAL D 78 3.06 -23.44 -52.36
CA VAL D 78 4.10 -24.31 -52.99
C VAL D 78 5.31 -23.42 -53.29
N THR D 79 6.43 -23.66 -52.60
CA THR D 79 7.69 -22.88 -52.78
C THR D 79 8.64 -23.71 -53.64
N TRP D 80 9.25 -23.06 -54.60
CA TRP D 80 10.34 -23.62 -55.43
C TRP D 80 11.42 -22.56 -55.52
N MET D 81 12.63 -22.91 -55.10
CA MET D 81 13.83 -22.06 -55.25
C MET D 81 14.41 -22.41 -56.63
N HIS D 82 14.02 -21.63 -57.65
CA HIS D 82 14.47 -21.76 -59.06
C HIS D 82 15.99 -21.57 -59.08
N THR D 83 16.41 -20.43 -58.57
CA THR D 83 17.83 -20.04 -58.41
C THR D 83 18.25 -20.35 -56.97
N PHE D 84 19.49 -20.08 -56.63
CA PHE D 84 19.89 -19.90 -55.22
C PHE D 84 19.05 -18.76 -54.68
N SER D 85 18.47 -18.93 -53.50
CA SER D 85 17.64 -17.91 -52.80
C SER D 85 18.06 -17.87 -51.33
N PRO D 86 19.15 -17.11 -51.04
CA PRO D 86 19.74 -17.07 -49.70
C PRO D 86 18.64 -17.07 -48.64
N ALA D 87 18.61 -18.12 -47.81
CA ALA D 87 17.41 -18.56 -47.06
C ALA D 87 17.20 -17.69 -45.82
N LYS D 88 18.19 -16.92 -45.38
CA LYS D 88 17.93 -15.97 -44.26
C LYS D 88 16.84 -15.00 -44.71
N MET D 89 16.81 -14.68 -45.99
CA MET D 89 15.76 -13.83 -46.61
C MET D 89 14.38 -14.40 -46.31
N TRP D 90 14.30 -15.72 -46.22
CA TRP D 90 13.04 -16.47 -46.05
C TRP D 90 12.58 -16.51 -44.59
N ILE D 91 13.45 -16.21 -43.62
CA ILE D 91 13.11 -16.46 -42.18
C ILE D 91 11.77 -15.78 -41.85
N GLY D 92 11.70 -14.45 -42.00
CA GLY D 92 10.53 -13.64 -41.62
C GLY D 92 9.27 -14.19 -42.29
N GLY D 93 9.36 -14.56 -43.55
CA GLY D 93 8.24 -15.12 -44.32
C GLY D 93 7.78 -16.44 -43.74
N LEU D 94 8.69 -17.39 -43.61
CA LEU D 94 8.40 -18.74 -43.07
C LEU D 94 7.91 -18.63 -41.62
N LEU D 95 8.43 -17.69 -40.84
CA LEU D 95 8.00 -17.55 -39.43
C LEU D 95 6.54 -17.15 -39.43
N GLU D 96 6.12 -16.45 -40.48
CA GLU D 96 4.78 -15.82 -40.63
C GLU D 96 3.83 -16.82 -41.29
N LEU D 97 4.35 -17.73 -42.10
CA LEU D 97 3.54 -18.67 -42.90
C LEU D 97 2.85 -19.64 -41.95
N ARG D 98 1.54 -19.80 -42.11
CA ARG D 98 0.68 -20.66 -41.28
C ARG D 98 -0.33 -21.39 -42.16
N LYS D 99 -0.10 -21.35 -43.46
CA LYS D 99 -0.82 -22.17 -44.46
C LYS D 99 0.09 -23.35 -44.78
N PRO D 100 -0.46 -24.56 -44.99
CA PRO D 100 0.37 -25.71 -45.32
C PRO D 100 1.43 -25.29 -46.37
N LEU D 101 2.62 -25.88 -46.27
CA LEU D 101 3.76 -25.59 -47.17
C LEU D 101 4.13 -26.86 -47.91
N LEU D 102 4.06 -26.82 -49.24
CA LEU D 102 4.80 -27.78 -50.10
C LEU D 102 6.10 -27.11 -50.54
N HIS D 103 7.23 -27.71 -50.19
CA HIS D 103 8.52 -27.44 -50.86
C HIS D 103 8.54 -28.32 -52.10
N LEU D 104 8.30 -27.71 -53.26
CA LEU D 104 8.50 -28.42 -54.54
C LEU D 104 9.97 -28.24 -54.90
N HIS D 105 10.72 -29.31 -54.69
CA HIS D 105 12.12 -29.43 -55.11
C HIS D 105 12.09 -29.93 -56.54
N THR D 106 12.04 -29.01 -57.50
CA THR D 106 11.93 -29.33 -58.94
C THR D 106 13.00 -28.60 -59.74
N GLN D 107 13.01 -28.87 -61.04
CA GLN D 107 13.84 -28.22 -62.08
C GLN D 107 12.93 -28.02 -63.29
N PHE D 108 12.92 -26.81 -63.89
CA PHE D 108 12.11 -26.48 -65.09
C PHE D 108 12.43 -27.52 -66.18
N ASN D 109 13.69 -27.58 -66.60
CA ASN D 109 14.19 -28.58 -67.57
C ASN D 109 14.32 -29.92 -66.86
N ARG D 110 14.07 -31.03 -67.56
CA ARG D 110 14.14 -32.43 -67.04
C ARG D 110 15.57 -32.97 -67.15
N ASP D 111 16.19 -32.79 -68.31
CA ASP D 111 17.53 -33.33 -68.63
C ASP D 111 18.57 -32.21 -68.71
N ILE D 112 19.79 -32.55 -68.32
CA ILE D 112 20.97 -31.65 -68.40
C ILE D 112 21.25 -31.51 -69.89
N PRO D 113 21.15 -30.30 -70.44
CA PRO D 113 21.49 -30.09 -71.85
C PRO D 113 23.01 -30.27 -71.93
N TRP D 114 23.46 -31.44 -72.35
CA TRP D 114 24.88 -31.87 -72.17
C TRP D 114 25.87 -31.04 -73.02
N ASP D 115 25.44 -30.43 -74.13
CA ASP D 115 26.32 -29.62 -75.02
C ASP D 115 26.07 -28.12 -74.81
N SER D 116 24.82 -27.75 -74.51
CA SER D 116 24.42 -26.37 -74.16
C SER D 116 24.95 -25.99 -72.77
N ILE D 117 25.08 -26.97 -71.86
CA ILE D 117 25.36 -26.72 -70.40
C ILE D 117 26.48 -25.69 -70.30
N ASP D 118 26.15 -24.52 -69.75
CA ASP D 118 27.03 -23.34 -69.69
C ASP D 118 26.90 -22.78 -68.27
N MET D 119 27.64 -21.72 -67.94
CA MET D 119 27.60 -21.06 -66.62
C MET D 119 26.28 -20.27 -66.48
N ASP D 120 25.77 -19.70 -67.58
CA ASP D 120 24.52 -18.87 -67.58
C ASP D 120 23.29 -19.73 -67.25
N PHE D 121 23.20 -20.92 -67.87
CA PHE D 121 22.15 -21.94 -67.60
C PHE D 121 22.21 -22.32 -66.12
N MET D 122 23.42 -22.67 -65.69
CA MET D 122 23.73 -23.17 -64.32
C MET D 122 23.46 -22.05 -63.30
N ASN D 123 23.87 -20.82 -63.61
CA ASN D 123 23.60 -19.61 -62.78
C ASN D 123 22.08 -19.48 -62.59
N LEU D 124 21.28 -19.97 -63.54
CA LEU D 124 19.80 -19.73 -63.57
C LEU D 124 19.04 -20.92 -62.98
N ASN D 125 19.34 -22.17 -63.41
CA ASN D 125 18.65 -23.39 -62.91
C ASN D 125 19.47 -24.03 -61.78
N GLN D 126 19.32 -23.46 -60.58
CA GLN D 126 20.17 -23.71 -59.40
C GLN D 126 19.44 -24.55 -58.33
N SER D 127 18.19 -24.95 -58.55
CA SER D 127 17.29 -25.52 -57.51
C SER D 127 18.02 -26.61 -56.71
N ALA D 128 18.79 -27.45 -57.40
CA ALA D 128 19.62 -28.53 -56.80
C ALA D 128 20.21 -28.07 -55.46
N HIS D 129 20.73 -26.84 -55.40
CA HIS D 129 21.29 -26.26 -54.16
C HIS D 129 20.35 -25.24 -53.54
N GLY D 130 19.66 -24.43 -54.34
CA GLY D 130 18.77 -23.36 -53.85
C GLY D 130 17.66 -23.95 -52.99
N ASP D 131 17.08 -25.08 -53.41
CA ASP D 131 16.10 -25.88 -52.62
C ASP D 131 16.78 -26.53 -51.39
N ARG D 132 18.05 -26.89 -51.47
CA ARG D 132 18.78 -27.46 -50.29
C ARG D 132 18.94 -26.37 -49.22
N GLU D 133 19.37 -25.17 -49.61
CA GLU D 133 19.53 -23.99 -48.70
C GLU D 133 18.19 -23.64 -48.06
N PHE D 134 17.10 -23.70 -48.84
CA PHE D 134 15.71 -23.53 -48.34
C PHE D 134 15.33 -24.74 -47.47
N GLY D 135 15.72 -25.95 -47.88
CA GLY D 135 15.44 -27.16 -47.10
C GLY D 135 15.90 -26.88 -45.70
N PHE D 136 17.16 -26.45 -45.62
CA PHE D 136 17.89 -26.19 -44.35
C PHE D 136 17.09 -25.23 -43.50
N MET D 137 16.68 -24.11 -44.12
CA MET D 137 16.07 -23.00 -43.36
C MET D 137 14.73 -23.48 -42.80
N VAL D 138 13.97 -24.22 -43.61
CA VAL D 138 12.63 -24.70 -43.15
C VAL D 138 12.84 -25.74 -42.04
N THR D 139 13.75 -26.69 -42.24
CA THR D 139 14.14 -27.70 -41.22
C THR D 139 14.63 -26.98 -39.96
N ARG D 140 15.43 -25.93 -40.14
CA ARG D 140 16.09 -25.16 -39.05
C ARG D 140 15.02 -24.50 -38.19
N LEU D 141 13.92 -24.01 -38.76
CA LEU D 141 12.84 -23.34 -37.98
C LEU D 141 11.82 -24.40 -37.52
N GLY D 142 12.10 -25.68 -37.77
CA GLY D 142 11.35 -26.80 -37.19
C GLY D 142 9.97 -26.90 -37.78
N MET D 143 9.79 -26.39 -39.00
CA MET D 143 8.43 -26.18 -39.58
C MET D 143 8.00 -27.46 -40.29
N PRO D 144 6.74 -27.89 -40.09
CA PRO D 144 6.20 -29.01 -40.86
C PRO D 144 5.99 -28.60 -42.32
N ARG D 145 6.50 -29.40 -43.25
CA ARG D 145 6.33 -29.14 -44.70
C ARG D 145 6.32 -30.47 -45.44
N LYS D 146 5.77 -30.45 -46.63
CA LYS D 146 5.81 -31.57 -47.60
C LYS D 146 7.00 -31.32 -48.51
N VAL D 147 7.71 -32.36 -48.90
CA VAL D 147 8.86 -32.21 -49.84
C VAL D 147 8.62 -33.18 -50.98
N ILE D 148 8.45 -32.67 -52.19
CA ILE D 148 8.25 -33.54 -53.39
C ILE D 148 9.41 -33.24 -54.31
N VAL D 149 10.23 -34.24 -54.57
CA VAL D 149 11.35 -34.09 -55.52
C VAL D 149 10.92 -34.70 -56.86
N GLY D 150 11.11 -33.94 -57.94
CA GLY D 150 10.97 -34.44 -59.30
C GLY D 150 10.85 -33.29 -60.27
N HIS D 151 10.99 -33.59 -61.56
CA HIS D 151 10.71 -32.65 -62.68
C HIS D 151 9.22 -32.27 -62.62
N TRP D 152 8.90 -31.01 -62.84
CA TRP D 152 7.54 -30.49 -62.59
C TRP D 152 6.52 -31.16 -63.50
N GLN D 153 6.95 -31.79 -64.60
CA GLN D 153 6.02 -32.50 -65.53
C GLN D 153 5.82 -33.94 -65.04
N ASP D 154 6.47 -34.39 -63.96
CA ASP D 154 6.54 -35.85 -63.69
C ASP D 154 5.15 -36.35 -63.30
N ALA D 155 4.77 -37.53 -63.76
CA ALA D 155 3.43 -38.07 -63.47
C ALA D 155 3.29 -38.23 -61.95
N GLU D 156 4.28 -38.83 -61.29
CA GLU D 156 4.27 -39.15 -59.83
C GLU D 156 4.29 -37.85 -58.99
N VAL D 157 5.10 -36.87 -59.40
CA VAL D 157 5.06 -35.50 -58.84
C VAL D 157 3.61 -35.03 -58.86
N ALA D 158 2.93 -35.18 -59.99
CA ALA D 158 1.51 -34.77 -60.16
C ALA D 158 0.67 -35.47 -59.08
N ARG D 159 0.81 -36.79 -58.95
CA ARG D 159 0.00 -37.64 -58.01
C ARG D 159 0.32 -37.28 -56.56
N ARG D 160 1.60 -37.09 -56.23
CA ARG D 160 2.02 -36.70 -54.86
C ARG D 160 1.46 -35.31 -54.56
N VAL D 161 1.58 -34.36 -55.49
CA VAL D 161 1.14 -32.96 -55.27
C VAL D 161 -0.37 -32.93 -55.02
N ARG D 162 -1.18 -33.71 -55.74
CA ARG D 162 -2.65 -33.59 -55.55
C ARG D 162 -3.08 -34.25 -54.25
N GLY D 163 -2.52 -35.41 -53.91
CA GLY D 163 -2.77 -36.08 -52.62
C GLY D 163 -2.53 -35.09 -51.49
N TRP D 164 -1.44 -34.35 -51.57
CA TRP D 164 -1.08 -33.31 -50.59
C TRP D 164 -2.10 -32.16 -50.66
N ALA D 165 -2.43 -31.70 -51.86
CA ALA D 165 -3.40 -30.60 -52.11
C ALA D 165 -4.75 -30.97 -51.48
N MET D 166 -5.22 -32.20 -51.68
CA MET D 166 -6.49 -32.64 -51.03
C MET D 166 -6.32 -32.44 -49.52
N THR D 167 -5.20 -32.88 -48.95
CA THR D 167 -4.92 -32.76 -47.50
C THR D 167 -4.94 -31.28 -47.08
N ALA D 168 -4.26 -30.41 -47.83
CA ALA D 168 -4.21 -28.95 -47.54
C ALA D 168 -5.63 -28.38 -47.55
N VAL D 169 -6.44 -28.76 -48.53
CA VAL D 169 -7.85 -28.34 -48.59
C VAL D 169 -8.57 -28.85 -47.34
N ALA D 170 -8.33 -30.10 -46.96
CA ALA D 170 -8.92 -30.67 -45.73
C ALA D 170 -8.53 -29.79 -44.53
N ALA D 171 -7.32 -29.25 -44.52
CA ALA D 171 -6.79 -28.45 -43.40
C ALA D 171 -7.45 -27.06 -43.41
N ALA D 172 -7.65 -26.47 -44.58
CA ALA D 172 -8.29 -25.15 -44.75
C ALA D 172 -9.71 -25.20 -44.16
N VAL D 173 -10.45 -26.26 -44.50
CA VAL D 173 -11.81 -26.58 -43.97
C VAL D 173 -11.69 -26.79 -42.45
N SER D 174 -10.69 -27.56 -42.02
CA SER D 174 -10.31 -27.70 -40.59
C SER D 174 -10.21 -26.31 -39.92
N ARG D 175 -9.47 -25.33 -40.48
CA ARG D 175 -9.28 -24.00 -39.83
C ARG D 175 -10.66 -23.39 -39.48
N GLY D 176 -11.59 -23.33 -40.44
CA GLY D 176 -12.92 -22.73 -40.17
C GLY D 176 -13.99 -23.68 -39.60
N LEU D 177 -13.67 -24.97 -39.40
CA LEU D 177 -14.68 -26.05 -39.24
C LEU D 177 -15.53 -25.81 -37.99
N LYS D 178 -16.84 -25.69 -38.18
CA LYS D 178 -17.81 -25.51 -37.08
C LYS D 178 -18.56 -26.82 -36.89
N VAL D 179 -18.49 -27.33 -35.67
CA VAL D 179 -19.09 -28.61 -35.27
C VAL D 179 -20.21 -28.23 -34.32
N ALA D 180 -21.42 -28.68 -34.60
CA ALA D 180 -22.57 -28.49 -33.72
C ALA D 180 -22.81 -29.83 -33.02
N ARG D 181 -22.83 -29.82 -31.71
CA ARG D 181 -23.12 -31.00 -30.87
C ARG D 181 -24.54 -30.80 -30.34
N PHE D 182 -25.42 -31.76 -30.60
CA PHE D 182 -26.79 -31.82 -30.06
C PHE D 182 -26.82 -32.83 -28.91
N GLY D 183 -26.32 -32.41 -27.76
CA GLY D 183 -26.23 -33.25 -26.56
C GLY D 183 -24.78 -33.42 -26.15
N ASP D 184 -24.57 -33.76 -24.88
CA ASP D 184 -23.20 -34.00 -24.33
C ASP D 184 -22.73 -35.41 -24.71
N ASN D 185 -21.46 -35.70 -24.46
CA ASN D 185 -20.89 -37.05 -24.62
C ASN D 185 -21.83 -38.06 -23.99
N MET D 186 -21.90 -39.27 -24.56
CA MET D 186 -22.49 -40.46 -23.90
C MET D 186 -21.84 -40.60 -22.53
N ARG D 187 -22.60 -40.47 -21.45
CA ARG D 187 -22.11 -40.44 -20.06
C ARG D 187 -21.12 -41.57 -19.83
N GLN D 188 -20.09 -41.29 -19.04
CA GLN D 188 -19.11 -42.29 -18.53
C GLN D 188 -18.17 -42.74 -19.66
N VAL D 189 -18.29 -42.20 -20.89
CA VAL D 189 -17.43 -42.59 -22.06
C VAL D 189 -16.17 -41.71 -22.11
N ALA D 190 -15.01 -42.34 -22.33
CA ALA D 190 -13.69 -41.68 -22.17
C ALA D 190 -13.22 -41.10 -23.50
N VAL D 191 -13.30 -41.88 -24.58
CA VAL D 191 -12.48 -41.64 -25.82
C VAL D 191 -13.12 -40.54 -26.66
N THR D 192 -14.43 -40.32 -26.52
CA THR D 192 -15.14 -39.24 -27.25
C THR D 192 -14.94 -37.93 -26.49
N GLU D 193 -14.43 -38.02 -25.27
CA GLU D 193 -14.03 -36.84 -24.47
C GLU D 193 -12.67 -36.35 -24.95
N GLY D 194 -12.39 -35.07 -24.74
CA GLY D 194 -11.08 -34.41 -24.90
C GLY D 194 -11.22 -32.90 -24.78
N ASP D 195 -10.30 -32.14 -25.36
CA ASP D 195 -10.21 -30.70 -25.09
C ASP D 195 -10.53 -29.94 -26.37
N LYS D 196 -11.74 -29.38 -26.43
CA LYS D 196 -12.25 -28.58 -27.56
C LYS D 196 -11.32 -27.36 -27.73
N VAL D 197 -10.83 -26.80 -26.64
CA VAL D 197 -9.87 -25.65 -26.66
C VAL D 197 -8.59 -26.12 -27.37
N GLU D 198 -8.06 -27.26 -26.98
CA GLU D 198 -6.81 -27.78 -27.62
C GLU D 198 -7.11 -28.04 -29.10
N ALA D 199 -8.24 -28.67 -29.34
CA ALA D 199 -8.65 -29.08 -30.69
C ALA D 199 -8.80 -27.83 -31.54
N GLU D 200 -9.31 -26.74 -30.98
CA GLU D 200 -9.53 -25.48 -31.74
C GLU D 200 -8.17 -24.82 -31.99
N ALA D 201 -7.29 -24.85 -30.97
CA ALA D 201 -5.89 -24.36 -31.07
C ALA D 201 -5.13 -25.20 -32.10
N ARG D 202 -5.30 -26.51 -32.06
CA ARG D 202 -4.49 -27.45 -32.87
C ARG D 202 -5.03 -27.57 -34.29
N PHE D 203 -6.34 -27.66 -34.45
CA PHE D 203 -6.97 -27.99 -35.75
C PHE D 203 -7.89 -26.88 -36.24
N GLY D 204 -8.20 -25.87 -35.43
CA GLY D 204 -9.12 -24.78 -35.83
C GLY D 204 -10.58 -25.11 -35.58
N TRP D 205 -10.91 -26.34 -35.21
CA TRP D 205 -12.32 -26.78 -35.10
C TRP D 205 -13.01 -25.91 -34.09
N SER D 206 -14.18 -25.39 -34.45
CA SER D 206 -15.15 -24.76 -33.53
C SER D 206 -16.17 -25.84 -33.14
N VAL D 207 -16.18 -26.23 -31.87
CA VAL D 207 -17.06 -27.30 -31.33
C VAL D 207 -17.89 -26.70 -30.20
N ASN D 208 -19.22 -26.72 -30.33
CA ASN D 208 -20.10 -26.04 -29.36
C ASN D 208 -21.41 -26.81 -29.19
N GLY D 209 -21.91 -26.79 -27.96
CA GLY D 209 -23.14 -27.46 -27.55
C GLY D 209 -24.38 -26.62 -27.85
N TYR D 210 -25.29 -27.23 -28.59
CA TYR D 210 -26.72 -26.87 -28.62
C TYR D 210 -27.49 -27.95 -27.85
N GLY D 211 -28.33 -27.53 -26.90
CA GLY D 211 -29.42 -28.37 -26.39
C GLY D 211 -30.10 -29.09 -27.54
N VAL D 212 -30.58 -30.31 -27.32
CA VAL D 212 -31.30 -31.07 -28.39
C VAL D 212 -32.62 -30.36 -28.63
N GLY D 213 -33.13 -29.70 -27.57
CA GLY D 213 -34.21 -28.70 -27.64
C GLY D 213 -34.10 -27.83 -28.87
N ASP D 214 -32.89 -27.41 -29.25
CA ASP D 214 -32.65 -26.42 -30.32
C ASP D 214 -32.82 -27.13 -31.65
N LEU D 215 -32.49 -28.42 -31.70
CA LEU D 215 -32.73 -29.24 -32.91
C LEU D 215 -34.20 -29.64 -32.94
N ALA D 216 -34.72 -30.21 -31.83
CA ALA D 216 -36.15 -30.55 -31.63
C ALA D 216 -37.01 -29.39 -32.13
N GLU D 217 -36.71 -28.18 -31.68
CA GLU D 217 -37.40 -26.92 -32.06
C GLU D 217 -37.46 -26.81 -33.59
N ARG D 218 -36.36 -27.04 -34.29
CA ARG D 218 -36.26 -26.81 -35.76
C ARG D 218 -36.76 -28.01 -36.55
N VAL D 219 -36.94 -29.18 -35.92
CA VAL D 219 -37.61 -30.35 -36.56
C VAL D 219 -39.12 -30.11 -36.45
N ARG D 220 -39.63 -29.64 -35.30
CA ARG D 220 -41.05 -29.21 -35.11
C ARG D 220 -41.46 -28.15 -36.15
N ALA D 221 -40.52 -27.34 -36.69
CA ALA D 221 -40.79 -26.20 -37.60
C ALA D 221 -40.74 -26.60 -39.08
N VAL D 222 -40.40 -27.85 -39.39
CA VAL D 222 -40.35 -28.34 -40.81
C VAL D 222 -41.81 -28.50 -41.24
N SER D 223 -42.16 -28.06 -42.44
CA SER D 223 -43.51 -28.29 -43.03
C SER D 223 -43.65 -29.78 -43.41
N GLU D 224 -44.83 -30.36 -43.15
CA GLU D 224 -45.26 -31.70 -43.65
C GLU D 224 -45.18 -31.64 -45.19
N ALA D 225 -45.38 -30.46 -45.77
CA ALA D 225 -45.15 -30.18 -47.21
C ALA D 225 -43.71 -30.56 -47.60
N GLU D 226 -42.70 -29.94 -46.95
CA GLU D 226 -41.24 -30.08 -47.24
C GLU D 226 -40.76 -31.54 -47.02
N ILE D 227 -41.27 -32.23 -45.98
CA ILE D 227 -41.14 -33.70 -45.79
C ILE D 227 -41.57 -34.42 -47.08
N ASP D 228 -42.66 -33.99 -47.72
CA ASP D 228 -43.23 -34.65 -48.94
C ASP D 228 -42.23 -34.52 -50.10
N ARG D 229 -41.57 -33.36 -50.25
CA ARG D 229 -40.57 -33.08 -51.33
C ARG D 229 -39.40 -34.06 -51.21
N LEU D 230 -39.02 -34.36 -49.97
CA LEU D 230 -37.78 -35.12 -49.61
C LEU D 230 -38.07 -36.63 -49.74
N ILE D 231 -39.28 -37.07 -49.35
CA ILE D 231 -39.80 -38.45 -49.59
C ILE D 231 -39.80 -38.69 -51.09
N ASP D 232 -40.21 -37.70 -51.89
CA ASP D 232 -40.15 -37.74 -53.39
C ASP D 232 -38.75 -38.15 -53.82
N GLU D 233 -37.73 -37.53 -53.23
CA GLU D 233 -36.30 -37.67 -53.62
C GLU D 233 -35.69 -38.92 -52.94
N TYR D 234 -36.24 -39.38 -51.80
CA TYR D 234 -35.98 -40.74 -51.22
C TYR D 234 -36.48 -41.83 -52.17
N GLN D 235 -37.68 -41.66 -52.78
CA GLN D 235 -38.22 -42.62 -53.78
C GLN D 235 -37.32 -42.58 -55.02
N SER D 236 -36.76 -41.41 -55.32
CA SER D 236 -35.82 -41.17 -56.45
C SER D 236 -34.50 -41.92 -56.25
N LEU D 237 -34.10 -42.20 -55.00
CA LEU D 237 -32.74 -42.72 -54.66
C LEU D 237 -32.80 -44.16 -54.12
N TYR D 238 -33.75 -44.48 -53.23
CA TYR D 238 -33.62 -45.62 -52.28
C TYR D 238 -34.77 -46.63 -52.42
N GLU D 239 -34.39 -47.92 -52.41
CA GLU D 239 -35.31 -49.06 -52.17
C GLU D 239 -36.00 -48.81 -50.84
N PHE D 240 -37.24 -49.29 -50.72
CA PHE D 240 -38.02 -49.28 -49.46
C PHE D 240 -38.32 -50.73 -49.05
N ALA D 241 -38.10 -51.06 -47.77
CA ALA D 241 -38.42 -52.36 -47.13
C ALA D 241 -39.94 -52.48 -47.03
N PRO D 242 -40.51 -53.71 -47.20
CA PRO D 242 -41.96 -53.89 -47.10
C PRO D 242 -42.58 -53.15 -45.90
N GLY D 243 -43.30 -52.05 -46.14
CA GLY D 243 -44.02 -51.26 -45.12
C GLY D 243 -43.47 -49.85 -44.93
N CYS D 244 -42.39 -49.50 -45.63
CA CYS D 244 -41.68 -48.19 -45.53
C CYS D 244 -42.00 -47.32 -46.73
N GLU D 245 -42.45 -47.92 -47.83
CA GLU D 245 -42.97 -47.18 -49.01
C GLU D 245 -44.25 -46.45 -48.59
N LYS D 246 -44.68 -45.45 -49.37
CA LYS D 246 -45.94 -44.67 -49.16
C LYS D 246 -47.09 -45.58 -48.66
N GLY D 247 -47.72 -45.20 -47.54
CA GLY D 247 -48.97 -45.83 -47.06
C GLY D 247 -48.71 -47.00 -46.11
N GLY D 248 -47.58 -47.70 -46.27
CA GLY D 248 -47.24 -48.86 -45.41
C GLY D 248 -47.20 -48.46 -43.93
N PRO D 249 -47.29 -49.43 -42.99
CA PRO D 249 -47.37 -49.12 -41.56
C PRO D 249 -46.12 -48.51 -40.90
N LEU D 250 -44.98 -48.47 -41.60
CA LEU D 250 -43.67 -48.03 -41.06
C LEU D 250 -43.22 -46.72 -41.71
N HIS D 251 -43.88 -46.26 -42.78
CA HIS D 251 -43.52 -45.03 -43.56
C HIS D 251 -43.57 -43.79 -42.67
N ASP D 252 -44.43 -43.77 -41.64
CA ASP D 252 -44.40 -42.78 -40.54
C ASP D 252 -42.93 -42.54 -40.17
N GLY D 253 -42.23 -43.61 -39.75
CA GLY D 253 -40.81 -43.62 -39.35
C GLY D 253 -39.92 -42.92 -40.37
N VAL D 254 -40.10 -43.22 -41.66
CA VAL D 254 -39.31 -42.59 -42.75
C VAL D 254 -39.61 -41.08 -42.71
N ARG D 255 -40.89 -40.70 -42.68
CA ARG D 255 -41.31 -39.27 -42.66
C ARG D 255 -40.57 -38.52 -41.55
N GLU D 256 -40.60 -39.05 -40.33
CA GLU D 256 -39.85 -38.51 -39.16
C GLU D 256 -38.38 -38.24 -39.50
N GLN D 257 -37.70 -39.14 -40.22
CA GLN D 257 -36.25 -38.99 -40.50
C GLN D 257 -36.06 -37.93 -41.58
N ALA D 258 -37.02 -37.83 -42.49
CA ALA D 258 -37.07 -36.75 -43.50
C ALA D 258 -37.24 -35.41 -42.76
N ARG D 259 -38.03 -35.42 -41.67
CA ARG D 259 -38.31 -34.22 -40.85
C ARG D 259 -37.01 -33.83 -40.16
N ILE D 260 -36.52 -34.75 -39.30
CA ILE D 260 -35.20 -34.71 -38.61
C ILE D 260 -34.12 -34.31 -39.63
N GLU D 261 -34.07 -34.94 -40.80
CA GLU D 261 -33.07 -34.55 -41.84
C GLU D 261 -33.15 -33.05 -42.13
N LEU D 262 -34.35 -32.52 -42.38
CA LEU D 262 -34.50 -31.15 -42.95
C LEU D 262 -34.32 -30.11 -41.84
N GLY D 263 -34.73 -30.44 -40.61
CA GLY D 263 -34.46 -29.61 -39.42
C GLY D 263 -32.97 -29.48 -39.18
N LEU D 264 -32.26 -30.61 -39.20
CA LEU D 264 -30.77 -30.70 -39.18
C LEU D 264 -30.17 -29.85 -40.31
N ARG D 265 -30.59 -30.04 -41.55
CA ARG D 265 -29.91 -29.33 -42.66
C ARG D 265 -30.12 -27.83 -42.45
N SER D 266 -31.26 -27.43 -41.88
CA SER D 266 -31.64 -26.01 -41.68
C SER D 266 -30.71 -25.40 -40.61
N PHE D 267 -30.60 -26.09 -39.47
CA PHE D 267 -29.75 -25.72 -38.32
C PHE D 267 -28.29 -25.61 -38.77
N LEU D 268 -27.85 -26.61 -39.52
CA LEU D 268 -26.43 -26.77 -39.89
C LEU D 268 -26.07 -25.77 -40.98
N GLU D 269 -26.96 -25.54 -41.94
CA GLU D 269 -26.78 -24.54 -43.04
C GLU D 269 -26.83 -23.11 -42.45
N GLU D 270 -27.66 -22.88 -41.42
CA GLU D 270 -27.85 -21.54 -40.80
C GLU D 270 -26.55 -21.09 -40.14
N GLY D 271 -25.93 -22.02 -39.36
CA GLY D 271 -24.75 -21.76 -38.54
C GLY D 271 -23.43 -22.06 -39.25
N GLY D 272 -23.47 -22.36 -40.56
CA GLY D 272 -22.27 -22.72 -41.35
C GLY D 272 -21.50 -23.91 -40.77
N PHE D 273 -22.19 -24.86 -40.16
CA PHE D 273 -21.63 -26.11 -39.57
C PHE D 273 -21.42 -27.11 -40.70
N GLU D 274 -20.29 -27.81 -40.66
CA GLU D 274 -19.88 -28.79 -41.69
C GLU D 274 -19.79 -30.17 -41.03
N ALA D 275 -20.09 -30.24 -39.72
CA ALA D 275 -20.07 -31.48 -38.94
C ALA D 275 -20.95 -31.31 -37.69
N PHE D 276 -21.46 -32.39 -37.14
CA PHE D 276 -22.30 -32.31 -35.93
C PHE D 276 -22.27 -33.66 -35.22
N THR D 277 -22.68 -33.71 -33.96
CA THR D 277 -22.85 -34.95 -33.20
C THR D 277 -24.27 -34.99 -32.62
N THR D 278 -24.72 -36.19 -32.30
CA THR D 278 -26.00 -36.46 -31.59
C THR D 278 -25.61 -37.30 -30.39
N THR D 279 -26.52 -37.51 -29.45
CA THR D 279 -26.34 -38.46 -28.33
C THR D 279 -27.71 -39.06 -28.02
N PHE D 280 -27.86 -40.37 -28.22
CA PHE D 280 -29.14 -41.10 -27.95
C PHE D 280 -29.53 -40.93 -26.47
N GLU D 281 -28.58 -40.59 -25.58
CA GLU D 281 -28.87 -40.51 -24.13
C GLU D 281 -29.70 -39.25 -23.86
N ASP D 282 -29.88 -38.40 -24.87
CA ASP D 282 -30.54 -37.08 -24.79
C ASP D 282 -31.29 -36.82 -26.09
N LEU D 283 -32.55 -37.27 -26.18
CA LEU D 283 -33.36 -37.20 -27.42
C LEU D 283 -34.71 -36.54 -27.14
N HIS D 284 -34.82 -35.80 -26.03
CA HIS D 284 -35.97 -34.95 -25.67
C HIS D 284 -36.41 -34.14 -26.89
N GLY D 285 -37.70 -34.23 -27.30
CA GLY D 285 -38.29 -33.43 -28.41
C GLY D 285 -38.04 -34.06 -29.76
N MET D 286 -37.44 -35.25 -29.78
CA MET D 286 -37.11 -35.99 -31.03
C MET D 286 -38.02 -37.23 -31.06
N LYS D 287 -38.64 -37.51 -32.21
CA LYS D 287 -39.46 -38.75 -32.34
C LYS D 287 -38.49 -39.94 -32.36
N GLN D 288 -37.37 -39.79 -33.07
CA GLN D 288 -36.38 -40.87 -33.32
C GLN D 288 -34.95 -40.34 -33.13
N LEU D 289 -34.03 -41.23 -32.75
CA LEU D 289 -32.57 -40.98 -32.91
C LEU D 289 -32.35 -40.71 -34.39
N PRO D 290 -31.74 -39.57 -34.78
CA PRO D 290 -31.47 -39.29 -36.19
C PRO D 290 -30.68 -40.47 -36.79
N GLY D 291 -30.96 -40.84 -38.04
CA GLY D 291 -30.40 -42.06 -38.66
C GLY D 291 -30.22 -41.89 -40.14
N LEU D 292 -31.28 -42.11 -40.90
CA LEU D 292 -31.28 -41.85 -42.36
C LEU D 292 -30.92 -40.38 -42.57
N ALA D 293 -31.40 -39.50 -41.69
CA ALA D 293 -31.15 -38.04 -41.73
C ALA D 293 -29.64 -37.80 -41.78
N VAL D 294 -28.97 -38.31 -40.75
CA VAL D 294 -27.49 -38.28 -40.57
C VAL D 294 -26.82 -38.95 -41.77
N GLN D 295 -27.25 -40.17 -42.12
CA GLN D 295 -26.68 -40.94 -43.27
C GLN D 295 -26.72 -40.02 -44.49
N ARG D 296 -27.85 -39.35 -44.75
CA ARG D 296 -27.96 -38.48 -45.96
C ARG D 296 -27.05 -37.25 -45.79
N LEU D 297 -26.91 -36.75 -44.57
CA LEU D 297 -26.12 -35.50 -44.35
C LEU D 297 -24.63 -35.81 -44.55
N MET D 298 -24.16 -36.94 -44.03
CA MET D 298 -22.78 -37.43 -44.30
C MET D 298 -22.54 -37.57 -45.81
N ALA D 299 -23.50 -38.12 -46.54
CA ALA D 299 -23.39 -38.32 -48.00
C ALA D 299 -23.19 -36.95 -48.65
N GLU D 300 -23.97 -35.96 -48.24
CA GLU D 300 -23.83 -34.56 -48.73
C GLU D 300 -22.40 -34.04 -48.49
N GLY D 301 -21.73 -34.52 -47.43
CA GLY D 301 -20.33 -34.18 -47.14
C GLY D 301 -20.15 -33.71 -45.71
N TYR D 302 -21.13 -33.98 -44.83
CA TYR D 302 -21.15 -33.52 -43.42
C TYR D 302 -20.38 -34.50 -42.54
N GLY D 303 -19.50 -33.98 -41.70
CA GLY D 303 -18.97 -34.77 -40.59
C GLY D 303 -20.07 -35.19 -39.63
N PHE D 304 -19.98 -36.40 -39.09
CA PHE D 304 -20.89 -36.89 -38.02
C PHE D 304 -20.10 -37.77 -37.02
N GLY D 305 -20.45 -37.64 -35.75
CA GLY D 305 -19.92 -38.50 -34.69
C GLY D 305 -21.04 -38.88 -33.75
N GLY D 306 -21.18 -40.18 -33.46
CA GLY D 306 -22.19 -40.68 -32.52
C GLY D 306 -21.84 -40.30 -31.10
N GLU D 307 -22.84 -40.32 -30.21
CA GLU D 307 -22.66 -40.20 -28.76
C GLU D 307 -21.77 -38.99 -28.44
N GLY D 308 -21.92 -37.92 -29.19
CA GLY D 308 -21.29 -36.61 -28.93
C GLY D 308 -19.86 -36.51 -29.44
N ASP D 309 -19.46 -37.32 -30.41
CA ASP D 309 -18.03 -37.55 -30.73
C ASP D 309 -17.62 -36.48 -31.74
N TRP D 310 -17.25 -35.31 -31.27
CA TRP D 310 -16.89 -34.14 -32.13
C TRP D 310 -15.58 -34.42 -32.82
N LYS D 311 -14.62 -35.07 -32.16
CA LYS D 311 -13.32 -35.37 -32.82
C LYS D 311 -13.60 -36.13 -34.12
N THR D 312 -14.31 -37.25 -34.03
CA THR D 312 -14.62 -38.15 -35.18
C THR D 312 -15.51 -37.42 -36.18
N ALA D 313 -16.46 -36.62 -35.65
CA ALA D 313 -17.36 -35.77 -36.44
C ALA D 313 -16.51 -34.88 -37.34
N ALA D 314 -15.56 -34.14 -36.74
CA ALA D 314 -14.60 -33.28 -37.46
C ALA D 314 -13.75 -34.13 -38.42
N LEU D 315 -13.22 -35.23 -37.89
CA LEU D 315 -12.33 -36.14 -38.67
C LEU D 315 -13.08 -36.61 -39.94
N VAL D 316 -14.35 -37.01 -39.79
CA VAL D 316 -15.18 -37.47 -40.94
C VAL D 316 -15.34 -36.36 -41.99
N ARG D 317 -15.61 -35.12 -41.58
CA ARG D 317 -15.72 -33.96 -42.51
C ARG D 317 -14.40 -33.82 -43.23
N LEU D 318 -13.30 -33.79 -42.49
CA LEU D 318 -11.96 -33.54 -43.08
C LEU D 318 -11.62 -34.63 -44.07
N MET D 319 -11.85 -35.88 -43.73
CA MET D 319 -11.48 -37.03 -44.57
C MET D 319 -12.41 -37.06 -45.78
N LYS D 320 -13.68 -36.72 -45.58
CA LYS D 320 -14.61 -36.52 -46.71
C LYS D 320 -14.08 -35.43 -47.66
N VAL D 321 -13.52 -34.36 -47.12
CA VAL D 321 -12.91 -33.28 -47.96
C VAL D 321 -11.69 -33.87 -48.67
N MET D 322 -10.91 -34.70 -47.96
CA MET D 322 -9.67 -35.28 -48.53
C MET D 322 -10.01 -36.24 -49.68
N ALA D 323 -11.12 -36.98 -49.52
CA ALA D 323 -11.59 -38.06 -50.41
C ALA D 323 -12.47 -37.52 -51.56
N ASP D 324 -12.83 -36.22 -51.55
CA ASP D 324 -13.68 -35.58 -52.59
C ASP D 324 -15.13 -36.04 -52.38
N GLY D 325 -15.50 -36.36 -51.13
CA GLY D 325 -16.85 -36.81 -50.73
C GLY D 325 -17.01 -38.32 -50.78
N LYS D 326 -16.12 -39.02 -51.50
CA LYS D 326 -16.30 -40.43 -51.93
C LYS D 326 -15.92 -41.40 -50.82
N GLY D 327 -16.65 -42.52 -50.72
CA GLY D 327 -16.29 -43.73 -49.96
C GLY D 327 -15.75 -43.46 -48.56
N THR D 328 -16.34 -42.51 -47.85
CA THR D 328 -15.92 -42.09 -46.49
C THR D 328 -17.16 -42.00 -45.60
N SER D 329 -17.10 -42.65 -44.44
CA SER D 329 -18.21 -42.71 -43.46
C SER D 329 -17.63 -42.63 -42.06
N PHE D 330 -18.44 -42.15 -41.12
CA PHE D 330 -18.33 -42.44 -39.68
C PHE D 330 -18.45 -43.95 -39.57
N MET D 331 -17.85 -44.56 -38.55
CA MET D 331 -17.77 -46.04 -38.47
C MET D 331 -17.49 -46.41 -37.03
N GLU D 332 -17.89 -47.62 -36.64
CA GLU D 332 -17.63 -48.23 -35.32
C GLU D 332 -17.37 -49.73 -35.52
N ASP D 333 -16.44 -50.29 -34.76
CA ASP D 333 -16.10 -51.73 -34.77
C ASP D 333 -17.18 -52.44 -33.95
N TYR D 334 -18.12 -53.12 -34.60
CA TYR D 334 -19.34 -53.63 -33.92
C TYR D 334 -19.15 -55.09 -33.53
N THR D 335 -18.56 -55.91 -34.38
CA THR D 335 -18.30 -57.32 -33.99
C THR D 335 -17.18 -57.91 -34.85
N TYR D 336 -16.63 -59.03 -34.38
CA TYR D 336 -15.50 -59.74 -35.03
C TYR D 336 -15.95 -61.12 -35.54
N HIS D 337 -15.48 -61.40 -36.75
CA HIS D 337 -15.46 -62.73 -37.39
C HIS D 337 -14.03 -63.25 -37.29
N PHE D 338 -13.81 -64.18 -36.34
CA PHE D 338 -12.48 -64.69 -35.94
C PHE D 338 -12.08 -65.94 -36.73
N GLU D 339 -12.91 -66.37 -37.68
CA GLU D 339 -12.62 -67.55 -38.54
C GLU D 339 -11.17 -67.50 -39.01
N PRO D 340 -10.30 -68.46 -38.61
CA PRO D 340 -8.92 -68.48 -39.10
C PRO D 340 -8.85 -68.42 -40.62
N GLY D 341 -8.13 -67.45 -41.19
CA GLY D 341 -7.95 -67.31 -42.65
C GLY D 341 -8.90 -66.29 -43.25
N ASN D 342 -9.93 -65.96 -42.47
CA ASN D 342 -11.05 -65.09 -42.88
C ASN D 342 -11.41 -64.17 -41.71
N GLU D 343 -10.42 -63.76 -40.89
CA GLU D 343 -10.71 -62.89 -39.74
C GLU D 343 -11.15 -61.54 -40.31
N MET D 344 -12.26 -61.03 -39.78
CA MET D 344 -12.94 -59.82 -40.28
C MET D 344 -13.48 -59.03 -39.10
N ILE D 345 -13.55 -57.72 -39.25
CA ILE D 345 -14.36 -56.85 -38.37
C ILE D 345 -15.63 -56.47 -39.13
N LEU D 346 -16.78 -56.69 -38.52
CA LEU D 346 -18.06 -56.07 -38.97
C LEU D 346 -18.08 -54.67 -38.36
N GLY D 347 -18.03 -53.66 -39.23
CA GLY D 347 -18.16 -52.22 -38.92
C GLY D 347 -19.58 -51.72 -39.22
N ALA D 348 -20.19 -51.04 -38.26
CA ALA D 348 -21.53 -50.39 -38.39
C ALA D 348 -21.65 -49.21 -37.40
N HIS D 349 -22.85 -48.72 -37.18
CA HIS D 349 -23.29 -47.99 -35.97
C HIS D 349 -24.73 -48.38 -35.77
N MET D 350 -25.37 -47.85 -34.73
CA MET D 350 -26.81 -48.03 -34.40
C MET D 350 -27.66 -47.82 -35.66
N LEU D 351 -27.38 -46.75 -36.41
CA LEU D 351 -28.06 -46.37 -37.68
C LEU D 351 -27.07 -45.77 -38.69
N GLU D 352 -26.08 -45.07 -38.15
CA GLU D 352 -25.46 -43.89 -38.81
C GLU D 352 -24.23 -44.38 -39.58
N VAL D 353 -24.45 -44.90 -40.79
CA VAL D 353 -23.38 -45.26 -41.76
C VAL D 353 -23.69 -44.52 -43.05
N CYS D 354 -22.72 -43.81 -43.59
CA CYS D 354 -22.90 -42.96 -44.77
C CYS D 354 -23.03 -43.85 -46.00
N PRO D 355 -24.01 -43.61 -46.89
CA PRO D 355 -24.19 -44.43 -48.08
C PRO D 355 -23.07 -44.29 -49.11
N THR D 356 -22.11 -43.38 -48.91
CA THR D 356 -21.01 -43.18 -49.89
C THR D 356 -20.07 -44.39 -49.88
N ILE D 357 -20.19 -45.31 -48.90
CA ILE D 357 -19.33 -46.53 -48.79
C ILE D 357 -20.12 -47.75 -49.29
N ALA D 358 -21.38 -47.55 -49.70
CA ALA D 358 -22.32 -48.65 -50.04
C ALA D 358 -21.88 -49.33 -51.32
N ALA D 359 -21.85 -50.66 -51.29
CA ALA D 359 -21.67 -51.52 -52.48
C ALA D 359 -23.04 -51.74 -53.13
N THR D 360 -24.04 -52.02 -52.29
CA THR D 360 -25.47 -52.23 -52.65
C THR D 360 -26.20 -50.88 -52.65
N ARG D 361 -27.14 -50.68 -53.57
CA ARG D 361 -28.10 -49.55 -53.55
C ARG D 361 -28.71 -49.50 -52.16
N PRO D 362 -28.66 -48.34 -51.46
CA PRO D 362 -29.15 -48.25 -50.09
C PRO D 362 -30.67 -48.46 -50.04
N ARG D 363 -31.15 -49.08 -48.96
CA ARG D 363 -32.60 -49.30 -48.77
C ARG D 363 -33.02 -48.61 -47.47
N ILE D 364 -34.07 -47.80 -47.50
CA ILE D 364 -34.68 -47.23 -46.28
C ILE D 364 -35.33 -48.41 -45.58
N GLU D 365 -35.09 -48.59 -44.30
CA GLU D 365 -35.80 -49.59 -43.45
C GLU D 365 -36.18 -48.87 -42.17
N VAL D 366 -37.14 -49.46 -41.46
CA VAL D 366 -37.53 -49.09 -40.09
C VAL D 366 -37.42 -50.37 -39.29
N HIS D 367 -36.73 -50.31 -38.15
CA HIS D 367 -36.65 -51.40 -37.15
C HIS D 367 -36.71 -50.81 -35.76
N PRO D 368 -37.20 -51.55 -34.75
CA PRO D 368 -37.08 -51.09 -33.37
C PRO D 368 -35.61 -50.86 -32.99
N LEU D 369 -35.37 -49.83 -32.16
CA LEU D 369 -34.07 -49.51 -31.55
C LEU D 369 -34.33 -49.20 -30.07
N SER D 370 -34.11 -50.17 -29.19
CA SER D 370 -34.21 -49.99 -27.71
C SER D 370 -33.43 -48.72 -27.33
N ILE D 371 -32.19 -48.60 -27.82
CA ILE D 371 -31.19 -47.58 -27.40
C ILE D 371 -31.77 -46.19 -27.72
N GLY D 372 -31.99 -45.38 -26.68
CA GLY D 372 -32.52 -44.01 -26.79
C GLY D 372 -34.00 -43.91 -26.43
N GLY D 373 -34.68 -45.04 -26.26
CA GLY D 373 -36.10 -45.13 -25.84
C GLY D 373 -37.02 -44.31 -26.74
N LYS D 374 -36.68 -44.16 -28.00
CA LYS D 374 -37.47 -43.39 -28.98
C LYS D 374 -38.11 -44.36 -30.01
N GLU D 375 -38.85 -43.82 -30.97
CA GLU D 375 -39.64 -44.58 -31.98
C GLU D 375 -38.66 -45.33 -32.92
N ASP D 376 -39.13 -46.45 -33.50
CA ASP D 376 -38.42 -47.31 -34.48
C ASP D 376 -37.78 -46.42 -35.54
N PRO D 377 -36.45 -46.22 -35.50
CA PRO D 377 -35.80 -45.33 -36.47
C PRO D 377 -35.78 -45.91 -37.89
N ALA D 378 -36.11 -45.11 -38.89
CA ALA D 378 -35.78 -45.37 -40.30
C ALA D 378 -34.26 -45.28 -40.42
N ARG D 379 -33.66 -46.00 -41.37
CA ARG D 379 -32.19 -45.94 -41.63
C ARG D 379 -31.89 -46.57 -43.00
N LEU D 380 -30.86 -46.07 -43.69
CA LEU D 380 -30.29 -46.75 -44.88
C LEU D 380 -29.53 -48.00 -44.42
N VAL D 381 -29.87 -49.12 -45.07
CA VAL D 381 -29.25 -50.46 -44.87
C VAL D 381 -28.63 -50.89 -46.20
N PHE D 382 -27.35 -51.23 -46.15
CA PHE D 382 -26.53 -51.58 -47.34
C PHE D 382 -25.37 -52.43 -46.84
N ASP D 383 -24.70 -53.08 -47.79
CA ASP D 383 -23.38 -53.71 -47.55
C ASP D 383 -22.36 -52.68 -48.00
N GLY D 384 -21.36 -52.40 -47.16
CA GLY D 384 -20.21 -51.55 -47.53
C GLY D 384 -19.45 -52.14 -48.69
N GLY D 385 -18.72 -51.30 -49.44
CA GLY D 385 -17.92 -51.68 -50.63
C GLY D 385 -16.75 -52.58 -50.28
N GLU D 386 -15.87 -52.81 -51.25
CA GLU D 386 -14.69 -53.67 -51.08
C GLU D 386 -13.43 -52.92 -51.56
N GLY D 387 -12.30 -53.19 -50.92
CA GLY D 387 -10.99 -52.73 -51.41
C GLY D 387 -10.23 -51.95 -50.35
N ALA D 388 -9.17 -51.29 -50.78
CA ALA D 388 -8.20 -50.65 -49.87
C ALA D 388 -8.96 -49.53 -49.15
N ALA D 389 -8.80 -49.42 -47.83
CA ALA D 389 -9.43 -48.35 -47.06
C ALA D 389 -8.54 -47.97 -45.86
N VAL D 390 -8.88 -46.88 -45.19
CA VAL D 390 -8.21 -46.50 -43.92
C VAL D 390 -9.29 -46.31 -42.88
N ASN D 391 -9.03 -46.82 -41.68
CA ASN D 391 -9.90 -46.69 -40.48
C ASN D 391 -9.11 -45.79 -39.53
N ALA D 392 -9.50 -44.51 -39.45
CA ALA D 392 -8.77 -43.48 -38.70
C ALA D 392 -9.56 -43.12 -37.45
N SER D 393 -8.85 -43.00 -36.34
CA SER D 393 -9.40 -42.48 -35.08
C SER D 393 -8.49 -41.32 -34.69
N LEU D 394 -9.05 -40.21 -34.23
CA LEU D 394 -8.29 -39.12 -33.56
C LEU D 394 -8.69 -39.13 -32.09
N ILE D 395 -7.75 -39.45 -31.20
CA ILE D 395 -7.98 -39.43 -29.74
C ILE D 395 -7.19 -38.28 -29.11
N ASP D 396 -7.56 -37.95 -27.88
CA ASP D 396 -6.92 -36.95 -27.02
C ASP D 396 -6.23 -37.75 -25.92
N LEU D 397 -4.91 -37.65 -25.82
CA LEU D 397 -4.16 -38.35 -24.75
C LEU D 397 -4.15 -37.50 -23.51
N GLY D 398 -4.92 -36.41 -23.47
CA GLY D 398 -4.85 -35.38 -22.41
C GLY D 398 -3.90 -34.25 -22.77
N HIS D 399 -2.62 -34.55 -22.98
CA HIS D 399 -1.58 -33.52 -23.28
C HIS D 399 -1.60 -33.20 -24.78
N ARG D 400 -2.14 -34.11 -25.58
CA ARG D 400 -2.05 -33.99 -27.06
C ARG D 400 -2.96 -35.01 -27.75
N PHE D 401 -3.25 -34.72 -29.01
CA PHE D 401 -4.06 -35.58 -29.89
C PHE D 401 -3.08 -36.58 -30.49
N ARG D 402 -3.61 -37.72 -30.88
CA ARG D 402 -2.85 -38.72 -31.62
C ARG D 402 -3.84 -39.26 -32.66
N LEU D 403 -3.47 -39.07 -33.93
CA LEU D 403 -4.18 -39.65 -35.08
C LEU D 403 -3.67 -41.09 -35.23
N ILE D 404 -4.60 -42.06 -35.31
CA ILE D 404 -4.29 -43.50 -35.52
C ILE D 404 -5.01 -43.91 -36.80
N VAL D 405 -4.23 -44.39 -37.78
CA VAL D 405 -4.72 -44.84 -39.12
C VAL D 405 -4.38 -46.32 -39.27
N ASN D 406 -5.40 -47.15 -39.51
CA ASN D 406 -5.21 -48.58 -39.83
C ASN D 406 -5.49 -48.72 -41.33
N GLU D 407 -4.55 -49.30 -42.08
CA GLU D 407 -4.81 -49.70 -43.48
C GLU D 407 -5.65 -50.98 -43.36
N VAL D 408 -6.74 -51.06 -44.11
CA VAL D 408 -7.65 -52.23 -44.12
C VAL D 408 -8.08 -52.53 -45.57
N ASP D 409 -8.55 -53.74 -45.76
CA ASP D 409 -9.14 -54.21 -47.04
C ASP D 409 -10.58 -54.49 -46.69
N ALA D 410 -11.50 -53.65 -47.16
CA ALA D 410 -12.94 -53.96 -47.02
C ALA D 410 -13.22 -55.13 -47.96
N VAL D 411 -14.02 -56.08 -47.49
CA VAL D 411 -14.43 -57.28 -48.28
C VAL D 411 -15.95 -57.29 -48.47
N LYS D 412 -16.41 -57.84 -49.60
CA LYS D 412 -17.86 -58.09 -49.90
C LYS D 412 -18.34 -59.21 -48.99
N PRO D 413 -19.52 -59.12 -48.37
CA PRO D 413 -20.00 -60.22 -47.55
C PRO D 413 -20.16 -61.40 -48.51
N GLU D 414 -19.73 -62.60 -48.11
CA GLU D 414 -20.03 -63.85 -48.84
C GLU D 414 -21.45 -64.30 -48.46
N HIS D 415 -21.90 -63.95 -47.26
CA HIS D 415 -23.18 -64.37 -46.64
C HIS D 415 -24.12 -63.17 -46.42
N ASP D 416 -25.42 -63.38 -46.63
CA ASP D 416 -26.49 -62.41 -46.31
C ASP D 416 -26.58 -62.32 -44.79
N MET D 417 -27.02 -61.17 -44.25
CA MET D 417 -27.24 -60.90 -42.81
C MET D 417 -28.67 -60.38 -42.65
N PRO D 418 -29.68 -61.21 -42.99
CA PRO D 418 -31.04 -60.72 -43.28
C PRO D 418 -31.77 -60.12 -42.06
N LYS D 419 -31.34 -60.47 -40.83
CA LYS D 419 -31.88 -59.96 -39.55
C LYS D 419 -31.00 -58.80 -39.03
N LEU D 420 -30.10 -58.22 -39.84
CA LEU D 420 -29.22 -57.09 -39.42
C LEU D 420 -29.77 -55.76 -39.95
N PRO D 421 -30.35 -54.92 -39.07
CA PRO D 421 -31.12 -53.75 -39.50
C PRO D 421 -30.30 -52.50 -39.81
N VAL D 422 -28.97 -52.61 -39.81
CA VAL D 422 -28.06 -51.47 -40.03
C VAL D 422 -27.14 -51.81 -41.20
N ALA D 423 -26.95 -50.83 -42.08
CA ALA D 423 -25.85 -50.80 -43.07
C ALA D 423 -24.56 -51.12 -42.33
N ARG D 424 -23.68 -51.83 -43.02
CA ARG D 424 -22.48 -52.42 -42.41
C ARG D 424 -21.46 -52.62 -43.50
N ILE D 425 -20.24 -52.82 -43.05
CA ILE D 425 -19.08 -53.08 -43.93
C ILE D 425 -18.24 -54.10 -43.18
N LEU D 426 -17.72 -55.09 -43.90
CA LEU D 426 -16.74 -56.08 -43.39
C LEU D 426 -15.36 -55.65 -43.89
N TRP D 427 -14.37 -55.59 -43.01
CA TRP D 427 -12.96 -55.39 -43.47
C TRP D 427 -12.02 -56.34 -42.77
N LYS D 428 -10.92 -56.60 -43.46
CA LYS D 428 -9.76 -57.37 -42.95
C LYS D 428 -8.70 -56.34 -42.66
N PRO D 429 -8.42 -56.02 -41.38
CA PRO D 429 -7.40 -55.04 -41.07
C PRO D 429 -6.00 -55.61 -41.33
N ARG D 430 -5.16 -54.83 -41.97
CA ARG D 430 -3.70 -55.14 -42.08
C ARG D 430 -3.02 -54.83 -40.73
N PRO D 431 -1.97 -55.58 -40.34
CA PRO D 431 -1.46 -56.74 -41.10
C PRO D 431 -2.25 -58.02 -40.80
N SER D 432 -2.99 -58.01 -39.70
CA SER D 432 -3.91 -59.08 -39.28
C SER D 432 -4.95 -58.48 -38.32
N LEU D 433 -6.09 -59.15 -38.13
CA LEU D 433 -7.03 -58.74 -37.08
C LEU D 433 -6.24 -58.76 -35.77
N ARG D 434 -5.74 -59.90 -35.37
CA ARG D 434 -5.01 -60.00 -34.09
C ARG D 434 -4.09 -58.79 -33.89
N ASP D 435 -3.27 -58.41 -34.89
CA ASP D 435 -2.11 -57.50 -34.72
C ASP D 435 -2.57 -56.07 -34.80
N SER D 436 -3.45 -55.77 -35.77
CA SER D 436 -4.02 -54.41 -35.93
C SER D 436 -4.79 -54.06 -34.67
N ALA D 437 -5.67 -54.95 -34.20
CA ALA D 437 -6.49 -54.65 -33.00
C ALA D 437 -5.53 -54.40 -31.84
N GLU D 438 -4.44 -55.15 -31.78
CA GLU D 438 -3.51 -55.05 -30.64
C GLU D 438 -2.80 -53.69 -30.74
N ALA D 439 -2.22 -53.37 -31.90
CA ALA D 439 -1.55 -52.07 -32.11
C ALA D 439 -2.56 -50.93 -31.88
N TRP D 440 -3.79 -51.15 -32.26
CA TRP D 440 -4.84 -50.12 -32.14
C TRP D 440 -5.05 -49.83 -30.66
N ILE D 441 -5.31 -50.89 -29.90
CA ILE D 441 -5.58 -50.81 -28.44
C ILE D 441 -4.39 -50.15 -27.76
N LEU D 442 -3.16 -50.57 -28.10
CA LEU D 442 -1.93 -49.99 -27.46
C LEU D 442 -1.84 -48.53 -27.84
N ALA D 443 -2.31 -48.14 -29.02
CA ALA D 443 -2.34 -46.73 -29.47
C ALA D 443 -3.55 -45.99 -28.87
N GLY D 444 -4.41 -46.67 -28.13
CA GLY D 444 -5.65 -46.09 -27.55
C GLY D 444 -6.59 -45.57 -28.61
N GLY D 445 -6.51 -46.11 -29.84
CA GLY D 445 -7.54 -45.89 -30.87
C GLY D 445 -8.97 -45.99 -30.33
N ALA D 446 -9.82 -45.02 -30.64
CA ALA D 446 -11.27 -45.07 -30.35
C ALA D 446 -11.96 -46.23 -31.10
N HIS D 447 -13.09 -46.69 -30.55
CA HIS D 447 -14.11 -47.50 -31.25
C HIS D 447 -14.69 -46.74 -32.43
N HIS D 448 -14.91 -45.43 -32.27
CA HIS D 448 -15.41 -44.52 -33.32
C HIS D 448 -14.26 -44.18 -34.25
N THR D 449 -14.46 -44.42 -35.55
CA THR D 449 -13.46 -44.07 -36.59
C THR D 449 -14.15 -43.30 -37.71
N CYS D 450 -13.35 -42.64 -38.52
CA CYS D 450 -13.69 -42.36 -39.92
C CYS D 450 -13.05 -43.41 -40.82
N PHE D 451 -13.89 -44.22 -41.47
CA PHE D 451 -13.54 -45.21 -42.51
C PHE D 451 -13.60 -44.51 -43.86
N SER D 452 -12.64 -44.80 -44.73
CA SER D 452 -12.55 -44.19 -46.08
C SER D 452 -11.81 -45.11 -47.06
N PHE D 453 -12.40 -45.27 -48.24
CA PHE D 453 -11.86 -45.93 -49.46
C PHE D 453 -11.03 -44.93 -50.27
N ALA D 454 -11.07 -43.65 -49.92
CA ALA D 454 -10.54 -42.59 -50.81
C ALA D 454 -9.48 -41.70 -50.11
N VAL D 455 -9.24 -41.88 -48.82
CA VAL D 455 -8.14 -41.17 -48.10
C VAL D 455 -6.93 -42.10 -47.93
N THR D 456 -5.77 -41.65 -48.36
CA THR D 456 -4.55 -42.47 -48.18
C THR D 456 -3.92 -42.21 -46.81
N THR D 457 -3.23 -43.21 -46.31
CA THR D 457 -2.33 -43.13 -45.15
C THR D 457 -1.48 -41.85 -45.27
N GLU D 458 -0.82 -41.64 -46.41
CA GLU D 458 0.10 -40.50 -46.61
C GLU D 458 -0.65 -39.19 -46.37
N GLN D 459 -1.95 -39.15 -46.64
CA GLN D 459 -2.74 -37.90 -46.57
C GLN D 459 -3.00 -37.58 -45.10
N LEU D 460 -3.44 -38.57 -44.34
CA LEU D 460 -3.66 -38.44 -42.89
C LEU D 460 -2.32 -38.14 -42.19
N GLN D 461 -1.19 -38.68 -42.66
CA GLN D 461 0.15 -38.34 -42.10
C GLN D 461 0.46 -36.85 -42.38
N ASP D 462 0.21 -36.39 -43.60
CA ASP D 462 0.45 -35.00 -44.04
C ASP D 462 -0.46 -34.05 -43.25
N PHE D 463 -1.70 -34.45 -43.02
CA PHE D 463 -2.67 -33.66 -42.24
C PHE D 463 -2.09 -33.49 -40.84
N ALA D 464 -1.59 -34.57 -40.25
CA ALA D 464 -1.09 -34.62 -38.86
C ALA D 464 0.21 -33.80 -38.76
N GLU D 465 1.07 -33.93 -39.75
CA GLU D 465 2.23 -33.04 -39.90
C GLU D 465 1.76 -31.59 -39.93
N MET D 466 0.76 -31.24 -40.73
CA MET D 466 0.27 -29.84 -40.86
C MET D 466 -0.26 -29.33 -39.51
N ALA D 467 -0.95 -30.17 -38.75
CA ALA D 467 -1.65 -29.80 -37.48
C ALA D 467 -0.71 -29.89 -36.28
N GLY D 468 0.49 -30.44 -36.47
CA GLY D 468 1.46 -30.64 -35.38
C GLY D 468 0.96 -31.68 -34.39
N ILE D 469 0.43 -32.78 -34.90
CA ILE D 469 0.03 -33.91 -34.01
C ILE D 469 0.71 -35.19 -34.52
N GLU D 470 0.98 -36.08 -33.59
CA GLU D 470 1.42 -37.45 -33.87
C GLU D 470 0.37 -38.13 -34.74
N CYS D 471 0.82 -38.79 -35.79
CA CYS D 471 0.04 -39.77 -36.55
C CYS D 471 0.83 -41.07 -36.56
N VAL D 472 0.16 -42.16 -36.24
CA VAL D 472 0.78 -43.51 -36.07
C VAL D 472 -0.05 -44.39 -36.99
N VAL D 473 0.60 -45.23 -37.78
CA VAL D 473 -0.06 -45.96 -38.90
C VAL D 473 0.09 -47.45 -38.62
N ILE D 474 -1.01 -48.18 -38.63
CA ILE D 474 -1.05 -49.65 -38.55
C ILE D 474 -1.33 -50.16 -39.96
N ASN D 475 -0.45 -51.00 -40.53
CA ASN D 475 -0.65 -51.52 -41.91
C ASN D 475 0.08 -52.86 -42.08
N GLU D 476 0.27 -53.31 -43.31
CA GLU D 476 0.86 -54.65 -43.59
C GLU D 476 2.27 -54.75 -42.95
N HIS D 477 2.99 -53.64 -42.83
CA HIS D 477 4.39 -53.57 -42.32
C HIS D 477 4.46 -53.43 -40.79
N THR D 478 3.34 -53.13 -40.13
CA THR D 478 3.32 -53.01 -38.65
C THR D 478 3.61 -54.35 -37.98
N SER D 479 4.59 -54.36 -37.10
CA SER D 479 4.76 -55.43 -36.07
C SER D 479 4.53 -54.79 -34.69
N VAL D 480 3.88 -55.50 -33.78
CA VAL D 480 3.36 -54.89 -32.52
C VAL D 480 4.53 -54.47 -31.62
N SER D 481 5.59 -55.28 -31.51
CA SER D 481 6.77 -54.98 -30.67
C SER D 481 7.41 -53.67 -31.17
N SER D 482 7.59 -53.54 -32.49
CA SER D 482 8.20 -52.36 -33.14
C SER D 482 7.28 -51.13 -32.97
N PHE D 483 5.97 -51.34 -33.12
CA PHE D 483 4.91 -50.30 -32.98
C PHE D 483 4.95 -49.76 -31.54
N LYS D 484 5.05 -50.67 -30.57
CA LYS D 484 5.06 -50.34 -29.13
C LYS D 484 6.14 -49.29 -28.95
N ASN D 485 7.31 -49.55 -29.53
CA ASN D 485 8.51 -48.71 -29.36
C ASN D 485 8.30 -47.35 -30.02
N GLU D 486 7.68 -47.37 -31.19
CA GLU D 486 7.38 -46.16 -31.97
C GLU D 486 6.44 -45.25 -31.14
N LEU D 487 5.43 -45.79 -30.47
CA LEU D 487 4.59 -45.03 -29.51
C LEU D 487 5.46 -44.36 -28.42
N LYS D 488 6.39 -45.11 -27.84
CA LYS D 488 7.24 -44.58 -26.74
C LYS D 488 8.08 -43.44 -27.26
N TRP D 489 8.65 -43.57 -28.45
CA TRP D 489 9.62 -42.58 -29.00
C TRP D 489 8.84 -41.36 -29.53
N ASN D 490 7.68 -41.59 -30.14
CA ASN D 490 6.77 -40.48 -30.59
C ASN D 490 6.37 -39.66 -29.36
N GLU D 491 6.01 -40.32 -28.26
CA GLU D 491 5.56 -39.66 -27.01
C GLU D 491 6.65 -38.68 -26.57
N VAL D 492 7.91 -39.08 -26.63
CA VAL D 492 8.94 -38.19 -26.04
C VAL D 492 9.15 -37.04 -27.00
N PHE D 493 9.00 -37.32 -28.30
CA PHE D 493 9.07 -36.26 -29.31
C PHE D 493 7.88 -35.30 -29.17
N TRP D 494 6.66 -35.81 -28.97
CA TRP D 494 5.42 -35.00 -29.14
C TRP D 494 4.99 -34.25 -27.87
N ARG D 495 5.50 -34.63 -26.70
CA ARG D 495 5.17 -33.95 -25.43
C ARG D 495 5.71 -32.51 -25.47
N GLY D 496 4.87 -31.52 -25.13
CA GLY D 496 5.27 -30.10 -25.00
C GLY D 496 5.31 -29.37 -26.34
N ARG D 497 5.00 -30.09 -27.42
CA ARG D 497 4.98 -29.62 -28.83
C ARG D 497 3.57 -29.10 -29.16
N LEU E 3 24.83 33.44 -5.49
CA LEU E 3 24.53 34.08 -4.16
C LEU E 3 24.78 33.05 -3.05
N SER E 4 25.90 33.16 -2.33
CA SER E 4 26.41 32.06 -1.44
C SER E 4 25.59 32.03 -0.15
N LEU E 5 25.29 30.83 0.33
CA LEU E 5 24.66 30.57 1.65
C LEU E 5 25.79 30.42 2.68
N ARG E 6 25.51 30.75 3.94
CA ARG E 6 26.39 30.32 5.07
C ARG E 6 26.61 28.82 4.94
N PRO E 7 27.68 28.25 5.55
CA PRO E 7 27.85 26.79 5.56
C PRO E 7 26.87 26.14 6.56
N TYR E 8 25.57 26.13 6.21
CA TYR E 8 24.45 25.67 7.07
C TYR E 8 24.56 24.18 7.36
N GLU E 9 24.23 23.84 8.61
CA GLU E 9 24.37 22.46 9.15
C GLU E 9 23.11 22.14 9.95
N PHE E 10 22.89 20.85 10.15
CA PHE E 10 21.72 20.28 10.82
C PHE E 10 22.23 19.48 12.00
N TRP E 11 21.80 19.85 13.21
CA TRP E 11 22.23 19.26 14.48
C TRP E 11 21.42 18.01 14.76
N PHE E 12 22.06 16.86 14.67
CA PHE E 12 21.42 15.58 15.05
C PHE E 12 21.57 15.43 16.55
N VAL E 13 20.44 15.42 17.26
CA VAL E 13 20.42 15.30 18.75
C VAL E 13 19.68 14.04 19.09
N THR E 14 20.30 13.20 19.88
CA THR E 14 19.78 11.89 20.27
C THR E 14 19.43 11.99 21.74
N GLY E 15 18.20 11.63 22.08
CA GLY E 15 17.69 11.70 23.45
C GLY E 15 17.78 10.34 24.11
N SER E 16 18.19 10.30 25.37
CA SER E 16 18.23 9.08 26.21
C SER E 16 18.16 9.45 27.70
N GLN E 17 18.60 8.55 28.57
CA GLN E 17 18.61 8.68 30.06
C GLN E 17 19.43 7.51 30.64
N HIS E 18 19.71 7.54 31.95
CA HIS E 18 20.73 6.69 32.63
C HIS E 18 20.11 5.40 33.17
N LEU E 19 18.82 5.15 32.90
CA LEU E 19 18.04 3.98 33.42
C LEU E 19 18.75 2.64 33.12
N TYR E 20 19.61 2.57 32.09
CA TYR E 20 20.30 1.35 31.61
C TYR E 20 21.83 1.50 31.65
N GLY E 21 22.37 2.70 31.92
CA GLY E 21 23.77 2.85 32.40
C GLY E 21 24.57 3.86 31.62
N GLU E 22 25.89 3.60 31.46
CA GLU E 22 26.88 4.43 30.73
C GLU E 22 27.42 3.68 29.50
N GLU E 23 27.25 2.36 29.43
CA GLU E 23 27.63 1.55 28.25
C GLU E 23 26.52 1.63 27.19
N ALA E 24 25.25 1.69 27.60
CA ALA E 24 24.08 1.85 26.69
C ALA E 24 24.17 3.24 26.02
N LEU E 25 24.63 4.26 26.73
CA LEU E 25 24.78 5.63 26.19
C LEU E 25 25.93 5.66 25.19
N LYS E 26 26.95 4.82 25.38
CA LYS E 26 28.10 4.80 24.44
C LYS E 26 27.60 4.18 23.15
N GLN E 27 26.78 3.12 23.25
CA GLN E 27 26.14 2.45 22.08
C GLN E 27 25.17 3.44 21.39
N VAL E 28 24.34 4.15 22.15
CA VAL E 28 23.40 5.18 21.62
C VAL E 28 24.20 6.22 20.82
N GLU E 29 25.41 6.56 21.27
CA GLU E 29 26.29 7.55 20.58
C GLU E 29 26.83 6.89 19.29
N GLU E 30 27.45 5.71 19.40
CA GLU E 30 27.93 4.87 18.27
C GLU E 30 26.82 4.88 17.20
N HIS E 31 25.62 4.45 17.58
CA HIS E 31 24.44 4.39 16.68
C HIS E 31 24.27 5.75 15.99
N SER E 32 24.22 6.81 16.77
CA SER E 32 23.98 8.19 16.26
C SER E 32 25.13 8.64 15.36
N ARG E 33 26.37 8.28 15.71
CA ARG E 33 27.56 8.70 14.92
C ARG E 33 27.55 7.90 13.62
N ILE E 34 27.31 6.59 13.71
CA ILE E 34 27.21 5.74 12.50
C ILE E 34 26.20 6.39 11.57
N MET E 35 25.01 6.71 12.11
CA MET E 35 23.89 7.26 11.30
C MET E 35 24.36 8.57 10.68
N VAL E 36 24.88 9.50 11.48
CA VAL E 36 25.24 10.86 10.99
C VAL E 36 26.32 10.75 9.90
N ASN E 37 27.22 9.79 10.06
CA ASN E 37 28.38 9.57 9.15
C ASN E 37 27.87 9.06 7.80
N GLU E 38 27.06 7.98 7.77
CA GLU E 38 26.49 7.42 6.51
C GLU E 38 25.77 8.53 5.77
N TRP E 39 24.96 9.30 6.48
CA TRP E 39 24.17 10.42 5.91
C TRP E 39 25.10 11.42 5.23
N ASN E 40 26.16 11.85 5.91
CA ASN E 40 27.17 12.80 5.38
C ASN E 40 27.97 12.16 4.24
N ARG E 41 28.17 10.83 4.28
CA ARG E 41 29.17 10.05 3.49
C ARG E 41 29.05 10.37 1.99
N ASP E 42 27.99 9.90 1.34
CA ASP E 42 27.72 10.31 -0.05
C ASP E 42 27.19 11.75 0.03
N SER E 43 28.09 12.70 -0.26
CA SER E 43 27.96 14.17 0.02
C SER E 43 26.93 14.79 -0.94
N VAL E 44 25.71 14.23 -0.95
CA VAL E 44 24.61 14.55 -1.92
C VAL E 44 24.17 16.01 -1.68
N PHE E 45 24.12 16.42 -0.41
CA PHE E 45 23.53 17.69 0.09
C PHE E 45 24.61 18.77 0.16
N PRO E 46 24.25 20.07 0.04
CA PRO E 46 25.18 21.14 0.37
C PRO E 46 25.25 21.41 1.88
N PHE E 47 24.41 20.75 2.71
CA PHE E 47 24.31 20.97 4.18
C PHE E 47 24.57 19.66 4.95
N PRO E 48 25.65 19.59 5.75
CA PRO E 48 25.93 18.37 6.51
C PRO E 48 25.04 18.22 7.75
N PHE E 49 24.91 16.99 8.25
CA PHE E 49 24.45 16.66 9.60
C PHE E 49 25.68 16.56 10.49
N VAL E 50 25.66 17.30 11.59
CA VAL E 50 26.68 17.19 12.65
C VAL E 50 26.03 16.55 13.89
N PHE E 51 26.53 15.38 14.30
CA PHE E 51 26.20 14.76 15.60
C PHE E 51 26.64 15.68 16.75
N LYS E 52 25.73 15.91 17.70
CA LYS E 52 25.97 16.88 18.79
C LYS E 52 26.34 16.10 20.04
N SER E 53 25.43 15.26 20.49
CA SER E 53 25.57 14.57 21.78
C SER E 53 24.35 13.68 21.98
N VAL E 54 24.53 12.66 22.81
CA VAL E 54 23.36 12.06 23.50
C VAL E 54 23.01 13.03 24.63
N VAL E 55 21.75 13.46 24.70
CA VAL E 55 21.23 14.40 25.74
C VAL E 55 20.41 13.55 26.69
N THR E 56 20.64 13.68 27.99
CA THR E 56 20.21 12.70 29.02
C THR E 56 19.58 13.41 30.21
N THR E 57 19.63 14.74 30.21
CA THR E 57 19.31 15.60 31.37
C THR E 57 18.63 16.84 30.85
N PRO E 58 17.69 17.43 31.61
CA PRO E 58 17.13 18.72 31.25
C PRO E 58 18.22 19.69 30.78
N GLU E 59 19.34 19.73 31.50
CA GLU E 59 20.45 20.70 31.32
C GLU E 59 21.14 20.42 29.99
N GLU E 60 21.32 19.15 29.66
CA GLU E 60 21.98 18.80 28.37
C GLU E 60 21.05 19.20 27.22
N ILE E 61 19.75 18.97 27.39
CA ILE E 61 18.72 19.25 26.34
C ILE E 61 18.63 20.77 26.19
N ARG E 62 18.46 21.48 27.28
CA ARG E 62 18.40 22.97 27.25
C ARG E 62 19.65 23.53 26.58
N ARG E 63 20.82 22.99 26.94
CA ARG E 63 22.14 23.51 26.49
C ARG E 63 22.19 23.40 24.98
N VAL E 64 21.90 22.22 24.44
CA VAL E 64 22.08 21.98 22.98
C VAL E 64 21.09 22.85 22.18
N CYS E 65 19.90 23.11 22.75
CA CYS E 65 18.88 23.99 22.13
C CYS E 65 19.41 25.44 22.14
N LEU E 66 19.87 25.95 23.28
CA LEU E 66 20.50 27.30 23.35
C LEU E 66 21.68 27.37 22.37
N GLU E 67 22.43 26.28 22.28
CA GLU E 67 23.59 26.22 21.34
C GLU E 67 22.99 26.34 19.94
N ALA E 68 21.99 25.51 19.63
CA ALA E 68 21.31 25.48 18.30
C ALA E 68 20.76 26.86 18.00
N ASN E 69 20.20 27.54 19.00
CA ASN E 69 19.59 28.87 18.78
C ASN E 69 20.64 29.89 18.37
N ALA E 70 21.77 30.00 19.07
CA ALA E 70 22.83 31.03 18.89
C ALA E 70 23.72 30.70 17.69
N SER E 71 23.72 29.46 17.21
CA SER E 71 24.62 29.01 16.13
C SER E 71 24.03 29.43 14.79
N GLU E 72 24.64 30.42 14.15
CA GLU E 72 24.19 31.03 12.87
C GLU E 72 24.23 30.00 11.75
N GLN E 73 25.04 28.96 11.89
CA GLN E 73 25.17 27.87 10.89
C GLN E 73 24.06 26.82 11.10
N CYS E 74 23.44 26.74 12.28
CA CYS E 74 22.40 25.70 12.58
C CYS E 74 21.07 26.12 11.93
N ALA E 75 20.69 25.51 10.81
CA ALA E 75 19.41 25.78 10.08
C ALA E 75 18.28 24.92 10.65
N GLY E 76 18.62 23.84 11.36
CA GLY E 76 17.63 22.90 11.91
C GLY E 76 18.23 21.97 12.97
N VAL E 77 17.39 21.52 13.89
CA VAL E 77 17.70 20.46 14.88
C VAL E 77 16.86 19.24 14.52
N VAL E 78 17.51 18.13 14.25
CA VAL E 78 16.88 16.82 14.05
C VAL E 78 17.03 16.08 15.37
N THR E 79 15.93 15.74 16.03
CA THR E 79 15.93 15.07 17.34
C THR E 79 15.40 13.67 17.13
N TRP E 80 15.95 12.71 17.87
CA TRP E 80 15.56 11.29 17.83
C TRP E 80 15.70 10.72 19.23
N MET E 81 14.68 10.02 19.70
CA MET E 81 14.73 9.36 21.01
C MET E 81 15.21 7.94 20.77
N HIS E 82 16.51 7.69 20.96
CA HIS E 82 17.08 6.33 20.80
C HIS E 82 16.46 5.43 21.88
N THR E 83 16.41 5.94 23.11
CA THR E 83 15.81 5.25 24.27
C THR E 83 14.62 6.09 24.72
N PHE E 84 13.86 5.59 25.69
CA PHE E 84 12.89 6.41 26.46
C PHE E 84 13.68 7.60 26.99
N SER E 85 13.28 8.81 26.61
CA SER E 85 13.97 10.04 27.02
C SER E 85 12.92 10.95 27.66
N PRO E 86 12.57 10.67 28.93
CA PRO E 86 11.38 11.25 29.56
C PRO E 86 11.27 12.75 29.29
N ALA E 87 10.12 13.14 28.75
CA ALA E 87 9.99 14.31 27.87
C ALA E 87 9.93 15.59 28.67
N LYS E 88 9.59 15.49 29.97
CA LYS E 88 9.63 16.68 30.86
C LYS E 88 11.08 17.19 30.83
N MET E 89 12.05 16.32 30.58
CA MET E 89 13.45 16.79 30.52
C MET E 89 13.61 17.69 29.31
N TRP E 90 12.74 17.55 28.31
CA TRP E 90 12.80 18.29 27.03
C TRP E 90 12.09 19.65 27.10
N ILE E 91 11.16 19.83 28.04
CA ILE E 91 10.35 21.08 28.17
C ILE E 91 11.26 22.31 28.01
N GLY E 92 12.24 22.51 28.89
CA GLY E 92 13.08 23.71 28.96
C GLY E 92 13.79 23.96 27.65
N GLY E 93 14.32 22.92 27.03
CA GLY E 93 15.05 22.99 25.75
C GLY E 93 14.10 23.19 24.60
N LEU E 94 12.94 22.52 24.61
CA LEU E 94 11.90 22.68 23.56
C LEU E 94 11.34 24.09 23.59
N LEU E 95 11.14 24.64 24.79
CA LEU E 95 10.60 26.01 24.96
C LEU E 95 11.64 27.02 24.45
N GLU E 96 12.93 26.68 24.51
CA GLU E 96 14.01 27.61 24.09
C GLU E 96 14.20 27.50 22.59
N LEU E 97 14.05 26.32 22.01
CA LEU E 97 14.40 26.06 20.59
C LEU E 97 13.57 27.02 19.72
N ARG E 98 14.26 27.74 18.83
CA ARG E 98 13.73 28.74 17.87
C ARG E 98 14.34 28.43 16.49
N LYS E 99 14.76 27.17 16.33
CA LYS E 99 15.29 26.64 15.05
C LYS E 99 14.36 25.53 14.61
N PRO E 100 14.10 25.37 13.29
CA PRO E 100 13.20 24.33 12.81
C PRO E 100 13.61 23.00 13.45
N LEU E 101 12.64 22.34 14.05
CA LEU E 101 12.76 20.97 14.58
C LEU E 101 12.27 19.95 13.57
N LEU E 102 13.08 18.96 13.24
CA LEU E 102 12.60 17.69 12.64
C LEU E 102 12.68 16.64 13.74
N HIS E 103 11.57 16.00 14.04
CA HIS E 103 11.54 14.80 14.88
C HIS E 103 11.74 13.60 13.96
N LEU E 104 12.94 13.03 13.96
CA LEU E 104 13.22 11.86 13.13
C LEU E 104 12.91 10.65 13.98
N HIS E 105 11.74 10.07 13.73
CA HIS E 105 11.24 8.84 14.37
C HIS E 105 11.84 7.68 13.61
N THR E 106 12.92 7.14 14.11
CA THR E 106 13.71 6.10 13.42
C THR E 106 14.20 5.11 14.46
N GLN E 107 15.15 4.29 14.03
CA GLN E 107 15.59 3.09 14.76
C GLN E 107 16.85 2.62 14.04
N PHE E 108 17.90 2.33 14.79
CA PHE E 108 19.24 2.03 14.25
C PHE E 108 19.16 0.78 13.39
N ASN E 109 18.74 -0.33 13.99
CA ASN E 109 18.35 -1.54 13.21
C ASN E 109 17.10 -1.22 12.38
N ARG E 110 16.99 -1.83 11.20
CA ARG E 110 15.77 -1.82 10.36
C ARG E 110 14.79 -2.91 10.81
N ASP E 111 15.28 -4.13 10.97
CA ASP E 111 14.45 -5.31 11.28
C ASP E 111 14.63 -5.70 12.74
N ILE E 112 13.65 -6.44 13.26
CA ILE E 112 13.64 -7.07 14.61
C ILE E 112 14.55 -8.29 14.48
N PRO E 113 15.73 -8.31 15.12
CA PRO E 113 16.52 -9.53 15.15
C PRO E 113 15.69 -10.56 15.94
N TRP E 114 14.83 -11.31 15.23
CA TRP E 114 13.81 -12.20 15.85
C TRP E 114 14.46 -13.19 16.82
N ASP E 115 15.60 -13.77 16.46
CA ASP E 115 16.21 -14.91 17.20
C ASP E 115 16.90 -14.40 18.47
N SER E 116 17.51 -13.20 18.41
CA SER E 116 18.31 -12.62 19.51
C SER E 116 17.47 -11.67 20.39
N ILE E 117 16.41 -11.03 19.87
CA ILE E 117 15.74 -9.90 20.58
C ILE E 117 15.44 -10.32 22.05
N ASP E 118 16.11 -9.66 23.00
CA ASP E 118 15.95 -9.90 24.47
C ASP E 118 15.61 -8.55 25.10
N MET E 119 15.64 -8.46 26.43
CA MET E 119 15.32 -7.21 27.15
C MET E 119 16.51 -6.24 27.10
N ASP E 120 17.75 -6.74 26.97
CA ASP E 120 18.97 -5.88 26.82
C ASP E 120 18.78 -4.97 25.60
N PHE E 121 18.22 -5.53 24.52
CA PHE E 121 17.92 -4.88 23.21
C PHE E 121 16.70 -3.95 23.32
N MET E 122 15.60 -4.43 23.91
CA MET E 122 14.32 -3.65 24.05
C MET E 122 14.56 -2.49 25.03
N ASN E 123 15.55 -2.61 25.91
CA ASN E 123 15.99 -1.53 26.82
C ASN E 123 16.81 -0.47 26.08
N LEU E 124 17.52 -0.83 25.01
CA LEU E 124 18.41 0.08 24.24
C LEU E 124 17.69 0.67 23.00
N ASN E 125 16.81 -0.08 22.32
CA ASN E 125 16.14 0.37 21.07
C ASN E 125 14.66 0.60 21.38
N GLN E 126 14.39 1.74 22.02
CA GLN E 126 13.08 2.10 22.63
C GLN E 126 12.36 3.20 21.83
N SER E 127 12.85 3.53 20.64
CA SER E 127 12.37 4.69 19.84
C SER E 127 10.87 4.55 19.63
N ALA E 128 10.41 3.35 19.29
CA ALA E 128 8.97 3.03 19.17
C ALA E 128 8.17 3.75 20.30
N HIS E 129 8.58 3.66 21.57
CA HIS E 129 7.89 4.36 22.69
C HIS E 129 8.55 5.71 23.02
N GLY E 130 9.87 5.81 22.92
CA GLY E 130 10.60 7.02 23.33
C GLY E 130 10.24 8.25 22.49
N ASP E 131 10.10 8.04 21.17
CA ASP E 131 9.72 9.08 20.18
C ASP E 131 8.22 9.42 20.33
N ARG E 132 7.42 8.48 20.79
CA ARG E 132 5.98 8.70 21.09
C ARG E 132 5.84 9.67 22.25
N GLU E 133 6.53 9.42 23.36
CA GLU E 133 6.70 10.31 24.53
C GLU E 133 7.22 11.68 24.08
N PHE E 134 8.28 11.71 23.28
CA PHE E 134 8.82 13.00 22.79
C PHE E 134 7.75 13.70 21.92
N GLY E 135 7.11 12.89 21.07
CA GLY E 135 5.98 13.32 20.25
C GLY E 135 4.99 14.08 21.08
N PHE E 136 4.53 13.46 22.17
CA PHE E 136 3.52 14.03 23.10
C PHE E 136 4.04 15.37 23.65
N MET E 137 5.32 15.47 23.99
CA MET E 137 5.82 16.73 24.60
C MET E 137 5.74 17.84 23.56
N VAL E 138 6.18 17.55 22.35
CA VAL E 138 6.26 18.59 21.28
C VAL E 138 4.82 19.00 20.99
N THR E 139 3.92 18.06 20.79
CA THR E 139 2.50 18.38 20.49
C THR E 139 1.94 19.19 21.65
N ARG E 140 2.25 18.76 22.87
CA ARG E 140 1.66 19.34 24.10
C ARG E 140 2.09 20.80 24.24
N LEU E 141 3.27 21.16 23.72
CA LEU E 141 3.79 22.54 23.76
C LEU E 141 3.25 23.27 22.55
N GLY E 142 2.57 22.53 21.68
CA GLY E 142 1.95 23.08 20.47
C GLY E 142 3.00 23.73 19.60
N MET E 143 4.19 23.18 19.55
CA MET E 143 5.20 23.81 18.67
C MET E 143 5.25 23.03 17.37
N PRO E 144 5.44 23.74 16.24
CA PRO E 144 5.49 23.11 14.94
C PRO E 144 6.78 22.29 14.89
N ARG E 145 6.72 21.08 14.39
CA ARG E 145 7.93 20.33 13.95
C ARG E 145 7.52 19.46 12.78
N LYS E 146 8.53 18.98 12.04
CA LYS E 146 8.35 17.92 11.02
C LYS E 146 8.51 16.61 11.79
N VAL E 147 7.73 15.62 11.41
CA VAL E 147 7.93 14.22 11.86
C VAL E 147 8.12 13.38 10.59
N ILE E 148 9.23 12.66 10.55
CA ILE E 148 9.54 11.67 9.50
C ILE E 148 9.81 10.35 10.19
N VAL E 149 9.02 9.34 9.85
CA VAL E 149 9.06 8.00 10.46
C VAL E 149 9.69 7.10 9.42
N GLY E 150 10.80 6.47 9.76
CA GLY E 150 11.36 5.42 8.93
C GLY E 150 12.71 5.03 9.44
N HIS E 151 13.20 3.88 8.95
CA HIS E 151 14.60 3.44 9.16
C HIS E 151 15.48 4.53 8.58
N TRP E 152 16.58 4.81 9.26
CA TRP E 152 17.41 6.00 8.95
C TRP E 152 18.06 5.83 7.57
N GLN E 153 18.12 4.60 7.06
CA GLN E 153 18.77 4.25 5.77
C GLN E 153 17.75 4.19 4.65
N ASP E 154 16.46 4.17 4.97
CA ASP E 154 15.36 4.14 3.98
C ASP E 154 15.46 5.38 3.06
N ALA E 155 15.24 5.20 1.76
CA ALA E 155 15.46 6.23 0.73
C ALA E 155 14.33 7.28 0.82
N GLU E 156 13.11 6.85 1.11
CA GLU E 156 11.95 7.79 1.25
C GLU E 156 12.27 8.76 2.38
N VAL E 157 12.81 8.23 3.48
CA VAL E 157 13.19 9.03 4.68
C VAL E 157 14.18 10.10 4.24
N ALA E 158 15.16 9.74 3.42
CA ALA E 158 16.26 10.64 2.98
C ALA E 158 15.69 11.75 2.09
N ARG E 159 14.80 11.41 1.17
CA ARG E 159 14.13 12.41 0.31
C ARG E 159 13.42 13.40 1.24
N ARG E 160 12.69 12.90 2.23
CA ARG E 160 11.86 13.78 3.10
C ARG E 160 12.78 14.60 3.99
N VAL E 161 13.80 13.98 4.59
CA VAL E 161 14.77 14.78 5.39
C VAL E 161 15.38 15.86 4.48
N ARG E 162 15.83 15.46 3.29
CA ARG E 162 16.42 16.34 2.26
C ARG E 162 15.47 17.51 2.00
N GLY E 163 14.19 17.21 1.73
CA GLY E 163 13.18 18.23 1.41
C GLY E 163 13.06 19.24 2.54
N TRP E 164 13.03 18.72 3.75
CA TRP E 164 12.76 19.53 4.95
C TRP E 164 13.99 20.38 5.22
N ALA E 165 15.17 19.79 5.03
CA ALA E 165 16.45 20.50 5.29
C ALA E 165 16.54 21.72 4.37
N MET E 166 16.17 21.55 3.10
CA MET E 166 16.13 22.67 2.11
C MET E 166 15.21 23.76 2.64
N THR E 167 14.05 23.40 3.17
CA THR E 167 13.09 24.36 3.76
C THR E 167 13.71 25.02 4.99
N ALA E 168 14.38 24.22 5.81
CA ALA E 168 15.01 24.72 7.06
C ALA E 168 16.05 25.78 6.71
N VAL E 169 16.77 25.57 5.60
CA VAL E 169 17.81 26.50 5.08
C VAL E 169 17.12 27.78 4.59
N ALA E 170 16.06 27.64 3.80
CA ALA E 170 15.26 28.79 3.35
C ALA E 170 14.80 29.57 4.60
N ALA E 171 14.29 28.85 5.60
CA ALA E 171 13.83 29.43 6.88
C ALA E 171 15.00 30.19 7.55
N ALA E 172 16.21 29.61 7.54
CA ALA E 172 17.46 30.27 8.03
C ALA E 172 17.69 31.56 7.25
N VAL E 173 17.68 31.49 5.92
CA VAL E 173 17.90 32.67 5.06
C VAL E 173 16.81 33.70 5.40
N SER E 174 15.55 33.25 5.52
CA SER E 174 14.38 34.10 5.85
C SER E 174 14.60 34.91 7.13
N ARG E 175 15.23 34.30 8.14
CA ARG E 175 15.46 34.87 9.50
C ARG E 175 16.34 36.12 9.40
N GLY E 176 17.46 36.05 8.71
CA GLY E 176 18.36 37.22 8.53
C GLY E 176 18.29 37.78 7.12
N LEU E 177 17.10 37.82 6.51
CA LEU E 177 16.86 38.27 5.11
C LEU E 177 16.52 39.75 5.10
N LYS E 178 17.31 40.54 4.36
CA LYS E 178 17.11 41.99 4.20
C LYS E 178 16.58 42.23 2.79
N VAL E 179 15.54 43.06 2.68
CA VAL E 179 14.87 43.46 1.40
C VAL E 179 14.99 44.98 1.23
N ALA E 180 15.47 45.42 0.07
CA ALA E 180 15.61 46.85 -0.27
C ALA E 180 14.43 47.20 -1.16
N ARG E 181 13.59 48.13 -0.73
CA ARG E 181 12.49 48.62 -1.58
C ARG E 181 12.93 49.95 -2.16
N PHE E 182 13.15 49.94 -3.47
CA PHE E 182 13.41 51.16 -4.26
C PHE E 182 12.08 51.80 -4.59
N GLY E 183 11.59 52.68 -3.71
CA GLY E 183 10.28 53.34 -3.83
C GLY E 183 9.18 52.53 -3.18
N ASP E 184 7.99 53.12 -3.12
CA ASP E 184 6.85 52.60 -2.32
C ASP E 184 6.07 51.56 -3.12
N ASN E 185 4.97 51.07 -2.56
CA ASN E 185 4.00 50.22 -3.29
C ASN E 185 3.44 51.05 -4.44
N MET E 186 3.17 50.40 -5.57
CA MET E 186 2.31 50.99 -6.63
C MET E 186 1.06 51.58 -5.96
N ARG E 187 0.65 52.78 -6.34
CA ARG E 187 -0.44 53.48 -5.64
C ARG E 187 -1.75 52.73 -5.87
N GLN E 188 -2.50 52.54 -4.80
CA GLN E 188 -3.88 52.00 -4.76
C GLN E 188 -3.88 50.47 -4.96
N VAL E 189 -2.70 49.84 -4.96
CA VAL E 189 -2.61 48.36 -5.00
C VAL E 189 -2.76 47.83 -3.57
N ALA E 190 -3.43 46.67 -3.42
CA ALA E 190 -3.90 46.08 -2.14
C ALA E 190 -3.00 44.91 -1.70
N VAL E 191 -2.73 43.97 -2.59
CA VAL E 191 -2.14 42.67 -2.18
C VAL E 191 -0.66 42.85 -1.88
N THR E 192 0.02 43.71 -2.63
CA THR E 192 1.45 44.06 -2.44
C THR E 192 1.65 44.78 -1.09
N GLU E 193 0.58 45.18 -0.43
CA GLU E 193 0.64 45.94 0.85
C GLU E 193 0.59 44.97 2.03
N GLY E 194 0.86 45.46 3.23
CA GLY E 194 0.90 44.60 4.41
C GLY E 194 1.83 45.18 5.44
N ASP E 195 2.05 44.42 6.49
CA ASP E 195 2.67 44.92 7.73
C ASP E 195 4.10 44.39 7.74
N LYS E 196 5.07 45.24 7.44
CA LYS E 196 6.50 44.83 7.39
C LYS E 196 6.96 44.39 8.78
N VAL E 197 6.43 45.01 9.84
CA VAL E 197 6.63 44.61 11.28
C VAL E 197 6.19 43.16 11.50
N GLU E 198 4.94 42.82 11.15
CA GLU E 198 4.37 41.46 11.37
C GLU E 198 5.24 40.45 10.63
N ALA E 199 5.62 40.82 9.40
CA ALA E 199 6.37 39.96 8.46
C ALA E 199 7.79 39.76 8.99
N GLU E 200 8.31 40.71 9.79
CA GLU E 200 9.66 40.62 10.40
C GLU E 200 9.55 39.69 11.61
N ALA E 201 8.55 39.93 12.46
CA ALA E 201 8.21 39.11 13.64
C ALA E 201 7.92 37.68 13.19
N ARG E 202 7.24 37.50 12.08
CA ARG E 202 6.74 36.17 11.66
C ARG E 202 7.79 35.47 10.79
N PHE E 203 8.44 36.19 9.89
CA PHE E 203 9.34 35.58 8.89
C PHE E 203 10.80 35.96 9.15
N GLY E 204 11.07 37.02 9.91
CA GLY E 204 12.44 37.55 10.14
C GLY E 204 12.84 38.57 9.08
N TRP E 205 12.01 38.81 8.07
CA TRP E 205 12.33 39.69 6.91
C TRP E 205 12.54 41.14 7.35
N SER E 206 13.72 41.71 7.07
CA SER E 206 13.93 43.17 7.21
C SER E 206 13.61 43.84 5.87
N VAL E 207 12.56 44.65 5.82
CA VAL E 207 12.05 45.29 4.58
C VAL E 207 12.09 46.79 4.82
N ASN E 208 12.90 47.52 4.03
CA ASN E 208 13.18 48.94 4.32
C ASN E 208 13.22 49.70 3.01
N GLY E 209 12.71 50.92 3.07
CA GLY E 209 12.53 51.82 1.92
C GLY E 209 13.75 52.70 1.70
N TYR E 210 14.31 52.59 0.50
CA TYR E 210 15.23 53.60 -0.07
C TYR E 210 14.46 54.34 -1.17
N GLY E 211 14.63 55.66 -1.26
CA GLY E 211 14.26 56.41 -2.48
C GLY E 211 15.08 55.91 -3.63
N VAL E 212 14.49 55.83 -4.83
CA VAL E 212 15.22 55.42 -6.06
C VAL E 212 16.32 56.46 -6.32
N GLY E 213 16.20 57.66 -5.73
CA GLY E 213 17.34 58.57 -5.51
C GLY E 213 18.64 57.79 -5.30
N ASP E 214 18.68 56.96 -4.26
CA ASP E 214 19.86 56.17 -3.79
C ASP E 214 20.33 55.16 -4.85
N LEU E 215 19.44 54.61 -5.67
CA LEU E 215 19.81 53.55 -6.65
C LEU E 215 20.34 54.23 -7.92
N ALA E 216 19.73 55.37 -8.27
CA ALA E 216 20.18 56.30 -9.33
C ALA E 216 21.59 56.77 -9.00
N GLU E 217 21.76 57.35 -7.81
CA GLU E 217 23.06 57.77 -7.21
C GLU E 217 24.13 56.73 -7.53
N ARG E 218 23.87 55.47 -7.20
CA ARG E 218 24.88 54.40 -7.34
C ARG E 218 25.00 53.92 -8.79
N VAL E 219 23.99 54.18 -9.62
CA VAL E 219 23.97 53.78 -11.07
C VAL E 219 24.80 54.78 -11.90
N ARG E 220 24.78 56.08 -11.56
CA ARG E 220 25.60 57.15 -12.21
C ARG E 220 27.10 56.95 -11.95
N ALA E 221 27.48 56.36 -10.81
CA ALA E 221 28.88 56.18 -10.37
C ALA E 221 29.49 54.92 -11.00
N VAL E 222 28.68 54.11 -11.70
CA VAL E 222 29.15 52.89 -12.43
C VAL E 222 30.20 53.34 -13.44
N SER E 223 31.32 52.62 -13.58
CA SER E 223 32.38 52.91 -14.57
C SER E 223 31.97 52.34 -15.93
N GLU E 224 32.03 53.15 -16.99
CA GLU E 224 31.71 52.73 -18.38
C GLU E 224 32.52 51.47 -18.72
N ALA E 225 33.68 51.29 -18.09
CA ALA E 225 34.56 50.11 -18.20
C ALA E 225 33.84 48.89 -17.60
N GLU E 226 33.31 49.03 -16.38
CA GLU E 226 32.59 47.96 -15.64
C GLU E 226 31.42 47.47 -16.50
N ILE E 227 30.74 48.42 -17.15
CA ILE E 227 29.63 48.15 -18.12
C ILE E 227 30.18 47.25 -19.22
N ASP E 228 31.31 47.66 -19.83
CA ASP E 228 31.96 46.96 -20.97
C ASP E 228 32.16 45.49 -20.60
N ARG E 229 32.89 45.20 -19.52
CA ARG E 229 33.20 43.80 -19.11
C ARG E 229 31.87 43.04 -18.95
N LEU E 230 30.84 43.67 -18.38
CA LEU E 230 29.54 42.98 -18.15
C LEU E 230 28.92 42.60 -19.51
N ILE E 231 28.91 43.50 -20.51
CA ILE E 231 28.30 43.21 -21.84
C ILE E 231 29.10 42.10 -22.52
N ASP E 232 30.37 41.94 -22.15
CA ASP E 232 31.17 40.77 -22.61
C ASP E 232 30.51 39.52 -22.02
N GLU E 233 30.21 39.55 -20.71
CA GLU E 233 29.47 38.46 -20.02
C GLU E 233 28.17 38.18 -20.79
N TYR E 234 27.26 39.15 -20.92
CA TYR E 234 25.99 39.00 -21.70
C TYR E 234 26.33 38.20 -22.97
N GLN E 235 27.27 38.72 -23.76
CA GLN E 235 27.76 38.15 -25.04
C GLN E 235 28.11 36.66 -24.89
N SER E 236 28.71 36.27 -23.75
CA SER E 236 29.05 34.85 -23.44
C SER E 236 27.78 34.05 -23.06
N LEU E 237 26.71 34.71 -22.60
CA LEU E 237 25.49 34.04 -22.05
C LEU E 237 24.33 34.12 -23.05
N TYR E 238 23.95 35.32 -23.48
CA TYR E 238 22.69 35.64 -24.18
C TYR E 238 22.93 36.07 -25.64
N GLU E 239 22.16 35.52 -26.57
CA GLU E 239 22.07 35.98 -27.98
C GLU E 239 21.35 37.33 -27.98
N PHE E 240 21.79 38.25 -28.83
CA PHE E 240 21.26 39.64 -28.96
C PHE E 240 20.43 39.71 -30.23
N ALA E 241 19.18 40.16 -30.13
CA ALA E 241 18.23 40.29 -31.26
C ALA E 241 18.77 41.33 -32.24
N PRO E 242 18.41 41.26 -33.54
CA PRO E 242 18.72 42.33 -34.49
C PRO E 242 18.52 43.71 -33.85
N GLY E 243 19.56 44.55 -33.86
CA GLY E 243 19.54 45.93 -33.33
C GLY E 243 20.23 46.05 -31.97
N CYS E 244 20.37 44.95 -31.24
CA CYS E 244 20.88 44.93 -29.84
C CYS E 244 22.39 44.62 -29.81
N GLU E 245 22.94 44.01 -30.87
CA GLU E 245 24.40 43.72 -31.02
C GLU E 245 25.21 45.00 -30.76
N LYS E 246 26.47 44.87 -30.33
CA LYS E 246 27.31 46.03 -29.92
C LYS E 246 27.42 47.01 -31.11
N GLY E 247 27.31 48.31 -30.84
CA GLY E 247 27.35 49.40 -31.84
C GLY E 247 25.99 49.68 -32.46
N GLY E 248 25.02 48.77 -32.30
CA GLY E 248 23.66 48.90 -32.89
C GLY E 248 22.96 50.20 -32.46
N PRO E 249 21.81 50.54 -33.09
CA PRO E 249 21.02 51.68 -32.61
C PRO E 249 20.42 51.46 -31.22
N LEU E 250 20.16 50.19 -30.85
CA LEU E 250 19.44 49.79 -29.59
C LEU E 250 20.44 49.45 -28.49
N HIS E 251 21.59 48.89 -28.84
CA HIS E 251 22.59 48.36 -27.88
C HIS E 251 22.84 49.34 -26.73
N ASP E 252 22.62 50.64 -26.95
CA ASP E 252 22.80 51.71 -25.91
C ASP E 252 21.74 51.56 -24.81
N GLY E 253 20.64 50.83 -25.09
CA GLY E 253 19.62 50.43 -24.11
C GLY E 253 20.09 49.27 -23.25
N VAL E 254 20.79 48.31 -23.86
CA VAL E 254 21.37 47.12 -23.17
C VAL E 254 22.40 47.60 -22.16
N ARG E 255 23.27 48.50 -22.59
CA ARG E 255 24.39 49.07 -21.79
C ARG E 255 23.81 49.71 -20.53
N GLU E 256 22.64 50.35 -20.63
CA GLU E 256 21.97 51.02 -19.49
C GLU E 256 21.44 49.95 -18.53
N GLN E 257 20.94 48.83 -19.05
CA GLN E 257 20.50 47.69 -18.20
C GLN E 257 21.70 47.16 -17.42
N ALA E 258 22.81 46.88 -18.12
CA ALA E 258 24.12 46.47 -17.55
C ALA E 258 24.58 47.48 -16.49
N ARG E 259 24.34 48.76 -16.72
CA ARG E 259 24.71 49.84 -15.78
C ARG E 259 23.85 49.67 -14.54
N ILE E 260 22.53 49.67 -14.71
CA ILE E 260 21.54 49.43 -13.62
C ILE E 260 21.93 48.15 -12.88
N GLU E 261 22.31 47.08 -13.59
CA GLU E 261 22.65 45.77 -12.97
C GLU E 261 23.77 45.95 -11.93
N LEU E 262 24.81 46.71 -12.26
CA LEU E 262 26.03 46.83 -11.42
C LEU E 262 25.78 47.84 -10.29
N GLY E 263 24.95 48.86 -10.54
CA GLY E 263 24.47 49.82 -9.54
C GLY E 263 23.53 49.15 -8.54
N LEU E 264 22.74 48.18 -9.01
CA LEU E 264 21.83 47.38 -8.14
C LEU E 264 22.70 46.45 -7.30
N ARG E 265 23.46 45.57 -7.94
CA ARG E 265 24.31 44.55 -7.25
C ARG E 265 25.21 45.23 -6.22
N SER E 266 25.69 46.43 -6.52
CA SER E 266 26.59 47.20 -5.65
C SER E 266 25.82 47.61 -4.38
N PHE E 267 24.67 48.28 -4.54
CA PHE E 267 23.82 48.76 -3.43
C PHE E 267 23.40 47.57 -2.57
N LEU E 268 23.01 46.49 -3.24
CA LEU E 268 22.51 45.25 -2.59
C LEU E 268 23.65 44.58 -1.82
N GLU E 269 24.80 44.31 -2.44
CA GLU E 269 25.96 43.66 -1.75
C GLU E 269 26.48 44.55 -0.62
N GLU E 270 26.36 45.88 -0.74
CA GLU E 270 26.77 46.80 0.35
C GLU E 270 25.89 46.54 1.58
N GLY E 271 24.58 46.41 1.39
CA GLY E 271 23.59 46.33 2.47
C GLY E 271 23.31 44.89 2.93
N GLY E 272 23.76 43.88 2.17
CA GLY E 272 23.51 42.46 2.49
C GLY E 272 22.14 41.98 2.03
N PHE E 273 21.46 42.79 1.22
CA PHE E 273 20.07 42.59 0.73
C PHE E 273 20.04 41.40 -0.22
N GLU E 274 19.14 40.44 0.01
CA GLU E 274 18.99 39.22 -0.86
C GLU E 274 17.68 39.31 -1.65
N ALA E 275 17.03 40.46 -1.59
CA ALA E 275 15.82 40.74 -2.38
C ALA E 275 15.55 42.24 -2.39
N PHE E 276 14.77 42.67 -3.37
CA PHE E 276 14.46 44.10 -3.59
C PHE E 276 13.20 44.20 -4.45
N THR E 277 12.72 45.42 -4.49
CA THR E 277 11.51 45.82 -5.22
C THR E 277 11.81 47.12 -5.92
N THR E 278 11.37 47.20 -7.15
CA THR E 278 11.23 48.44 -7.94
C THR E 278 9.74 48.76 -8.06
N THR E 279 9.45 50.03 -8.32
CA THR E 279 8.11 50.57 -8.66
C THR E 279 8.29 51.47 -9.89
N PHE E 280 7.64 51.13 -11.00
CA PHE E 280 7.71 51.92 -12.28
C PHE E 280 7.22 53.36 -12.04
N GLU E 281 6.45 53.59 -10.97
CA GLU E 281 5.85 54.91 -10.65
C GLU E 281 6.88 55.89 -10.07
N ASP E 282 8.00 55.40 -9.53
CA ASP E 282 9.09 56.20 -8.92
C ASP E 282 10.44 55.73 -9.48
N LEU E 283 10.83 56.27 -10.66
CA LEU E 283 12.07 55.88 -11.38
C LEU E 283 12.95 57.12 -11.59
N HIS E 284 12.73 58.19 -10.83
CA HIS E 284 13.55 59.43 -10.84
C HIS E 284 15.04 59.10 -10.73
N GLY E 285 15.82 59.49 -11.74
CA GLY E 285 17.27 59.27 -11.84
C GLY E 285 17.60 58.02 -12.65
N MET E 286 16.59 57.27 -13.08
CA MET E 286 16.74 56.05 -13.93
C MET E 286 16.26 56.39 -15.34
N LYS E 287 17.03 56.06 -16.37
CA LYS E 287 16.58 56.28 -17.77
C LYS E 287 15.76 55.05 -18.22
N GLN E 288 15.89 53.92 -17.51
CA GLN E 288 15.09 52.69 -17.76
C GLN E 288 14.58 52.13 -16.42
N LEU E 289 13.38 51.55 -16.41
CA LEU E 289 12.92 50.64 -15.34
C LEU E 289 13.84 49.43 -15.34
N PRO E 290 14.42 49.03 -14.18
CA PRO E 290 15.23 47.82 -14.11
C PRO E 290 14.48 46.62 -14.72
N GLY E 291 15.10 45.94 -15.70
CA GLY E 291 14.48 44.86 -16.48
C GLY E 291 15.42 43.67 -16.61
N LEU E 292 16.29 43.69 -17.62
CA LEU E 292 17.40 42.73 -17.87
C LEU E 292 18.27 42.64 -16.61
N ALA E 293 18.53 43.77 -15.96
CA ALA E 293 19.30 43.87 -14.69
C ALA E 293 18.69 42.90 -13.68
N VAL E 294 17.42 43.12 -13.35
CA VAL E 294 16.60 42.36 -12.37
C VAL E 294 16.59 40.88 -12.77
N GLN E 295 16.39 40.58 -14.05
CA GLN E 295 16.27 39.18 -14.53
C GLN E 295 17.57 38.46 -14.17
N ARG E 296 18.71 39.15 -14.27
CA ARG E 296 20.06 38.58 -13.99
C ARG E 296 20.26 38.46 -12.48
N LEU E 297 19.95 39.52 -11.74
CA LEU E 297 19.99 39.47 -10.26
C LEU E 297 19.15 38.30 -9.73
N MET E 298 17.97 38.02 -10.28
CA MET E 298 17.15 36.87 -9.81
C MET E 298 17.85 35.54 -10.09
N ALA E 299 18.44 35.37 -11.27
CA ALA E 299 19.16 34.14 -11.71
C ALA E 299 20.31 33.81 -10.73
N GLU E 300 21.07 34.82 -10.30
CA GLU E 300 22.11 34.71 -9.25
C GLU E 300 21.47 34.15 -7.96
N GLY E 301 20.21 34.52 -7.68
CA GLY E 301 19.44 34.00 -6.53
C GLY E 301 18.70 35.10 -5.77
N TYR E 302 18.77 36.34 -6.22
CA TYR E 302 18.07 37.48 -5.56
C TYR E 302 16.56 37.30 -5.69
N GLY E 303 15.86 37.70 -4.64
CA GLY E 303 14.41 37.85 -4.63
C GLY E 303 14.03 39.16 -5.27
N PHE E 304 13.06 39.12 -6.18
CA PHE E 304 12.52 40.34 -6.81
C PHE E 304 10.99 40.35 -6.74
N GLY E 305 10.43 41.52 -6.47
CA GLY E 305 9.00 41.79 -6.56
C GLY E 305 8.77 43.13 -7.20
N GLY E 306 7.94 43.16 -8.24
CA GLY E 306 7.58 44.36 -8.99
C GLY E 306 6.65 45.23 -8.18
N GLU E 307 6.49 46.49 -8.60
CA GLU E 307 5.60 47.52 -8.03
C GLU E 307 5.67 47.53 -6.49
N GLY E 308 6.87 47.33 -5.93
CA GLY E 308 7.16 47.39 -4.49
C GLY E 308 6.74 46.16 -3.71
N ASP E 309 6.49 45.02 -4.36
CA ASP E 309 5.94 43.78 -3.72
C ASP E 309 7.05 43.06 -2.94
N TRP E 310 7.29 43.49 -1.71
CA TRP E 310 8.31 42.92 -0.79
C TRP E 310 7.99 41.48 -0.43
N LYS E 311 6.73 41.21 -0.13
CA LYS E 311 6.24 39.87 0.26
C LYS E 311 6.69 38.86 -0.80
N THR E 312 6.49 39.16 -2.08
CA THR E 312 6.82 38.23 -3.20
C THR E 312 8.32 38.26 -3.45
N ALA E 313 8.93 39.45 -3.35
CA ALA E 313 10.40 39.59 -3.37
C ALA E 313 10.98 38.56 -2.41
N ALA E 314 10.60 38.66 -1.13
CA ALA E 314 11.09 37.78 -0.05
C ALA E 314 10.78 36.32 -0.40
N LEU E 315 9.54 36.03 -0.77
CA LEU E 315 9.11 34.65 -1.11
C LEU E 315 10.00 34.09 -2.23
N VAL E 316 10.26 34.88 -3.29
CA VAL E 316 11.07 34.42 -4.45
C VAL E 316 12.47 34.02 -3.94
N ARG E 317 13.10 34.91 -3.18
CA ARG E 317 14.38 34.62 -2.48
C ARG E 317 14.25 33.24 -1.83
N LEU E 318 13.33 33.11 -0.86
CA LEU E 318 13.15 31.88 -0.04
C LEU E 318 13.02 30.67 -0.97
N MET E 319 12.20 30.79 -2.00
CA MET E 319 11.89 29.64 -2.87
C MET E 319 13.09 29.33 -3.77
N LYS E 320 13.88 30.33 -4.14
CA LYS E 320 15.16 30.07 -4.83
C LYS E 320 16.02 29.16 -3.94
N VAL E 321 16.18 29.53 -2.68
CA VAL E 321 16.97 28.76 -1.67
C VAL E 321 16.36 27.36 -1.49
N MET E 322 15.03 27.19 -1.62
CA MET E 322 14.40 25.84 -1.46
C MET E 322 14.72 25.04 -2.70
N ALA E 323 14.76 25.72 -3.85
CA ALA E 323 14.91 25.16 -5.21
C ALA E 323 16.38 24.97 -5.54
N ASP E 324 17.27 25.57 -4.73
CA ASP E 324 18.75 25.51 -4.88
C ASP E 324 19.13 26.43 -6.05
N GLY E 325 18.49 27.61 -6.11
CA GLY E 325 18.70 28.62 -7.16
C GLY E 325 18.00 28.30 -8.49
N LYS E 326 17.37 27.11 -8.61
CA LYS E 326 16.88 26.56 -9.90
C LYS E 326 15.38 26.82 -10.10
N GLY E 327 15.00 27.14 -11.35
CA GLY E 327 13.63 26.95 -11.88
C GLY E 327 12.60 27.82 -11.19
N THR E 328 13.02 28.95 -10.65
CA THR E 328 12.28 29.74 -9.65
C THR E 328 12.32 31.20 -10.09
N SER E 329 11.16 31.83 -10.23
CA SER E 329 11.01 33.18 -10.83
C SER E 329 9.87 33.92 -10.13
N PHE E 330 10.02 35.22 -9.93
CA PHE E 330 8.89 36.18 -9.88
C PHE E 330 8.03 35.87 -11.10
N MET E 331 6.71 35.86 -10.90
CA MET E 331 5.72 35.58 -11.97
C MET E 331 4.49 36.48 -11.77
N GLU E 332 3.71 36.66 -12.84
CA GLU E 332 2.37 37.29 -12.79
C GLU E 332 1.53 36.62 -13.89
N ASP E 333 0.42 35.99 -13.52
CA ASP E 333 -0.71 35.70 -14.43
C ASP E 333 -0.94 36.97 -15.24
N TYR E 334 -0.57 36.99 -16.53
CA TYR E 334 -0.74 38.20 -17.37
C TYR E 334 -2.00 38.05 -18.23
N THR E 335 -2.28 36.86 -18.76
CA THR E 335 -3.49 36.61 -19.61
C THR E 335 -3.82 35.12 -19.67
N TYR E 336 -5.05 34.81 -20.11
CA TYR E 336 -5.58 33.43 -20.17
C TYR E 336 -5.84 32.98 -21.59
N HIS E 337 -5.70 31.67 -21.76
CA HIS E 337 -6.11 30.90 -22.94
C HIS E 337 -7.29 30.04 -22.51
N PHE E 338 -8.49 30.39 -22.92
CA PHE E 338 -9.73 29.78 -22.41
C PHE E 338 -10.25 28.73 -23.39
N GLU E 339 -9.38 28.28 -24.28
CA GLU E 339 -9.72 27.21 -25.27
C GLU E 339 -10.18 25.97 -24.50
N PRO E 340 -11.47 25.58 -24.63
CA PRO E 340 -11.94 24.33 -24.03
C PRO E 340 -10.89 23.22 -24.21
N GLY E 341 -10.53 22.55 -23.11
CA GLY E 341 -9.67 21.34 -23.07
C GLY E 341 -8.19 21.66 -23.23
N ASN E 342 -7.84 22.93 -23.43
CA ASN E 342 -6.44 23.40 -23.56
C ASN E 342 -6.32 24.74 -22.82
N GLU E 343 -7.03 24.89 -21.72
CA GLU E 343 -7.04 26.13 -20.91
C GLU E 343 -5.68 26.24 -20.21
N MET E 344 -5.02 27.40 -20.33
CA MET E 344 -3.70 27.67 -19.72
C MET E 344 -3.53 29.16 -19.42
N ILE E 345 -2.56 29.46 -18.55
CA ILE E 345 -2.25 30.84 -18.11
C ILE E 345 -0.91 31.19 -18.75
N LEU E 346 -0.83 32.40 -19.29
CA LEU E 346 0.42 33.06 -19.74
C LEU E 346 0.88 33.94 -18.59
N GLY E 347 1.82 33.43 -17.81
CA GLY E 347 2.55 34.24 -16.83
C GLY E 347 3.71 34.95 -17.51
N ALA E 348 3.81 36.26 -17.27
CA ALA E 348 5.02 37.06 -17.56
C ALA E 348 5.12 38.18 -16.52
N HIS E 349 6.02 39.14 -16.70
CA HIS E 349 5.94 40.48 -16.07
C HIS E 349 6.41 41.54 -17.07
N MET E 350 6.11 42.80 -16.78
CA MET E 350 6.62 44.00 -17.49
C MET E 350 7.95 43.72 -18.19
N LEU E 351 8.97 43.26 -17.43
CA LEU E 351 10.32 42.86 -17.94
C LEU E 351 10.92 41.70 -17.14
N GLU E 352 10.53 41.58 -15.86
CA GLU E 352 11.31 40.91 -14.80
C GLU E 352 10.85 39.46 -14.68
N VAL E 353 11.26 38.62 -15.62
CA VAL E 353 11.11 37.14 -15.48
C VAL E 353 12.52 36.55 -15.39
N CYS E 354 12.77 35.72 -14.39
CA CYS E 354 14.11 35.10 -14.14
C CYS E 354 14.42 34.11 -15.25
N PRO E 355 15.61 34.18 -15.90
CA PRO E 355 15.99 33.25 -16.96
C PRO E 355 16.23 31.82 -16.50
N THR E 356 16.16 31.54 -15.19
CA THR E 356 16.35 30.20 -14.59
C THR E 356 15.08 29.38 -14.78
N ILE E 357 13.99 29.99 -15.27
CA ILE E 357 12.77 29.24 -15.74
C ILE E 357 12.75 29.12 -17.26
N ALA E 358 13.78 29.64 -17.95
CA ALA E 358 13.86 29.70 -19.44
C ALA E 358 14.13 28.31 -20.04
N ALA E 359 13.40 27.93 -21.10
CA ALA E 359 13.63 26.67 -21.86
C ALA E 359 14.56 26.95 -23.05
N THR E 360 14.35 28.10 -23.70
CA THR E 360 15.13 28.62 -24.84
C THR E 360 16.36 29.34 -24.30
N ARG E 361 17.34 29.62 -25.15
CA ARG E 361 18.41 30.60 -24.82
C ARG E 361 17.70 31.93 -24.53
N PRO E 362 17.99 32.57 -23.39
CA PRO E 362 17.58 33.96 -23.20
C PRO E 362 18.14 34.84 -24.34
N ARG E 363 17.24 35.58 -25.01
CA ARG E 363 17.57 36.55 -26.10
C ARG E 363 17.42 37.98 -25.55
N ILE E 364 18.46 38.81 -25.66
CA ILE E 364 18.37 40.25 -25.26
C ILE E 364 17.60 40.99 -26.35
N GLU E 365 16.46 41.60 -26.00
CA GLU E 365 15.63 42.48 -26.87
C GLU E 365 15.51 43.84 -26.21
N VAL E 366 15.27 44.89 -27.00
CA VAL E 366 15.03 46.28 -26.52
C VAL E 366 13.75 46.76 -27.21
N HIS E 367 12.63 46.70 -26.49
CA HIS E 367 11.29 47.13 -26.96
C HIS E 367 10.89 48.36 -26.16
N PRO E 368 9.99 49.21 -26.69
CA PRO E 368 9.44 50.29 -25.88
C PRO E 368 8.72 49.74 -24.64
N LEU E 369 8.57 50.57 -23.61
CA LEU E 369 7.61 50.36 -22.47
C LEU E 369 6.99 51.71 -22.08
N SER E 370 5.72 51.90 -22.43
CA SER E 370 4.90 53.05 -22.00
C SER E 370 4.92 53.20 -20.47
N ILE E 371 4.94 52.08 -19.73
CA ILE E 371 4.77 52.05 -18.24
C ILE E 371 6.05 52.58 -17.60
N GLY E 372 5.92 53.57 -16.71
CA GLY E 372 7.03 54.32 -16.09
C GLY E 372 7.39 55.56 -16.89
N GLY E 373 7.37 55.46 -18.23
CA GLY E 373 7.65 56.56 -19.17
C GLY E 373 9.14 56.83 -19.28
N LYS E 374 9.95 55.76 -19.31
CA LYS E 374 11.42 55.81 -19.45
C LYS E 374 11.81 55.07 -20.74
N GLU E 375 13.11 54.96 -21.03
CA GLU E 375 13.62 54.56 -22.37
C GLU E 375 13.31 53.08 -22.62
N ASP E 376 12.98 52.74 -23.89
CA ASP E 376 12.90 51.34 -24.38
C ASP E 376 13.90 50.49 -23.60
N PRO E 377 13.46 49.72 -22.57
CA PRO E 377 14.41 48.96 -21.73
C PRO E 377 14.82 47.60 -22.32
N ALA E 378 16.06 47.20 -22.08
CA ALA E 378 16.58 45.87 -22.51
C ALA E 378 16.10 44.81 -21.52
N ARG E 379 15.84 43.60 -22.00
CA ARG E 379 15.30 42.50 -21.16
C ARG E 379 15.60 41.18 -21.83
N LEU E 380 15.84 40.13 -21.03
CA LEU E 380 15.91 38.76 -21.55
C LEU E 380 14.48 38.36 -21.93
N VAL E 381 14.34 37.81 -23.14
CA VAL E 381 13.09 37.23 -23.69
C VAL E 381 13.37 35.76 -23.96
N PHE E 382 12.53 34.88 -23.42
CA PHE E 382 12.68 33.41 -23.51
C PHE E 382 11.29 32.79 -23.30
N ASP E 383 11.13 31.54 -23.72
CA ASP E 383 9.95 30.71 -23.38
C ASP E 383 10.29 29.98 -22.08
N GLY E 384 9.35 30.01 -21.13
CA GLY E 384 9.36 29.16 -19.92
C GLY E 384 9.40 27.68 -20.25
N GLY E 385 10.08 26.91 -19.39
CA GLY E 385 10.18 25.46 -19.47
C GLY E 385 8.84 24.80 -19.28
N GLU E 386 8.89 23.47 -19.18
CA GLU E 386 7.71 22.61 -18.93
C GLU E 386 7.98 21.78 -17.66
N GLY E 387 6.93 21.18 -17.11
CA GLY E 387 6.99 20.16 -16.03
C GLY E 387 6.14 20.53 -14.84
N ALA E 388 6.07 19.65 -13.83
CA ALA E 388 5.40 19.93 -12.53
C ALA E 388 6.05 21.18 -11.93
N ALA E 389 5.23 22.11 -11.42
CA ALA E 389 5.67 23.35 -10.76
C ALA E 389 4.65 23.80 -9.70
N VAL E 390 5.00 24.81 -8.92
CA VAL E 390 4.11 25.41 -7.90
C VAL E 390 4.20 26.91 -8.13
N ASN E 391 3.05 27.57 -8.14
CA ASN E 391 2.91 29.04 -8.23
C ASN E 391 2.35 29.48 -6.86
N ALA E 392 3.05 30.32 -6.13
CA ALA E 392 2.78 30.54 -4.69
C ALA E 392 2.70 32.03 -4.42
N SER E 393 1.64 32.48 -3.76
CA SER E 393 1.45 33.86 -3.28
C SER E 393 1.50 33.90 -1.75
N LEU E 394 2.14 34.94 -1.20
CA LEU E 394 2.14 35.24 0.25
C LEU E 394 1.43 36.59 0.43
N ILE E 395 0.23 36.58 1.00
CA ILE E 395 -0.63 37.80 1.13
C ILE E 395 -0.76 38.11 2.62
N ASP E 396 -1.13 39.36 2.95
CA ASP E 396 -1.46 39.76 4.34
C ASP E 396 -2.98 39.90 4.44
N LEU E 397 -3.63 39.07 5.26
CA LEU E 397 -5.10 39.10 5.54
C LEU E 397 -5.39 40.17 6.59
N GLY E 398 -4.35 40.86 7.07
CA GLY E 398 -4.42 42.00 8.00
C GLY E 398 -3.91 41.55 9.35
N HIS E 399 -4.53 40.51 9.86
CA HIS E 399 -4.24 39.95 11.21
C HIS E 399 -3.14 38.89 11.10
N ARG E 400 -2.79 38.47 9.88
CA ARG E 400 -1.89 37.32 9.66
C ARG E 400 -1.68 37.11 8.17
N PHE E 401 -0.57 36.47 7.81
CA PHE E 401 -0.18 36.12 6.44
C PHE E 401 -0.74 34.75 6.12
N ARG E 402 -1.05 34.57 4.83
CA ARG E 402 -1.54 33.31 4.27
C ARG E 402 -0.61 32.98 3.13
N LEU E 403 -0.06 31.78 3.09
CA LEU E 403 0.67 31.28 1.89
C LEU E 403 -0.33 30.51 1.02
N ILE E 404 -0.54 30.98 -0.22
CA ILE E 404 -1.34 30.24 -1.25
C ILE E 404 -0.36 29.60 -2.23
N VAL E 405 -0.54 28.29 -2.46
CA VAL E 405 0.28 27.49 -3.41
C VAL E 405 -0.68 26.78 -4.32
N ASN E 406 -0.49 26.98 -5.62
CA ASN E 406 -1.23 26.25 -6.68
C ASN E 406 -0.21 25.34 -7.35
N GLU E 407 -0.44 24.03 -7.31
CA GLU E 407 0.28 23.04 -8.14
C GLU E 407 -0.18 23.21 -9.59
N VAL E 408 0.76 23.42 -10.53
CA VAL E 408 0.46 23.66 -11.96
C VAL E 408 1.37 22.77 -12.80
N ASP E 409 1.02 22.59 -14.07
CA ASP E 409 1.90 22.00 -15.11
C ASP E 409 2.24 23.10 -16.13
N ALA E 410 3.51 23.51 -16.17
CA ALA E 410 4.09 24.35 -17.25
C ALA E 410 4.10 23.56 -18.55
N VAL E 411 3.73 24.21 -19.65
CA VAL E 411 3.63 23.57 -20.98
C VAL E 411 4.56 24.30 -21.96
N LYS E 412 5.11 23.57 -22.93
CA LYS E 412 5.82 24.18 -24.08
C LYS E 412 4.75 24.80 -24.97
N PRO E 413 4.93 26.07 -25.40
CA PRO E 413 3.98 26.72 -26.30
C PRO E 413 3.88 25.94 -27.63
N GLU E 414 2.67 25.52 -28.02
CA GLU E 414 2.34 25.01 -29.39
C GLU E 414 2.87 26.00 -30.43
N HIS E 415 2.62 27.30 -30.20
CA HIS E 415 2.73 28.42 -31.17
C HIS E 415 3.82 29.40 -30.70
N ASP E 416 4.47 30.10 -31.64
CA ASP E 416 5.43 31.22 -31.37
C ASP E 416 4.60 32.47 -31.04
N MET E 417 5.19 33.44 -30.34
CA MET E 417 4.53 34.72 -29.97
C MET E 417 5.45 35.88 -30.38
N PRO E 418 5.56 36.14 -31.69
CA PRO E 418 6.67 36.95 -32.23
C PRO E 418 6.64 38.42 -31.80
N LYS E 419 5.46 38.96 -31.47
CA LYS E 419 5.31 40.39 -31.10
C LYS E 419 5.39 40.58 -29.57
N LEU E 420 5.57 39.51 -28.77
CA LEU E 420 5.56 39.54 -27.28
C LEU E 420 6.92 39.92 -26.71
N PRO E 421 7.13 41.21 -26.31
CA PRO E 421 8.46 41.69 -25.93
C PRO E 421 9.01 41.23 -24.56
N VAL E 422 8.34 40.29 -23.90
CA VAL E 422 8.71 39.83 -22.53
C VAL E 422 8.84 38.32 -22.51
N ALA E 423 9.81 37.82 -21.73
CA ALA E 423 9.92 36.38 -21.41
C ALA E 423 8.59 35.94 -20.82
N ARG E 424 8.14 34.75 -21.18
CA ARG E 424 6.79 34.30 -20.81
C ARG E 424 6.86 32.79 -20.54
N ILE E 425 5.90 32.31 -19.76
CA ILE E 425 5.69 30.86 -19.51
C ILE E 425 4.19 30.62 -19.59
N LEU E 426 3.84 29.41 -20.03
CA LEU E 426 2.45 28.91 -20.00
C LEU E 426 2.40 27.83 -18.92
N TRP E 427 1.31 27.80 -18.18
CA TRP E 427 0.98 26.61 -17.35
C TRP E 427 -0.52 26.33 -17.37
N LYS E 428 -0.85 25.05 -17.21
CA LYS E 428 -2.20 24.52 -16.90
C LYS E 428 -2.28 24.27 -15.39
N PRO E 429 -2.92 25.20 -14.63
CA PRO E 429 -3.06 25.05 -13.19
C PRO E 429 -4.02 23.92 -12.85
N ARG E 430 -3.63 23.09 -11.87
CA ARG E 430 -4.47 21.99 -11.37
C ARG E 430 -5.48 22.59 -10.39
N PRO E 431 -6.72 22.05 -10.32
CA PRO E 431 -7.15 20.95 -11.21
C PRO E 431 -7.64 21.43 -12.58
N SER E 432 -7.78 22.74 -12.73
CA SER E 432 -8.36 23.38 -13.92
C SER E 432 -8.20 24.89 -13.78
N LEU E 433 -8.07 25.62 -14.88
CA LEU E 433 -8.07 27.12 -14.89
C LEU E 433 -9.33 27.60 -14.18
N ARG E 434 -10.47 27.01 -14.51
CA ARG E 434 -11.78 27.34 -13.92
C ARG E 434 -11.65 27.25 -12.39
N ASP E 435 -11.26 26.10 -11.86
CA ASP E 435 -11.34 25.83 -10.40
C ASP E 435 -10.13 26.45 -9.66
N SER E 436 -8.92 26.26 -10.18
CA SER E 436 -7.70 26.78 -9.53
C SER E 436 -7.88 28.28 -9.33
N ALA E 437 -8.35 28.98 -10.35
CA ALA E 437 -8.50 30.45 -10.35
C ALA E 437 -9.54 30.86 -9.31
N GLU E 438 -10.66 30.13 -9.26
CA GLU E 438 -11.74 30.38 -8.30
C GLU E 438 -11.19 30.19 -6.89
N ALA E 439 -10.43 29.10 -6.69
CA ALA E 439 -9.83 28.74 -5.39
C ALA E 439 -8.89 29.86 -5.00
N TRP E 440 -8.03 30.23 -5.93
CA TRP E 440 -6.99 31.27 -5.74
C TRP E 440 -7.64 32.59 -5.30
N ILE E 441 -8.71 32.98 -5.97
CA ILE E 441 -9.44 34.27 -5.73
C ILE E 441 -10.08 34.19 -4.34
N LEU E 442 -10.81 33.12 -4.03
CA LEU E 442 -11.39 32.87 -2.68
C LEU E 442 -10.29 32.97 -1.64
N ALA E 443 -9.13 32.37 -1.90
CA ALA E 443 -7.94 32.40 -1.02
C ALA E 443 -7.35 33.80 -0.98
N GLY E 444 -7.61 34.62 -1.98
CA GLY E 444 -7.16 36.04 -2.05
C GLY E 444 -5.75 36.12 -2.61
N GLY E 445 -5.31 35.06 -3.28
CA GLY E 445 -3.97 34.98 -3.83
C GLY E 445 -3.68 36.21 -4.67
N ALA E 446 -2.47 36.74 -4.51
CA ALA E 446 -1.95 37.88 -5.29
C ALA E 446 -1.81 37.49 -6.77
N HIS E 447 -1.73 38.48 -7.64
CA HIS E 447 -1.37 38.38 -9.09
C HIS E 447 0.13 38.16 -9.20
N HIS E 448 0.90 38.83 -8.34
CA HIS E 448 2.33 38.52 -8.12
C HIS E 448 2.42 37.16 -7.44
N THR E 449 3.29 36.29 -7.92
CA THR E 449 3.64 35.02 -7.25
C THR E 449 5.16 34.79 -7.35
N CYS E 450 5.64 33.75 -6.67
CA CYS E 450 6.86 33.03 -7.05
C CYS E 450 6.43 31.72 -7.71
N PHE E 451 6.77 31.60 -8.99
CA PHE E 451 6.71 30.35 -9.77
C PHE E 451 8.01 29.61 -9.50
N SER E 452 7.94 28.29 -9.36
CA SER E 452 9.15 27.42 -9.32
C SER E 452 8.82 26.00 -9.78
N PHE E 453 9.69 25.44 -10.62
CA PHE E 453 9.70 24.04 -11.09
C PHE E 453 10.23 23.10 -10.00
N ALA E 454 11.00 23.64 -9.03
CA ALA E 454 11.83 22.83 -8.09
C ALA E 454 11.17 22.71 -6.70
N VAL E 455 10.68 23.81 -6.12
CA VAL E 455 10.01 23.81 -4.79
C VAL E 455 8.74 22.93 -4.81
N THR E 456 8.61 22.01 -3.86
CA THR E 456 7.43 21.10 -3.76
C THR E 456 6.41 21.80 -2.87
N THR E 457 5.13 21.52 -3.10
CA THR E 457 4.02 21.78 -2.13
C THR E 457 4.47 21.49 -0.69
N GLU E 458 5.06 20.31 -0.41
CA GLU E 458 5.38 19.84 0.97
C GLU E 458 6.40 20.81 1.59
N GLN E 459 7.37 21.28 0.81
CA GLN E 459 8.38 22.25 1.32
C GLN E 459 7.69 23.55 1.74
N LEU E 460 6.76 24.04 0.92
CA LEU E 460 6.12 25.36 1.16
C LEU E 460 5.26 25.25 2.42
N GLN E 461 4.56 24.13 2.59
CA GLN E 461 3.72 23.78 3.77
C GLN E 461 4.64 23.72 5.00
N ASP E 462 5.78 23.04 4.90
CA ASP E 462 6.76 22.90 6.00
C ASP E 462 7.27 24.29 6.40
N PHE E 463 7.52 25.15 5.42
CA PHE E 463 7.99 26.53 5.67
C PHE E 463 6.91 27.30 6.44
N ALA E 464 5.64 27.12 6.07
CA ALA E 464 4.47 27.70 6.77
C ALA E 464 4.39 27.18 8.22
N GLU E 465 4.64 25.88 8.49
CA GLU E 465 4.66 25.34 9.88
C GLU E 465 5.78 26.03 10.65
N MET E 466 6.98 26.11 10.08
CA MET E 466 8.13 26.77 10.73
C MET E 466 7.76 28.22 11.05
N ALA E 467 7.28 28.94 10.04
CA ALA E 467 6.80 30.33 10.10
C ALA E 467 5.60 30.53 11.05
N GLY E 468 4.72 29.53 11.20
CA GLY E 468 3.46 29.68 11.95
C GLY E 468 2.43 30.49 11.18
N ILE E 469 2.29 30.20 9.87
CA ILE E 469 1.24 30.78 9.00
C ILE E 469 0.45 29.66 8.31
N GLU E 470 -0.77 30.01 7.94
CA GLU E 470 -1.60 29.21 7.04
C GLU E 470 -0.91 29.11 5.68
N CYS E 471 -0.89 27.89 5.20
CA CYS E 471 -0.62 27.53 3.82
C CYS E 471 -1.86 26.84 3.25
N VAL E 472 -2.36 27.33 2.12
CA VAL E 472 -3.48 26.65 1.43
C VAL E 472 -2.94 26.13 0.11
N VAL E 473 -3.37 24.94 -0.27
CA VAL E 473 -2.88 24.26 -1.48
C VAL E 473 -4.04 23.98 -2.43
N ILE E 474 -3.84 24.41 -3.67
CA ILE E 474 -4.74 24.20 -4.82
C ILE E 474 -4.01 23.22 -5.75
N ASN E 475 -4.52 22.01 -5.88
CA ASN E 475 -3.88 20.93 -6.67
C ASN E 475 -4.95 20.03 -7.29
N GLU E 476 -4.55 18.82 -7.70
CA GLU E 476 -5.44 17.93 -8.49
C GLU E 476 -6.65 17.54 -7.62
N HIS E 477 -6.52 17.58 -6.29
CA HIS E 477 -7.57 17.08 -5.35
C HIS E 477 -8.43 18.23 -4.83
N THR E 478 -8.08 19.47 -5.18
CA THR E 478 -8.84 20.67 -4.76
C THR E 478 -10.22 20.65 -5.41
N SER E 479 -11.25 20.52 -4.59
CA SER E 479 -12.67 20.87 -4.87
C SER E 479 -12.98 22.22 -4.18
N VAL E 480 -13.34 23.23 -4.96
CA VAL E 480 -13.57 24.64 -4.51
C VAL E 480 -14.49 24.66 -3.27
N SER E 481 -15.54 23.84 -3.20
CA SER E 481 -16.46 23.76 -2.03
C SER E 481 -15.71 23.37 -0.75
N SER E 482 -14.92 22.30 -0.77
CA SER E 482 -14.05 21.86 0.34
C SER E 482 -13.10 22.98 0.73
N PHE E 483 -12.52 23.63 -0.27
CA PHE E 483 -11.48 24.69 -0.14
C PHE E 483 -12.11 25.85 0.64
N LYS E 484 -13.28 26.32 0.20
CA LYS E 484 -14.05 27.39 0.90
C LYS E 484 -14.09 27.05 2.39
N ASN E 485 -14.42 25.80 2.73
CA ASN E 485 -14.54 25.27 4.11
C ASN E 485 -13.16 25.27 4.78
N GLU E 486 -12.16 24.65 4.14
CA GLU E 486 -10.72 24.74 4.49
C GLU E 486 -10.45 26.19 4.99
N LEU E 487 -10.87 27.21 4.23
CA LEU E 487 -10.52 28.64 4.45
C LEU E 487 -11.20 29.13 5.74
N LYS E 488 -12.42 28.71 5.98
CA LYS E 488 -13.18 29.18 7.16
C LYS E 488 -12.59 28.51 8.39
N TRP E 489 -12.32 27.22 8.31
CA TRP E 489 -11.81 26.44 9.45
C TRP E 489 -10.40 26.86 9.80
N ASN E 490 -9.52 27.01 8.81
CA ASN E 490 -8.12 27.45 9.02
C ASN E 490 -8.18 28.81 9.71
N GLU E 491 -9.09 29.67 9.24
CA GLU E 491 -9.15 31.11 9.65
C GLU E 491 -9.37 31.15 11.16
N VAL E 492 -10.30 30.34 11.66
CA VAL E 492 -10.65 30.31 13.09
C VAL E 492 -9.48 29.74 13.89
N PHE E 493 -8.72 28.82 13.31
CA PHE E 493 -7.53 28.26 13.98
C PHE E 493 -6.42 29.31 14.00
N TRP E 494 -6.27 30.09 12.92
CA TRP E 494 -5.04 30.87 12.64
C TRP E 494 -5.13 32.27 13.24
N ARG E 495 -6.30 32.74 13.65
CA ARG E 495 -6.38 34.06 14.33
C ARG E 495 -5.86 33.93 15.76
N GLY E 496 -4.91 34.79 16.14
CA GLY E 496 -4.27 34.85 17.47
C GLY E 496 -3.20 33.79 17.71
N ARG E 497 -2.67 33.18 16.65
CA ARG E 497 -1.65 32.09 16.74
C ARG E 497 -0.24 32.68 16.54
N LEU F 3 17.46 8.98 -37.08
CA LEU F 3 16.87 7.84 -37.82
C LEU F 3 15.36 7.84 -37.61
N SER F 4 14.62 8.10 -38.69
CA SER F 4 13.16 8.39 -38.72
C SER F 4 12.37 7.13 -38.33
N LEU F 5 11.55 7.19 -37.28
CA LEU F 5 10.66 6.04 -36.94
C LEU F 5 9.50 6.04 -37.91
N ARG F 6 9.17 4.87 -38.49
CA ARG F 6 7.87 4.62 -39.18
C ARG F 6 6.75 5.25 -38.35
N PRO F 7 5.61 5.62 -38.97
CA PRO F 7 4.48 6.17 -38.21
C PRO F 7 3.79 4.99 -37.52
N TYR F 8 4.42 4.46 -36.46
CA TYR F 8 3.92 3.27 -35.71
C TYR F 8 2.63 3.66 -34.99
N GLU F 9 1.63 2.80 -35.12
CA GLU F 9 0.32 2.94 -34.44
C GLU F 9 0.07 1.64 -33.67
N PHE F 10 -0.66 1.77 -32.56
CA PHE F 10 -1.19 0.66 -31.74
C PHE F 10 -2.68 0.53 -32.08
N TRP F 11 -3.18 -0.70 -32.11
CA TRP F 11 -4.57 -1.04 -32.48
C TRP F 11 -5.34 -1.38 -31.22
N PHE F 12 -6.37 -0.59 -30.91
CA PHE F 12 -7.27 -0.85 -29.76
C PHE F 12 -8.43 -1.68 -30.29
N VAL F 13 -8.31 -3.00 -30.07
CA VAL F 13 -9.33 -4.04 -30.41
C VAL F 13 -10.09 -4.34 -29.14
N THR F 14 -11.38 -4.03 -29.14
CA THR F 14 -12.31 -4.28 -28.02
C THR F 14 -13.09 -5.53 -28.41
N GLY F 15 -13.24 -6.46 -27.47
CA GLY F 15 -13.98 -7.72 -27.64
C GLY F 15 -15.33 -7.67 -26.97
N SER F 16 -16.35 -8.18 -27.65
CA SER F 16 -17.70 -8.36 -27.08
C SER F 16 -18.43 -9.50 -27.81
N GLN F 17 -19.74 -9.61 -27.59
CA GLN F 17 -20.63 -10.57 -28.29
C GLN F 17 -22.09 -10.11 -28.17
N HIS F 18 -23.02 -10.88 -28.76
CA HIS F 18 -24.45 -10.52 -28.93
C HIS F 18 -25.29 -11.16 -27.81
N LEU F 19 -25.39 -10.50 -26.65
CA LEU F 19 -26.02 -11.04 -25.40
C LEU F 19 -26.51 -9.88 -24.52
N GLY F 21 -27.14 -7.27 -27.17
CA GLY F 21 -27.69 -6.86 -28.49
C GLY F 21 -26.70 -6.05 -29.30
N GLU F 22 -27.16 -5.33 -30.33
CA GLU F 22 -26.36 -4.42 -31.19
C GLU F 22 -26.35 -2.98 -30.64
N GLU F 23 -27.27 -2.67 -29.72
CA GLU F 23 -27.34 -1.36 -29.03
C GLU F 23 -26.27 -1.36 -27.92
N ALA F 24 -26.17 -2.45 -27.16
CA ALA F 24 -25.07 -2.71 -26.19
C ALA F 24 -23.72 -2.60 -26.90
N LEU F 25 -23.60 -3.12 -28.13
CA LEU F 25 -22.35 -3.04 -28.93
C LEU F 25 -22.09 -1.59 -29.33
N LYS F 26 -23.14 -0.82 -29.62
CA LYS F 26 -23.03 0.62 -29.98
C LYS F 26 -22.41 1.36 -28.79
N GLN F 27 -22.83 0.99 -27.56
CA GLN F 27 -22.32 1.53 -26.26
C GLN F 27 -20.86 1.08 -26.05
N VAL F 28 -20.52 -0.15 -26.45
CA VAL F 28 -19.13 -0.69 -26.40
C VAL F 28 -18.24 0.13 -27.34
N GLU F 29 -18.62 0.27 -28.61
CA GLU F 29 -17.87 1.04 -29.64
C GLU F 29 -17.78 2.51 -29.24
N GLU F 30 -18.88 3.08 -28.74
CA GLU F 30 -18.89 4.46 -28.20
C GLU F 30 -17.77 4.57 -27.16
N HIS F 31 -17.79 3.70 -26.14
CA HIS F 31 -16.84 3.73 -25.00
C HIS F 31 -15.40 3.57 -25.50
N SER F 32 -15.17 2.70 -26.48
CA SER F 32 -13.82 2.41 -27.01
C SER F 32 -13.29 3.64 -27.73
N ARG F 33 -14.17 4.30 -28.50
CA ARG F 33 -13.86 5.48 -29.36
C ARG F 33 -13.50 6.68 -28.47
N ILE F 34 -14.26 6.93 -27.42
CA ILE F 34 -13.99 7.92 -26.34
C ILE F 34 -12.62 7.65 -25.71
N MET F 35 -12.25 6.41 -25.45
CA MET F 35 -11.00 6.08 -24.70
C MET F 35 -9.79 6.39 -25.59
N VAL F 36 -9.80 5.85 -26.81
CA VAL F 36 -8.71 5.97 -27.81
C VAL F 36 -8.52 7.44 -28.16
N ASN F 37 -9.62 8.15 -28.43
CA ASN F 37 -9.66 9.60 -28.77
C ASN F 37 -9.02 10.40 -27.62
N GLU F 38 -9.49 10.20 -26.38
CA GLU F 38 -9.02 10.95 -25.18
C GLU F 38 -7.71 10.35 -24.66
N TRP F 39 -7.13 9.39 -25.38
CA TRP F 39 -5.72 8.95 -25.24
C TRP F 39 -4.88 9.72 -26.27
N ASN F 40 -5.36 9.85 -27.52
CA ASN F 40 -4.61 10.51 -28.62
C ASN F 40 -4.58 12.03 -28.44
N ARG F 41 -5.53 12.60 -27.69
CA ARG F 41 -5.71 14.06 -27.53
C ARG F 41 -4.69 14.58 -26.49
N PRO F 46 3.21 9.44 -27.64
CA PRO F 46 4.32 9.09 -28.53
C PRO F 46 3.85 8.60 -29.91
N PHE F 47 2.93 7.62 -29.92
CA PHE F 47 2.36 6.94 -31.12
C PHE F 47 0.84 6.92 -31.03
N PRO F 48 0.09 7.08 -32.14
CA PRO F 48 -1.36 7.12 -32.05
C PRO F 48 -1.95 5.71 -31.77
N PHE F 49 -2.91 5.67 -30.85
CA PHE F 49 -3.84 4.53 -30.68
C PHE F 49 -4.94 4.74 -31.72
N VAL F 50 -5.17 3.73 -32.56
CA VAL F 50 -6.22 3.72 -33.60
C VAL F 50 -7.26 2.71 -33.15
N PHE F 51 -8.49 3.16 -32.86
CA PHE F 51 -9.63 2.27 -32.57
C PHE F 51 -9.87 1.41 -33.82
N LYS F 52 -10.02 0.09 -33.64
CA LYS F 52 -10.55 -0.83 -34.69
C LYS F 52 -11.86 -1.41 -34.18
N SER F 53 -12.57 -2.09 -35.07
CA SER F 53 -13.70 -3.00 -34.75
C SER F 53 -13.85 -3.18 -33.24
N VAL F 54 -15.08 -3.14 -32.76
CA VAL F 54 -15.52 -4.06 -31.69
C VAL F 54 -15.65 -5.43 -32.38
N VAL F 55 -15.04 -6.46 -31.81
CA VAL F 55 -14.95 -7.79 -32.49
C VAL F 55 -15.83 -8.75 -31.69
N THR F 56 -16.69 -9.48 -32.40
CA THR F 56 -17.81 -10.20 -31.77
C THR F 56 -17.88 -11.64 -32.26
N THR F 57 -17.04 -11.99 -33.24
CA THR F 57 -17.08 -13.29 -33.97
C THR F 57 -15.65 -13.75 -34.17
N PRO F 58 -15.38 -15.08 -34.19
CA PRO F 58 -14.07 -15.60 -34.58
C PRO F 58 -13.50 -14.93 -35.84
N GLU F 59 -14.37 -14.59 -36.79
CA GLU F 59 -13.99 -14.13 -38.15
C GLU F 59 -13.51 -12.68 -38.05
N GLU F 60 -14.21 -11.89 -37.25
CA GLU F 60 -13.86 -10.47 -36.98
C GLU F 60 -12.49 -10.45 -36.27
N ILE F 61 -12.35 -11.20 -35.18
CA ILE F 61 -11.08 -11.26 -34.38
C ILE F 61 -9.94 -11.71 -35.29
N ARG F 62 -10.14 -12.79 -36.06
CA ARG F 62 -9.08 -13.39 -36.90
C ARG F 62 -8.64 -12.38 -37.97
N ARG F 63 -9.58 -11.59 -38.48
CA ARG F 63 -9.32 -10.63 -39.58
C ARG F 63 -8.48 -9.47 -39.01
N VAL F 64 -8.88 -8.95 -37.86
CA VAL F 64 -8.18 -7.85 -37.16
C VAL F 64 -6.74 -8.28 -36.90
N CYS F 65 -6.53 -9.52 -36.45
CA CYS F 65 -5.21 -10.04 -36.01
C CYS F 65 -4.34 -10.18 -37.25
N LEU F 66 -4.90 -10.79 -38.30
CA LEU F 66 -4.27 -10.98 -39.62
C LEU F 66 -3.91 -9.61 -40.21
N GLU F 67 -4.80 -8.63 -40.04
CA GLU F 67 -4.54 -7.24 -40.50
C GLU F 67 -3.42 -6.64 -39.64
N ALA F 68 -3.54 -6.72 -38.32
CA ALA F 68 -2.50 -6.33 -37.33
C ALA F 68 -1.16 -6.89 -37.80
N ASN F 69 -1.11 -8.18 -38.09
CA ASN F 69 0.13 -8.85 -38.53
C ASN F 69 0.73 -8.15 -39.75
N ALA F 70 -0.09 -7.93 -40.79
CA ALA F 70 0.32 -7.49 -42.14
C ALA F 70 0.56 -5.97 -42.16
N SER F 71 0.03 -5.23 -41.19
CA SER F 71 0.16 -3.76 -41.07
C SER F 71 1.56 -3.43 -40.54
N GLU F 72 2.46 -3.01 -41.44
CA GLU F 72 3.85 -2.62 -41.12
C GLU F 72 3.81 -1.52 -40.04
N GLN F 73 2.81 -0.65 -40.06
CA GLN F 73 2.62 0.45 -39.09
C GLN F 73 2.20 -0.12 -37.73
N CYS F 74 1.60 -1.31 -37.71
CA CYS F 74 1.10 -1.90 -36.44
C CYS F 74 2.28 -2.41 -35.61
N ALA F 75 2.64 -1.73 -34.51
CA ALA F 75 3.81 -2.05 -33.67
C ALA F 75 3.35 -2.90 -32.48
N GLY F 76 2.07 -2.79 -32.15
CA GLY F 76 1.42 -3.62 -31.12
C GLY F 76 -0.08 -3.66 -31.27
N VAL F 77 -0.75 -4.56 -30.57
CA VAL F 77 -2.22 -4.64 -30.49
C VAL F 77 -2.60 -4.53 -29.02
N VAL F 78 -3.56 -3.66 -28.69
CA VAL F 78 -4.08 -3.51 -27.31
C VAL F 78 -5.53 -4.03 -27.32
N THR F 79 -5.79 -5.07 -26.55
CA THR F 79 -7.10 -5.74 -26.52
C THR F 79 -7.74 -5.50 -25.16
N TRP F 80 -9.03 -5.21 -25.19
CA TRP F 80 -9.85 -5.06 -23.98
C TRP F 80 -11.18 -5.76 -24.22
N MET F 81 -11.59 -6.60 -23.28
CA MET F 81 -12.92 -7.23 -23.30
C MET F 81 -13.84 -6.30 -22.49
N HIS F 82 -14.57 -5.42 -23.18
CA HIS F 82 -15.67 -4.61 -22.59
C HIS F 82 -16.63 -5.59 -21.90
N THR F 83 -17.24 -6.46 -22.70
CA THR F 83 -18.22 -7.48 -22.25
C THR F 83 -17.48 -8.82 -22.20
N PHE F 84 -18.14 -9.86 -21.69
CA PHE F 84 -17.73 -11.26 -21.91
C PHE F 84 -17.55 -11.40 -23.43
N SER F 85 -16.39 -11.92 -23.84
CA SER F 85 -16.00 -12.08 -25.27
C SER F 85 -15.47 -13.50 -25.47
N PRO F 86 -16.39 -14.49 -25.48
CA PRO F 86 -16.02 -15.91 -25.37
C PRO F 86 -14.75 -16.24 -26.17
N ALA F 87 -13.70 -16.70 -25.47
CA ALA F 87 -12.32 -16.55 -25.91
C ALA F 87 -11.95 -17.60 -26.96
N LYS F 88 -12.69 -18.72 -27.08
CA LYS F 88 -12.49 -19.68 -28.20
C LYS F 88 -12.65 -18.90 -29.53
N MET F 89 -13.49 -17.86 -29.55
CA MET F 89 -13.61 -16.98 -30.75
C MET F 89 -12.24 -16.39 -31.11
N TRP F 90 -11.41 -16.14 -30.08
CA TRP F 90 -10.12 -15.43 -30.17
C TRP F 90 -8.97 -16.35 -30.58
N ILE F 91 -9.14 -17.69 -30.51
CA ILE F 91 -8.05 -18.70 -30.68
C ILE F 91 -7.44 -18.53 -32.06
N GLY F 92 -8.25 -18.65 -33.11
CA GLY F 92 -7.81 -18.44 -34.50
C GLY F 92 -7.04 -17.12 -34.66
N GLY F 93 -7.53 -16.06 -34.03
CA GLY F 93 -6.93 -14.72 -34.08
C GLY F 93 -5.60 -14.67 -33.33
N LEU F 94 -5.58 -15.14 -32.07
CA LEU F 94 -4.38 -15.09 -31.18
C LEU F 94 -3.31 -16.02 -31.72
N LEU F 95 -3.72 -17.18 -32.23
CA LEU F 95 -2.78 -18.07 -32.93
C LEU F 95 -2.15 -17.28 -34.08
N GLU F 96 -2.87 -16.33 -34.67
CA GLU F 96 -2.44 -15.63 -35.92
C GLU F 96 -1.54 -14.43 -35.60
N LEU F 97 -1.68 -13.84 -34.41
CA LEU F 97 -1.08 -12.52 -34.08
C LEU F 97 0.39 -12.74 -33.77
N ARG F 98 1.26 -11.98 -34.42
CA ARG F 98 2.74 -12.06 -34.25
C ARG F 98 3.26 -10.64 -33.97
N LYS F 99 2.33 -9.73 -33.67
CA LYS F 99 2.65 -8.39 -33.17
C LYS F 99 2.60 -8.46 -31.65
N PRO F 100 3.39 -7.63 -30.95
CA PRO F 100 3.30 -7.58 -29.49
C PRO F 100 1.85 -7.32 -29.09
N LEU F 101 1.43 -8.00 -28.02
CA LEU F 101 0.07 -7.90 -27.46
C LEU F 101 0.12 -7.29 -26.06
N LEU F 102 -0.75 -6.31 -25.78
CA LEU F 102 -1.00 -5.79 -24.41
C LEU F 102 -2.46 -6.10 -24.13
N HIS F 103 -2.71 -6.81 -23.05
CA HIS F 103 -4.07 -7.01 -22.54
C HIS F 103 -4.34 -5.82 -21.62
N LEU F 104 -5.09 -4.84 -22.10
CA LEU F 104 -5.46 -3.71 -21.21
C LEU F 104 -6.73 -4.11 -20.48
N HIS F 105 -6.58 -4.43 -19.20
CA HIS F 105 -7.64 -4.96 -18.31
C HIS F 105 -8.23 -3.73 -17.64
N THR F 106 -9.09 -3.05 -18.39
CA THR F 106 -9.68 -1.78 -17.96
C THR F 106 -11.19 -1.92 -17.95
N GLN F 107 -11.88 -0.80 -18.08
CA GLN F 107 -13.27 -0.57 -17.65
C GLN F 107 -13.49 0.90 -18.00
N PHE F 108 -14.59 1.24 -18.66
CA PHE F 108 -14.90 2.65 -19.02
C PHE F 108 -15.16 3.45 -17.75
N ASN F 109 -16.15 3.06 -16.96
CA ASN F 109 -16.40 3.73 -15.67
C ASN F 109 -15.22 3.39 -14.79
N ARG F 110 -14.80 4.33 -13.94
CA ARG F 110 -13.81 4.09 -12.86
C ARG F 110 -14.53 3.40 -11.71
N ASP F 111 -15.60 4.03 -11.22
CA ASP F 111 -16.25 3.68 -9.95
C ASP F 111 -17.53 2.90 -10.26
N ILE F 112 -17.92 1.99 -9.38
CA ILE F 112 -19.25 1.34 -9.41
C ILE F 112 -20.30 2.40 -9.15
N PRO F 113 -21.19 2.67 -10.13
CA PRO F 113 -22.30 3.59 -9.92
C PRO F 113 -23.22 2.97 -8.88
N TRP F 114 -22.83 3.07 -7.61
CA TRP F 114 -23.44 2.32 -6.48
C TRP F 114 -24.98 2.31 -6.60
N ASP F 115 -25.59 3.45 -6.95
CA ASP F 115 -27.03 3.68 -6.77
C ASP F 115 -27.79 3.25 -8.03
N SER F 116 -27.16 3.31 -9.21
CA SER F 116 -27.81 2.92 -10.49
C SER F 116 -27.33 1.53 -10.94
N ILE F 117 -26.32 0.93 -10.30
CA ILE F 117 -25.74 -0.34 -10.84
C ILE F 117 -26.82 -1.42 -10.82
N ASP F 118 -27.25 -1.79 -12.04
CA ASP F 118 -28.33 -2.76 -12.33
C ASP F 118 -27.78 -3.82 -13.29
N MET F 119 -28.54 -4.88 -13.53
CA MET F 119 -28.24 -5.98 -14.49
C MET F 119 -27.92 -5.40 -15.88
N ASP F 120 -28.48 -4.24 -16.27
CA ASP F 120 -28.29 -3.68 -17.64
C ASP F 120 -26.83 -3.23 -17.77
N PHE F 121 -26.36 -2.52 -16.75
CA PHE F 121 -24.97 -2.03 -16.59
C PHE F 121 -24.02 -3.22 -16.44
N MET F 122 -24.45 -4.26 -15.71
CA MET F 122 -23.66 -5.50 -15.47
C MET F 122 -23.42 -6.20 -16.82
N ASN F 123 -24.41 -6.18 -17.72
CA ASN F 123 -24.36 -6.82 -19.06
C ASN F 123 -23.46 -6.01 -20.02
N LEU F 124 -23.11 -4.77 -19.65
CA LEU F 124 -22.29 -3.88 -20.51
C LEU F 124 -20.84 -3.78 -20.00
N ASN F 125 -20.60 -3.86 -18.69
CA ASN F 125 -19.27 -3.53 -18.12
C ASN F 125 -18.75 -4.78 -17.42
N GLN F 126 -18.44 -5.78 -18.24
CA GLN F 126 -18.17 -7.18 -17.83
C GLN F 126 -16.66 -7.46 -17.80
N SER F 127 -15.84 -6.43 -18.07
CA SER F 127 -14.36 -6.54 -18.19
C SER F 127 -13.83 -7.37 -17.04
N ALA F 128 -14.33 -7.13 -15.83
CA ALA F 128 -13.89 -7.86 -14.62
C ALA F 128 -13.92 -9.38 -14.87
N HIS F 129 -14.87 -9.93 -15.65
CA HIS F 129 -14.84 -11.36 -16.06
C HIS F 129 -14.51 -11.51 -17.56
N GLY F 130 -14.88 -10.52 -18.38
CA GLY F 130 -14.52 -10.48 -19.81
C GLY F 130 -13.05 -10.79 -20.05
N ASP F 131 -12.18 -9.96 -19.47
CA ASP F 131 -10.68 -10.00 -19.55
C ASP F 131 -10.07 -11.20 -18.79
N ARG F 132 -10.70 -11.72 -17.74
CA ARG F 132 -10.13 -12.94 -17.09
C ARG F 132 -10.23 -14.11 -18.07
N GLU F 133 -11.39 -14.25 -18.72
CA GLU F 133 -11.66 -15.35 -19.67
C GLU F 133 -10.69 -15.27 -20.84
N PHE F 134 -10.54 -14.06 -21.44
CA PHE F 134 -9.52 -13.75 -22.49
C PHE F 134 -8.12 -13.95 -21.88
N GLY F 135 -7.96 -13.55 -20.62
CA GLY F 135 -6.70 -13.82 -19.94
C GLY F 135 -6.38 -15.30 -20.04
N PHE F 136 -7.38 -16.14 -19.80
CA PHE F 136 -7.18 -17.59 -19.66
C PHE F 136 -6.84 -18.08 -21.05
N MET F 137 -7.50 -17.53 -22.03
CA MET F 137 -7.24 -18.04 -23.40
C MET F 137 -5.77 -17.74 -23.76
N VAL F 138 -5.27 -16.55 -23.46
CA VAL F 138 -3.91 -16.16 -23.92
C VAL F 138 -2.87 -16.96 -23.14
N THR F 139 -3.05 -17.19 -21.84
CA THR F 139 -2.12 -18.02 -21.03
C THR F 139 -2.17 -19.45 -21.59
N ARG F 140 -3.37 -19.92 -21.94
CA ARG F 140 -3.63 -21.30 -22.43
C ARG F 140 -2.80 -21.54 -23.68
N LEU F 141 -2.62 -20.51 -24.52
CA LEU F 141 -1.85 -20.61 -25.79
C LEU F 141 -0.35 -20.32 -25.54
N GLY F 142 0.06 -20.21 -24.28
CA GLY F 142 1.45 -19.89 -23.90
C GLY F 142 1.95 -18.61 -24.55
N MET F 143 1.06 -17.73 -25.00
CA MET F 143 1.46 -16.47 -25.65
C MET F 143 2.01 -15.46 -24.64
N PRO F 144 3.19 -14.88 -24.95
CA PRO F 144 3.69 -13.75 -24.18
C PRO F 144 2.77 -12.55 -24.40
N ARG F 145 2.50 -11.76 -23.37
CA ARG F 145 1.72 -10.52 -23.51
C ARG F 145 2.04 -9.61 -22.33
N LYS F 146 1.95 -8.29 -22.52
CA LYS F 146 1.84 -7.33 -21.39
C LYS F 146 0.39 -7.42 -20.91
N VAL F 147 0.21 -7.44 -19.60
CA VAL F 147 -1.07 -7.25 -18.89
C VAL F 147 -0.92 -6.00 -18.04
N ILE F 148 -1.69 -4.96 -18.36
CA ILE F 148 -1.75 -3.71 -17.55
C ILE F 148 -3.18 -3.59 -17.03
N VAL F 149 -3.33 -3.61 -15.71
CA VAL F 149 -4.65 -3.53 -15.02
C VAL F 149 -4.82 -2.12 -14.45
N GLY F 150 -5.80 -1.38 -14.94
CA GLY F 150 -6.29 -0.16 -14.27
C GLY F 150 -7.38 0.53 -15.05
N HIS F 151 -7.96 1.57 -14.46
CA HIS F 151 -8.86 2.51 -15.17
C HIS F 151 -8.08 3.16 -16.31
N TRP F 152 -8.74 3.41 -17.43
CA TRP F 152 -8.11 3.80 -18.71
C TRP F 152 -7.56 5.23 -18.67
N GLN F 153 -7.93 6.02 -17.64
CA GLN F 153 -7.52 7.44 -17.43
C GLN F 153 -6.52 7.55 -16.28
N ASP F 154 -6.42 6.50 -15.45
CA ASP F 154 -5.42 6.39 -14.37
C ASP F 154 -4.03 6.66 -14.98
N ALA F 155 -3.25 7.51 -14.32
CA ALA F 155 -1.95 8.02 -14.82
C ALA F 155 -0.92 6.89 -14.82
N GLU F 156 -0.92 6.01 -13.80
CA GLU F 156 0.04 4.88 -13.74
C GLU F 156 -0.15 3.93 -14.93
N VAL F 157 -1.42 3.66 -15.32
CA VAL F 157 -1.82 2.88 -16.52
C VAL F 157 -1.19 3.51 -17.77
N ALA F 158 -1.34 4.81 -17.98
CA ALA F 158 -0.70 5.50 -19.15
C ALA F 158 0.82 5.26 -19.12
N ARG F 159 1.49 5.51 -17.99
CA ARG F 159 2.97 5.37 -17.86
C ARG F 159 3.35 3.96 -18.32
N ARG F 160 2.67 2.94 -17.79
CA ARG F 160 2.93 1.51 -18.15
C ARG F 160 2.59 1.28 -19.62
N VAL F 161 1.43 1.75 -20.07
CA VAL F 161 1.04 1.57 -21.50
C VAL F 161 2.10 2.21 -22.40
N ARG F 162 2.68 3.37 -22.08
CA ARG F 162 3.69 3.93 -23.03
C ARG F 162 5.03 3.23 -22.83
N GLY F 163 5.37 2.87 -21.58
CA GLY F 163 6.55 2.01 -21.34
C GLY F 163 6.54 0.88 -22.35
N TRP F 164 5.40 0.19 -22.45
CA TRP F 164 5.21 -1.01 -23.29
C TRP F 164 5.20 -0.61 -24.76
N ALA F 165 4.60 0.53 -25.11
CA ALA F 165 4.50 0.99 -26.52
C ALA F 165 5.90 1.30 -27.06
N MET F 166 6.72 2.02 -26.30
CA MET F 166 8.14 2.24 -26.65
C MET F 166 8.79 0.90 -26.97
N THR F 167 8.65 -0.08 -26.06
CA THR F 167 9.17 -1.47 -26.20
C THR F 167 8.63 -2.12 -27.47
N ALA F 168 7.31 -2.06 -27.65
CA ALA F 168 6.61 -2.64 -28.83
C ALA F 168 7.20 -2.06 -30.13
N VAL F 169 7.45 -0.76 -30.12
CA VAL F 169 8.05 -0.05 -31.27
C VAL F 169 9.47 -0.55 -31.52
N ALA F 170 10.31 -0.64 -30.49
CA ALA F 170 11.66 -1.26 -30.56
C ALA F 170 11.54 -2.65 -31.17
N ALA F 171 10.56 -3.43 -30.70
CA ALA F 171 10.25 -4.78 -31.23
C ALA F 171 9.91 -4.71 -32.71
N ALA F 172 9.30 -3.60 -33.17
CA ALA F 172 8.90 -3.40 -34.59
C ALA F 172 10.12 -3.04 -35.43
N VAL F 173 11.00 -2.19 -34.90
CA VAL F 173 12.31 -1.83 -35.53
C VAL F 173 13.14 -3.11 -35.66
N SER F 174 13.19 -3.88 -34.57
CA SER F 174 13.86 -5.19 -34.41
C SER F 174 13.51 -6.14 -35.57
N ARG F 175 12.24 -6.16 -35.97
CA ARG F 175 11.64 -7.11 -36.96
C ARG F 175 12.24 -6.88 -38.35
N GLY F 176 12.46 -5.63 -38.76
CA GLY F 176 13.21 -5.29 -39.98
C GLY F 176 14.73 -5.19 -39.76
N LEU F 177 15.19 -4.91 -38.53
CA LEU F 177 16.54 -4.38 -38.25
C LEU F 177 17.60 -5.03 -39.14
N LYS F 178 18.21 -4.23 -39.99
CA LYS F 178 19.36 -4.64 -40.83
C LYS F 178 20.65 -4.10 -40.17
N VAL F 179 21.59 -5.01 -39.90
CA VAL F 179 22.91 -4.76 -39.27
C VAL F 179 23.95 -5.09 -40.31
N ALA F 180 24.86 -4.15 -40.55
CA ALA F 180 25.98 -4.29 -41.50
C ALA F 180 27.24 -4.54 -40.70
N ARG F 181 27.96 -5.60 -41.03
CA ARG F 181 29.25 -5.90 -40.37
C ARG F 181 30.32 -5.59 -41.41
N PHE F 182 31.23 -4.68 -41.03
CA PHE F 182 32.41 -4.30 -41.84
C PHE F 182 33.59 -5.13 -41.34
N GLY F 183 33.65 -6.37 -41.81
CA GLY F 183 34.60 -7.38 -41.32
C GLY F 183 34.04 -8.21 -40.19
N ASP F 184 34.63 -9.38 -40.02
CA ASP F 184 34.22 -10.45 -39.08
C ASP F 184 34.39 -9.98 -37.62
N ASN F 185 34.08 -10.86 -36.68
CA ASN F 185 34.34 -10.67 -35.23
C ASN F 185 35.84 -10.53 -35.02
N MET F 186 36.24 -9.82 -33.97
CA MET F 186 37.61 -9.93 -33.42
C MET F 186 37.93 -11.42 -33.28
N ARG F 187 39.08 -11.85 -33.80
CA ARG F 187 39.55 -13.26 -33.80
C ARG F 187 39.67 -13.78 -32.35
N GLN F 188 39.25 -15.04 -32.15
CA GLN F 188 39.35 -15.80 -30.88
C GLN F 188 38.41 -15.21 -29.81
N VAL F 189 37.72 -14.11 -30.09
CA VAL F 189 36.69 -13.57 -29.14
C VAL F 189 35.44 -14.43 -29.26
N ALA F 190 34.85 -14.75 -28.11
CA ALA F 190 33.75 -15.72 -27.95
C ALA F 190 32.41 -14.99 -27.81
N VAL F 191 32.29 -13.98 -26.96
CA VAL F 191 30.95 -13.45 -26.59
C VAL F 191 30.34 -12.72 -27.79
N THR F 192 31.15 -12.08 -28.62
CA THR F 192 30.65 -11.29 -29.77
C THR F 192 30.06 -12.25 -30.80
N GLU F 193 30.46 -13.52 -30.70
CA GLU F 193 30.04 -14.60 -31.63
C GLU F 193 28.62 -14.99 -31.25
N GLY F 194 27.93 -15.69 -32.15
CA GLY F 194 26.58 -16.24 -31.96
C GLY F 194 26.01 -16.63 -33.30
N ASP F 195 24.77 -17.11 -33.32
CA ASP F 195 24.12 -17.56 -34.58
C ASP F 195 23.30 -16.37 -35.08
N LYS F 196 23.72 -15.74 -36.19
CA LYS F 196 22.94 -14.67 -36.85
C LYS F 196 21.57 -15.22 -37.28
N VAL F 197 21.52 -16.46 -37.80
CA VAL F 197 20.25 -17.18 -38.16
C VAL F 197 19.28 -17.25 -36.98
N GLU F 198 19.73 -17.69 -35.79
CA GLU F 198 18.82 -17.79 -34.63
C GLU F 198 18.29 -16.39 -34.33
N ALA F 199 19.14 -15.38 -34.54
CA ALA F 199 18.84 -13.99 -34.17
C ALA F 199 17.77 -13.45 -35.13
N GLU F 200 17.78 -13.85 -36.41
CA GLU F 200 16.74 -13.49 -37.42
C GLU F 200 15.42 -14.13 -37.03
N ALA F 201 15.44 -15.43 -36.70
CA ALA F 201 14.26 -16.19 -36.26
C ALA F 201 13.69 -15.51 -35.01
N ARG F 202 14.59 -15.22 -34.06
CA ARG F 202 14.18 -14.89 -32.69
C ARG F 202 13.80 -13.41 -32.62
N PHE F 203 14.61 -12.54 -33.20
CA PHE F 203 14.49 -11.06 -33.07
C PHE F 203 14.24 -10.40 -34.43
N GLY F 204 14.51 -11.08 -35.54
CA GLY F 204 14.15 -10.58 -36.87
C GLY F 204 15.32 -9.94 -37.58
N TRP F 205 16.38 -9.64 -36.82
CA TRP F 205 17.61 -8.92 -37.27
C TRP F 205 18.16 -9.56 -38.53
N SER F 206 18.37 -8.79 -39.61
CA SER F 206 19.24 -9.27 -40.70
C SER F 206 20.65 -8.77 -40.41
N VAL F 207 21.57 -9.69 -40.17
CA VAL F 207 23.00 -9.36 -39.93
C VAL F 207 23.78 -9.94 -41.11
N ASN F 208 24.48 -9.07 -41.83
CA ASN F 208 25.20 -9.50 -43.05
C ASN F 208 26.56 -8.83 -43.10
N GLY F 209 27.50 -9.54 -43.69
CA GLY F 209 28.90 -9.13 -43.76
C GLY F 209 29.23 -8.47 -45.06
N TYR F 210 29.73 -7.25 -44.96
CA TYR F 210 30.45 -6.56 -46.06
C TYR F 210 31.92 -6.47 -45.67
N GLY F 211 32.80 -6.97 -46.54
CA GLY F 211 34.24 -6.65 -46.49
C GLY F 211 34.39 -5.17 -46.17
N VAL F 212 35.38 -4.81 -45.35
CA VAL F 212 35.62 -3.39 -44.98
C VAL F 212 35.94 -2.61 -46.25
N GLY F 213 36.43 -3.30 -47.27
CA GLY F 213 36.74 -2.72 -48.60
C GLY F 213 35.51 -2.20 -49.33
N ASP F 214 34.31 -2.67 -49.00
CA ASP F 214 33.02 -2.10 -49.52
C ASP F 214 32.80 -0.72 -48.91
N LEU F 215 33.19 -0.53 -47.64
CA LEU F 215 33.10 0.76 -46.90
C LEU F 215 34.21 1.72 -47.36
N ALA F 216 35.49 1.29 -47.32
CA ALA F 216 36.66 2.08 -47.82
C ALA F 216 36.29 2.78 -49.14
N GLU F 217 35.81 2.03 -50.13
CA GLU F 217 35.26 2.53 -51.44
C GLU F 217 34.40 3.77 -51.24
N ARG F 218 33.38 3.71 -50.38
CA ARG F 218 32.39 4.80 -50.15
C ARG F 218 33.04 5.98 -49.42
N VAL F 219 34.13 5.74 -48.66
CA VAL F 219 34.86 6.76 -47.87
C VAL F 219 35.75 7.59 -48.81
N ARG F 220 36.31 7.00 -49.87
CA ARG F 220 37.11 7.69 -50.91
C ARG F 220 36.21 8.53 -51.84
N ALA F 221 35.04 8.02 -52.24
CA ALA F 221 34.03 8.68 -53.11
C ALA F 221 33.56 10.01 -52.52
N VAL F 222 33.54 10.14 -51.18
CA VAL F 222 33.26 11.43 -50.47
C VAL F 222 34.15 12.53 -51.08
N SER F 223 33.54 13.64 -51.48
CA SER F 223 34.21 14.88 -52.00
C SER F 223 34.47 15.83 -50.83
N GLU F 224 35.54 16.63 -50.92
CA GLU F 224 35.96 17.52 -49.80
C GLU F 224 34.82 18.46 -49.39
N ALA F 225 33.88 18.77 -50.30
CA ALA F 225 32.79 19.76 -50.05
C ALA F 225 31.82 19.22 -48.99
N GLU F 226 31.43 17.95 -49.11
CA GLU F 226 30.60 17.23 -48.09
C GLU F 226 31.36 17.32 -46.76
N ILE F 227 32.65 16.94 -46.77
CA ILE F 227 33.55 17.00 -45.59
C ILE F 227 33.41 18.40 -44.98
N ASP F 228 33.62 19.44 -45.78
CA ASP F 228 33.54 20.87 -45.36
C ASP F 228 32.19 21.10 -44.67
N ARG F 229 31.08 20.62 -45.26
CA ARG F 229 29.74 20.95 -44.72
C ARG F 229 29.59 20.32 -43.33
N LEU F 230 30.11 19.10 -43.15
CA LEU F 230 29.96 18.32 -41.89
C LEU F 230 30.76 18.99 -40.78
N ILE F 231 32.02 19.38 -41.04
CA ILE F 231 32.86 20.06 -40.01
C ILE F 231 32.14 21.32 -39.53
N ASP F 232 31.39 22.00 -40.41
CA ASP F 232 30.61 23.22 -40.05
C ASP F 232 29.50 22.84 -39.07
N GLU F 233 29.02 21.59 -39.15
CA GLU F 233 28.06 21.03 -38.17
C GLU F 233 28.83 20.70 -36.90
N TYR F 234 30.07 20.20 -37.02
CA TYR F 234 30.92 19.90 -35.83
C TYR F 234 31.09 21.22 -35.07
N GLN F 235 31.62 22.25 -35.75
CA GLN F 235 31.86 23.60 -35.18
C GLN F 235 30.58 24.14 -34.55
N SER F 236 29.42 23.78 -35.13
CA SER F 236 28.05 24.14 -34.66
C SER F 236 27.74 23.46 -33.32
N LEU F 237 28.30 22.28 -33.06
CA LEU F 237 27.87 21.36 -31.97
C LEU F 237 28.96 21.23 -30.89
N TYR F 238 30.19 20.94 -31.32
CA TYR F 238 31.27 20.40 -30.44
C TYR F 238 32.46 21.38 -30.36
N GLU F 239 32.89 21.70 -29.13
CA GLU F 239 34.26 22.20 -28.80
C GLU F 239 35.28 21.44 -29.65
N PHE F 240 36.39 22.07 -30.00
CA PHE F 240 37.57 21.41 -30.59
C PHE F 240 38.71 21.49 -29.58
N ALA F 241 39.65 20.56 -29.69
CA ALA F 241 40.88 20.52 -28.87
C ALA F 241 41.98 21.20 -29.68
N PRO F 242 42.96 21.88 -29.03
CA PRO F 242 44.13 22.43 -29.72
C PRO F 242 44.70 21.48 -30.79
N GLY F 243 44.78 21.95 -32.03
CA GLY F 243 45.25 21.16 -33.19
C GLY F 243 44.09 20.57 -33.98
N CYS F 244 42.96 20.32 -33.32
CA CYS F 244 41.61 20.18 -33.94
C CYS F 244 41.02 21.59 -34.06
N GLU F 245 40.67 21.99 -35.29
CA GLU F 245 40.60 23.43 -35.65
C GLU F 245 39.66 23.63 -36.84
N LYS F 246 39.73 24.83 -37.42
CA LYS F 246 39.58 25.10 -38.86
C LYS F 246 41.00 25.36 -39.36
N GLY F 247 41.61 24.38 -40.06
CA GLY F 247 42.92 24.53 -40.76
C GLY F 247 44.12 24.25 -39.86
N GLY F 248 44.92 23.23 -40.20
CA GLY F 248 46.22 22.91 -39.59
C GLY F 248 46.43 21.40 -39.34
N PRO F 249 47.11 21.01 -38.24
CA PRO F 249 47.70 19.67 -38.13
C PRO F 249 46.74 18.50 -37.89
N LEU F 250 45.99 18.48 -36.78
CA LEU F 250 45.13 17.33 -36.37
C LEU F 250 43.84 17.29 -37.20
N HIS F 251 43.46 18.41 -37.84
CA HIS F 251 42.17 18.62 -38.57
C HIS F 251 42.00 17.62 -39.71
N ASP F 252 43.05 17.29 -40.47
CA ASP F 252 42.96 16.23 -41.50
C ASP F 252 42.43 14.94 -40.84
N GLY F 253 42.75 14.72 -39.56
CA GLY F 253 42.23 13.62 -38.71
C GLY F 253 40.74 13.76 -38.41
N VAL F 254 40.29 14.95 -37.99
CA VAL F 254 38.84 15.26 -37.72
C VAL F 254 38.04 15.14 -39.03
N ARG F 255 38.66 15.48 -40.16
CA ARG F 255 38.04 15.50 -41.50
C ARG F 255 37.99 14.07 -42.07
N GLU F 256 38.95 13.22 -41.71
CA GLU F 256 38.99 11.80 -42.14
C GLU F 256 37.85 11.04 -41.47
N GLN F 257 37.55 11.37 -40.20
CA GLN F 257 36.41 10.84 -39.41
C GLN F 257 35.12 11.38 -40.03
N ALA F 258 35.05 12.69 -40.23
CA ALA F 258 33.91 13.35 -40.88
C ALA F 258 33.67 12.67 -42.23
N ARG F 259 34.75 12.29 -42.92
CA ARG F 259 34.71 11.60 -44.24
C ARG F 259 34.16 10.19 -44.03
N ILE F 260 34.64 9.52 -42.99
CA ILE F 260 34.22 8.15 -42.64
C ILE F 260 32.73 8.22 -42.28
N GLU F 261 32.34 9.19 -41.46
CA GLU F 261 30.92 9.44 -41.10
C GLU F 261 30.06 9.51 -42.35
N LEU F 262 30.52 10.17 -43.42
CA LEU F 262 29.71 10.48 -44.63
C LEU F 262 29.66 9.26 -45.56
N GLY F 263 30.73 8.46 -45.59
CA GLY F 263 30.76 7.14 -46.25
C GLY F 263 29.85 6.14 -45.54
N LEU F 264 29.97 6.03 -44.21
CA LEU F 264 29.13 5.14 -43.36
C LEU F 264 27.65 5.51 -43.55
N ARG F 265 27.31 6.77 -43.24
CA ARG F 265 25.94 7.30 -43.38
C ARG F 265 25.44 6.93 -44.76
N SER F 266 26.25 7.19 -45.77
CA SER F 266 25.88 6.95 -47.19
C SER F 266 25.53 5.48 -47.34
N PHE F 267 26.44 4.58 -46.90
CA PHE F 267 26.36 3.10 -47.03
C PHE F 267 25.15 2.57 -46.26
N LEU F 268 24.93 3.08 -45.04
CA LEU F 268 23.88 2.65 -44.09
C LEU F 268 22.51 3.06 -44.64
N GLU F 269 22.42 4.28 -45.16
CA GLU F 269 21.18 4.83 -45.76
C GLU F 269 20.86 4.04 -47.04
N GLU F 270 21.86 3.57 -47.79
CA GLU F 270 21.63 2.91 -49.10
C GLU F 270 20.98 1.54 -48.86
N GLY F 271 21.36 0.86 -47.77
CA GLY F 271 20.84 -0.47 -47.41
C GLY F 271 19.70 -0.38 -46.40
N GLY F 272 19.36 0.83 -45.92
CA GLY F 272 18.41 1.06 -44.81
C GLY F 272 18.83 0.29 -43.57
N PHE F 273 20.14 0.09 -43.37
CA PHE F 273 20.77 -0.49 -42.16
C PHE F 273 20.58 0.50 -41.04
N GLU F 274 20.18 0.05 -39.87
CA GLU F 274 19.94 0.92 -38.69
C GLU F 274 20.97 0.63 -37.60
N ALA F 275 21.86 -0.34 -37.82
CA ALA F 275 22.96 -0.65 -36.89
C ALA F 275 24.08 -1.31 -37.67
N PHE F 276 25.28 -1.34 -37.11
CA PHE F 276 26.48 -1.83 -37.85
C PHE F 276 27.63 -2.05 -36.88
N THR F 277 28.66 -2.70 -37.38
CA THR F 277 29.86 -3.12 -36.62
C THR F 277 31.10 -2.96 -37.49
N THR F 278 32.18 -2.58 -36.81
CA THR F 278 33.55 -2.42 -37.33
C THR F 278 34.42 -3.36 -36.52
N THR F 279 35.57 -3.73 -37.05
CA THR F 279 36.59 -4.54 -36.36
C THR F 279 37.93 -3.91 -36.70
N PHE F 280 38.70 -3.54 -35.68
CA PHE F 280 40.02 -2.86 -35.82
C PHE F 280 41.04 -3.78 -36.50
N GLU F 281 40.76 -5.08 -36.54
CA GLU F 281 41.66 -6.10 -37.13
C GLU F 281 41.47 -6.16 -38.64
N ASP F 282 40.46 -5.48 -39.18
CA ASP F 282 40.21 -5.41 -40.64
C ASP F 282 39.80 -3.96 -40.99
N LEU F 283 40.79 -3.15 -41.40
CA LEU F 283 40.62 -1.71 -41.78
C LEU F 283 41.30 -1.42 -43.13
N HIS F 284 41.36 -2.44 -44.00
CA HIS F 284 42.05 -2.39 -45.33
C HIS F 284 41.32 -1.41 -46.26
N GLY F 285 41.96 -0.25 -46.47
CA GLY F 285 41.45 0.88 -47.26
C GLY F 285 41.02 2.04 -46.37
N MET F 286 41.08 1.85 -45.05
CA MET F 286 40.63 2.88 -44.07
C MET F 286 41.87 3.57 -43.49
N LYS F 287 41.75 4.85 -43.19
CA LYS F 287 42.88 5.65 -42.62
C LYS F 287 42.81 5.59 -41.10
N GLN F 288 41.60 5.56 -40.53
CA GLN F 288 41.38 5.40 -39.07
C GLN F 288 40.36 4.28 -38.83
N LEU F 289 40.37 3.74 -37.61
CA LEU F 289 39.19 3.07 -37.03
C LEU F 289 38.06 4.11 -36.94
N PRO F 290 36.86 3.81 -37.48
CA PRO F 290 35.73 4.71 -37.30
C PRO F 290 35.55 5.00 -35.80
N GLY F 291 35.40 6.27 -35.45
CA GLY F 291 35.40 6.75 -34.06
C GLY F 291 34.33 7.80 -33.84
N LEU F 292 34.72 9.07 -33.94
CA LEU F 292 33.79 10.23 -33.97
C LEU F 292 32.59 9.89 -34.86
N ALA F 293 32.87 9.46 -36.09
CA ALA F 293 31.87 8.97 -37.06
C ALA F 293 30.86 8.08 -36.32
N VAL F 294 31.30 6.88 -35.93
CA VAL F 294 30.48 5.91 -35.17
C VAL F 294 29.70 6.69 -34.08
N GLN F 295 30.39 7.49 -33.28
CA GLN F 295 29.78 8.12 -32.07
C GLN F 295 28.57 8.95 -32.52
N ARG F 296 28.74 9.70 -33.60
CA ARG F 296 27.70 10.61 -34.13
C ARG F 296 26.53 9.76 -34.64
N LEU F 297 26.79 8.82 -35.54
CA LEU F 297 25.76 7.88 -36.08
C LEU F 297 24.95 7.31 -34.91
N MET F 298 25.62 6.84 -33.86
CA MET F 298 24.91 6.37 -32.64
C MET F 298 23.99 7.49 -32.14
N ALA F 299 24.52 8.68 -31.90
CA ALA F 299 23.73 9.82 -31.37
C ALA F 299 22.48 10.04 -32.23
N GLU F 300 22.56 9.75 -33.52
CA GLU F 300 21.39 9.90 -34.46
C GLU F 300 20.46 8.69 -34.39
N GLY F 301 20.81 7.67 -33.60
CA GLY F 301 19.94 6.53 -33.26
C GLY F 301 20.45 5.21 -33.81
N TYR F 302 21.52 5.22 -34.61
CA TYR F 302 22.14 3.96 -35.11
C TYR F 302 22.67 3.15 -33.94
N GLY F 303 22.63 1.83 -34.12
CA GLY F 303 23.29 0.85 -33.25
C GLY F 303 24.71 0.61 -33.70
N PHE F 304 25.65 0.56 -32.79
CA PHE F 304 27.02 0.13 -33.13
C PHE F 304 27.46 -0.96 -32.16
N GLY F 305 28.26 -1.91 -32.64
CA GLY F 305 29.10 -2.76 -31.77
C GLY F 305 30.52 -2.84 -32.30
N GLY F 306 31.50 -2.68 -31.41
CA GLY F 306 32.92 -2.85 -31.74
C GLY F 306 33.23 -4.29 -32.08
N GLU F 307 34.31 -4.53 -32.83
CA GLU F 307 34.91 -5.87 -33.07
C GLU F 307 33.82 -6.87 -33.49
N GLY F 308 32.91 -6.42 -34.35
CA GLY F 308 31.95 -7.29 -35.06
C GLY F 308 30.80 -7.70 -34.18
N ASP F 309 30.58 -6.98 -33.07
CA ASP F 309 29.53 -7.31 -32.07
C ASP F 309 28.15 -6.91 -32.64
N TRP F 310 27.60 -7.74 -33.53
CA TRP F 310 26.24 -7.51 -34.12
C TRP F 310 25.20 -7.52 -33.00
N LYS F 311 25.27 -8.50 -32.10
CA LYS F 311 24.29 -8.62 -31.00
C LYS F 311 24.17 -7.27 -30.28
N THR F 312 25.28 -6.69 -29.80
CA THR F 312 25.22 -5.39 -29.10
C THR F 312 24.82 -4.28 -30.08
N ALA F 313 25.39 -4.25 -31.30
CA ALA F 313 24.98 -3.28 -32.35
C ALA F 313 23.45 -3.24 -32.38
N ALA F 314 22.84 -4.39 -32.71
CA ALA F 314 21.38 -4.59 -32.78
C ALA F 314 20.71 -4.12 -31.50
N LEU F 315 21.26 -4.44 -30.34
CA LEU F 315 20.64 -4.14 -29.03
C LEU F 315 20.68 -2.62 -28.83
N VAL F 316 21.79 -1.98 -29.21
CA VAL F 316 22.00 -0.51 -29.04
C VAL F 316 20.92 0.23 -29.82
N ARG F 317 20.68 -0.20 -31.06
CA ARG F 317 19.55 0.30 -31.88
C ARG F 317 18.28 0.27 -31.06
N LEU F 318 17.93 -0.93 -30.55
CA LEU F 318 16.61 -1.26 -29.96
C LEU F 318 16.37 -0.44 -28.69
N MET F 319 17.40 -0.32 -27.86
CA MET F 319 17.31 0.42 -26.58
C MET F 319 17.26 1.92 -26.89
N LYS F 320 17.95 2.34 -27.95
CA LYS F 320 17.82 3.71 -28.52
C LYS F 320 16.35 3.94 -28.89
N VAL F 321 15.77 3.10 -29.77
CA VAL F 321 14.32 3.18 -30.12
C VAL F 321 13.48 3.23 -28.84
N MET F 322 13.83 2.42 -27.82
CA MET F 322 13.04 2.39 -26.56
C MET F 322 13.21 3.72 -25.81
N ALA F 323 14.35 4.38 -25.97
CA ALA F 323 14.78 5.53 -25.15
C ALA F 323 14.28 6.86 -25.75
N ASP F 324 13.85 6.86 -27.01
CA ASP F 324 13.57 8.08 -27.83
C ASP F 324 14.87 8.63 -28.40
N GLY F 325 15.90 7.81 -28.59
CA GLY F 325 17.23 8.21 -29.12
C GLY F 325 18.16 8.74 -28.04
N LYS F 326 17.66 8.88 -26.80
CA LYS F 326 18.30 9.64 -25.69
C LYS F 326 18.95 8.67 -24.69
N GLY F 327 20.02 9.15 -24.04
CA GLY F 327 20.61 8.60 -22.80
C GLY F 327 21.13 7.19 -22.99
N THR F 328 21.59 6.83 -24.19
CA THR F 328 21.80 5.41 -24.59
C THR F 328 22.96 5.28 -25.54
N SER F 329 23.95 4.43 -25.19
CA SER F 329 25.22 4.20 -25.93
C SER F 329 25.68 2.75 -25.77
N PHE F 330 26.26 2.18 -26.81
CA PHE F 330 27.30 1.12 -26.75
C PHE F 330 28.27 1.41 -25.60
N MET F 331 28.72 0.36 -24.92
CA MET F 331 29.55 0.48 -23.70
C MET F 331 30.45 -0.75 -23.52
N GLU F 332 31.62 -0.53 -22.92
CA GLU F 332 32.58 -1.58 -22.47
C GLU F 332 33.04 -1.18 -21.08
N ASP F 333 32.94 -2.07 -20.09
CA ASP F 333 33.61 -1.92 -18.77
C ASP F 333 35.10 -1.93 -19.03
N TYR F 334 35.81 -0.82 -18.83
CA TYR F 334 37.25 -0.77 -19.20
C TYR F 334 38.12 -1.11 -17.99
N THR F 335 37.72 -0.66 -16.80
CA THR F 335 38.55 -0.80 -15.58
C THR F 335 37.69 -0.44 -14.36
N TYR F 336 38.09 -0.94 -13.19
CA TYR F 336 37.38 -0.78 -11.89
C TYR F 336 38.10 0.20 -10.98
N HIS F 337 37.32 0.92 -10.18
CA HIS F 337 37.73 1.63 -8.94
C HIS F 337 37.19 0.79 -7.77
N PHE F 338 38.11 0.16 -7.04
CA PHE F 338 37.78 -0.83 -5.97
C PHE F 338 37.87 -0.15 -4.61
N GLU F 339 38.04 1.17 -4.59
CA GLU F 339 38.07 2.00 -3.36
C GLU F 339 36.87 1.65 -2.48
N PRO F 340 37.10 1.12 -1.26
CA PRO F 340 36.01 0.74 -0.36
C PRO F 340 34.98 1.84 -0.11
N GLY F 341 33.69 1.46 -0.11
CA GLY F 341 32.53 2.35 0.08
C GLY F 341 32.36 3.30 -1.10
N ASN F 342 33.14 3.12 -2.15
CA ASN F 342 33.12 3.99 -3.36
C ASN F 342 33.56 3.15 -4.57
N GLU F 343 33.21 1.88 -4.59
CA GLU F 343 33.58 0.99 -5.72
C GLU F 343 32.69 1.38 -6.87
N MET F 344 33.26 1.62 -8.06
CA MET F 344 32.49 2.03 -9.25
C MET F 344 33.21 1.52 -10.49
N ILE F 345 32.51 1.41 -11.62
CA ILE F 345 33.04 0.91 -12.92
C ILE F 345 33.22 2.11 -13.85
N LEU F 346 34.30 2.10 -14.63
CA LEU F 346 34.56 3.03 -15.77
C LEU F 346 34.20 2.32 -17.09
N GLY F 347 33.12 2.77 -17.72
CA GLY F 347 32.76 2.34 -19.08
C GLY F 347 33.32 3.31 -20.10
N ALA F 348 33.98 2.77 -21.12
CA ALA F 348 34.45 3.52 -22.30
C ALA F 348 34.42 2.57 -23.49
N HIS F 349 35.01 2.98 -24.60
CA HIS F 349 35.51 2.07 -25.67
C HIS F 349 36.71 2.74 -26.34
N MET F 350 37.40 2.04 -27.23
CA MET F 350 38.60 2.54 -27.95
C MET F 350 38.33 3.96 -28.50
N LEU F 351 37.13 4.20 -29.03
CA LEU F 351 36.67 5.53 -29.52
C LEU F 351 35.17 5.69 -29.29
N GLU F 352 34.43 4.60 -29.52
CA GLU F 352 33.03 4.56 -29.99
C GLU F 352 32.06 4.60 -28.79
N VAL F 353 31.90 5.75 -28.13
CA VAL F 353 30.92 5.99 -27.03
C VAL F 353 30.02 7.13 -27.49
N CYS F 354 28.70 6.92 -27.51
CA CYS F 354 27.72 7.84 -28.15
C CYS F 354 27.59 9.12 -27.31
N PRO F 355 27.60 10.30 -27.95
CA PRO F 355 27.54 11.59 -27.25
C PRO F 355 26.22 11.86 -26.52
N THR F 356 25.19 11.05 -26.73
CA THR F 356 23.85 11.21 -26.10
C THR F 356 23.91 10.88 -24.59
N ILE F 357 24.99 10.28 -24.06
CA ILE F 357 25.13 9.97 -22.61
C ILE F 357 25.96 11.07 -21.91
N ALA F 358 26.57 11.97 -22.68
CA ALA F 358 27.48 13.05 -22.24
C ALA F 358 26.78 14.00 -21.25
N ALA F 359 27.37 14.25 -20.07
CA ALA F 359 26.96 15.38 -19.21
C ALA F 359 27.72 16.65 -19.63
N THR F 360 29.02 16.50 -19.88
CA THR F 360 29.93 17.53 -20.41
C THR F 360 29.65 17.71 -21.90
N ARG F 361 30.05 18.84 -22.49
CA ARG F 361 30.00 19.02 -23.96
C ARG F 361 30.98 18.04 -24.58
N PRO F 362 30.57 17.25 -25.60
CA PRO F 362 31.52 16.46 -26.37
C PRO F 362 32.55 17.46 -26.90
N ARG F 363 33.83 17.04 -27.02
CA ARG F 363 34.88 17.85 -27.67
C ARG F 363 35.72 16.93 -28.58
N ILE F 364 35.75 17.24 -29.87
CA ILE F 364 36.59 16.51 -30.86
C ILE F 364 38.03 16.63 -30.35
N GLU F 365 38.58 15.52 -29.88
CA GLU F 365 40.02 15.36 -29.60
C GLU F 365 40.58 14.42 -30.67
N VAL F 366 41.85 14.57 -31.01
CA VAL F 366 42.62 13.62 -31.87
C VAL F 366 43.81 13.15 -31.03
N HIS F 367 43.96 11.83 -30.88
CA HIS F 367 44.99 11.15 -30.06
C HIS F 367 45.61 10.04 -30.89
N PRO F 368 46.76 9.45 -30.47
CA PRO F 368 47.21 8.21 -31.08
C PRO F 368 46.27 7.05 -30.69
N LEU F 369 46.15 6.02 -31.53
CA LEU F 369 45.44 4.75 -31.19
C LEU F 369 46.25 3.57 -31.73
N SER F 370 46.88 2.83 -30.83
CA SER F 370 47.78 1.68 -31.08
C SER F 370 47.04 0.58 -31.84
N ILE F 371 45.80 0.30 -31.42
CA ILE F 371 44.93 -0.85 -31.85
C ILE F 371 44.55 -0.66 -33.33
N GLY F 372 44.88 -1.62 -34.20
CA GLY F 372 44.58 -1.59 -35.65
C GLY F 372 45.78 -1.15 -36.48
N GLY F 373 46.54 -0.16 -35.99
CA GLY F 373 47.73 0.37 -36.69
C GLY F 373 47.32 1.19 -37.90
N LYS F 374 46.47 2.20 -37.67
CA LYS F 374 46.04 3.22 -38.68
C LYS F 374 46.11 4.61 -38.03
N GLU F 375 45.83 5.66 -38.79
CA GLU F 375 46.13 7.07 -38.44
C GLU F 375 45.39 7.46 -37.15
N ASP F 376 45.90 8.47 -36.47
CA ASP F 376 45.46 8.91 -35.12
C ASP F 376 43.99 9.34 -35.20
N PRO F 377 43.01 8.53 -34.73
CA PRO F 377 41.59 8.82 -34.92
C PRO F 377 40.99 9.92 -34.04
N ALA F 378 40.15 10.77 -34.64
CA ALA F 378 39.39 11.83 -33.93
C ALA F 378 38.12 11.22 -33.33
N ARG F 379 37.76 11.66 -32.13
CA ARG F 379 36.65 11.09 -31.33
C ARG F 379 36.13 12.19 -30.42
N LEU F 380 34.86 12.09 -30.04
CA LEU F 380 34.27 12.96 -29.01
C LEU F 380 34.70 12.43 -27.65
N VAL F 381 35.18 13.32 -26.78
CA VAL F 381 35.60 13.02 -25.40
C VAL F 381 34.69 13.85 -24.49
N PHE F 382 34.16 13.21 -23.46
CA PHE F 382 33.16 13.81 -22.53
C PHE F 382 33.02 12.86 -21.35
N ASP F 383 32.44 13.34 -20.25
CA ASP F 383 32.00 12.50 -19.11
C ASP F 383 30.53 12.16 -19.32
N GLY F 384 30.18 10.88 -19.21
CA GLY F 384 28.79 10.41 -19.12
C GLY F 384 28.05 11.10 -17.98
N GLY F 385 26.72 11.00 -17.99
CA GLY F 385 25.85 11.71 -17.03
C GLY F 385 25.85 11.06 -15.66
N GLU F 386 24.89 11.44 -14.82
CA GLU F 386 24.59 10.76 -13.54
C GLU F 386 23.10 10.37 -13.51
N GLY F 387 22.73 9.52 -12.56
CA GLY F 387 21.34 9.04 -12.31
C GLY F 387 21.20 7.54 -12.58
N ALA F 388 19.99 7.00 -12.30
CA ALA F 388 19.60 5.60 -12.58
C ALA F 388 19.82 5.26 -14.06
N ALA F 389 20.45 4.12 -14.33
CA ALA F 389 20.62 3.57 -15.67
C ALA F 389 20.54 2.05 -15.62
N VAL F 390 20.60 1.43 -16.79
CA VAL F 390 20.66 -0.04 -16.96
C VAL F 390 21.77 -0.28 -17.95
N ASN F 391 22.63 -1.26 -17.66
CA ASN F 391 23.66 -1.75 -18.61
C ASN F 391 23.13 -3.14 -19.03
N ALA F 392 23.22 -3.50 -20.31
CA ALA F 392 22.47 -4.65 -20.88
C ALA F 392 23.33 -5.38 -21.92
N SER F 393 23.34 -6.70 -21.79
CA SER F 393 24.10 -7.63 -22.65
C SER F 393 23.12 -8.67 -23.17
N LEU F 394 23.10 -8.86 -24.48
CA LEU F 394 22.46 -10.03 -25.09
C LEU F 394 23.55 -10.99 -25.55
N ILE F 395 23.53 -12.20 -25.05
CA ILE F 395 24.57 -13.21 -25.36
C ILE F 395 23.88 -14.43 -25.98
N ASP F 396 24.64 -15.26 -26.66
CA ASP F 396 24.17 -16.54 -27.24
C ASP F 396 24.76 -17.67 -26.38
N LEU F 397 23.90 -18.38 -25.65
CA LEU F 397 24.31 -19.56 -24.86
C LEU F 397 24.37 -20.77 -25.78
N GLY F 398 24.29 -20.56 -27.11
CA GLY F 398 24.40 -21.61 -28.14
C GLY F 398 23.01 -22.07 -28.59
N HIS F 399 22.23 -22.54 -27.63
CA HIS F 399 20.90 -23.13 -27.88
C HIS F 399 19.88 -21.99 -27.90
N ARG F 400 20.18 -20.86 -27.26
CA ARG F 400 19.23 -19.74 -27.09
C ARG F 400 19.99 -18.53 -26.57
N PHE F 401 19.34 -17.37 -26.62
CA PHE F 401 19.91 -16.08 -26.20
C PHE F 401 19.51 -15.81 -24.75
N ARG F 402 20.33 -15.04 -24.05
CA ARG F 402 20.03 -14.52 -22.71
C ARG F 402 20.27 -13.03 -22.76
N LEU F 403 19.32 -12.25 -22.25
CA LEU F 403 19.43 -10.80 -22.08
C LEU F 403 19.77 -10.57 -20.60
N ILE F 404 20.85 -9.85 -20.33
CA ILE F 404 21.30 -9.58 -18.94
C ILE F 404 21.29 -8.09 -18.76
N VAL F 405 20.63 -7.66 -17.70
CA VAL F 405 20.40 -6.23 -17.39
C VAL F 405 20.88 -5.99 -15.98
N ASN F 406 21.91 -5.19 -15.84
CA ASN F 406 22.33 -4.70 -14.51
C ASN F 406 21.73 -3.30 -14.32
N GLU F 407 20.87 -3.14 -13.32
CA GLU F 407 20.47 -1.80 -12.80
C GLU F 407 21.71 -1.18 -12.13
N VAL F 408 22.10 0.04 -12.54
CA VAL F 408 23.28 0.78 -12.01
C VAL F 408 22.88 2.23 -11.66
N ASP F 409 23.71 2.89 -10.86
CA ASP F 409 23.68 4.37 -10.68
C ASP F 409 24.99 4.95 -11.23
N ALA F 410 24.92 5.68 -12.35
CA ALA F 410 26.04 6.45 -12.94
C ALA F 410 26.41 7.61 -12.01
N VAL F 411 27.69 7.93 -11.91
CA VAL F 411 28.18 9.01 -10.98
C VAL F 411 28.90 10.08 -11.80
N LYS F 412 28.72 11.34 -11.39
CA LYS F 412 29.56 12.48 -11.85
C LYS F 412 30.98 12.23 -11.32
N PRO F 413 32.04 12.19 -12.16
CA PRO F 413 33.41 11.98 -11.69
C PRO F 413 33.88 13.11 -10.76
N GLU F 414 34.38 12.79 -9.56
CA GLU F 414 34.79 13.79 -8.52
C GLU F 414 36.28 14.13 -8.68
N HIS F 415 36.96 13.44 -9.60
CA HIS F 415 38.34 13.72 -10.06
C HIS F 415 38.29 13.86 -11.59
N ASP F 416 39.13 14.71 -12.18
CA ASP F 416 39.22 14.86 -13.65
C ASP F 416 40.18 13.78 -14.15
N MET F 417 40.05 13.39 -15.42
CA MET F 417 40.90 12.38 -16.11
C MET F 417 41.50 13.03 -17.36
N PRO F 418 42.64 13.75 -17.21
CA PRO F 418 43.14 14.63 -18.26
C PRO F 418 43.95 13.92 -19.35
N LYS F 419 44.39 12.67 -19.09
CA LYS F 419 45.24 11.91 -20.03
C LYS F 419 44.40 10.81 -20.69
N LEU F 420 43.11 10.69 -20.30
CA LEU F 420 42.21 9.65 -20.84
C LEU F 420 41.64 10.13 -22.17
N PRO F 421 42.11 9.57 -23.32
CA PRO F 421 41.79 10.11 -24.63
C PRO F 421 40.37 9.79 -25.16
N VAL F 422 39.57 9.05 -24.38
CA VAL F 422 38.26 8.50 -24.84
C VAL F 422 37.14 9.01 -23.94
N ALA F 423 35.94 9.12 -24.52
CA ALA F 423 34.70 9.31 -23.75
C ALA F 423 34.58 8.16 -22.74
N ARG F 424 34.01 8.46 -21.57
CA ARG F 424 34.00 7.53 -20.41
C ARG F 424 32.82 7.89 -19.51
N ILE F 425 32.26 6.89 -18.82
CA ILE F 425 31.18 7.08 -17.82
C ILE F 425 31.51 6.22 -16.62
N LEU F 426 31.24 6.75 -15.42
CA LEU F 426 31.45 6.04 -14.15
C LEU F 426 30.10 5.58 -13.65
N TRP F 427 29.98 4.32 -13.24
CA TRP F 427 28.74 3.88 -12.57
C TRP F 427 29.05 2.92 -11.42
N LYS F 428 28.20 2.98 -10.41
CA LYS F 428 28.17 2.03 -9.28
C LYS F 428 27.08 1.01 -9.60
N PRO F 429 27.47 -0.23 -9.95
CA PRO F 429 26.51 -1.27 -10.30
C PRO F 429 25.75 -1.74 -9.06
N ARG F 430 24.44 -2.01 -9.22
CA ARG F 430 23.63 -2.53 -8.10
C ARG F 430 23.73 -4.05 -8.06
N PRO F 431 23.67 -4.68 -6.88
CA PRO F 431 23.63 -3.96 -5.60
C PRO F 431 25.01 -3.47 -5.10
N SER F 432 26.08 -3.75 -5.85
CA SER F 432 27.50 -3.61 -5.40
C SER F 432 28.41 -4.12 -6.52
N LEU F 433 29.67 -3.67 -6.58
CA LEU F 433 30.62 -4.12 -7.64
C LEU F 433 30.84 -5.62 -7.48
N ARG F 434 31.06 -6.06 -6.24
CA ARG F 434 31.36 -7.47 -5.86
C ARG F 434 30.25 -8.37 -6.44
N ASP F 435 29.01 -8.14 -6.05
CA ASP F 435 27.87 -9.06 -6.30
C ASP F 435 27.32 -8.89 -7.72
N SER F 436 27.41 -7.70 -8.30
CA SER F 436 26.88 -7.43 -9.67
C SER F 436 27.77 -8.13 -10.69
N ALA F 437 29.06 -7.93 -10.54
CA ALA F 437 30.11 -8.47 -11.42
C ALA F 437 30.10 -10.00 -11.32
N GLU F 438 29.86 -10.53 -10.13
CA GLU F 438 29.79 -11.99 -9.88
C GLU F 438 28.55 -12.54 -10.60
N ALA F 439 27.36 -11.99 -10.29
CA ALA F 439 26.08 -12.28 -10.98
C ALA F 439 26.28 -12.19 -12.49
N TRP F 440 26.83 -11.06 -12.94
CA TRP F 440 27.08 -10.78 -14.38
C TRP F 440 27.88 -11.93 -15.00
N ILE F 441 28.96 -12.33 -14.30
CA ILE F 441 29.95 -13.34 -14.80
C ILE F 441 29.26 -14.70 -14.81
N LEU F 442 28.49 -15.01 -13.77
CA LEU F 442 27.68 -16.25 -13.65
C LEU F 442 26.68 -16.31 -14.80
N ALA F 443 26.06 -15.16 -15.14
CA ALA F 443 25.08 -14.99 -16.25
C ALA F 443 25.78 -15.01 -17.61
N GLY F 444 27.10 -14.88 -17.65
CA GLY F 444 27.90 -14.90 -18.89
C GLY F 444 27.79 -13.60 -19.62
N GLY F 445 27.42 -12.54 -18.90
CA GLY F 445 27.32 -11.19 -19.47
C GLY F 445 28.59 -10.81 -20.21
N ALA F 446 28.42 -10.17 -21.35
CA ALA F 446 29.48 -9.69 -22.24
C ALA F 446 30.20 -8.48 -21.62
N HIS F 447 31.39 -8.20 -22.13
CA HIS F 447 32.13 -6.94 -21.86
C HIS F 447 31.41 -5.80 -22.58
N HIS F 448 31.00 -6.03 -23.82
CA HIS F 448 30.13 -5.09 -24.59
C HIS F 448 28.77 -5.11 -23.94
N THR F 449 28.22 -3.92 -23.73
CA THR F 449 26.81 -3.73 -23.34
C THR F 449 26.22 -2.59 -24.15
N CYS F 450 24.92 -2.39 -23.97
CA CYS F 450 24.24 -1.11 -24.21
C CYS F 450 23.92 -0.48 -22.86
N PHE F 451 24.59 0.63 -22.58
CA PHE F 451 24.28 1.50 -21.42
C PHE F 451 23.14 2.43 -21.87
N SER F 452 22.19 2.68 -20.98
CA SER F 452 21.12 3.68 -21.21
C SER F 452 20.62 4.29 -19.89
N PHE F 453 20.32 5.58 -19.90
CA PHE F 453 19.67 6.37 -18.82
C PHE F 453 18.14 6.31 -18.89
N ALA F 454 17.56 5.85 -20.01
CA ALA F 454 16.13 6.02 -20.35
C ALA F 454 15.41 4.66 -20.38
N VAL F 455 15.98 3.64 -21.01
CA VAL F 455 15.38 2.27 -21.02
C VAL F 455 15.34 1.74 -19.59
N THR F 456 14.18 1.27 -19.12
CA THR F 456 13.98 0.65 -17.78
C THR F 456 14.21 -0.85 -17.91
N THR F 457 14.42 -1.54 -16.80
CA THR F 457 14.46 -3.03 -16.81
C THR F 457 13.14 -3.55 -17.41
N GLU F 458 11.99 -3.01 -16.97
CA GLU F 458 10.65 -3.54 -17.32
C GLU F 458 10.48 -3.48 -18.86
N GLN F 459 11.03 -2.47 -19.53
CA GLN F 459 10.98 -2.40 -21.00
C GLN F 459 11.83 -3.53 -21.59
N LEU F 460 12.95 -3.85 -20.95
CA LEU F 460 13.92 -4.85 -21.46
C LEU F 460 13.37 -6.26 -21.20
N GLN F 461 12.79 -6.52 -20.03
CA GLN F 461 12.03 -7.76 -19.69
C GLN F 461 10.84 -7.95 -20.67
N ASP F 462 10.10 -6.87 -21.01
CA ASP F 462 8.96 -6.86 -21.97
C ASP F 462 9.48 -7.16 -23.39
N PHE F 463 10.67 -6.68 -23.74
CA PHE F 463 11.26 -6.98 -25.06
C PHE F 463 11.63 -8.47 -25.15
N ALA F 464 12.29 -8.95 -24.10
CA ALA F 464 12.61 -10.36 -23.82
C ALA F 464 11.38 -11.25 -23.97
N GLU F 465 10.27 -10.90 -23.30
CA GLU F 465 8.93 -11.56 -23.38
C GLU F 465 8.45 -11.55 -24.84
N MET F 466 8.49 -10.41 -25.53
CA MET F 466 8.08 -10.30 -26.95
C MET F 466 8.95 -11.21 -27.83
N ALA F 467 10.25 -11.24 -27.59
CA ALA F 467 11.21 -11.97 -28.44
C ALA F 467 11.23 -13.47 -28.03
N GLY F 468 10.74 -13.78 -26.82
CA GLY F 468 10.74 -15.14 -26.25
C GLY F 468 12.15 -15.62 -25.92
N ILE F 469 12.89 -14.83 -25.15
CA ILE F 469 14.25 -15.14 -24.61
C ILE F 469 14.27 -14.84 -23.10
N GLU F 470 15.24 -15.42 -22.43
CA GLU F 470 15.41 -15.17 -20.98
C GLU F 470 15.85 -13.73 -20.82
N CYS F 471 15.35 -13.08 -19.79
CA CYS F 471 15.93 -11.81 -19.31
C CYS F 471 16.21 -11.94 -17.82
N VAL F 472 17.48 -11.96 -17.46
CA VAL F 472 17.96 -12.03 -16.06
C VAL F 472 18.33 -10.59 -15.71
N VAL F 473 17.95 -10.13 -14.52
CA VAL F 473 18.10 -8.72 -14.06
C VAL F 473 18.94 -8.68 -12.78
N ILE F 474 19.99 -7.86 -12.78
CA ILE F 474 20.84 -7.62 -11.60
C ILE F 474 20.54 -6.22 -11.12
N ASN F 475 19.87 -6.11 -9.99
CA ASN F 475 19.48 -4.81 -9.41
C ASN F 475 19.81 -4.87 -7.91
N GLU F 476 19.35 -3.87 -7.14
CA GLU F 476 19.59 -3.73 -5.67
C GLU F 476 19.18 -5.02 -4.92
N HIS F 477 18.15 -5.73 -5.38
CA HIS F 477 17.56 -6.90 -4.70
C HIS F 477 18.38 -8.16 -4.98
N THR F 478 19.18 -8.18 -6.04
CA THR F 478 19.89 -9.38 -6.52
C THR F 478 20.84 -9.91 -5.45
N SER F 479 20.48 -11.04 -4.84
CA SER F 479 21.38 -11.91 -4.03
C SER F 479 21.97 -12.99 -4.95
N VAL F 480 23.26 -13.24 -4.85
CA VAL F 480 24.03 -13.97 -5.90
C VAL F 480 23.61 -15.44 -5.92
N SER F 481 23.41 -16.03 -4.74
CA SER F 481 23.04 -17.47 -4.58
C SER F 481 21.66 -17.68 -5.22
N SER F 482 20.67 -16.90 -4.81
CA SER F 482 19.31 -16.88 -5.39
C SER F 482 19.39 -16.66 -6.91
N PHE F 483 20.31 -15.82 -7.37
CA PHE F 483 20.53 -15.53 -8.80
C PHE F 483 21.04 -16.77 -9.53
N LYS F 484 21.94 -17.54 -8.90
CA LYS F 484 22.45 -18.82 -9.45
C LYS F 484 21.27 -19.76 -9.63
N ASN F 485 20.42 -19.86 -8.62
CA ASN F 485 19.19 -20.70 -8.65
C ASN F 485 18.31 -20.28 -9.83
N GLU F 486 18.03 -18.97 -10.00
CA GLU F 486 17.23 -18.43 -11.12
C GLU F 486 17.88 -18.74 -12.49
N LEU F 487 19.20 -18.65 -12.63
CA LEU F 487 19.87 -19.03 -13.90
C LEU F 487 19.60 -20.52 -14.16
N LYS F 488 19.62 -21.35 -13.12
CA LYS F 488 19.39 -22.81 -13.27
C LYS F 488 17.91 -23.09 -13.64
N TRP F 489 16.95 -22.38 -13.04
CA TRP F 489 15.51 -22.67 -13.22
C TRP F 489 15.05 -22.10 -14.56
N ASN F 490 15.50 -20.90 -14.89
CA ASN F 490 15.27 -20.25 -16.22
C ASN F 490 15.79 -21.17 -17.33
N GLU F 491 16.92 -21.84 -17.12
CA GLU F 491 17.59 -22.61 -18.20
C GLU F 491 16.65 -23.72 -18.66
N VAL F 492 16.06 -24.44 -17.72
CA VAL F 492 15.20 -25.63 -17.95
C VAL F 492 13.88 -25.14 -18.52
N PHE F 493 13.48 -23.91 -18.23
CA PHE F 493 12.24 -23.32 -18.81
C PHE F 493 12.51 -22.95 -20.27
N TRP F 494 13.61 -22.24 -20.49
CA TRP F 494 13.99 -21.65 -21.80
C TRP F 494 14.58 -22.73 -22.73
N ARG F 495 14.80 -23.95 -22.26
CA ARG F 495 15.34 -25.02 -23.14
C ARG F 495 14.32 -25.41 -24.22
N GLY F 496 14.72 -25.32 -25.49
CA GLY F 496 13.95 -25.86 -26.64
C GLY F 496 12.61 -25.19 -26.79
N ARG F 497 12.58 -23.86 -26.64
CA ARG F 497 11.38 -23.04 -26.91
C ARG F 497 11.80 -21.80 -27.71
C1 MPD G . -29.74 -4.09 20.18
C2 MPD G . -30.72 -4.28 21.33
O2 MPD G . -31.53 -5.40 20.96
CM MPD G . -31.68 -3.11 21.40
C3 MPD G . -29.99 -4.53 22.65
C4 MPD G . -30.45 -5.72 23.45
O4 MPD G . -29.55 -6.80 23.16
C5 MPD G . -30.57 -5.51 24.94
C1 MPD H . -18.56 11.25 32.63
C2 MPD H . -18.66 10.23 31.50
O2 MPD H . -19.01 8.97 32.07
CM MPD H . -17.33 9.97 30.81
C3 MPD H . -19.75 10.60 30.49
C4 MPD H . -21.13 10.11 30.85
O4 MPD H . -21.04 8.77 31.35
C5 MPD H . -21.88 10.97 31.85
MN MN I . 5.99 1.77 30.01
MN MN J . -4.63 21.02 33.00
C1 MPD K . 9.26 32.84 32.79
C2 MPD K . 9.88 31.97 33.86
O2 MPD K . 9.07 32.01 35.05
CM MPD K . 11.24 32.52 34.22
C3 MPD K . 9.92 30.48 33.48
C4 MPD K . 9.99 30.15 32.00
O4 MPD K . 11.16 30.79 31.47
C5 MPD K . 10.00 28.68 31.70
MN MN L . -2.90 21.00 54.77
C1 MPD M . -5.78 -32.65 15.96
C2 MPD M . -6.92 -33.65 15.99
O2 MPD M . -6.24 -34.92 16.01
CM MPD M . -7.76 -33.61 14.72
C3 MPD M . -7.82 -33.50 17.22
C4 MPD M . -8.10 -32.09 17.77
O4 MPD M . -9.45 -31.69 17.55
C5 MPD M . -7.78 -31.97 19.24
C1 MPD N . -6.49 -35.70 -4.48
C2 MPD N . -7.08 -37.09 -4.60
O2 MPD N . -8.46 -36.92 -4.99
CM MPD N . -7.01 -37.84 -3.27
C3 MPD N . -6.40 -37.89 -5.72
C4 MPD N . -7.06 -39.23 -6.04
O4 MPD N . -8.02 -39.11 -7.13
C5 MPD N . -6.06 -40.29 -6.36
C1 GOL O . 2.98 -19.53 -4.60
O1 GOL O . 2.98 -20.92 -4.28
C2 GOL O . 2.85 -19.31 -6.09
O2 GOL O . 1.61 -18.69 -6.40
C3 GOL O . 3.96 -18.48 -6.69
O3 GOL O . 4.72 -19.27 -7.59
MN MN P . -5.98 -32.09 -21.97
MN MN Q . -20.59 -16.81 -15.51
MN MN R . -20.92 -45.60 -30.87
C1 MPD S . 19.70 12.66 6.78
C2 MPD S . 20.15 12.94 5.35
O2 MPD S . 20.85 11.77 4.86
CM MPD S . 18.96 13.10 4.42
C3 MPD S . 21.09 14.14 5.29
C4 MPD S . 21.89 14.27 4.01
O4 MPD S . 21.74 13.14 3.14
C5 MPD S . 21.55 15.50 3.27
C1 MPD T . 10.41 31.34 9.25
C2 MPD T . 11.34 31.34 10.46
O2 MPD T . 10.99 32.41 11.35
CM MPD T . 12.77 31.60 10.03
C3 MPD T . 11.22 30.02 11.24
C4 MPD T . 12.26 29.85 12.34
O4 MPD T . 12.44 31.09 13.05
C5 MPD T . 11.98 28.73 13.32
MN MN U . -1.81 43.61 10.11
MN MN V . 2.76 43.58 -11.62
C1 MPD W . -0.55 7.34 -27.08
C2 MPD W . -0.83 7.52 -25.59
O2 MPD W . -1.93 8.44 -25.49
CM MPD W . 0.31 8.19 -24.86
C3 MPD W . -1.26 6.19 -24.95
C4 MPD W . -1.44 6.25 -23.45
O4 MPD W . -2.71 5.74 -23.06
C5 MPD W . -0.40 5.51 -22.68
C1 MPD X . 8.08 -9.54 -31.97
C2 MPD X . 9.43 -9.79 -32.61
O2 MPD X . 9.73 -8.63 -33.40
CM MPD X . 10.54 -9.88 -31.57
C3 MPD X . 9.39 -11.02 -33.54
C4 MPD X . 10.58 -11.25 -34.48
O4 MPD X . 11.12 -12.55 -34.30
C5 MPD X . 10.29 -11.19 -35.96
MN MN Y . 35.36 -3.96 -27.35
#